data_2KZX
#
_entry.id   2KZX
#
_entity_poly.entity_id   1
_entity_poly.type   'polypeptide(L)'
_entity_poly.pdbx_seq_one_letter_code
;MKDGTYYAEADDFDESGWKDTVTIEVKNGKIVSVDWNAINKDGGDDKDTLSRNGGYKMVEYGGAQAEWHEQAEKVEAYLV
EKQDPTDIKYKDNDGHTDAISGATIKVKKFFDLAQKALKDAEKLEHHHHHH
;
_entity_poly.pdbx_strand_id   A
#
# COMPACT_ATOMS: atom_id res chain seq x y z
N MET A 1 16.34 9.84 -3.44
CA MET A 1 15.14 9.43 -4.19
C MET A 1 15.36 9.64 -5.69
N LYS A 2 15.69 8.56 -6.37
CA LYS A 2 15.86 8.59 -7.82
C LYS A 2 14.63 7.97 -8.44
N ASP A 3 13.98 8.73 -9.32
CA ASP A 3 12.63 8.44 -9.81
C ASP A 3 12.46 7.04 -10.39
N GLY A 4 11.68 6.25 -9.66
CA GLY A 4 11.40 4.88 -10.01
C GLY A 4 10.15 4.36 -9.33
N THR A 5 10.22 3.17 -8.75
CA THR A 5 9.10 2.55 -8.06
C THR A 5 9.60 1.73 -6.88
N TYR A 6 9.12 2.08 -5.68
CA TYR A 6 9.55 1.44 -4.44
C TYR A 6 8.37 0.76 -3.78
N TYR A 7 8.46 -0.53 -3.58
CA TYR A 7 7.39 -1.22 -2.87
C TYR A 7 7.98 -2.00 -1.69
N ALA A 8 7.16 -2.20 -0.68
CA ALA A 8 7.50 -3.05 0.43
C ALA A 8 6.29 -3.83 0.84
N GLU A 9 6.51 -5.06 1.28
CA GLU A 9 5.42 -5.96 1.58
C GLU A 9 5.39 -6.25 3.07
N ALA A 10 4.20 -6.57 3.56
CA ALA A 10 4.04 -7.07 4.92
C ALA A 10 4.84 -8.36 5.10
N ASP A 11 5.45 -8.52 6.27
CA ASP A 11 6.34 -9.66 6.55
C ASP A 11 5.58 -10.98 6.53
N ASP A 12 4.34 -10.94 6.97
CA ASP A 12 3.48 -12.10 6.97
C ASP A 12 2.13 -11.74 6.36
N PHE A 13 1.35 -12.78 6.06
CA PHE A 13 0.01 -12.60 5.49
C PHE A 13 -0.99 -12.28 6.59
N ASP A 14 -1.91 -11.39 6.28
CA ASP A 14 -2.89 -10.93 7.26
C ASP A 14 -4.12 -11.84 7.31
N GLU A 15 -5.25 -11.30 7.80
CA GLU A 15 -6.46 -12.09 8.12
C GLU A 15 -7.15 -12.67 6.88
N SER A 16 -7.12 -11.93 5.77
CA SER A 16 -7.69 -12.43 4.51
C SER A 16 -6.60 -13.10 3.64
N GLY A 17 -5.39 -13.21 4.20
CA GLY A 17 -4.29 -13.88 3.51
C GLY A 17 -3.56 -12.97 2.55
N TRP A 18 -3.64 -11.68 2.80
CA TRP A 18 -2.99 -10.70 1.95
C TRP A 18 -1.88 -10.00 2.70
N LYS A 19 -0.70 -10.02 2.11
CA LYS A 19 0.41 -9.18 2.52
C LYS A 19 0.20 -7.79 1.97
N ASP A 20 -0.26 -6.86 2.80
CA ASP A 20 -0.49 -5.49 2.32
C ASP A 20 0.82 -4.79 2.00
N THR A 21 0.90 -4.24 0.80
CA THR A 21 2.11 -3.60 0.34
C THR A 21 1.80 -2.16 -0.02
N VAL A 22 2.82 -1.33 -0.01
CA VAL A 22 2.68 0.06 -0.44
C VAL A 22 3.66 0.34 -1.57
N THR A 23 3.12 0.68 -2.72
CA THR A 23 3.90 0.93 -3.91
C THR A 23 4.00 2.43 -4.18
N ILE A 24 5.19 2.97 -4.05
CA ILE A 24 5.45 4.39 -4.22
C ILE A 24 6.03 4.66 -5.59
N GLU A 25 5.31 5.42 -6.41
CA GLU A 25 5.82 5.85 -7.69
C GLU A 25 6.44 7.25 -7.56
N VAL A 26 7.75 7.28 -7.64
CA VAL A 26 8.51 8.52 -7.65
C VAL A 26 8.86 8.86 -9.08
N LYS A 27 8.63 10.11 -9.44
CA LYS A 27 8.85 10.60 -10.79
C LYS A 27 9.14 12.08 -10.71
N ASN A 28 10.11 12.54 -11.51
CA ASN A 28 10.64 13.93 -11.48
C ASN A 28 11.35 14.21 -10.15
N GLY A 29 11.93 13.14 -9.55
CA GLY A 29 12.64 13.26 -8.28
C GLY A 29 11.78 13.08 -7.03
N LYS A 30 10.48 13.33 -7.13
CA LYS A 30 9.59 13.33 -5.96
C LYS A 30 8.43 12.36 -6.15
N ILE A 31 7.60 12.16 -5.14
CA ILE A 31 6.47 11.24 -5.25
C ILE A 31 5.37 11.89 -6.10
N VAL A 32 4.90 11.17 -7.11
CA VAL A 32 3.79 11.66 -7.92
C VAL A 32 2.57 10.77 -7.74
N SER A 33 2.82 9.50 -7.40
CA SER A 33 1.78 8.49 -7.38
C SER A 33 2.05 7.49 -6.30
N VAL A 34 1.01 6.79 -5.91
CA VAL A 34 1.11 5.69 -4.97
C VAL A 34 -0.03 4.70 -5.24
N ASP A 35 0.31 3.44 -5.21
CA ASP A 35 -0.59 2.36 -5.55
C ASP A 35 -0.82 1.46 -4.36
N TRP A 36 -2.04 0.99 -4.24
CA TRP A 36 -2.41 0.02 -3.23
C TRP A 36 -2.41 -1.38 -3.82
N ASN A 37 -1.55 -2.22 -3.28
CA ASN A 37 -1.20 -3.51 -3.84
C ASN A 37 -0.99 -4.51 -2.68
N ALA A 38 -1.11 -5.82 -2.92
CA ALA A 38 -1.05 -6.82 -1.84
C ALA A 38 -0.88 -8.24 -2.39
N ILE A 39 -0.09 -9.07 -1.71
CA ILE A 39 0.23 -10.41 -2.23
C ILE A 39 -0.66 -11.45 -1.54
N ASN A 40 -1.30 -12.34 -2.29
CA ASN A 40 -2.13 -13.38 -1.67
C ASN A 40 -1.37 -14.68 -1.51
N LYS A 41 -1.59 -15.32 -0.36
CA LYS A 41 -0.97 -16.58 0.01
C LYS A 41 -1.32 -17.73 -0.94
N ASP A 42 -2.62 -17.98 -1.10
CA ASP A 42 -3.12 -19.13 -1.85
C ASP A 42 -3.04 -18.89 -3.35
N GLY A 43 -3.08 -17.61 -3.74
CA GLY A 43 -2.91 -17.22 -5.12
C GLY A 43 -1.48 -17.40 -5.59
N GLY A 44 -0.54 -16.88 -4.81
CA GLY A 44 0.88 -16.99 -5.14
C GLY A 44 1.42 -15.75 -5.81
N ASP A 45 0.51 -14.92 -6.30
CA ASP A 45 0.86 -13.72 -7.04
C ASP A 45 0.38 -12.47 -6.31
N ASP A 46 0.74 -11.32 -6.87
CA ASP A 46 0.44 -10.03 -6.26
C ASP A 46 -0.94 -9.53 -6.66
N LYS A 47 -1.34 -8.36 -6.13
CA LYS A 47 -2.58 -7.68 -6.48
C LYS A 47 -2.57 -7.31 -7.95
N ASP A 48 -1.38 -6.90 -8.43
CA ASP A 48 -1.13 -6.56 -9.82
C ASP A 48 -1.50 -7.72 -10.77
N THR A 49 -0.96 -8.90 -10.48
CA THR A 49 -1.19 -10.10 -11.29
C THR A 49 -2.63 -10.61 -11.16
N LEU A 50 -3.15 -10.68 -9.93
CA LEU A 50 -4.48 -11.25 -9.67
C LEU A 50 -5.62 -10.36 -10.20
N SER A 51 -5.40 -9.04 -10.21
CA SER A 51 -6.34 -8.08 -10.81
C SER A 51 -6.38 -8.22 -12.35
N ARG A 52 -5.20 -8.43 -12.94
CA ARG A 52 -5.06 -8.55 -14.39
C ARG A 52 -5.62 -9.89 -14.90
N ASN A 53 -5.39 -10.93 -14.12
CA ASN A 53 -5.77 -12.30 -14.49
C ASN A 53 -7.22 -12.60 -14.15
N GLY A 54 -7.65 -12.13 -12.99
CA GLY A 54 -8.99 -12.42 -12.51
C GLY A 54 -9.02 -13.58 -11.52
N GLY A 55 -7.85 -13.91 -10.95
CA GLY A 55 -7.77 -15.03 -10.01
C GLY A 55 -7.65 -14.56 -8.59
N TYR A 56 -8.54 -13.65 -8.20
CA TYR A 56 -8.55 -13.03 -6.88
C TYR A 56 -9.00 -14.03 -5.80
N LYS A 57 -8.02 -14.70 -5.20
CA LYS A 57 -8.25 -15.59 -4.07
C LYS A 57 -8.21 -14.83 -2.75
N MET A 58 -9.06 -15.21 -1.81
CA MET A 58 -8.98 -14.70 -0.44
C MET A 58 -9.05 -15.89 0.51
N VAL A 59 -8.20 -15.92 1.55
CA VAL A 59 -8.19 -17.08 2.46
C VAL A 59 -9.32 -16.96 3.50
N GLU A 60 -9.90 -15.78 3.61
CA GLU A 60 -11.05 -15.53 4.44
C GLU A 60 -12.08 -14.73 3.66
N TYR A 61 -13.20 -15.39 3.34
CA TYR A 61 -14.28 -14.73 2.60
C TYR A 61 -15.33 -14.17 3.56
N GLY A 62 -15.33 -14.67 4.79
CA GLY A 62 -16.26 -14.21 5.80
C GLY A 62 -15.55 -13.57 6.97
N GLY A 63 -14.76 -12.54 6.68
CA GLY A 63 -13.99 -11.87 7.72
C GLY A 63 -13.82 -10.40 7.45
N ALA A 64 -12.82 -9.82 8.11
CA ALA A 64 -12.56 -8.39 8.01
C ALA A 64 -11.81 -8.05 6.72
N GLN A 65 -11.73 -6.76 6.44
CA GLN A 65 -11.02 -6.29 5.27
C GLN A 65 -9.57 -6.00 5.63
N ALA A 66 -8.75 -7.03 5.49
CA ALA A 66 -7.32 -6.96 5.72
C ALA A 66 -6.59 -6.67 4.40
N GLU A 67 -7.18 -5.77 3.62
CA GLU A 67 -6.74 -5.48 2.27
C GLU A 67 -6.82 -3.99 2.00
N TRP A 68 -5.90 -3.50 1.20
CA TRP A 68 -6.07 -2.21 0.55
C TRP A 68 -7.00 -2.35 -0.66
N HIS A 69 -8.27 -2.03 -0.42
CA HIS A 69 -9.31 -2.06 -1.46
C HIS A 69 -9.51 -0.64 -2.01
N GLU A 70 -10.73 -0.31 -2.44
CA GLU A 70 -10.99 0.99 -3.10
C GLU A 70 -11.23 2.12 -2.07
N GLN A 71 -11.18 1.78 -0.77
CA GLN A 71 -11.20 2.79 0.29
C GLN A 71 -9.78 3.30 0.55
N ALA A 72 -8.80 2.56 0.04
CA ALA A 72 -7.38 2.94 0.08
C ALA A 72 -7.10 4.10 -0.87
N GLU A 73 -8.00 4.30 -1.86
CA GLU A 73 -8.00 5.49 -2.74
C GLU A 73 -8.05 6.84 -1.95
N LYS A 74 -8.67 6.82 -0.77
CA LYS A 74 -8.65 7.97 0.14
C LYS A 74 -7.26 8.18 0.75
N VAL A 75 -6.63 7.05 1.08
CA VAL A 75 -5.35 7.02 1.78
C VAL A 75 -4.18 7.45 0.88
N GLU A 76 -4.23 7.02 -0.38
CA GLU A 76 -3.17 7.28 -1.36
C GLU A 76 -3.07 8.77 -1.74
N ALA A 77 -4.20 9.45 -1.91
CA ALA A 77 -4.23 10.88 -2.21
C ALA A 77 -3.64 11.71 -1.06
N TYR A 78 -3.80 11.21 0.17
CA TYR A 78 -3.26 11.83 1.36
C TYR A 78 -1.72 11.67 1.44
N LEU A 79 -1.20 10.57 0.90
CA LEU A 79 0.26 10.36 0.80
C LEU A 79 0.87 11.33 -0.22
N VAL A 80 0.18 11.51 -1.36
CA VAL A 80 0.65 12.37 -2.46
C VAL A 80 0.79 13.83 -2.01
N GLU A 81 -0.19 14.33 -1.24
CA GLU A 81 -0.16 15.72 -0.78
C GLU A 81 0.97 15.96 0.24
N LYS A 82 1.31 14.94 1.04
CA LYS A 82 2.34 15.08 2.06
C LYS A 82 3.74 14.97 1.49
N GLN A 83 3.90 14.11 0.45
CA GLN A 83 5.22 13.69 -0.09
C GLN A 83 6.04 12.94 0.97
N ASP A 84 5.37 12.46 2.02
CA ASP A 84 6.05 12.04 3.22
C ASP A 84 5.50 10.71 3.72
N PRO A 85 6.27 9.60 3.51
CA PRO A 85 5.85 8.24 3.92
C PRO A 85 5.89 7.98 5.43
N THR A 86 6.47 8.89 6.21
CA THR A 86 6.63 8.67 7.64
C THR A 86 5.81 9.67 8.48
N ASP A 87 5.30 10.72 7.85
CA ASP A 87 4.52 11.73 8.58
C ASP A 87 3.06 11.31 8.66
N ILE A 88 2.61 11.00 9.87
CA ILE A 88 1.22 10.62 10.12
C ILE A 88 0.98 10.56 11.63
N LYS A 89 -0.26 10.81 12.04
CA LYS A 89 -0.66 10.62 13.43
C LYS A 89 -1.93 9.78 13.49
N TYR A 90 -1.87 8.68 14.24
CA TYR A 90 -3.05 7.86 14.49
C TYR A 90 -3.48 8.01 15.92
N LYS A 91 -4.78 7.91 16.14
CA LYS A 91 -5.34 7.92 17.49
C LYS A 91 -6.29 6.73 17.67
N ASP A 92 -5.72 5.55 17.91
CA ASP A 92 -6.49 4.33 18.13
C ASP A 92 -5.61 3.29 18.84
N ASN A 93 -6.06 2.04 18.92
CA ASN A 93 -5.26 0.93 19.41
C ASN A 93 -4.74 0.08 18.24
N ASP A 94 -4.95 0.58 17.01
CA ASP A 94 -4.47 -0.10 15.80
C ASP A 94 -3.77 0.93 14.92
N GLY A 95 -4.54 1.93 14.49
CA GLY A 95 -4.02 2.91 13.56
C GLY A 95 -5.09 3.62 12.79
N HIS A 96 -6.11 4.11 13.50
CA HIS A 96 -7.15 4.93 12.87
C HIS A 96 -6.72 6.38 12.85
N THR A 97 -6.85 7.00 11.70
CA THR A 97 -6.49 8.40 11.55
C THR A 97 -7.70 9.20 11.06
N ASP A 98 -7.90 10.34 11.69
CA ASP A 98 -9.02 11.20 11.40
C ASP A 98 -8.56 12.35 10.50
N ALA A 99 -7.26 12.35 10.21
CA ALA A 99 -6.62 13.38 9.39
C ALA A 99 -6.90 13.18 7.90
N ILE A 100 -7.22 11.94 7.50
CA ILE A 100 -7.62 11.66 6.12
C ILE A 100 -9.10 11.96 5.95
N SER A 101 -9.94 11.22 6.72
CA SER A 101 -11.42 11.28 6.67
C SER A 101 -11.96 10.65 5.37
N GLY A 102 -12.60 9.49 5.51
CA GLY A 102 -13.05 8.74 4.36
C GLY A 102 -12.55 7.32 4.40
N ALA A 103 -11.42 7.13 5.08
CA ALA A 103 -10.84 5.81 5.28
C ALA A 103 -10.97 5.41 6.74
N THR A 104 -11.92 4.54 7.01
CA THR A 104 -12.22 4.10 8.37
C THR A 104 -11.54 2.74 8.65
N ILE A 105 -10.73 2.28 7.70
CA ILE A 105 -9.86 1.13 7.89
C ILE A 105 -8.53 1.65 8.46
N LYS A 106 -7.83 0.85 9.28
CA LYS A 106 -6.55 1.28 9.88
C LYS A 106 -5.46 1.51 8.82
N VAL A 107 -5.00 2.76 8.80
CA VAL A 107 -4.05 3.28 7.82
C VAL A 107 -2.59 3.00 8.26
N LYS A 108 -2.45 2.39 9.44
CA LYS A 108 -1.14 2.08 10.06
C LYS A 108 -0.26 1.25 9.13
N LYS A 109 -0.86 0.29 8.41
CA LYS A 109 -0.15 -0.57 7.48
C LYS A 109 0.43 0.21 6.30
N PHE A 110 -0.30 1.22 5.82
CA PHE A 110 0.09 2.04 4.68
C PHE A 110 1.37 2.84 4.94
N PHE A 111 1.40 3.58 6.04
CA PHE A 111 2.55 4.41 6.34
C PHE A 111 3.74 3.61 6.88
N ASP A 112 3.44 2.44 7.47
CA ASP A 112 4.46 1.47 7.91
C ASP A 112 5.31 1.01 6.73
N LEU A 113 4.60 0.52 5.71
CA LEU A 113 5.20 -0.10 4.55
C LEU A 113 5.71 0.92 3.55
N ALA A 114 5.21 2.16 3.61
CA ALA A 114 5.75 3.27 2.83
C ALA A 114 7.17 3.66 3.28
N GLN A 115 7.45 3.53 4.57
CA GLN A 115 8.79 3.82 5.12
C GLN A 115 9.79 2.74 4.70
N LYS A 116 9.29 1.50 4.63
CA LYS A 116 10.05 0.34 4.22
C LYS A 116 10.26 0.32 2.70
N ALA A 117 9.36 0.99 1.96
CA ALA A 117 9.48 1.10 0.52
C ALA A 117 10.66 1.99 0.13
N LEU A 118 10.76 3.17 0.75
CA LEU A 118 11.80 4.13 0.42
C LEU A 118 13.03 4.00 1.33
N LYS A 119 13.28 2.80 1.90
CA LYS A 119 14.39 2.60 2.83
C LYS A 119 15.76 2.65 2.12
N ASP A 120 15.81 2.16 0.88
CA ASP A 120 17.03 2.19 0.09
C ASP A 120 17.05 3.40 -0.84
N ALA A 121 15.83 3.79 -1.28
CA ALA A 121 15.59 4.82 -2.32
C ALA A 121 16.26 4.49 -3.67
N GLU A 122 16.62 3.22 -3.87
CA GLU A 122 17.18 2.73 -5.13
C GLU A 122 16.45 1.48 -5.60
N LYS A 123 15.30 1.23 -4.98
CA LYS A 123 14.50 0.03 -5.25
C LYS A 123 13.71 0.21 -6.55
N LEU A 124 13.55 -0.87 -7.30
CA LEU A 124 12.87 -0.81 -8.59
C LEU A 124 11.99 -2.05 -8.78
N GLU A 125 10.68 -1.84 -8.69
CA GLU A 125 9.71 -2.93 -8.79
C GLU A 125 9.01 -2.85 -10.14
N HIS A 126 7.78 -3.37 -10.23
CA HIS A 126 6.94 -3.17 -11.40
C HIS A 126 6.46 -1.71 -11.40
N HIS A 127 6.96 -0.96 -12.37
CA HIS A 127 6.62 0.43 -12.55
C HIS A 127 5.17 0.53 -13.03
N HIS A 128 4.39 1.34 -12.35
CA HIS A 128 2.98 1.47 -12.67
C HIS A 128 2.74 2.70 -13.52
N HIS A 129 1.48 2.96 -13.82
CA HIS A 129 1.07 4.17 -14.50
C HIS A 129 -0.15 4.73 -13.80
N HIS A 130 0.07 5.14 -12.56
CA HIS A 130 -0.98 5.68 -11.71
C HIS A 130 -1.11 7.18 -11.97
N HIS A 131 -2.35 7.66 -12.06
CA HIS A 131 -2.62 9.08 -12.20
C HIS A 131 -3.90 9.44 -11.45
N MET A 1 16.69 9.73 -1.68
CA MET A 1 15.61 9.47 -2.66
C MET A 1 15.99 10.01 -4.03
N LYS A 2 15.77 9.18 -5.05
CA LYS A 2 16.03 9.57 -6.43
C LYS A 2 14.80 9.26 -7.28
N ASP A 3 14.81 9.71 -8.55
CA ASP A 3 13.81 9.31 -9.54
C ASP A 3 13.87 7.79 -9.74
N GLY A 4 12.83 7.12 -9.30
CA GLY A 4 12.80 5.69 -9.29
C GLY A 4 11.60 5.19 -8.53
N THR A 5 11.26 3.94 -8.72
CA THR A 5 10.12 3.36 -8.05
C THR A 5 10.60 2.57 -6.86
N TYR A 6 9.86 2.65 -5.79
CA TYR A 6 10.17 1.97 -4.54
C TYR A 6 9.03 1.07 -4.20
N TYR A 7 9.32 -0.12 -3.70
CA TYR A 7 8.25 -0.97 -3.20
C TYR A 7 8.72 -1.68 -1.94
N ALA A 8 7.79 -2.00 -1.07
CA ALA A 8 8.06 -2.85 0.08
C ALA A 8 6.88 -3.75 0.32
N GLU A 9 7.14 -4.99 0.70
CA GLU A 9 6.06 -5.93 0.97
C GLU A 9 6.03 -6.23 2.44
N ALA A 10 4.85 -6.57 2.95
CA ALA A 10 4.66 -6.90 4.36
C ALA A 10 5.44 -8.17 4.71
N ASP A 11 5.91 -8.25 5.97
CA ASP A 11 6.75 -9.37 6.43
C ASP A 11 6.03 -10.69 6.30
N ASP A 12 4.83 -10.73 6.84
CA ASP A 12 3.94 -11.88 6.70
C ASP A 12 2.70 -11.46 5.93
N PHE A 13 1.73 -12.36 5.85
CA PHE A 13 0.45 -12.06 5.23
C PHE A 13 -0.49 -11.46 6.28
N ASP A 14 -1.40 -10.60 5.83
CA ASP A 14 -2.35 -9.92 6.72
C ASP A 14 -3.49 -10.89 7.13
N GLU A 15 -4.49 -10.36 7.83
CA GLU A 15 -5.57 -11.17 8.40
C GLU A 15 -6.42 -11.80 7.30
N SER A 16 -6.71 -11.03 6.24
CA SER A 16 -7.48 -11.54 5.10
C SER A 16 -6.57 -12.20 4.05
N GLY A 17 -5.29 -12.43 4.41
CA GLY A 17 -4.40 -13.24 3.61
C GLY A 17 -3.74 -12.49 2.47
N TRP A 18 -3.25 -11.28 2.78
CA TRP A 18 -2.63 -10.45 1.75
C TRP A 18 -1.32 -9.85 2.26
N LYS A 19 -0.25 -10.06 1.51
CA LYS A 19 1.02 -9.43 1.80
C LYS A 19 1.03 -8.09 1.11
N ASP A 20 0.62 -7.07 1.84
CA ASP A 20 0.34 -5.78 1.24
C ASP A 20 1.61 -5.00 0.97
N THR A 21 1.70 -4.54 -0.25
CA THR A 21 2.86 -3.84 -0.75
C THR A 21 2.50 -2.40 -1.01
N VAL A 22 3.38 -1.50 -0.66
CA VAL A 22 3.16 -0.08 -0.89
C VAL A 22 4.24 0.42 -1.83
N THR A 23 3.81 0.70 -3.05
CA THR A 23 4.70 1.08 -4.12
C THR A 23 4.71 2.61 -4.27
N ILE A 24 5.83 3.22 -3.94
CA ILE A 24 6.00 4.65 -4.01
C ILE A 24 6.63 5.02 -5.35
N GLU A 25 5.89 5.75 -6.18
CA GLU A 25 6.42 6.16 -7.46
C GLU A 25 6.99 7.56 -7.35
N VAL A 26 8.31 7.63 -7.41
CA VAL A 26 9.04 8.87 -7.31
C VAL A 26 9.56 9.26 -8.70
N LYS A 27 9.20 10.46 -9.11
CA LYS A 27 9.61 11.00 -10.39
C LYS A 27 10.03 12.45 -10.18
N ASN A 28 11.23 12.80 -10.70
CA ASN A 28 11.87 14.12 -10.52
C ASN A 28 12.31 14.35 -9.07
N GLY A 29 12.59 13.24 -8.36
CA GLY A 29 13.00 13.31 -6.96
C GLY A 29 11.86 13.50 -5.97
N LYS A 30 10.64 13.59 -6.46
CA LYS A 30 9.47 13.79 -5.61
C LYS A 30 8.44 12.71 -5.87
N ILE A 31 7.53 12.50 -4.94
CA ILE A 31 6.48 11.51 -5.12
C ILE A 31 5.42 12.09 -6.06
N VAL A 32 5.17 11.41 -7.16
CA VAL A 32 4.13 11.83 -8.09
C VAL A 32 2.90 10.96 -7.94
N SER A 33 3.12 9.69 -7.56
CA SER A 33 2.06 8.70 -7.56
C SER A 33 2.36 7.62 -6.53
N VAL A 34 1.35 6.82 -6.24
CA VAL A 34 1.48 5.71 -5.32
C VAL A 34 0.56 4.57 -5.75
N ASP A 35 1.05 3.37 -5.60
CA ASP A 35 0.39 2.16 -6.07
C ASP A 35 0.20 1.21 -4.89
N TRP A 36 -0.95 0.57 -4.82
CA TRP A 36 -1.19 -0.47 -3.85
C TRP A 36 -1.43 -1.80 -4.53
N ASN A 37 -0.77 -2.81 -4.01
CA ASN A 37 -0.81 -4.17 -4.55
C ASN A 37 -0.57 -5.13 -3.39
N ALA A 38 -0.80 -6.43 -3.56
CA ALA A 38 -0.59 -7.41 -2.46
C ALA A 38 -0.51 -8.82 -2.97
N ILE A 39 0.30 -9.64 -2.31
CA ILE A 39 0.51 -11.02 -2.75
C ILE A 39 -0.39 -11.94 -1.92
N ASN A 40 -1.11 -12.82 -2.58
CA ASN A 40 -2.10 -13.67 -1.92
C ASN A 40 -1.44 -14.80 -1.13
N LYS A 41 -2.01 -15.11 0.05
CA LYS A 41 -1.52 -16.15 0.97
C LYS A 41 -1.61 -17.56 0.36
N ASP A 42 -2.51 -17.73 -0.63
CA ASP A 42 -2.65 -18.97 -1.40
C ASP A 42 -1.33 -19.36 -2.07
N GLY A 43 -0.59 -18.36 -2.56
CA GLY A 43 0.65 -18.63 -3.24
C GLY A 43 0.46 -18.71 -4.74
N GLY A 44 -0.56 -18.02 -5.23
CA GLY A 44 -0.81 -17.94 -6.65
C GLY A 44 -0.15 -16.73 -7.27
N ASP A 45 -0.95 -15.71 -7.53
CA ASP A 45 -0.46 -14.49 -8.16
C ASP A 45 -0.64 -13.28 -7.25
N ASP A 46 -0.33 -12.11 -7.79
CA ASP A 46 -0.44 -10.84 -7.08
C ASP A 46 -1.85 -10.27 -7.23
N LYS A 47 -2.17 -9.21 -6.49
CA LYS A 47 -3.51 -8.59 -6.49
C LYS A 47 -3.88 -8.02 -7.86
N ASP A 48 -2.87 -7.46 -8.53
CA ASP A 48 -2.98 -7.00 -9.92
C ASP A 48 -3.37 -8.14 -10.85
N THR A 49 -2.58 -9.22 -10.81
CA THR A 49 -2.74 -10.35 -11.72
C THR A 49 -4.03 -11.16 -11.42
N LEU A 50 -4.41 -11.22 -10.15
CA LEU A 50 -5.65 -11.89 -9.73
C LEU A 50 -6.88 -11.10 -10.17
N SER A 51 -6.80 -9.78 -10.16
CA SER A 51 -7.90 -8.93 -10.62
C SER A 51 -8.04 -9.00 -12.16
N ARG A 52 -6.90 -9.24 -12.84
CA ARG A 52 -6.87 -9.39 -14.30
C ARG A 52 -7.51 -10.72 -14.74
N ASN A 53 -7.20 -11.80 -14.02
CA ASN A 53 -7.65 -13.14 -14.40
C ASN A 53 -9.01 -13.52 -13.80
N GLY A 54 -9.45 -12.77 -12.80
CA GLY A 54 -10.72 -13.05 -12.15
C GLY A 54 -10.59 -14.07 -11.04
N GLY A 55 -9.68 -13.81 -10.11
CA GLY A 55 -9.42 -14.70 -9.00
C GLY A 55 -8.97 -13.97 -7.75
N TYR A 56 -9.47 -12.75 -7.55
CA TYR A 56 -9.26 -12.01 -6.32
C TYR A 56 -10.06 -12.67 -5.18
N LYS A 57 -9.37 -13.42 -4.33
CA LYS A 57 -10.02 -14.11 -3.22
C LYS A 57 -9.35 -13.72 -1.90
N MET A 58 -10.14 -13.16 -0.98
CA MET A 58 -9.68 -12.98 0.39
C MET A 58 -9.88 -14.28 1.16
N VAL A 59 -9.10 -14.51 2.21
CA VAL A 59 -9.30 -15.68 3.06
C VAL A 59 -10.39 -15.38 4.11
N GLU A 60 -10.63 -14.09 4.36
CA GLU A 60 -11.69 -13.66 5.23
C GLU A 60 -12.69 -12.83 4.46
N TYR A 61 -13.94 -13.24 4.47
CA TYR A 61 -15.01 -12.45 3.88
C TYR A 61 -15.84 -11.82 5.00
N GLY A 62 -15.15 -11.10 5.89
CA GLY A 62 -15.79 -10.43 7.00
C GLY A 62 -16.39 -9.10 6.61
N GLY A 63 -15.79 -8.45 5.62
CA GLY A 63 -16.32 -7.19 5.12
C GLY A 63 -15.50 -5.98 5.53
N ALA A 64 -14.44 -6.21 6.29
CA ALA A 64 -13.57 -5.11 6.75
C ALA A 64 -12.46 -4.84 5.74
N GLN A 65 -12.08 -5.90 4.99
CA GLN A 65 -10.96 -5.89 4.02
C GLN A 65 -9.64 -5.58 4.70
N ALA A 66 -8.96 -6.62 5.19
CA ALA A 66 -7.62 -6.44 5.74
C ALA A 66 -6.58 -6.52 4.62
N GLU A 67 -6.70 -5.53 3.74
CA GLU A 67 -5.91 -5.39 2.53
C GLU A 67 -6.15 -3.99 1.95
N TRP A 68 -5.42 -3.64 0.91
CA TRP A 68 -5.64 -2.37 0.22
C TRP A 68 -6.64 -2.51 -0.92
N HIS A 69 -7.82 -1.94 -0.72
CA HIS A 69 -8.84 -1.91 -1.74
C HIS A 69 -9.30 -0.47 -2.00
N GLU A 70 -10.59 -0.16 -1.75
CA GLU A 70 -11.14 1.17 -2.01
C GLU A 70 -10.94 2.08 -0.81
N GLN A 71 -10.59 1.48 0.33
CA GLN A 71 -10.17 2.20 1.53
C GLN A 71 -8.83 2.87 1.25
N ALA A 72 -8.01 2.16 0.47
CA ALA A 72 -6.67 2.61 0.10
C ALA A 72 -6.69 3.75 -0.91
N GLU A 73 -7.79 3.91 -1.67
CA GLU A 73 -7.98 5.07 -2.55
C GLU A 73 -7.98 6.38 -1.76
N LYS A 74 -8.62 6.36 -0.59
CA LYS A 74 -8.65 7.51 0.30
C LYS A 74 -7.24 7.82 0.83
N VAL A 75 -6.50 6.76 1.17
CA VAL A 75 -5.17 6.86 1.76
C VAL A 75 -4.11 7.30 0.73
N GLU A 76 -4.25 6.85 -0.54
CA GLU A 76 -3.28 7.12 -1.59
C GLU A 76 -3.25 8.62 -1.97
N ALA A 77 -4.42 9.28 -1.94
CA ALA A 77 -4.53 10.70 -2.19
C ALA A 77 -3.85 11.52 -1.10
N TYR A 78 -3.94 11.02 0.13
CA TYR A 78 -3.33 11.66 1.29
C TYR A 78 -1.80 11.55 1.24
N LEU A 79 -1.28 10.44 0.71
CA LEU A 79 0.18 10.24 0.59
C LEU A 79 0.80 11.23 -0.40
N VAL A 80 0.09 11.48 -1.51
CA VAL A 80 0.55 12.42 -2.54
C VAL A 80 0.56 13.87 -2.00
N GLU A 81 -0.46 14.26 -1.23
CA GLU A 81 -0.53 15.64 -0.69
C GLU A 81 0.43 15.86 0.50
N LYS A 82 0.84 14.79 1.18
CA LYS A 82 1.83 14.90 2.26
C LYS A 82 3.24 14.97 1.70
N GLN A 83 3.46 14.27 0.58
CA GLN A 83 4.79 14.09 -0.05
C GLN A 83 5.77 13.33 0.84
N ASP A 84 5.28 12.74 1.94
CA ASP A 84 6.12 12.05 2.86
C ASP A 84 5.32 10.93 3.54
N PRO A 85 5.91 9.72 3.66
CA PRO A 85 5.24 8.53 4.20
C PRO A 85 5.38 8.33 5.71
N THR A 86 5.82 9.35 6.45
CA THR A 86 6.07 9.18 7.87
C THR A 86 5.28 10.19 8.72
N ASP A 87 4.81 11.28 8.13
CA ASP A 87 4.03 12.28 8.87
C ASP A 87 2.55 11.89 8.86
N ILE A 88 2.11 11.33 9.99
CA ILE A 88 0.74 10.83 10.16
C ILE A 88 0.50 10.54 11.66
N LYS A 89 -0.70 10.87 12.13
CA LYS A 89 -1.08 10.62 13.50
C LYS A 89 -2.38 9.83 13.55
N TYR A 90 -2.40 8.80 14.41
CA TYR A 90 -3.56 7.95 14.56
C TYR A 90 -4.18 8.14 15.93
N LYS A 91 -5.50 8.00 15.99
CA LYS A 91 -6.23 8.01 17.26
C LYS A 91 -6.99 6.69 17.36
N ASP A 92 -6.28 5.64 17.77
CA ASP A 92 -6.79 4.28 17.62
C ASP A 92 -5.94 3.32 18.44
N ASN A 93 -6.36 2.05 18.50
CA ASN A 93 -5.59 1.02 19.17
C ASN A 93 -4.74 0.22 18.17
N ASP A 94 -4.89 0.53 16.86
CA ASP A 94 -4.10 -0.15 15.82
C ASP A 94 -3.46 0.89 14.91
N GLY A 95 -4.27 1.79 14.37
CA GLY A 95 -3.79 2.73 13.39
C GLY A 95 -4.87 3.26 12.47
N HIS A 96 -5.91 3.85 13.05
CA HIS A 96 -6.94 4.54 12.28
C HIS A 96 -6.78 6.04 12.45
N THR A 97 -7.15 6.76 11.42
CA THR A 97 -7.04 8.20 11.43
C THR A 97 -8.31 8.80 10.84
N ASP A 98 -8.71 9.95 11.36
CA ASP A 98 -9.96 10.57 10.95
C ASP A 98 -9.70 11.54 9.79
N ALA A 99 -8.40 11.86 9.59
CA ALA A 99 -7.96 12.69 8.47
C ALA A 99 -8.24 12.01 7.14
N ILE A 100 -7.95 10.71 7.09
CA ILE A 100 -8.32 9.88 5.97
C ILE A 100 -9.69 9.25 6.26
N SER A 101 -10.73 10.02 5.97
CA SER A 101 -12.09 9.64 6.26
C SER A 101 -12.64 8.69 5.19
N GLY A 102 -12.77 7.42 5.56
CA GLY A 102 -13.30 6.42 4.67
C GLY A 102 -12.54 5.11 4.77
N ALA A 103 -11.32 5.17 5.29
CA ALA A 103 -10.46 4.01 5.42
C ALA A 103 -10.88 3.12 6.60
N THR A 104 -11.54 2.01 6.27
CA THR A 104 -12.04 1.05 7.26
C THR A 104 -10.91 0.17 7.81
N ILE A 105 -9.93 -0.12 6.96
CA ILE A 105 -8.77 -0.89 7.37
C ILE A 105 -7.68 0.06 7.91
N LYS A 106 -6.90 -0.42 8.90
CA LYS A 106 -5.84 0.37 9.53
C LYS A 106 -4.80 0.89 8.53
N VAL A 107 -4.67 2.22 8.55
CA VAL A 107 -3.81 3.00 7.67
C VAL A 107 -2.32 2.90 8.08
N LYS A 108 -2.07 2.39 9.30
CA LYS A 108 -0.72 2.34 9.86
C LYS A 108 0.23 1.45 9.06
N LYS A 109 -0.31 0.43 8.38
CA LYS A 109 0.51 -0.47 7.57
C LYS A 109 0.88 0.16 6.21
N PHE A 110 0.03 1.10 5.73
CA PHE A 110 0.31 1.83 4.50
C PHE A 110 1.55 2.70 4.67
N PHE A 111 1.54 3.52 5.72
CA PHE A 111 2.64 4.42 6.01
C PHE A 111 3.87 3.66 6.53
N ASP A 112 3.64 2.50 7.17
CA ASP A 112 4.72 1.61 7.64
C ASP A 112 5.54 1.09 6.47
N LEU A 113 4.85 0.49 5.51
CA LEU A 113 5.46 -0.13 4.34
C LEU A 113 5.96 0.91 3.33
N ALA A 114 5.39 2.11 3.37
CA ALA A 114 5.89 3.23 2.58
C ALA A 114 7.25 3.73 3.09
N GLN A 115 7.42 3.72 4.43
CA GLN A 115 8.72 4.05 5.05
C GLN A 115 9.75 2.95 4.78
N LYS A 116 9.27 1.71 4.71
CA LYS A 116 10.10 0.54 4.42
C LYS A 116 10.50 0.47 2.95
N ALA A 117 9.72 1.11 2.08
CA ALA A 117 10.05 1.22 0.65
C ALA A 117 11.27 2.12 0.43
N LEU A 118 11.36 3.17 1.24
CA LEU A 118 12.40 4.19 1.10
C LEU A 118 13.45 4.09 2.22
N LYS A 119 13.53 2.91 2.86
CA LYS A 119 14.40 2.68 4.03
C LYS A 119 15.89 2.92 3.74
N ASP A 120 16.33 2.52 2.56
CA ASP A 120 17.68 2.80 2.09
C ASP A 120 17.66 3.77 0.91
N ALA A 121 16.45 4.02 0.38
CA ALA A 121 16.19 4.79 -0.86
C ALA A 121 16.93 4.22 -2.09
N GLU A 122 17.23 2.93 -2.06
CA GLU A 122 17.93 2.25 -3.16
C GLU A 122 17.08 1.11 -3.73
N LYS A 123 16.01 0.75 -3.02
CA LYS A 123 15.09 -0.31 -3.45
C LYS A 123 14.33 0.10 -4.69
N LEU A 124 14.60 -0.58 -5.80
CA LEU A 124 14.11 -0.15 -7.10
C LEU A 124 13.15 -1.17 -7.72
N GLU A 125 11.96 -0.69 -8.01
CA GLU A 125 10.95 -1.40 -8.78
C GLU A 125 10.71 -0.59 -10.07
N HIS A 126 9.78 -1.03 -10.91
CA HIS A 126 9.43 -0.28 -12.12
C HIS A 126 7.92 -0.09 -12.20
N HIS A 127 7.48 1.12 -11.95
CA HIS A 127 6.07 1.51 -12.10
C HIS A 127 5.98 2.85 -12.78
N HIS A 128 5.00 3.00 -13.68
CA HIS A 128 4.74 4.28 -14.29
C HIS A 128 3.21 4.49 -14.45
N HIS A 129 2.68 5.49 -13.74
CA HIS A 129 1.28 5.89 -13.85
C HIS A 129 1.10 7.29 -13.29
N HIS A 130 0.13 8.02 -13.81
CA HIS A 130 -0.19 9.36 -13.29
C HIS A 130 -1.57 9.34 -12.64
N HIS A 131 -1.95 10.46 -12.02
CA HIS A 131 -3.27 10.61 -11.44
C HIS A 131 -3.82 12.02 -11.73
N MET A 1 16.33 10.07 -1.58
CA MET A 1 15.35 9.48 -2.52
C MET A 1 15.76 9.81 -3.95
N LYS A 2 15.48 8.89 -4.85
CA LYS A 2 15.84 8.99 -6.25
C LYS A 2 14.59 8.80 -7.10
N ASP A 3 14.65 9.23 -8.36
CA ASP A 3 13.54 9.00 -9.28
C ASP A 3 13.50 7.52 -9.70
N GLY A 4 12.36 6.91 -9.43
CA GLY A 4 12.14 5.51 -9.66
C GLY A 4 10.88 5.06 -8.99
N THR A 5 10.69 3.76 -8.86
CA THR A 5 9.49 3.26 -8.21
C THR A 5 9.82 2.20 -7.18
N TYR A 6 9.56 2.58 -5.95
CA TYR A 6 9.90 1.82 -4.75
C TYR A 6 8.76 0.90 -4.40
N TYR A 7 9.06 -0.31 -4.01
CA TYR A 7 8.01 -1.17 -3.50
C TYR A 7 8.56 -1.98 -2.31
N ALA A 8 7.68 -2.23 -1.34
CA ALA A 8 8.02 -3.02 -0.18
C ALA A 8 6.82 -3.84 0.23
N GLU A 9 7.08 -5.04 0.72
CA GLU A 9 6.00 -5.96 1.09
C GLU A 9 5.98 -6.18 2.60
N ALA A 10 4.80 -6.46 3.13
CA ALA A 10 4.61 -6.73 4.55
C ALA A 10 5.35 -7.99 4.96
N ASP A 11 5.74 -8.08 6.23
CA ASP A 11 6.51 -9.21 6.75
C ASP A 11 5.71 -10.50 6.66
N ASP A 12 4.45 -10.42 7.08
CA ASP A 12 3.55 -11.55 7.05
C ASP A 12 2.33 -11.18 6.17
N PHE A 13 1.26 -11.95 6.27
CA PHE A 13 0.02 -11.69 5.53
C PHE A 13 -1.06 -11.27 6.53
N ASP A 14 -2.00 -10.45 6.09
CA ASP A 14 -3.02 -9.91 7.00
C ASP A 14 -4.22 -10.88 7.18
N GLU A 15 -5.35 -10.37 7.71
CA GLU A 15 -6.58 -11.14 7.96
C GLU A 15 -7.12 -11.81 6.68
N SER A 16 -7.08 -11.07 5.56
CA SER A 16 -7.60 -11.58 4.28
C SER A 16 -6.51 -12.29 3.46
N GLY A 17 -5.31 -12.36 4.02
CA GLY A 17 -4.23 -13.11 3.39
C GLY A 17 -3.55 -12.34 2.28
N TRP A 18 -3.35 -11.06 2.51
CA TRP A 18 -2.67 -10.21 1.57
C TRP A 18 -1.39 -9.66 2.21
N LYS A 19 -0.30 -9.79 1.48
CA LYS A 19 0.98 -9.21 1.83
C LYS A 19 1.04 -7.84 1.20
N ASP A 20 0.77 -6.85 2.02
CA ASP A 20 0.52 -5.49 1.56
C ASP A 20 1.78 -4.88 1.00
N THR A 21 1.70 -4.38 -0.23
CA THR A 21 2.84 -3.76 -0.85
C THR A 21 2.51 -2.33 -1.22
N VAL A 22 3.43 -1.44 -0.92
CA VAL A 22 3.22 -0.03 -1.16
C VAL A 22 4.23 0.45 -2.19
N THR A 23 3.71 0.73 -3.38
CA THR A 23 4.51 1.13 -4.50
C THR A 23 4.55 2.66 -4.61
N ILE A 24 5.72 3.23 -4.34
CA ILE A 24 5.92 4.67 -4.30
C ILE A 24 6.59 5.13 -5.58
N GLU A 25 5.91 5.92 -6.39
CA GLU A 25 6.52 6.47 -7.58
C GLU A 25 7.09 7.85 -7.28
N VAL A 26 8.40 7.89 -7.23
CA VAL A 26 9.15 9.13 -7.03
C VAL A 26 9.68 9.59 -8.37
N LYS A 27 9.44 10.84 -8.68
CA LYS A 27 9.90 11.44 -9.92
C LYS A 27 10.22 12.89 -9.63
N ASN A 28 11.40 13.34 -10.12
CA ASN A 28 11.90 14.71 -9.90
C ASN A 28 12.31 14.94 -8.44
N GLY A 29 12.63 13.84 -7.74
CA GLY A 29 13.00 13.90 -6.34
C GLY A 29 11.82 13.85 -5.37
N LYS A 30 10.60 13.87 -5.90
CA LYS A 30 9.41 13.91 -5.06
C LYS A 30 8.37 12.86 -5.48
N ILE A 31 7.46 12.52 -4.57
CA ILE A 31 6.43 11.52 -4.84
C ILE A 31 5.35 12.11 -5.75
N VAL A 32 5.20 11.56 -6.94
CA VAL A 32 4.20 12.06 -7.89
C VAL A 32 3.01 11.09 -8.02
N SER A 33 3.21 9.85 -7.57
CA SER A 33 2.20 8.82 -7.71
C SER A 33 2.45 7.73 -6.66
N VAL A 34 1.43 6.96 -6.37
CA VAL A 34 1.51 5.85 -5.45
C VAL A 34 0.46 4.78 -5.83
N ASP A 35 0.87 3.53 -5.74
CA ASP A 35 0.04 2.38 -6.08
C ASP A 35 -0.04 1.40 -4.94
N TRP A 36 -1.21 0.78 -4.79
CA TRP A 36 -1.42 -0.22 -3.77
C TRP A 36 -1.62 -1.60 -4.40
N ASN A 37 -0.71 -2.50 -4.09
CA ASN A 37 -0.77 -3.88 -4.55
C ASN A 37 -0.72 -4.80 -3.34
N ALA A 38 -0.90 -6.10 -3.53
CA ALA A 38 -0.86 -7.05 -2.41
C ALA A 38 -0.69 -8.48 -2.90
N ILE A 39 0.12 -9.27 -2.21
CA ILE A 39 0.43 -10.63 -2.65
C ILE A 39 -0.41 -11.64 -1.87
N ASN A 40 -1.08 -12.54 -2.57
CA ASN A 40 -1.99 -13.50 -1.96
C ASN A 40 -1.23 -14.65 -1.29
N LYS A 41 -1.73 -15.04 -0.12
CA LYS A 41 -1.12 -16.07 0.71
C LYS A 41 -1.26 -17.47 0.11
N ASP A 42 -2.43 -17.76 -0.44
CA ASP A 42 -2.72 -19.08 -1.00
C ASP A 42 -2.04 -19.26 -2.36
N GLY A 43 -2.07 -18.22 -3.18
CA GLY A 43 -1.56 -18.31 -4.54
C GLY A 43 -0.08 -17.99 -4.65
N GLY A 44 0.30 -16.81 -4.19
CA GLY A 44 1.64 -16.31 -4.42
C GLY A 44 1.68 -15.29 -5.55
N ASP A 45 0.50 -14.91 -6.01
CA ASP A 45 0.35 -13.92 -7.07
C ASP A 45 -0.26 -12.65 -6.48
N ASP A 46 -0.21 -11.56 -7.23
CA ASP A 46 -0.68 -10.28 -6.72
C ASP A 46 -2.21 -10.17 -6.89
N LYS A 47 -2.80 -9.13 -6.27
CA LYS A 47 -4.21 -8.76 -6.44
C LYS A 47 -4.51 -8.43 -7.90
N ASP A 48 -3.51 -7.84 -8.57
CA ASP A 48 -3.56 -7.55 -10.00
C ASP A 48 -3.58 -8.85 -10.81
N THR A 49 -2.68 -9.78 -10.48
CA THR A 49 -2.53 -11.05 -11.20
C THR A 49 -3.78 -11.93 -11.08
N LEU A 50 -4.38 -11.93 -9.88
CA LEU A 50 -5.63 -12.66 -9.63
C LEU A 50 -6.80 -12.04 -10.37
N SER A 51 -6.78 -10.71 -10.52
CA SER A 51 -7.80 -10.00 -11.30
C SER A 51 -7.68 -10.32 -12.81
N ARG A 52 -6.46 -10.62 -13.28
CA ARG A 52 -6.24 -10.98 -14.68
C ARG A 52 -6.73 -12.40 -14.98
N ASN A 53 -6.54 -13.30 -14.02
CA ASN A 53 -6.95 -14.70 -14.16
C ASN A 53 -8.45 -14.91 -13.89
N GLY A 54 -9.05 -13.96 -13.17
CA GLY A 54 -10.43 -14.09 -12.75
C GLY A 54 -10.57 -14.95 -11.50
N GLY A 55 -9.50 -15.00 -10.72
CA GLY A 55 -9.47 -15.83 -9.52
C GLY A 55 -9.12 -15.02 -8.30
N TYR A 56 -9.78 -13.88 -8.16
CA TYR A 56 -9.56 -12.96 -7.04
C TYR A 56 -10.14 -13.54 -5.74
N LYS A 57 -9.26 -14.21 -5.00
CA LYS A 57 -9.64 -14.84 -3.75
C LYS A 57 -9.06 -14.09 -2.58
N MET A 58 -9.89 -13.89 -1.57
CA MET A 58 -9.43 -13.54 -0.25
C MET A 58 -9.44 -14.82 0.57
N VAL A 59 -8.47 -15.00 1.47
CA VAL A 59 -8.37 -16.28 2.17
C VAL A 59 -9.34 -16.36 3.36
N GLU A 60 -9.99 -15.24 3.67
CA GLU A 60 -11.05 -15.22 4.66
C GLU A 60 -12.25 -14.44 4.11
N TYR A 61 -13.39 -15.13 4.01
CA TYR A 61 -14.64 -14.50 3.62
C TYR A 61 -15.61 -14.42 4.81
N GLY A 62 -15.25 -15.08 5.91
CA GLY A 62 -16.08 -15.11 7.09
C GLY A 62 -15.54 -14.22 8.19
N GLY A 63 -15.24 -12.98 7.85
CA GLY A 63 -14.73 -12.02 8.80
C GLY A 63 -14.61 -10.64 8.21
N ALA A 64 -13.46 -10.03 8.41
CA ALA A 64 -13.20 -8.70 7.88
C ALA A 64 -12.48 -8.78 6.55
N GLN A 65 -12.95 -8.01 5.57
CA GLN A 65 -12.28 -7.91 4.27
C GLN A 65 -11.30 -6.74 4.28
N ALA A 66 -10.22 -6.93 5.03
CA ALA A 66 -9.19 -5.92 5.19
C ALA A 66 -8.15 -6.04 4.09
N GLU A 67 -8.01 -4.96 3.32
CA GLU A 67 -7.08 -4.91 2.19
C GLU A 67 -7.00 -3.47 1.67
N TRP A 68 -6.01 -3.21 0.84
CA TRP A 68 -5.90 -1.94 0.16
C TRP A 68 -6.67 -1.96 -1.15
N HIS A 69 -7.79 -1.24 -1.17
CA HIS A 69 -8.62 -1.15 -2.35
C HIS A 69 -9.47 0.13 -2.30
N GLU A 70 -10.51 0.11 -1.48
CA GLU A 70 -11.51 1.18 -1.43
C GLU A 70 -11.02 2.35 -0.59
N GLN A 71 -10.58 2.03 0.63
CA GLN A 71 -10.13 3.03 1.58
C GLN A 71 -8.75 3.55 1.21
N ALA A 72 -8.01 2.72 0.46
CA ALA A 72 -6.66 3.03 0.02
C ALA A 72 -6.62 4.14 -1.03
N GLU A 73 -7.72 4.32 -1.77
CA GLU A 73 -7.86 5.44 -2.72
C GLU A 73 -7.92 6.78 -1.97
N LYS A 74 -8.53 6.76 -0.79
CA LYS A 74 -8.64 7.97 0.02
C LYS A 74 -7.30 8.30 0.69
N VAL A 75 -6.60 7.24 1.12
CA VAL A 75 -5.32 7.33 1.83
C VAL A 75 -4.17 7.75 0.90
N GLU A 76 -4.21 7.28 -0.37
CA GLU A 76 -3.16 7.58 -1.35
C GLU A 76 -3.10 9.08 -1.68
N ALA A 77 -4.28 9.73 -1.67
CA ALA A 77 -4.40 11.18 -1.88
C ALA A 77 -3.66 11.97 -0.81
N TYR A 78 -3.73 11.47 0.43
CA TYR A 78 -3.05 12.07 1.57
C TYR A 78 -1.52 11.88 1.48
N LEU A 79 -1.08 10.73 0.95
CA LEU A 79 0.35 10.45 0.82
C LEU A 79 0.99 11.34 -0.25
N VAL A 80 0.28 11.53 -1.37
CA VAL A 80 0.75 12.37 -2.48
C VAL A 80 0.74 13.87 -2.10
N GLU A 81 -0.21 14.29 -1.26
CA GLU A 81 -0.24 15.69 -0.81
C GLU A 81 0.82 15.96 0.27
N LYS A 82 1.16 14.95 1.08
CA LYS A 82 2.04 15.14 2.24
C LYS A 82 3.51 15.01 1.89
N GLN A 83 3.81 14.15 0.90
CA GLN A 83 5.18 13.87 0.40
C GLN A 83 6.06 13.17 1.45
N ASP A 84 5.43 12.68 2.51
CA ASP A 84 6.14 12.10 3.64
C ASP A 84 5.41 10.86 4.10
N PRO A 85 6.08 9.67 4.02
CA PRO A 85 5.48 8.38 4.37
C PRO A 85 5.35 8.12 5.89
N THR A 86 5.68 9.11 6.72
CA THR A 86 5.55 8.96 8.15
C THR A 86 4.86 10.21 8.78
N ASP A 87 4.34 11.09 7.92
CA ASP A 87 3.58 12.25 8.40
C ASP A 87 2.12 11.86 8.51
N ILE A 88 1.78 11.29 9.66
CA ILE A 88 0.46 10.72 9.89
C ILE A 88 0.28 10.44 11.39
N LYS A 89 -0.89 10.78 11.89
CA LYS A 89 -1.23 10.58 13.28
C LYS A 89 -2.41 9.61 13.38
N TYR A 90 -2.34 8.70 14.36
CA TYR A 90 -3.41 7.74 14.58
C TYR A 90 -3.99 7.89 15.98
N LYS A 91 -5.28 7.62 16.08
CA LYS A 91 -5.98 7.55 17.35
C LYS A 91 -6.72 6.21 17.44
N ASP A 92 -6.01 5.16 17.84
CA ASP A 92 -6.52 3.80 17.70
C ASP A 92 -5.69 2.84 18.55
N ASN A 93 -5.95 1.54 18.41
CA ASN A 93 -5.10 0.50 18.98
C ASN A 93 -4.21 -0.12 17.90
N ASP A 94 -4.42 0.27 16.63
CA ASP A 94 -3.64 -0.26 15.52
C ASP A 94 -3.17 0.87 14.62
N GLY A 95 -4.09 1.74 14.20
CA GLY A 95 -3.73 2.79 13.26
C GLY A 95 -4.89 3.38 12.48
N HIS A 96 -5.95 3.80 13.14
CA HIS A 96 -7.02 4.58 12.50
C HIS A 96 -6.65 6.05 12.52
N THR A 97 -6.82 6.69 11.41
CA THR A 97 -6.51 8.10 11.28
C THR A 97 -7.79 8.91 11.16
N ASP A 98 -7.79 10.06 11.81
CA ASP A 98 -8.92 10.98 11.78
C ASP A 98 -8.70 12.04 10.70
N ALA A 99 -7.46 12.14 10.22
CA ALA A 99 -7.04 13.19 9.29
C ALA A 99 -7.46 12.90 7.85
N ILE A 100 -7.54 11.62 7.48
CA ILE A 100 -7.90 11.22 6.11
C ILE A 100 -9.46 10.99 6.01
N SER A 101 -10.16 11.46 7.07
CA SER A 101 -11.63 11.44 7.19
C SER A 101 -12.25 10.04 7.15
N GLY A 102 -12.56 9.58 5.94
CA GLY A 102 -13.30 8.33 5.75
C GLY A 102 -12.42 7.11 5.53
N ALA A 103 -11.19 7.15 6.02
CA ALA A 103 -10.34 5.98 6.03
C ALA A 103 -10.58 5.17 7.30
N THR A 104 -11.52 4.23 7.21
CA THR A 104 -12.03 3.50 8.37
C THR A 104 -11.15 2.30 8.73
N ILE A 105 -10.49 1.72 7.72
CA ILE A 105 -9.57 0.61 7.93
C ILE A 105 -8.27 1.18 8.55
N LYS A 106 -7.55 0.36 9.32
CA LYS A 106 -6.28 0.78 9.88
C LYS A 106 -5.23 1.03 8.80
N VAL A 107 -4.82 2.29 8.75
CA VAL A 107 -3.97 2.87 7.72
C VAL A 107 -2.47 2.72 8.08
N LYS A 108 -2.19 2.21 9.29
CA LYS A 108 -0.83 2.07 9.81
C LYS A 108 0.05 1.20 8.90
N LYS A 109 -0.54 0.16 8.31
CA LYS A 109 0.15 -0.76 7.40
C LYS A 109 0.63 -0.06 6.12
N PHE A 110 -0.17 0.87 5.59
CA PHE A 110 0.16 1.61 4.37
C PHE A 110 1.40 2.48 4.57
N PHE A 111 1.39 3.29 5.62
CA PHE A 111 2.49 4.21 5.89
C PHE A 111 3.74 3.49 6.39
N ASP A 112 3.53 2.35 7.06
CA ASP A 112 4.62 1.49 7.56
C ASP A 112 5.47 0.98 6.41
N LEU A 113 4.77 0.44 5.41
CA LEU A 113 5.40 -0.18 4.27
C LEU A 113 5.92 0.84 3.26
N ALA A 114 5.36 2.05 3.30
CA ALA A 114 5.90 3.18 2.54
C ALA A 114 7.27 3.62 3.08
N GLN A 115 7.44 3.57 4.42
CA GLN A 115 8.72 3.88 5.07
C GLN A 115 9.76 2.78 4.78
N LYS A 116 9.27 1.54 4.68
CA LYS A 116 10.09 0.37 4.37
C LYS A 116 10.50 0.35 2.89
N ALA A 117 9.71 1.00 2.04
CA ALA A 117 10.03 1.14 0.62
C ALA A 117 11.18 2.12 0.40
N LEU A 118 11.11 3.26 1.07
CA LEU A 118 12.05 4.36 0.83
C LEU A 118 13.20 4.38 1.84
N LYS A 119 13.37 3.28 2.60
CA LYS A 119 14.32 3.20 3.72
C LYS A 119 15.79 3.49 3.32
N ASP A 120 16.27 2.81 2.28
CA ASP A 120 17.63 3.04 1.78
C ASP A 120 17.60 3.95 0.57
N ALA A 121 16.38 4.16 0.06
CA ALA A 121 16.10 4.85 -1.20
C ALA A 121 16.78 4.17 -2.40
N GLU A 122 16.87 2.84 -2.35
CA GLU A 122 17.46 2.05 -3.43
C GLU A 122 16.42 1.13 -4.07
N LYS A 123 15.23 1.05 -3.48
CA LYS A 123 14.20 0.11 -3.91
C LYS A 123 13.62 0.51 -5.26
N LEU A 124 13.82 -0.33 -6.26
CA LEU A 124 13.27 -0.09 -7.58
C LEU A 124 13.00 -1.43 -8.23
N GLU A 125 11.73 -1.71 -8.49
CA GLU A 125 11.35 -2.95 -9.15
C GLU A 125 10.19 -2.70 -10.12
N HIS A 126 8.97 -2.63 -9.58
CA HIS A 126 7.78 -2.44 -10.41
C HIS A 126 7.48 -0.97 -10.60
N HIS A 127 7.48 -0.51 -11.85
CA HIS A 127 7.09 0.86 -12.16
C HIS A 127 5.61 0.87 -12.53
N HIS A 128 4.79 1.46 -11.68
CA HIS A 128 3.39 1.64 -11.99
C HIS A 128 2.96 3.06 -11.67
N HIS A 129 2.10 3.58 -12.52
CA HIS A 129 1.59 4.93 -12.43
C HIS A 129 0.07 4.91 -12.66
N HIS A 130 -0.65 5.65 -11.81
CA HIS A 130 -2.03 6.01 -12.12
C HIS A 130 -2.29 7.47 -11.74
N HIS A 131 -3.37 8.04 -12.27
CA HIS A 131 -3.78 9.39 -11.90
C HIS A 131 -4.84 9.36 -10.82
N MET A 1 15.40 10.62 -1.11
CA MET A 1 15.34 9.62 -2.20
C MET A 1 15.57 10.27 -3.54
N LYS A 2 15.84 9.43 -4.53
CA LYS A 2 16.11 9.86 -5.89
C LYS A 2 14.93 9.43 -6.75
N ASP A 3 15.00 9.60 -8.05
CA ASP A 3 13.96 9.10 -8.93
C ASP A 3 14.04 7.57 -9.04
N GLY A 4 12.91 6.92 -8.88
CA GLY A 4 12.83 5.48 -8.99
C GLY A 4 11.56 4.96 -8.38
N THR A 5 11.41 3.65 -8.34
CA THR A 5 10.21 3.07 -7.77
C THR A 5 10.60 2.22 -6.56
N TYR A 6 10.00 2.54 -5.44
CA TYR A 6 10.39 1.96 -4.17
C TYR A 6 9.22 1.18 -3.59
N TYR A 7 9.29 -0.13 -3.60
CA TYR A 7 8.22 -0.90 -3.02
C TYR A 7 8.73 -1.65 -1.79
N ALA A 8 7.81 -1.95 -0.88
CA ALA A 8 8.13 -2.81 0.24
C ALA A 8 6.97 -3.72 0.51
N GLU A 9 7.30 -4.94 0.89
CA GLU A 9 6.31 -5.93 1.21
C GLU A 9 6.39 -6.28 2.70
N ALA A 10 5.25 -6.63 3.27
CA ALA A 10 5.14 -6.97 4.69
C ALA A 10 6.00 -8.21 5.03
N ASP A 11 6.50 -8.26 6.27
CA ASP A 11 7.35 -9.38 6.73
C ASP A 11 6.57 -10.68 6.70
N ASP A 12 5.41 -10.65 7.36
CA ASP A 12 4.49 -11.75 7.37
C ASP A 12 3.29 -11.43 6.48
N PHE A 13 2.27 -12.28 6.54
CA PHE A 13 1.05 -12.07 5.80
C PHE A 13 -0.05 -11.64 6.76
N ASP A 14 -1.01 -10.88 6.27
CA ASP A 14 -2.13 -10.39 7.09
C ASP A 14 -3.13 -11.54 7.37
N GLU A 15 -4.21 -11.23 8.10
CA GLU A 15 -5.17 -12.23 8.60
C GLU A 15 -6.01 -12.86 7.48
N SER A 16 -6.12 -12.15 6.35
CA SER A 16 -6.81 -12.69 5.19
C SER A 16 -5.81 -13.25 4.15
N GLY A 17 -4.54 -13.37 4.53
CA GLY A 17 -3.54 -14.05 3.72
C GLY A 17 -3.01 -13.21 2.57
N TRP A 18 -2.58 -11.98 2.88
CA TRP A 18 -2.06 -11.06 1.87
C TRP A 18 -0.81 -10.35 2.39
N LYS A 19 0.25 -10.34 1.58
CA LYS A 19 1.48 -9.64 1.90
C LYS A 19 1.39 -8.24 1.34
N ASP A 20 1.17 -7.29 2.22
CA ASP A 20 0.84 -5.91 1.86
C ASP A 20 2.04 -5.22 1.22
N THR A 21 1.86 -4.66 0.03
CA THR A 21 2.95 -3.97 -0.66
C THR A 21 2.55 -2.54 -0.98
N VAL A 22 3.46 -1.62 -0.70
CA VAL A 22 3.23 -0.22 -1.01
C VAL A 22 4.32 0.26 -1.95
N THR A 23 3.90 0.55 -3.17
CA THR A 23 4.82 0.95 -4.23
C THR A 23 4.85 2.47 -4.34
N ILE A 24 5.97 3.05 -3.96
CA ILE A 24 6.15 4.49 -3.96
C ILE A 24 6.82 4.91 -5.26
N GLU A 25 6.12 5.69 -6.07
CA GLU A 25 6.72 6.19 -7.28
C GLU A 25 7.27 7.59 -7.07
N VAL A 26 8.59 7.68 -7.13
CA VAL A 26 9.29 8.93 -6.98
C VAL A 26 9.89 9.33 -8.33
N LYS A 27 9.75 10.60 -8.66
CA LYS A 27 10.18 11.13 -9.94
C LYS A 27 10.69 12.55 -9.75
N ASN A 28 11.93 12.77 -10.20
CA ASN A 28 12.69 14.02 -10.02
C ASN A 28 12.92 14.35 -8.53
N GLY A 29 13.12 13.30 -7.72
CA GLY A 29 13.38 13.49 -6.29
C GLY A 29 12.15 13.45 -5.40
N LYS A 30 10.97 13.75 -5.95
CA LYS A 30 9.75 13.83 -5.14
C LYS A 30 8.72 12.77 -5.55
N ILE A 31 7.88 12.37 -4.60
CA ILE A 31 6.82 11.38 -4.84
C ILE A 31 5.72 11.99 -5.73
N VAL A 32 5.58 11.47 -6.92
CA VAL A 32 4.55 11.98 -7.83
C VAL A 32 3.34 11.04 -7.85
N SER A 33 3.54 9.79 -7.44
CA SER A 33 2.51 8.78 -7.49
C SER A 33 2.76 7.72 -6.44
N VAL A 34 1.73 6.94 -6.16
CA VAL A 34 1.87 5.79 -5.29
C VAL A 34 0.85 4.72 -5.71
N ASP A 35 1.37 3.54 -5.89
CA ASP A 35 0.64 2.39 -6.35
C ASP A 35 0.42 1.45 -5.18
N TRP A 36 -0.72 0.81 -5.16
CA TRP A 36 -1.12 -0.03 -4.05
C TRP A 36 -1.47 -1.43 -4.51
N ASN A 37 -0.94 -2.42 -3.79
CA ASN A 37 -1.06 -3.83 -4.18
C ASN A 37 -0.81 -4.73 -2.96
N ALA A 38 -0.93 -6.06 -3.14
CA ALA A 38 -0.55 -7.07 -2.13
C ALA A 38 -0.43 -8.42 -2.81
N ILE A 39 0.32 -9.34 -2.20
CA ILE A 39 0.58 -10.66 -2.80
C ILE A 39 -0.21 -11.75 -2.06
N ASN A 40 -0.82 -12.69 -2.80
CA ASN A 40 -1.65 -13.74 -2.19
C ASN A 40 -0.78 -14.83 -1.54
N LYS A 41 -1.22 -15.30 -0.38
CA LYS A 41 -0.47 -16.30 0.39
C LYS A 41 -0.67 -17.71 -0.14
N ASP A 42 -1.91 -18.03 -0.54
CA ASP A 42 -2.30 -19.40 -0.91
C ASP A 42 -1.60 -19.86 -2.19
N GLY A 43 -1.53 -18.97 -3.18
CA GLY A 43 -0.89 -19.30 -4.43
C GLY A 43 -1.64 -18.78 -5.62
N GLY A 44 -2.18 -17.58 -5.50
CA GLY A 44 -2.87 -16.94 -6.60
C GLY A 44 -2.01 -15.88 -7.25
N ASP A 45 -2.62 -14.75 -7.55
CA ASP A 45 -1.91 -13.60 -8.11
C ASP A 45 -1.84 -12.48 -7.07
N ASP A 46 -1.58 -11.27 -7.54
CA ASP A 46 -1.59 -10.08 -6.69
C ASP A 46 -3.00 -9.52 -6.58
N LYS A 47 -3.16 -8.44 -5.81
CA LYS A 47 -4.45 -7.72 -5.70
C LYS A 47 -4.91 -7.24 -7.07
N ASP A 48 -4.00 -6.57 -7.79
CA ASP A 48 -4.28 -6.01 -9.12
C ASP A 48 -4.58 -7.11 -10.15
N THR A 49 -3.77 -8.16 -10.11
CA THR A 49 -3.82 -9.23 -11.10
C THR A 49 -5.05 -10.14 -10.90
N LEU A 50 -5.41 -10.40 -9.63
CA LEU A 50 -6.61 -11.20 -9.31
C LEU A 50 -7.89 -10.45 -9.61
N SER A 51 -7.89 -9.12 -9.46
CA SER A 51 -9.02 -8.29 -9.86
C SER A 51 -9.25 -8.33 -11.38
N ARG A 52 -8.15 -8.37 -12.15
CA ARG A 52 -8.21 -8.42 -13.61
C ARG A 52 -8.70 -9.80 -14.10
N ASN A 53 -8.31 -10.86 -13.39
CA ASN A 53 -8.73 -12.22 -13.74
C ASN A 53 -10.14 -12.53 -13.26
N GLY A 54 -10.58 -11.82 -12.22
CA GLY A 54 -11.90 -12.02 -11.64
C GLY A 54 -11.90 -13.06 -10.52
N GLY A 55 -10.71 -13.62 -10.22
CA GLY A 55 -10.60 -14.66 -9.23
C GLY A 55 -9.97 -14.17 -7.95
N TYR A 56 -10.27 -12.92 -7.58
CA TYR A 56 -9.81 -12.34 -6.34
C TYR A 56 -10.40 -13.08 -5.13
N LYS A 57 -9.53 -13.75 -4.40
CA LYS A 57 -9.92 -14.50 -3.24
C LYS A 57 -8.99 -14.21 -2.07
N MET A 58 -9.57 -14.03 -0.90
CA MET A 58 -8.80 -13.99 0.35
C MET A 58 -8.87 -15.38 0.98
N VAL A 59 -7.88 -15.75 1.80
CA VAL A 59 -7.85 -17.09 2.41
C VAL A 59 -8.97 -17.23 3.45
N GLU A 60 -9.31 -16.11 4.08
CA GLU A 60 -10.46 -16.02 4.97
C GLU A 60 -11.19 -14.72 4.69
N TYR A 61 -12.50 -14.80 4.62
CA TYR A 61 -13.33 -13.63 4.34
C TYR A 61 -13.71 -12.91 5.63
N GLY A 62 -13.57 -13.62 6.75
CA GLY A 62 -13.85 -13.04 8.06
C GLY A 62 -12.59 -12.59 8.78
N GLY A 63 -11.53 -12.31 8.01
CA GLY A 63 -10.30 -11.79 8.58
C GLY A 63 -10.24 -10.28 8.49
N ALA A 64 -9.08 -9.70 8.77
CA ALA A 64 -8.88 -8.26 8.59
C ALA A 64 -8.79 -7.95 7.11
N GLN A 65 -9.59 -6.99 6.68
CA GLN A 65 -9.72 -6.64 5.27
C GLN A 65 -8.58 -5.72 4.82
N ALA A 66 -7.40 -6.32 4.67
CA ALA A 66 -6.20 -5.63 4.20
C ALA A 66 -6.34 -5.33 2.72
N GLU A 67 -6.87 -4.15 2.44
CA GLU A 67 -7.22 -3.81 1.09
C GLU A 67 -6.47 -2.62 0.58
N TRP A 68 -5.34 -2.92 -0.03
CA TRP A 68 -4.61 -1.94 -0.78
C TRP A 68 -4.91 -2.14 -2.27
N HIS A 69 -6.17 -2.45 -2.56
CA HIS A 69 -6.68 -2.41 -3.92
C HIS A 69 -8.18 -2.08 -3.90
N GLU A 70 -8.62 -1.52 -2.78
CA GLU A 70 -10.03 -1.17 -2.62
C GLU A 70 -10.13 0.14 -1.84
N GLN A 71 -9.70 0.12 -0.58
CA GLN A 71 -9.82 1.30 0.31
C GLN A 71 -8.60 2.22 0.18
N ALA A 72 -7.55 1.70 -0.45
CA ALA A 72 -6.26 2.41 -0.61
C ALA A 72 -6.31 3.57 -1.61
N GLU A 73 -7.32 3.55 -2.51
CA GLU A 73 -7.53 4.59 -3.52
C GLU A 73 -7.60 6.00 -2.91
N LYS A 74 -8.32 6.13 -1.80
CA LYS A 74 -8.48 7.43 -1.13
C LYS A 74 -7.22 7.81 -0.34
N VAL A 75 -6.52 6.80 0.16
CA VAL A 75 -5.34 6.96 1.01
C VAL A 75 -4.11 7.44 0.19
N GLU A 76 -4.02 6.97 -1.06
CA GLU A 76 -2.87 7.28 -1.93
C GLU A 76 -2.76 8.77 -2.27
N ALA A 77 -3.92 9.43 -2.42
CA ALA A 77 -3.99 10.86 -2.72
C ALA A 77 -3.44 11.69 -1.56
N TYR A 78 -3.63 11.18 -0.34
CA TYR A 78 -3.15 11.83 0.87
C TYR A 78 -1.63 11.65 1.03
N LEU A 79 -1.09 10.51 0.59
CA LEU A 79 0.36 10.26 0.61
C LEU A 79 1.08 11.22 -0.33
N VAL A 80 0.51 11.45 -1.52
CA VAL A 80 1.07 12.35 -2.52
C VAL A 80 1.14 13.80 -2.01
N GLU A 81 0.07 14.28 -1.35
CA GLU A 81 0.05 15.65 -0.86
C GLU A 81 0.87 15.85 0.42
N LYS A 82 1.16 14.76 1.15
CA LYS A 82 2.04 14.84 2.31
C LYS A 82 3.52 14.87 1.90
N GLN A 83 3.83 14.17 0.78
CA GLN A 83 5.20 14.01 0.23
C GLN A 83 6.09 13.21 1.18
N ASP A 84 5.47 12.58 2.16
CA ASP A 84 6.18 11.98 3.27
C ASP A 84 5.39 10.78 3.80
N PRO A 85 6.02 9.59 3.85
CA PRO A 85 5.36 8.34 4.27
C PRO A 85 5.21 8.15 5.79
N THR A 86 5.60 9.14 6.59
CA THR A 86 5.54 9.01 8.03
C THR A 86 4.90 10.24 8.70
N ASP A 87 4.38 11.16 7.87
CA ASP A 87 3.68 12.33 8.40
C ASP A 87 2.19 12.02 8.53
N ILE A 88 1.86 11.36 9.62
CA ILE A 88 0.52 10.90 9.90
C ILE A 88 0.44 10.43 11.36
N LYS A 89 -0.63 10.79 12.04
CA LYS A 89 -0.82 10.38 13.41
C LYS A 89 -2.24 9.86 13.58
N TYR A 90 -2.33 8.70 14.20
CA TYR A 90 -3.59 7.98 14.28
C TYR A 90 -4.23 8.12 15.64
N LYS A 91 -5.55 7.96 15.65
CA LYS A 91 -6.31 7.94 16.88
C LYS A 91 -7.06 6.60 16.98
N ASP A 92 -6.37 5.58 17.49
CA ASP A 92 -6.88 4.20 17.45
C ASP A 92 -6.07 3.36 18.44
N ASN A 93 -6.19 2.03 18.38
CA ASN A 93 -5.25 1.15 19.06
C ASN A 93 -4.24 0.58 18.04
N ASP A 94 -4.57 0.76 16.76
CA ASP A 94 -3.78 0.21 15.66
C ASP A 94 -3.33 1.31 14.71
N GLY A 95 -4.29 2.07 14.17
CA GLY A 95 -3.94 3.04 13.15
C GLY A 95 -5.09 3.48 12.28
N HIS A 96 -6.14 4.01 12.87
CA HIS A 96 -7.23 4.62 12.11
C HIS A 96 -7.08 6.12 12.01
N THR A 97 -7.53 6.66 10.89
CA THR A 97 -7.54 8.09 10.67
C THR A 97 -8.91 8.50 10.11
N ASP A 98 -9.40 9.64 10.56
CA ASP A 98 -10.69 10.15 10.11
C ASP A 98 -10.49 11.32 9.14
N ALA A 99 -9.23 11.64 8.87
CA ALA A 99 -8.87 12.67 7.91
C ALA A 99 -8.99 12.14 6.48
N ILE A 100 -8.65 10.86 6.32
CA ILE A 100 -8.83 10.17 5.05
C ILE A 100 -10.20 9.49 5.00
N SER A 101 -11.12 10.12 4.29
CA SER A 101 -12.46 9.58 4.08
C SER A 101 -12.46 8.48 3.03
N GLY A 102 -12.89 7.28 3.45
CA GLY A 102 -12.87 6.12 2.59
C GLY A 102 -12.11 4.96 3.20
N ALA A 103 -11.14 5.29 4.06
CA ALA A 103 -10.33 4.30 4.75
C ALA A 103 -11.02 3.78 6.01
N THR A 104 -11.49 2.54 5.96
CA THR A 104 -12.12 1.90 7.10
C THR A 104 -11.21 0.81 7.69
N ILE A 105 -10.15 0.47 6.94
CA ILE A 105 -9.08 -0.40 7.44
C ILE A 105 -8.03 0.48 8.15
N LYS A 106 -7.19 -0.11 9.00
CA LYS A 106 -6.11 0.62 9.63
C LYS A 106 -5.02 0.99 8.62
N VAL A 107 -4.89 2.30 8.44
CA VAL A 107 -3.98 2.94 7.48
C VAL A 107 -2.51 2.86 7.95
N LYS A 108 -2.32 2.35 9.19
CA LYS A 108 -1.00 2.15 9.78
C LYS A 108 -0.12 1.27 8.89
N LYS A 109 -0.71 0.22 8.30
CA LYS A 109 0.04 -0.72 7.45
C LYS A 109 0.49 -0.06 6.12
N PHE A 110 -0.33 0.85 5.57
CA PHE A 110 0.00 1.57 4.34
C PHE A 110 1.24 2.45 4.54
N PHE A 111 1.18 3.32 5.56
CA PHE A 111 2.28 4.24 5.83
C PHE A 111 3.51 3.53 6.41
N ASP A 112 3.29 2.39 7.09
CA ASP A 112 4.36 1.52 7.61
C ASP A 112 5.25 1.04 6.49
N LEU A 113 4.60 0.45 5.50
CA LEU A 113 5.25 -0.18 4.38
C LEU A 113 5.76 0.87 3.38
N ALA A 114 5.20 2.07 3.43
CA ALA A 114 5.71 3.22 2.67
C ALA A 114 7.05 3.73 3.22
N GLN A 115 7.23 3.68 4.55
CA GLN A 115 8.51 4.06 5.19
C GLN A 115 9.58 3.01 4.91
N LYS A 116 9.15 1.76 4.84
CA LYS A 116 10.00 0.61 4.56
C LYS A 116 10.41 0.56 3.08
N ALA A 117 9.60 1.18 2.23
CA ALA A 117 9.87 1.28 0.81
C ALA A 117 11.04 2.22 0.50
N LEU A 118 11.10 3.33 1.23
CA LEU A 118 12.08 4.37 0.97
C LEU A 118 13.23 4.34 1.99
N LYS A 119 13.42 3.18 2.63
CA LYS A 119 14.45 3.03 3.67
C LYS A 119 15.88 3.12 3.11
N ASP A 120 16.12 2.55 1.93
CA ASP A 120 17.43 2.63 1.28
C ASP A 120 17.51 3.86 0.39
N ALA A 121 16.30 4.32 -0.03
CA ALA A 121 16.09 5.43 -0.97
C ALA A 121 16.87 5.32 -2.31
N GLU A 122 17.32 4.10 -2.66
CA GLU A 122 18.00 3.81 -3.93
C GLU A 122 17.53 2.47 -4.52
N LYS A 123 16.36 2.02 -4.07
CA LYS A 123 15.75 0.78 -4.57
C LYS A 123 15.10 1.03 -5.94
N LEU A 124 15.40 0.17 -6.91
CA LEU A 124 14.91 0.38 -8.28
C LEU A 124 13.98 -0.75 -8.72
N GLU A 125 12.69 -0.45 -8.70
CA GLU A 125 11.66 -1.34 -9.20
C GLU A 125 11.05 -0.73 -10.47
N HIS A 126 10.34 -1.55 -11.25
CA HIS A 126 9.56 -1.11 -12.40
C HIS A 126 8.50 -0.07 -11.97
N HIS A 127 8.50 1.06 -12.69
CA HIS A 127 7.51 2.13 -12.50
C HIS A 127 6.11 1.64 -12.79
N HIS A 128 5.24 1.75 -11.80
CA HIS A 128 3.85 1.44 -11.98
C HIS A 128 3.04 2.70 -11.68
N HIS A 129 2.92 3.54 -12.72
CA HIS A 129 2.24 4.82 -12.61
C HIS A 129 0.73 4.61 -12.66
N HIS A 130 0.11 4.74 -11.50
CA HIS A 130 -1.34 4.66 -11.38
C HIS A 130 -1.95 6.01 -11.79
N HIS A 131 -1.66 7.05 -11.03
CA HIS A 131 -2.13 8.40 -11.34
C HIS A 131 -1.21 9.45 -10.70
N MET A 1 16.42 9.06 -2.63
CA MET A 1 15.31 8.62 -3.53
C MET A 1 15.68 8.90 -4.98
N LYS A 2 15.80 7.84 -5.77
CA LYS A 2 16.10 7.95 -7.21
C LYS A 2 14.79 7.93 -7.99
N ASP A 3 14.82 8.44 -9.22
CA ASP A 3 13.70 8.31 -10.16
C ASP A 3 13.46 6.82 -10.48
N GLY A 4 12.37 6.31 -9.96
CA GLY A 4 12.05 4.91 -10.04
C GLY A 4 11.11 4.51 -8.93
N THR A 5 10.59 3.30 -8.99
CA THR A 5 9.54 2.90 -8.08
C THR A 5 10.11 2.05 -6.94
N TYR A 6 9.54 2.24 -5.75
CA TYR A 6 9.99 1.54 -4.55
C TYR A 6 8.83 0.82 -3.90
N TYR A 7 8.89 -0.48 -3.88
CA TYR A 7 7.83 -1.25 -3.28
C TYR A 7 8.30 -1.79 -1.94
N ALA A 8 7.39 -1.87 -0.98
CA ALA A 8 7.67 -2.57 0.25
C ALA A 8 6.48 -3.36 0.68
N GLU A 9 6.76 -4.44 1.36
CA GLU A 9 5.76 -5.41 1.74
C GLU A 9 5.64 -5.45 3.25
N ALA A 10 4.58 -6.09 3.72
CA ALA A 10 4.44 -6.41 5.13
C ALA A 10 5.38 -7.56 5.48
N ASP A 11 5.76 -7.67 6.76
CA ASP A 11 6.69 -8.73 7.19
C ASP A 11 6.01 -10.11 7.27
N ASP A 12 4.69 -10.10 7.22
CA ASP A 12 3.90 -11.33 7.24
C ASP A 12 2.66 -11.14 6.36
N PHE A 13 1.96 -12.25 6.09
CA PHE A 13 0.69 -12.20 5.38
C PHE A 13 -0.43 -11.98 6.38
N ASP A 14 -1.49 -11.32 5.95
CA ASP A 14 -2.63 -11.04 6.81
C ASP A 14 -3.58 -12.23 6.91
N GLU A 15 -4.69 -12.04 7.63
CA GLU A 15 -5.66 -13.09 7.89
C GLU A 15 -6.55 -13.41 6.68
N SER A 16 -6.55 -12.55 5.66
CA SER A 16 -7.23 -12.86 4.40
C SER A 16 -6.27 -13.47 3.38
N GLY A 17 -5.00 -13.60 3.76
CA GLY A 17 -4.01 -14.22 2.92
C GLY A 17 -3.40 -13.25 1.93
N TRP A 18 -3.20 -12.02 2.38
CA TRP A 18 -2.60 -10.99 1.55
C TRP A 18 -1.52 -10.25 2.31
N LYS A 19 -0.35 -10.17 1.71
CA LYS A 19 0.73 -9.37 2.21
C LYS A 19 0.62 -8.02 1.54
N ASP A 20 0.23 -7.03 2.31
CA ASP A 20 -0.01 -5.69 1.78
C ASP A 20 1.29 -5.06 1.33
N THR A 21 1.26 -4.46 0.15
CA THR A 21 2.42 -3.79 -0.38
C THR A 21 2.05 -2.38 -0.81
N VAL A 22 2.91 -1.44 -0.46
CA VAL A 22 2.72 -0.05 -0.83
C VAL A 22 3.86 0.36 -1.73
N THR A 23 3.51 0.54 -2.97
CA THR A 23 4.47 0.84 -3.99
C THR A 23 4.52 2.35 -4.23
N ILE A 24 5.63 2.95 -3.84
CA ILE A 24 5.82 4.38 -3.89
C ILE A 24 6.45 4.74 -5.23
N GLU A 25 5.74 5.51 -6.02
CA GLU A 25 6.23 5.87 -7.33
C GLU A 25 6.97 7.19 -7.24
N VAL A 26 8.28 7.10 -7.39
CA VAL A 26 9.12 8.26 -7.36
C VAL A 26 9.50 8.62 -8.78
N LYS A 27 9.38 9.89 -9.09
CA LYS A 27 9.69 10.40 -10.38
C LYS A 27 10.13 11.83 -10.24
N ASN A 28 11.28 12.13 -10.84
CA ASN A 28 11.90 13.47 -10.80
C ASN A 28 12.28 13.86 -9.36
N GLY A 29 12.70 12.85 -8.59
CA GLY A 29 13.13 13.05 -7.21
C GLY A 29 12.04 12.84 -6.17
N LYS A 30 10.80 13.16 -6.50
CA LYS A 30 9.71 13.18 -5.53
C LYS A 30 8.64 12.13 -5.84
N ILE A 31 7.69 11.93 -4.93
CA ILE A 31 6.60 10.99 -5.15
C ILE A 31 5.54 11.64 -6.03
N VAL A 32 5.25 11.05 -7.18
CA VAL A 32 4.24 11.60 -8.07
C VAL A 32 2.86 10.96 -7.82
N SER A 33 2.87 9.74 -7.27
CA SER A 33 1.67 8.97 -6.98
C SER A 33 2.06 7.71 -6.21
N VAL A 34 1.08 7.02 -5.64
CA VAL A 34 1.34 5.80 -4.88
C VAL A 34 0.36 4.69 -5.32
N ASP A 35 0.90 3.49 -5.38
CA ASP A 35 0.21 2.30 -5.85
C ASP A 35 -0.09 1.38 -4.67
N TRP A 36 -1.30 0.84 -4.63
CA TRP A 36 -1.67 -0.11 -3.61
C TRP A 36 -1.90 -1.49 -4.22
N ASN A 37 -1.11 -2.43 -3.73
CA ASN A 37 -1.02 -3.77 -4.30
C ASN A 37 -0.90 -4.78 -3.15
N ALA A 38 -0.81 -6.09 -3.46
CA ALA A 38 -0.63 -7.12 -2.43
C ALA A 38 -0.06 -8.42 -3.02
N ILE A 39 0.42 -9.30 -2.15
CA ILE A 39 0.99 -10.60 -2.53
C ILE A 39 0.15 -11.72 -1.88
N ASN A 40 -0.11 -12.81 -2.60
CA ASN A 40 -1.06 -13.82 -2.13
C ASN A 40 -0.37 -14.95 -1.34
N LYS A 41 -0.96 -15.29 -0.18
CA LYS A 41 -0.44 -16.34 0.71
C LYS A 41 -0.80 -17.74 0.22
N ASP A 42 -2.01 -17.84 -0.34
CA ASP A 42 -2.64 -19.13 -0.69
C ASP A 42 -1.85 -19.87 -1.78
N GLY A 43 -1.26 -19.10 -2.70
CA GLY A 43 -0.45 -19.69 -3.74
C GLY A 43 -0.93 -19.31 -5.12
N GLY A 44 -1.59 -18.16 -5.21
CA GLY A 44 -2.01 -17.63 -6.48
C GLY A 44 -0.99 -16.65 -7.01
N ASP A 45 -1.46 -15.66 -7.74
CA ASP A 45 -0.57 -14.63 -8.25
C ASP A 45 -0.73 -13.37 -7.41
N ASP A 46 -0.11 -12.27 -7.84
CA ASP A 46 -0.18 -11.01 -7.10
C ASP A 46 -1.54 -10.34 -7.30
N LYS A 47 -1.80 -9.30 -6.51
CA LYS A 47 -3.04 -8.52 -6.60
C LYS A 47 -3.17 -7.87 -7.97
N ASP A 48 -2.04 -7.37 -8.48
CA ASP A 48 -1.90 -6.81 -9.83
C ASP A 48 -2.43 -7.77 -10.90
N THR A 49 -1.97 -9.00 -10.84
CA THR A 49 -2.37 -10.04 -11.79
C THR A 49 -3.83 -10.48 -11.57
N LEU A 50 -4.20 -10.83 -10.33
CA LEU A 50 -5.50 -11.46 -10.01
C LEU A 50 -6.70 -10.55 -10.28
N SER A 51 -6.53 -9.24 -10.08
CA SER A 51 -7.60 -8.26 -10.32
C SER A 51 -7.93 -8.14 -11.82
N ARG A 52 -6.89 -8.16 -12.66
CA ARG A 52 -7.04 -8.05 -14.11
C ARG A 52 -7.41 -9.39 -14.75
N ASN A 53 -7.04 -10.48 -14.07
CA ASN A 53 -7.28 -11.84 -14.56
C ASN A 53 -8.70 -12.30 -14.27
N GLY A 54 -9.25 -11.82 -13.16
CA GLY A 54 -10.54 -12.29 -12.69
C GLY A 54 -10.41 -13.59 -11.92
N GLY A 55 -9.49 -13.60 -10.96
CA GLY A 55 -9.27 -14.78 -10.15
C GLY A 55 -8.89 -14.43 -8.73
N TYR A 56 -9.72 -13.58 -8.10
CA TYR A 56 -9.50 -13.10 -6.72
C TYR A 56 -9.52 -14.24 -5.69
N LYS A 57 -9.00 -13.95 -4.50
CA LYS A 57 -8.72 -14.95 -3.50
C LYS A 57 -8.90 -14.36 -2.10
N MET A 58 -9.54 -15.12 -1.22
CA MET A 58 -9.47 -14.88 0.22
C MET A 58 -9.30 -16.21 0.90
N VAL A 59 -8.39 -16.30 1.87
CA VAL A 59 -8.23 -17.55 2.62
C VAL A 59 -9.29 -17.65 3.72
N GLU A 60 -9.90 -16.51 4.04
CA GLU A 60 -11.04 -16.45 4.94
C GLU A 60 -12.14 -15.70 4.25
N TYR A 61 -13.25 -16.38 4.02
CA TYR A 61 -14.35 -15.85 3.23
C TYR A 61 -15.32 -15.03 4.09
N GLY A 62 -14.80 -13.98 4.70
CA GLY A 62 -15.62 -13.04 5.45
C GLY A 62 -16.15 -11.94 4.54
N GLY A 63 -15.46 -11.75 3.40
CA GLY A 63 -15.87 -10.74 2.42
C GLY A 63 -15.52 -9.34 2.87
N ALA A 64 -14.50 -9.23 3.70
CA ALA A 64 -14.08 -7.97 4.26
C ALA A 64 -12.68 -7.64 3.80
N GLN A 65 -12.56 -6.53 3.09
CA GLN A 65 -11.26 -6.11 2.58
C GLN A 65 -10.59 -5.16 3.56
N ALA A 66 -9.87 -5.77 4.50
CA ALA A 66 -9.01 -5.06 5.45
C ALA A 66 -7.58 -4.95 4.89
N GLU A 67 -7.51 -5.00 3.58
CA GLU A 67 -6.30 -4.89 2.81
C GLU A 67 -6.37 -3.61 1.96
N TRP A 68 -5.36 -3.37 1.12
CA TRP A 68 -5.36 -2.18 0.29
C TRP A 68 -6.10 -2.41 -1.01
N HIS A 69 -7.39 -2.08 -0.95
CA HIS A 69 -8.31 -2.22 -2.08
C HIS A 69 -9.39 -1.15 -1.99
N GLU A 70 -10.05 -1.07 -0.82
CA GLU A 70 -11.24 -0.24 -0.65
C GLU A 70 -10.89 1.22 -0.33
N GLN A 71 -10.50 1.47 0.92
CA GLN A 71 -10.31 2.83 1.42
C GLN A 71 -8.91 3.37 1.14
N ALA A 72 -8.07 2.52 0.54
CA ALA A 72 -6.70 2.87 0.15
C ALA A 72 -6.65 3.98 -0.92
N GLU A 73 -7.73 4.12 -1.72
CA GLU A 73 -7.87 5.19 -2.71
C GLU A 73 -7.97 6.59 -2.05
N LYS A 74 -8.57 6.63 -0.86
CA LYS A 74 -8.74 7.89 -0.13
C LYS A 74 -7.40 8.31 0.47
N VAL A 75 -6.65 7.31 0.91
CA VAL A 75 -5.36 7.47 1.55
C VAL A 75 -4.25 7.81 0.53
N GLU A 76 -4.36 7.28 -0.70
CA GLU A 76 -3.33 7.48 -1.73
C GLU A 76 -3.21 8.97 -2.13
N ALA A 77 -4.35 9.68 -2.19
CA ALA A 77 -4.38 11.11 -2.45
C ALA A 77 -3.72 11.91 -1.33
N TYR A 78 -3.85 11.40 -0.10
CA TYR A 78 -3.27 12.02 1.08
C TYR A 78 -1.74 11.83 1.12
N LEU A 79 -1.24 10.70 0.62
CA LEU A 79 0.20 10.42 0.59
C LEU A 79 0.89 11.35 -0.43
N VAL A 80 0.20 11.63 -1.54
CA VAL A 80 0.72 12.53 -2.57
C VAL A 80 0.74 14.00 -2.09
N GLU A 81 -0.26 14.41 -1.28
CA GLU A 81 -0.28 15.79 -0.76
C GLU A 81 0.72 16.00 0.38
N LYS A 82 1.10 14.92 1.08
CA LYS A 82 2.06 15.01 2.17
C LYS A 82 3.50 14.95 1.67
N GLN A 83 3.71 14.16 0.58
CA GLN A 83 5.04 13.87 -0.01
C GLN A 83 5.96 13.12 0.98
N ASP A 84 5.38 12.61 2.06
CA ASP A 84 6.14 12.03 3.15
C ASP A 84 5.38 10.85 3.74
N PRO A 85 6.00 9.64 3.70
CA PRO A 85 5.40 8.37 4.18
C PRO A 85 5.17 8.27 5.69
N THR A 86 5.65 9.23 6.47
CA THR A 86 5.54 9.15 7.92
C THR A 86 4.85 10.40 8.52
N ASP A 87 4.30 11.26 7.67
CA ASP A 87 3.58 12.45 8.14
C ASP A 87 2.10 12.09 8.34
N ILE A 88 1.79 11.60 9.55
CA ILE A 88 0.46 11.10 9.87
C ILE A 88 0.35 10.88 11.39
N LYS A 89 -0.85 11.04 11.94
CA LYS A 89 -1.10 10.74 13.34
C LYS A 89 -2.40 9.96 13.50
N TYR A 90 -2.39 8.98 14.40
CA TYR A 90 -3.56 8.12 14.62
C TYR A 90 -4.13 8.33 16.02
N LYS A 91 -5.39 7.97 16.16
CA LYS A 91 -6.08 7.91 17.44
C LYS A 91 -6.90 6.62 17.50
N ASP A 92 -6.25 5.52 17.89
CA ASP A 92 -6.84 4.19 17.70
C ASP A 92 -6.12 3.17 18.57
N ASN A 93 -6.51 1.90 18.45
CA ASN A 93 -5.78 0.78 19.01
C ASN A 93 -4.74 0.27 18.02
N ASP A 94 -4.87 0.67 16.74
CA ASP A 94 -3.96 0.22 15.70
C ASP A 94 -3.45 1.40 14.89
N GLY A 95 -4.35 2.06 14.14
CA GLY A 95 -3.91 2.95 13.09
C GLY A 95 -5.04 3.60 12.33
N HIS A 96 -6.10 4.00 13.01
CA HIS A 96 -7.14 4.83 12.40
C HIS A 96 -6.80 6.29 12.63
N THR A 97 -6.88 7.05 11.58
CA THR A 97 -6.43 8.43 11.60
C THR A 97 -7.61 9.39 11.57
N ASP A 98 -7.43 10.52 12.26
CA ASP A 98 -8.45 11.57 12.34
C ASP A 98 -8.37 12.50 11.12
N ALA A 99 -7.20 12.49 10.47
CA ALA A 99 -6.89 13.43 9.40
C ALA A 99 -7.45 12.96 8.05
N ILE A 100 -7.31 11.68 7.73
CA ILE A 100 -7.79 11.18 6.44
C ILE A 100 -9.25 10.76 6.57
N SER A 101 -10.12 11.60 6.02
CA SER A 101 -11.53 11.30 5.91
C SER A 101 -11.75 10.26 4.82
N GLY A 102 -12.27 9.10 5.21
CA GLY A 102 -12.44 8.01 4.28
C GLY A 102 -11.64 6.78 4.67
N ALA A 103 -10.60 6.96 5.50
CA ALA A 103 -9.80 5.84 5.96
C ALA A 103 -10.42 5.20 7.20
N THR A 104 -11.30 4.22 6.96
CA THR A 104 -11.97 3.49 8.03
C THR A 104 -11.33 2.12 8.25
N ILE A 105 -10.29 1.84 7.48
CA ILE A 105 -9.44 0.68 7.70
C ILE A 105 -8.11 1.16 8.32
N LYS A 106 -7.50 0.33 9.19
CA LYS A 106 -6.21 0.64 9.85
C LYS A 106 -5.12 0.92 8.84
N VAL A 107 -4.79 2.18 8.71
CA VAL A 107 -3.92 2.68 7.68
C VAL A 107 -2.46 2.77 8.15
N LYS A 108 -2.20 2.27 9.36
CA LYS A 108 -0.86 2.23 9.90
C LYS A 108 0.05 1.38 9.03
N LYS A 109 -0.51 0.28 8.46
CA LYS A 109 0.23 -0.61 7.57
C LYS A 109 0.66 0.11 6.27
N PHE A 110 -0.23 0.96 5.71
CA PHE A 110 0.04 1.71 4.47
C PHE A 110 1.25 2.60 4.66
N PHE A 111 1.22 3.35 5.75
CA PHE A 111 2.27 4.30 6.05
C PHE A 111 3.56 3.60 6.48
N ASP A 112 3.45 2.42 7.11
CA ASP A 112 4.62 1.61 7.48
C ASP A 112 5.35 1.07 6.25
N LEU A 113 4.57 0.59 5.27
CA LEU A 113 5.13 0.04 4.02
C LEU A 113 5.68 1.15 3.12
N ALA A 114 5.06 2.32 3.21
CA ALA A 114 5.54 3.51 2.53
C ALA A 114 6.90 3.96 3.09
N GLN A 115 7.05 3.84 4.42
CA GLN A 115 8.31 4.14 5.11
C GLN A 115 9.39 3.12 4.75
N LYS A 116 9.00 1.85 4.64
CA LYS A 116 9.91 0.75 4.30
C LYS A 116 10.37 0.82 2.84
N ALA A 117 9.58 1.41 1.97
CA ALA A 117 9.94 1.55 0.56
C ALA A 117 11.12 2.50 0.36
N LEU A 118 11.11 3.57 1.13
CA LEU A 118 12.08 4.65 0.96
C LEU A 118 13.08 4.69 2.12
N LYS A 119 13.09 3.62 2.95
CA LYS A 119 13.97 3.54 4.14
C LYS A 119 15.45 3.49 3.74
N ASP A 120 15.70 2.90 2.59
CA ASP A 120 17.03 2.86 1.99
C ASP A 120 16.99 3.50 0.61
N ALA A 121 15.78 3.48 -0.01
CA ALA A 121 15.53 3.96 -1.38
C ALA A 121 16.43 3.24 -2.39
N GLU A 122 16.63 1.95 -2.14
CA GLU A 122 17.40 1.09 -3.03
C GLU A 122 16.61 -0.20 -3.33
N LYS A 123 15.31 -0.14 -3.09
CA LYS A 123 14.41 -1.25 -3.35
C LYS A 123 13.91 -1.23 -4.81
N LEU A 124 13.31 -2.33 -5.26
CA LEU A 124 12.97 -2.46 -6.67
C LEU A 124 11.54 -2.00 -6.98
N GLU A 125 11.27 -1.91 -8.27
CA GLU A 125 10.03 -1.36 -8.80
C GLU A 125 9.03 -2.45 -9.15
N HIS A 126 7.93 -2.04 -9.76
CA HIS A 126 6.89 -2.95 -10.24
C HIS A 126 6.34 -2.41 -11.58
N HIS A 127 6.54 -1.12 -11.80
CA HIS A 127 6.01 -0.41 -12.97
C HIS A 127 6.93 0.73 -13.34
N HIS A 128 6.77 1.26 -14.55
CA HIS A 128 7.55 2.40 -15.01
C HIS A 128 6.95 3.70 -14.46
N HIS A 129 5.63 3.78 -14.46
CA HIS A 129 4.93 4.96 -13.96
C HIS A 129 3.56 4.60 -13.40
N HIS A 130 3.21 5.26 -12.31
CA HIS A 130 1.88 5.21 -11.74
C HIS A 130 1.44 6.64 -11.48
N HIS A 131 0.21 6.98 -11.88
CA HIS A 131 -0.37 8.29 -11.60
C HIS A 131 -1.89 8.20 -11.59
N MET A 1 15.51 9.94 -2.34
CA MET A 1 15.14 8.86 -3.29
C MET A 1 15.47 9.28 -4.71
N LYS A 2 15.55 8.29 -5.61
CA LYS A 2 15.77 8.57 -7.02
C LYS A 2 14.47 8.29 -7.78
N ASP A 3 14.42 8.68 -9.05
CA ASP A 3 13.29 8.38 -9.94
C ASP A 3 13.15 6.86 -10.10
N GLY A 4 12.03 6.34 -9.63
CA GLY A 4 11.84 4.91 -9.57
C GLY A 4 10.49 4.54 -9.00
N THR A 5 10.37 3.31 -8.55
CA THR A 5 9.15 2.83 -7.95
C THR A 5 9.47 1.94 -6.76
N TYR A 6 9.08 2.40 -5.60
CA TYR A 6 9.51 1.78 -4.36
C TYR A 6 8.42 0.98 -3.73
N TYR A 7 8.58 -0.29 -3.78
CA TYR A 7 7.61 -1.21 -3.27
C TYR A 7 8.14 -1.85 -2.00
N ALA A 8 7.27 -1.98 -1.03
CA ALA A 8 7.60 -2.69 0.19
C ALA A 8 6.48 -3.61 0.54
N GLU A 9 6.82 -4.79 1.01
CA GLU A 9 5.85 -5.82 1.26
C GLU A 9 5.78 -6.12 2.74
N ALA A 10 4.56 -6.42 3.21
CA ALA A 10 4.37 -6.94 4.56
C ALA A 10 5.08 -8.28 4.63
N ASP A 11 5.91 -8.48 5.66
CA ASP A 11 6.85 -9.62 5.68
C ASP A 11 6.11 -10.96 5.70
N ASP A 12 5.07 -11.03 6.49
CA ASP A 12 4.22 -12.19 6.54
C ASP A 12 2.84 -11.84 5.98
N PHE A 13 2.09 -12.85 5.56
CA PHE A 13 0.74 -12.64 5.03
C PHE A 13 -0.20 -12.23 6.13
N ASP A 14 -1.08 -11.29 5.82
CA ASP A 14 -2.05 -10.76 6.78
C ASP A 14 -3.19 -11.75 7.06
N GLU A 15 -4.24 -11.26 7.69
CA GLU A 15 -5.33 -12.10 8.20
C GLU A 15 -6.15 -12.75 7.10
N SER A 16 -6.25 -12.11 5.93
CA SER A 16 -6.96 -12.69 4.80
C SER A 16 -6.01 -13.31 3.77
N GLY A 17 -4.73 -13.44 4.15
CA GLY A 17 -3.74 -14.07 3.29
C GLY A 17 -3.22 -13.14 2.22
N TRP A 18 -3.03 -11.89 2.60
CA TRP A 18 -2.54 -10.88 1.68
C TRP A 18 -1.31 -10.20 2.25
N LYS A 19 -0.20 -10.28 1.54
CA LYS A 19 0.98 -9.50 1.86
C LYS A 19 0.81 -8.11 1.26
N ASP A 20 0.35 -7.16 2.08
CA ASP A 20 0.02 -5.84 1.58
C ASP A 20 1.26 -5.03 1.31
N THR A 21 1.29 -4.49 0.11
CA THR A 21 2.43 -3.79 -0.39
C THR A 21 2.08 -2.34 -0.69
N VAL A 22 3.01 -1.46 -0.43
CA VAL A 22 2.82 -0.05 -0.70
C VAL A 22 3.84 0.36 -1.76
N THR A 23 3.33 0.58 -2.96
CA THR A 23 4.17 0.82 -4.11
C THR A 23 4.17 2.31 -4.47
N ILE A 24 5.29 2.95 -4.23
CA ILE A 24 5.42 4.39 -4.36
C ILE A 24 5.92 4.75 -5.77
N GLU A 25 5.20 5.61 -6.46
CA GLU A 25 5.68 6.11 -7.75
C GLU A 25 6.43 7.41 -7.52
N VAL A 26 7.72 7.36 -7.79
CA VAL A 26 8.61 8.48 -7.59
C VAL A 26 9.12 8.98 -8.95
N LYS A 27 8.92 10.26 -9.18
CA LYS A 27 9.39 10.91 -10.37
C LYS A 27 10.09 12.20 -9.97
N ASN A 28 11.31 12.39 -10.49
CA ASN A 28 12.18 13.56 -10.19
C ASN A 28 12.62 13.57 -8.73
N GLY A 29 12.82 12.37 -8.17
CA GLY A 29 13.28 12.24 -6.79
C GLY A 29 12.18 12.35 -5.73
N LYS A 30 10.95 12.66 -6.13
CA LYS A 30 9.86 12.85 -5.18
C LYS A 30 8.59 12.10 -5.59
N ILE A 31 7.69 11.90 -4.63
CA ILE A 31 6.47 11.10 -4.83
C ILE A 31 5.46 11.86 -5.69
N VAL A 32 5.06 11.29 -6.81
CA VAL A 32 4.04 11.91 -7.63
C VAL A 32 2.72 11.12 -7.56
N SER A 33 2.82 9.85 -7.15
CA SER A 33 1.68 8.93 -7.06
C SER A 33 2.03 7.74 -6.19
N VAL A 34 1.02 6.96 -5.82
CA VAL A 34 1.22 5.74 -5.05
C VAL A 34 0.13 4.71 -5.38
N ASP A 35 0.60 3.50 -5.61
CA ASP A 35 -0.23 2.35 -5.98
C ASP A 35 -0.43 1.45 -4.78
N TRP A 36 -1.62 0.87 -4.70
CA TRP A 36 -1.96 -0.06 -3.62
C TRP A 36 -2.13 -1.48 -4.17
N ASN A 37 -1.33 -2.39 -3.64
CA ASN A 37 -1.28 -3.76 -4.14
C ASN A 37 -1.11 -4.72 -2.96
N ALA A 38 -1.36 -6.01 -3.17
CA ALA A 38 -1.14 -7.04 -2.18
C ALA A 38 -0.87 -8.37 -2.87
N ILE A 39 -0.13 -9.25 -2.22
CA ILE A 39 0.23 -10.56 -2.78
C ILE A 39 -0.56 -11.66 -2.08
N ASN A 40 -1.19 -12.55 -2.83
CA ASN A 40 -2.03 -13.59 -2.22
C ASN A 40 -1.21 -14.84 -1.85
N LYS A 41 -1.57 -15.40 -0.70
CA LYS A 41 -0.90 -16.55 -0.10
C LYS A 41 -1.01 -17.81 -0.96
N ASP A 42 -2.23 -18.14 -1.38
CA ASP A 42 -2.49 -19.38 -2.11
C ASP A 42 -2.19 -19.22 -3.60
N GLY A 43 -2.37 -18.00 -4.09
CA GLY A 43 -2.13 -17.69 -5.49
C GLY A 43 -0.66 -17.60 -5.81
N GLY A 44 0.06 -16.79 -5.03
CA GLY A 44 1.47 -16.55 -5.29
C GLY A 44 1.69 -15.39 -6.24
N ASP A 45 0.60 -14.71 -6.57
CA ASP A 45 0.62 -13.58 -7.49
C ASP A 45 0.09 -12.34 -6.79
N ASP A 46 0.18 -11.22 -7.49
CA ASP A 46 -0.33 -9.93 -6.97
C ASP A 46 -1.83 -9.86 -7.19
N LYS A 47 -2.49 -8.88 -6.57
CA LYS A 47 -3.93 -8.67 -6.76
C LYS A 47 -4.22 -8.10 -8.16
N ASP A 48 -3.19 -7.44 -8.73
CA ASP A 48 -3.22 -6.96 -10.10
C ASP A 48 -3.18 -8.14 -11.08
N THR A 49 -2.33 -9.12 -10.78
CA THR A 49 -2.18 -10.35 -11.56
C THR A 49 -3.39 -11.30 -11.38
N LEU A 50 -3.99 -11.27 -10.19
CA LEU A 50 -5.19 -12.04 -9.92
C LEU A 50 -6.40 -11.46 -10.63
N SER A 51 -6.45 -10.13 -10.78
CA SER A 51 -7.50 -9.48 -11.57
C SER A 51 -7.27 -9.72 -13.06
N ARG A 52 -6.00 -9.89 -13.45
CA ARG A 52 -5.60 -10.19 -14.84
C ARG A 52 -6.10 -11.58 -15.27
N ASN A 53 -6.08 -12.54 -14.34
CA ASN A 53 -6.58 -13.89 -14.59
C ASN A 53 -8.09 -14.01 -14.35
N GLY A 54 -8.59 -13.26 -13.38
CA GLY A 54 -9.95 -13.45 -12.89
C GLY A 54 -10.01 -14.49 -11.81
N GLY A 55 -9.00 -14.47 -10.93
CA GLY A 55 -8.87 -15.43 -9.86
C GLY A 55 -8.44 -14.79 -8.57
N TYR A 56 -9.15 -13.73 -8.17
CA TYR A 56 -8.91 -12.98 -6.93
C TYR A 56 -9.27 -13.84 -5.70
N LYS A 57 -8.30 -14.63 -5.25
CA LYS A 57 -8.48 -15.55 -4.14
C LYS A 57 -8.44 -14.82 -2.81
N MET A 58 -9.33 -15.18 -1.92
CA MET A 58 -9.27 -14.71 -0.54
C MET A 58 -9.35 -15.93 0.37
N VAL A 59 -8.38 -16.10 1.26
CA VAL A 59 -8.36 -17.27 2.14
C VAL A 59 -9.11 -16.99 3.46
N GLU A 60 -9.60 -15.76 3.58
CA GLU A 60 -10.34 -15.27 4.73
C GLU A 60 -11.11 -14.05 4.24
N TYR A 61 -12.37 -13.90 4.63
CA TYR A 61 -13.25 -12.90 4.00
C TYR A 61 -13.60 -11.74 4.94
N GLY A 62 -13.20 -11.85 6.21
CA GLY A 62 -13.48 -10.82 7.21
C GLY A 62 -12.61 -9.60 7.04
N GLY A 63 -11.35 -9.81 6.65
CA GLY A 63 -10.44 -8.71 6.41
C GLY A 63 -10.39 -8.28 4.95
N ALA A 64 -11.58 -8.11 4.35
CA ALA A 64 -11.72 -7.66 2.95
C ALA A 64 -11.29 -6.20 2.80
N GLN A 65 -11.53 -5.42 3.84
CA GLN A 65 -11.16 -4.02 3.87
C GLN A 65 -9.75 -3.80 4.43
N ALA A 66 -9.16 -4.86 5.02
CA ALA A 66 -7.85 -4.79 5.67
C ALA A 66 -6.73 -4.70 4.64
N GLU A 67 -6.97 -5.30 3.48
CA GLU A 67 -6.08 -5.17 2.34
C GLU A 67 -6.51 -3.97 1.48
N TRP A 68 -5.54 -3.33 0.84
CA TRP A 68 -5.73 -2.04 0.19
C TRP A 68 -6.34 -2.14 -1.20
N HIS A 69 -7.65 -1.86 -1.32
CA HIS A 69 -8.31 -1.79 -2.62
C HIS A 69 -9.40 -0.69 -2.68
N GLU A 70 -10.05 -0.41 -1.55
CA GLU A 70 -11.26 0.41 -1.58
C GLU A 70 -11.10 1.71 -0.77
N GLN A 71 -10.74 1.57 0.52
CA GLN A 71 -10.54 2.73 1.41
C GLN A 71 -9.19 3.39 1.15
N ALA A 72 -8.33 2.67 0.43
CA ALA A 72 -6.97 3.07 0.16
C ALA A 72 -6.88 4.30 -0.74
N GLU A 73 -7.92 4.55 -1.57
CA GLU A 73 -7.92 5.70 -2.49
C GLU A 73 -7.95 7.06 -1.77
N LYS A 74 -8.58 7.13 -0.59
CA LYS A 74 -8.59 8.33 0.24
C LYS A 74 -7.22 8.52 0.89
N VAL A 75 -6.62 7.40 1.26
CA VAL A 75 -5.37 7.34 1.98
C VAL A 75 -4.16 7.70 1.08
N GLU A 76 -4.19 7.22 -0.17
CA GLU A 76 -3.12 7.45 -1.14
C GLU A 76 -3.05 8.93 -1.57
N ALA A 77 -4.22 9.59 -1.61
CA ALA A 77 -4.32 11.02 -1.89
C ALA A 77 -3.59 11.86 -0.85
N TYR A 78 -3.70 11.44 0.42
CA TYR A 78 -3.06 12.12 1.54
C TYR A 78 -1.53 11.92 1.49
N LEU A 79 -1.08 10.75 1.04
CA LEU A 79 0.34 10.43 0.96
C LEU A 79 1.06 11.32 -0.07
N VAL A 80 0.43 11.53 -1.23
CA VAL A 80 1.01 12.34 -2.30
C VAL A 80 1.06 13.83 -1.93
N GLU A 81 0.02 14.34 -1.27
CA GLU A 81 -0.02 15.75 -0.88
C GLU A 81 0.89 16.04 0.33
N LYS A 82 1.23 15.01 1.10
CA LYS A 82 2.11 15.15 2.25
C LYS A 82 3.58 15.02 1.88
N GLN A 83 3.87 14.19 0.86
CA GLN A 83 5.26 13.87 0.41
C GLN A 83 6.04 13.10 1.47
N ASP A 84 5.32 12.55 2.44
CA ASP A 84 5.94 12.00 3.63
C ASP A 84 5.29 10.70 4.06
N PRO A 85 6.02 9.58 3.91
CA PRO A 85 5.54 8.24 4.32
C PRO A 85 5.60 8.02 5.84
N THR A 86 6.30 8.90 6.53
CA THR A 86 6.56 8.77 7.96
C THR A 86 5.79 9.83 8.76
N ASP A 87 5.22 10.81 8.07
CA ASP A 87 4.51 11.88 8.73
C ASP A 87 3.01 11.61 8.74
N ILE A 88 2.54 11.15 9.90
CA ILE A 88 1.15 10.78 10.10
C ILE A 88 0.84 10.71 11.61
N LYS A 89 -0.36 11.08 11.99
CA LYS A 89 -0.79 10.99 13.38
C LYS A 89 -2.12 10.25 13.47
N TYR A 90 -2.15 9.22 14.30
CA TYR A 90 -3.37 8.46 14.53
C TYR A 90 -3.92 8.76 15.91
N LYS A 91 -5.22 8.59 16.04
CA LYS A 91 -5.90 8.69 17.33
C LYS A 91 -6.79 7.46 17.49
N ASP A 92 -6.18 6.35 17.94
CA ASP A 92 -6.83 5.04 17.87
C ASP A 92 -6.05 4.04 18.74
N ASN A 93 -6.48 2.79 18.75
CA ASN A 93 -5.72 1.71 19.36
C ASN A 93 -4.78 1.08 18.31
N ASP A 94 -5.06 1.28 17.02
CA ASP A 94 -4.28 0.66 15.97
C ASP A 94 -3.75 1.70 14.99
N GLY A 95 -4.64 2.48 14.38
CA GLY A 95 -4.22 3.35 13.31
C GLY A 95 -5.35 4.08 12.57
N HIS A 96 -6.36 4.55 13.28
CA HIS A 96 -7.35 5.43 12.67
C HIS A 96 -6.84 6.85 12.71
N THR A 97 -6.86 7.51 11.58
CA THR A 97 -6.34 8.86 11.46
C THR A 97 -7.47 9.82 11.14
N ASP A 98 -7.42 10.99 11.77
CA ASP A 98 -8.47 12.00 11.60
C ASP A 98 -8.16 12.87 10.38
N ALA A 99 -6.90 12.82 9.95
CA ALA A 99 -6.40 13.64 8.85
C ALA A 99 -6.75 13.05 7.49
N ILE A 100 -7.19 11.79 7.45
CA ILE A 100 -7.66 11.18 6.20
C ILE A 100 -9.16 10.96 6.30
N SER A 101 -9.90 11.84 5.62
CA SER A 101 -11.36 11.78 5.57
C SER A 101 -11.81 10.65 4.64
N GLY A 102 -12.41 9.61 5.24
CA GLY A 102 -12.87 8.47 4.47
C GLY A 102 -12.15 7.19 4.80
N ALA A 103 -11.14 7.27 5.67
CA ALA A 103 -10.40 6.09 6.10
C ALA A 103 -11.09 5.39 7.27
N THR A 104 -11.84 4.34 6.94
CA THR A 104 -12.58 3.59 7.95
C THR A 104 -11.81 2.36 8.42
N ILE A 105 -10.79 1.97 7.67
CA ILE A 105 -9.88 0.91 8.08
C ILE A 105 -8.62 1.56 8.69
N LYS A 106 -7.90 0.83 9.55
CA LYS A 106 -6.66 1.33 10.13
C LYS A 106 -5.54 1.48 9.09
N VAL A 107 -5.04 2.71 9.04
CA VAL A 107 -4.12 3.20 8.02
C VAL A 107 -2.65 2.95 8.41
N LYS A 108 -2.42 2.41 9.62
CA LYS A 108 -1.06 2.27 10.18
C LYS A 108 -0.14 1.46 9.27
N LYS A 109 -0.64 0.32 8.74
CA LYS A 109 0.16 -0.57 7.87
C LYS A 109 0.53 0.11 6.53
N PHE A 110 -0.30 1.03 6.05
CA PHE A 110 -0.01 1.78 4.82
C PHE A 110 1.24 2.64 5.01
N PHE A 111 1.27 3.42 6.09
CA PHE A 111 2.40 4.31 6.35
C PHE A 111 3.62 3.56 6.87
N ASP A 112 3.40 2.43 7.56
CA ASP A 112 4.47 1.54 8.02
C ASP A 112 5.26 1.00 6.85
N LEU A 113 4.53 0.49 5.85
CA LEU A 113 5.13 -0.10 4.66
C LEU A 113 5.58 0.96 3.65
N ALA A 114 5.02 2.17 3.72
CA ALA A 114 5.50 3.30 2.92
C ALA A 114 6.88 3.77 3.38
N GLN A 115 7.13 3.69 4.70
CA GLN A 115 8.44 4.00 5.29
C GLN A 115 9.47 2.95 4.86
N LYS A 116 9.03 1.70 4.78
CA LYS A 116 9.86 0.57 4.41
C LYS A 116 10.16 0.55 2.91
N ALA A 117 9.32 1.19 2.11
CA ALA A 117 9.52 1.30 0.66
C ALA A 117 10.73 2.18 0.34
N LEU A 118 10.86 3.26 1.10
CA LEU A 118 11.83 4.30 0.81
C LEU A 118 12.97 4.30 1.84
N LYS A 119 13.07 3.22 2.64
CA LYS A 119 14.07 3.12 3.72
C LYS A 119 15.51 2.96 3.20
N ASP A 120 15.67 2.24 2.09
CA ASP A 120 16.98 2.12 1.45
C ASP A 120 17.13 3.15 0.34
N ALA A 121 15.97 3.67 -0.11
CA ALA A 121 15.82 4.59 -1.25
C ALA A 121 16.39 4.03 -2.55
N GLU A 122 16.41 2.69 -2.65
CA GLU A 122 16.77 2.00 -3.88
C GLU A 122 16.04 0.66 -3.97
N LYS A 123 14.91 0.55 -3.26
CA LYS A 123 14.08 -0.66 -3.29
C LYS A 123 13.06 -0.58 -4.44
N LEU A 124 13.51 -0.87 -5.65
CA LEU A 124 12.71 -0.65 -6.84
C LEU A 124 12.09 -1.94 -7.34
N GLU A 125 10.79 -1.87 -7.64
CA GLU A 125 10.07 -2.94 -8.29
C GLU A 125 9.08 -2.35 -9.29
N HIS A 126 9.34 -2.63 -10.58
CA HIS A 126 8.50 -2.20 -11.73
C HIS A 126 8.49 -0.68 -11.87
N HIS A 127 9.46 -0.16 -12.62
CA HIS A 127 9.66 1.28 -12.75
C HIS A 127 8.58 1.92 -13.62
N HIS A 128 7.76 2.73 -12.96
CA HIS A 128 6.76 3.55 -13.61
C HIS A 128 6.80 4.97 -13.03
N HIS A 129 6.45 5.94 -13.87
CA HIS A 129 6.37 7.35 -13.46
C HIS A 129 5.37 8.09 -14.36
N HIS A 130 4.31 7.38 -14.70
CA HIS A 130 3.44 7.75 -15.82
C HIS A 130 2.25 8.63 -15.39
N HIS A 131 2.05 8.84 -14.09
CA HIS A 131 0.90 9.62 -13.61
C HIS A 131 1.22 11.11 -13.55
N MET A 1 16.92 10.05 -2.57
CA MET A 1 15.86 9.26 -3.23
C MET A 1 15.92 9.47 -4.74
N LYS A 2 15.97 8.36 -5.48
CA LYS A 2 16.14 8.40 -6.91
C LYS A 2 14.82 8.04 -7.59
N ASP A 3 14.66 8.41 -8.85
CA ASP A 3 13.42 8.12 -9.55
C ASP A 3 13.40 6.66 -10.01
N GLY A 4 12.35 5.99 -9.61
CA GLY A 4 12.09 4.63 -9.99
C GLY A 4 10.82 4.14 -9.36
N THR A 5 10.82 2.91 -8.92
CA THR A 5 9.70 2.36 -8.19
C THR A 5 10.20 1.58 -6.99
N TYR A 6 9.76 2.00 -5.83
CA TYR A 6 10.14 1.40 -4.56
C TYR A 6 8.98 0.56 -4.09
N TYR A 7 9.25 -0.53 -3.40
CA TYR A 7 8.18 -1.27 -2.76
C TYR A 7 8.65 -1.80 -1.40
N ALA A 8 7.70 -2.11 -0.54
CA ALA A 8 7.98 -2.87 0.66
C ALA A 8 6.86 -3.83 0.94
N GLU A 9 7.19 -5.01 1.44
CA GLU A 9 6.19 -6.03 1.74
C GLU A 9 6.15 -6.29 3.24
N ALA A 10 4.98 -6.71 3.73
CA ALA A 10 4.77 -7.08 5.12
C ALA A 10 5.72 -8.17 5.58
N ASP A 11 6.07 -8.13 6.87
CA ASP A 11 7.04 -9.06 7.49
C ASP A 11 6.54 -10.51 7.39
N ASP A 12 5.28 -10.69 7.71
CA ASP A 12 4.62 -11.96 7.52
C ASP A 12 3.35 -11.71 6.70
N PHE A 13 2.74 -12.77 6.15
CA PHE A 13 1.49 -12.64 5.42
C PHE A 13 0.36 -12.28 6.38
N ASP A 14 -0.55 -11.44 5.93
CA ASP A 14 -1.72 -11.03 6.71
C ASP A 14 -2.74 -12.16 6.83
N GLU A 15 -3.83 -11.89 7.53
CA GLU A 15 -4.79 -12.95 7.91
C GLU A 15 -5.48 -13.60 6.71
N SER A 16 -5.69 -12.84 5.63
CA SER A 16 -6.31 -13.38 4.42
C SER A 16 -5.29 -14.02 3.46
N GLY A 17 -4.01 -14.05 3.88
CA GLY A 17 -2.95 -14.65 3.08
C GLY A 17 -2.36 -13.70 2.06
N TRP A 18 -2.16 -12.45 2.48
CA TRP A 18 -1.66 -11.40 1.59
C TRP A 18 -0.58 -10.58 2.27
N LYS A 19 0.64 -10.62 1.73
CA LYS A 19 1.70 -9.69 2.15
C LYS A 19 1.44 -8.33 1.55
N ASP A 20 1.01 -7.38 2.37
CA ASP A 20 0.65 -6.07 1.87
C ASP A 20 1.89 -5.31 1.44
N THR A 21 1.81 -4.70 0.29
CA THR A 21 2.91 -3.95 -0.21
C THR A 21 2.48 -2.52 -0.45
N VAL A 22 3.35 -1.61 -0.10
CA VAL A 22 3.13 -0.22 -0.40
C VAL A 22 4.24 0.21 -1.33
N THR A 23 3.83 0.38 -2.57
CA THR A 23 4.73 0.60 -3.65
C THR A 23 4.76 2.09 -4.00
N ILE A 24 5.88 2.73 -3.75
CA ILE A 24 6.01 4.17 -3.95
C ILE A 24 6.55 4.44 -5.35
N GLU A 25 5.80 5.18 -6.16
CA GLU A 25 6.28 5.56 -7.47
C GLU A 25 6.91 6.95 -7.39
N VAL A 26 8.23 6.94 -7.50
CA VAL A 26 9.03 8.15 -7.46
C VAL A 26 9.42 8.52 -8.88
N LYS A 27 9.04 9.71 -9.29
CA LYS A 27 9.28 10.17 -10.62
C LYS A 27 9.83 11.58 -10.55
N ASN A 28 11.01 11.75 -11.16
CA ASN A 28 11.77 13.01 -11.12
C ASN A 28 12.14 13.42 -9.69
N GLY A 29 12.53 12.42 -8.87
CA GLY A 29 12.95 12.67 -7.49
C GLY A 29 11.81 12.79 -6.47
N LYS A 30 10.58 12.99 -6.93
CA LYS A 30 9.46 13.21 -6.04
C LYS A 30 8.39 12.13 -6.21
N ILE A 31 7.51 11.99 -5.23
CA ILE A 31 6.44 10.99 -5.31
C ILE A 31 5.28 11.54 -6.13
N VAL A 32 5.02 10.94 -7.28
CA VAL A 32 3.93 11.41 -8.13
C VAL A 32 2.73 10.46 -8.06
N SER A 33 2.98 9.25 -7.55
CA SER A 33 1.97 8.22 -7.52
C SER A 33 2.33 7.20 -6.45
N VAL A 34 1.35 6.42 -6.05
CA VAL A 34 1.56 5.36 -5.09
C VAL A 34 0.63 4.19 -5.41
N ASP A 35 1.19 3.02 -5.30
CA ASP A 35 0.58 1.77 -5.70
C ASP A 35 0.18 0.97 -4.49
N TRP A 36 -0.99 0.38 -4.57
CA TRP A 36 -1.46 -0.53 -3.56
C TRP A 36 -1.56 -1.94 -4.14
N ASN A 37 -0.83 -2.84 -3.51
CA ASN A 37 -0.69 -4.21 -3.97
C ASN A 37 -0.57 -5.11 -2.73
N ALA A 38 -0.79 -6.40 -2.91
CA ALA A 38 -0.54 -7.40 -1.90
C ALA A 38 -0.20 -8.70 -2.59
N ILE A 39 0.65 -9.51 -1.96
CA ILE A 39 1.17 -10.71 -2.60
C ILE A 39 0.41 -11.94 -2.12
N ASN A 40 -0.08 -12.71 -3.08
CA ASN A 40 -0.88 -13.90 -2.82
C ASN A 40 0.01 -15.05 -2.33
N LYS A 41 -0.36 -15.60 -1.18
CA LYS A 41 0.37 -16.68 -0.52
C LYS A 41 0.27 -18.00 -1.30
N ASP A 42 -0.89 -18.26 -1.88
CA ASP A 42 -1.21 -19.56 -2.48
C ASP A 42 -0.49 -19.77 -3.82
N GLY A 43 -0.33 -18.69 -4.58
CA GLY A 43 0.42 -18.75 -5.82
C GLY A 43 -0.41 -18.49 -7.05
N GLY A 44 -1.17 -17.40 -7.03
CA GLY A 44 -1.89 -16.97 -8.20
C GLY A 44 -1.33 -15.66 -8.74
N ASP A 45 -2.20 -14.68 -8.89
CA ASP A 45 -1.78 -13.32 -9.22
C ASP A 45 -1.78 -12.48 -7.96
N ASP A 46 -1.42 -11.21 -8.06
CA ASP A 46 -1.40 -10.33 -6.89
C ASP A 46 -2.73 -9.57 -6.75
N LYS A 47 -2.81 -8.64 -5.79
CA LYS A 47 -4.07 -7.94 -5.42
C LYS A 47 -4.78 -7.29 -6.61
N ASP A 48 -4.06 -6.45 -7.37
CA ASP A 48 -4.64 -5.74 -8.51
C ASP A 48 -4.75 -6.64 -9.75
N THR A 49 -3.81 -7.59 -9.86
CA THR A 49 -3.70 -8.45 -11.03
C THR A 49 -4.81 -9.51 -11.03
N LEU A 50 -5.17 -9.99 -9.85
CA LEU A 50 -6.28 -10.91 -9.65
C LEU A 50 -7.61 -10.23 -9.89
N SER A 51 -7.72 -8.95 -9.54
CA SER A 51 -8.95 -8.18 -9.78
C SER A 51 -9.14 -7.91 -11.27
N ARG A 52 -8.01 -7.70 -11.98
CA ARG A 52 -8.01 -7.50 -13.43
C ARG A 52 -8.37 -8.80 -14.17
N ASN A 53 -7.85 -9.93 -13.69
CA ASN A 53 -8.08 -11.24 -14.32
C ASN A 53 -9.43 -11.86 -13.95
N GLY A 54 -10.08 -11.29 -12.93
CA GLY A 54 -11.42 -11.73 -12.56
C GLY A 54 -11.44 -12.81 -11.51
N GLY A 55 -10.32 -13.03 -10.85
CA GLY A 55 -10.25 -13.98 -9.77
C GLY A 55 -10.43 -13.29 -8.43
N TYR A 56 -9.31 -13.06 -7.76
CA TYR A 56 -9.22 -12.42 -6.43
C TYR A 56 -9.97 -13.23 -5.36
N LYS A 57 -9.28 -14.23 -4.83
CA LYS A 57 -9.80 -15.01 -3.73
C LYS A 57 -8.81 -15.00 -2.59
N MET A 58 -9.33 -14.79 -1.40
CA MET A 58 -8.52 -14.78 -0.20
C MET A 58 -8.49 -16.17 0.39
N VAL A 59 -7.37 -16.55 1.02
CA VAL A 59 -7.21 -17.89 1.58
C VAL A 59 -7.99 -18.01 2.91
N GLU A 60 -8.28 -16.87 3.50
CA GLU A 60 -9.11 -16.77 4.68
C GLU A 60 -10.09 -15.64 4.49
N TYR A 61 -11.36 -15.89 4.79
CA TYR A 61 -12.41 -14.91 4.57
C TYR A 61 -12.72 -14.12 5.85
N GLY A 62 -11.82 -14.20 6.83
CA GLY A 62 -11.96 -13.43 8.05
C GLY A 62 -11.62 -11.96 7.85
N GLY A 63 -10.62 -11.69 7.02
CA GLY A 63 -10.25 -10.32 6.71
C GLY A 63 -8.91 -9.96 7.30
N ALA A 64 -8.14 -9.17 6.57
CA ALA A 64 -6.82 -8.78 6.99
C ALA A 64 -6.82 -7.35 7.52
N GLN A 65 -5.62 -6.85 7.82
CA GLN A 65 -5.44 -5.57 8.48
C GLN A 65 -4.83 -4.55 7.54
N ALA A 66 -4.93 -4.84 6.25
CA ALA A 66 -4.41 -3.98 5.22
C ALA A 66 -5.28 -4.07 3.97
N GLU A 67 -5.01 -5.12 3.15
CA GLU A 67 -5.68 -5.39 1.84
C GLU A 67 -6.13 -4.13 1.08
N TRP A 68 -5.15 -3.42 0.54
CA TRP A 68 -5.36 -2.09 -0.01
C TRP A 68 -6.02 -2.14 -1.40
N HIS A 69 -7.18 -1.47 -1.51
CA HIS A 69 -7.91 -1.36 -2.78
C HIS A 69 -8.71 -0.04 -2.82
N GLU A 70 -9.89 -0.03 -2.19
CA GLU A 70 -10.83 1.09 -2.32
C GLU A 70 -10.68 2.08 -1.18
N GLN A 71 -10.38 1.55 0.01
CA GLN A 71 -10.19 2.37 1.21
C GLN A 71 -8.82 3.05 1.18
N ALA A 72 -7.91 2.44 0.39
CA ALA A 72 -6.57 2.98 0.15
C ALA A 72 -6.58 4.18 -0.80
N GLU A 73 -7.63 4.26 -1.64
CA GLU A 73 -7.76 5.33 -2.66
C GLU A 73 -7.86 6.73 -2.04
N LYS A 74 -8.52 6.84 -0.88
CA LYS A 74 -8.63 8.11 -0.14
C LYS A 74 -7.28 8.48 0.47
N VAL A 75 -6.56 7.46 0.92
CA VAL A 75 -5.27 7.60 1.60
C VAL A 75 -4.13 7.95 0.61
N GLU A 76 -4.21 7.42 -0.62
CA GLU A 76 -3.13 7.57 -1.61
C GLU A 76 -2.97 9.04 -2.05
N ALA A 77 -4.10 9.77 -2.11
CA ALA A 77 -4.11 11.20 -2.39
C ALA A 77 -3.40 12.00 -1.30
N TYR A 78 -3.60 11.57 -0.05
CA TYR A 78 -2.95 12.16 1.12
C TYR A 78 -1.43 11.92 1.11
N LEU A 79 -0.98 10.75 0.65
CA LEU A 79 0.44 10.42 0.63
C LEU A 79 1.18 11.28 -0.40
N VAL A 80 0.61 11.43 -1.59
CA VAL A 80 1.23 12.20 -2.67
C VAL A 80 1.27 13.70 -2.35
N GLU A 81 0.27 14.21 -1.62
CA GLU A 81 0.26 15.64 -1.26
C GLU A 81 1.25 15.93 -0.11
N LYS A 82 1.52 14.93 0.74
CA LYS A 82 2.44 15.09 1.86
C LYS A 82 3.89 14.98 1.43
N GLN A 83 4.11 14.13 0.39
CA GLN A 83 5.45 13.77 -0.13
C GLN A 83 6.25 12.97 0.89
N ASP A 84 5.58 12.52 1.95
CA ASP A 84 6.27 11.99 3.10
C ASP A 84 5.55 10.76 3.64
N PRO A 85 6.23 9.59 3.60
CA PRO A 85 5.67 8.29 4.03
C PRO A 85 5.46 8.10 5.54
N THR A 86 5.70 9.14 6.36
CA THR A 86 5.53 9.01 7.80
C THR A 86 4.71 10.19 8.39
N ASP A 87 4.26 11.11 7.54
CA ASP A 87 3.48 12.25 8.01
C ASP A 87 2.00 11.87 8.14
N ILE A 88 1.60 11.51 9.36
CA ILE A 88 0.25 11.01 9.64
C ILE A 88 0.01 10.99 11.17
N LYS A 89 -1.25 11.13 11.57
CA LYS A 89 -1.63 11.03 12.98
C LYS A 89 -2.89 10.16 13.13
N TYR A 90 -2.85 9.21 14.06
CA TYR A 90 -3.99 8.33 14.31
C TYR A 90 -4.55 8.57 15.71
N LYS A 91 -5.85 8.34 15.84
CA LYS A 91 -6.50 8.36 17.15
C LYS A 91 -7.38 7.12 17.27
N ASP A 92 -6.76 5.98 17.60
CA ASP A 92 -7.41 4.69 17.48
C ASP A 92 -6.59 3.62 18.22
N ASN A 93 -7.18 2.43 18.37
CA ASN A 93 -6.49 1.22 18.84
C ASN A 93 -5.30 0.84 17.94
N ASP A 94 -5.45 1.04 16.62
CA ASP A 94 -4.46 0.53 15.68
C ASP A 94 -3.96 1.63 14.77
N GLY A 95 -4.89 2.37 14.13
CA GLY A 95 -4.47 3.30 13.11
C GLY A 95 -5.60 3.91 12.29
N HIS A 96 -6.69 4.31 12.92
CA HIS A 96 -7.73 5.06 12.22
C HIS A 96 -7.43 6.54 12.34
N THR A 97 -7.63 7.24 11.25
CA THR A 97 -7.32 8.65 11.18
C THR A 97 -8.58 9.43 10.80
N ASP A 98 -8.73 10.59 11.42
CA ASP A 98 -9.90 11.45 11.19
C ASP A 98 -9.53 12.54 10.17
N ALA A 99 -8.22 12.66 9.90
CA ALA A 99 -7.70 13.56 8.90
C ALA A 99 -8.09 13.05 7.51
N ILE A 100 -7.81 11.78 7.27
CA ILE A 100 -8.29 11.11 6.07
C ILE A 100 -9.70 10.56 6.34
N SER A 101 -10.69 11.42 6.11
CA SER A 101 -12.08 11.07 6.34
C SER A 101 -12.60 10.25 5.15
N GLY A 102 -12.72 8.96 5.39
CA GLY A 102 -13.08 8.01 4.36
C GLY A 102 -12.29 6.72 4.51
N ALA A 103 -11.26 6.76 5.35
CA ALA A 103 -10.46 5.58 5.63
C ALA A 103 -11.06 4.78 6.79
N THR A 104 -11.82 3.75 6.45
CA THR A 104 -12.47 2.90 7.44
C THR A 104 -11.61 1.69 7.82
N ILE A 105 -10.49 1.53 7.13
CA ILE A 105 -9.48 0.55 7.49
C ILE A 105 -8.32 1.29 8.20
N LYS A 106 -7.60 0.57 9.07
CA LYS A 106 -6.43 1.12 9.75
C LYS A 106 -5.27 1.41 8.78
N VAL A 107 -4.97 2.69 8.69
CA VAL A 107 -4.00 3.28 7.77
C VAL A 107 -2.56 3.14 8.30
N LYS A 108 -2.42 2.62 9.54
CA LYS A 108 -1.12 2.43 10.18
C LYS A 108 -0.18 1.58 9.34
N LYS A 109 -0.76 0.60 8.65
CA LYS A 109 -0.01 -0.35 7.85
C LYS A 109 0.51 0.29 6.57
N PHE A 110 -0.29 1.19 5.98
CA PHE A 110 0.07 1.89 4.75
C PHE A 110 1.31 2.76 4.97
N PHE A 111 1.31 3.53 6.04
CA PHE A 111 2.43 4.42 6.33
C PHE A 111 3.63 3.69 6.90
N ASP A 112 3.42 2.55 7.58
CA ASP A 112 4.53 1.72 8.06
C ASP A 112 5.30 1.10 6.92
N LEU A 113 4.56 0.60 5.93
CA LEU A 113 5.14 -0.06 4.76
C LEU A 113 5.71 0.95 3.77
N ALA A 114 5.17 2.17 3.75
CA ALA A 114 5.73 3.27 2.96
C ALA A 114 7.10 3.72 3.51
N GLN A 115 7.24 3.65 4.84
CA GLN A 115 8.52 3.95 5.52
C GLN A 115 9.56 2.89 5.22
N LYS A 116 9.11 1.64 5.07
CA LYS A 116 9.96 0.49 4.75
C LYS A 116 10.42 0.52 3.28
N ALA A 117 9.61 1.14 2.42
CA ALA A 117 9.91 1.21 0.98
C ALA A 117 11.05 2.18 0.68
N LEU A 118 11.09 3.27 1.41
CA LEU A 118 12.01 4.37 1.11
C LEU A 118 13.11 4.51 2.16
N LYS A 119 13.23 3.51 3.03
CA LYS A 119 14.19 3.52 4.15
C LYS A 119 15.66 3.59 3.69
N ASP A 120 15.97 2.92 2.59
CA ASP A 120 17.33 2.88 2.07
C ASP A 120 17.47 3.74 0.84
N ALA A 121 16.31 4.05 0.22
CA ALA A 121 16.21 4.59 -1.15
C ALA A 121 16.93 3.68 -2.17
N GLU A 122 16.82 2.37 -1.93
CA GLU A 122 17.47 1.34 -2.74
C GLU A 122 16.49 0.27 -3.23
N LYS A 123 15.23 0.37 -2.78
CA LYS A 123 14.21 -0.62 -3.13
C LYS A 123 13.75 -0.47 -4.58
N LEU A 124 13.70 -1.59 -5.29
CA LEU A 124 13.29 -1.60 -6.69
C LEU A 124 12.13 -2.56 -6.92
N GLU A 125 11.27 -2.18 -7.87
CA GLU A 125 10.07 -2.92 -8.23
C GLU A 125 9.67 -2.54 -9.65
N HIS A 126 9.13 -3.49 -10.39
CA HIS A 126 8.67 -3.25 -11.76
C HIS A 126 7.19 -2.80 -11.75
N HIS A 127 6.49 -3.13 -10.68
CA HIS A 127 5.06 -2.84 -10.57
C HIS A 127 4.81 -1.35 -10.30
N HIS A 128 4.34 -0.66 -11.32
CA HIS A 128 4.10 0.78 -11.27
C HIS A 128 2.60 1.08 -11.26
N HIS A 129 2.24 2.31 -10.89
CA HIS A 129 0.83 2.67 -10.73
C HIS A 129 0.54 3.96 -11.49
N HIS A 130 -0.47 3.92 -12.32
CA HIS A 130 -0.98 5.12 -12.95
C HIS A 130 -2.34 5.48 -12.36
N HIS A 131 -2.40 6.64 -11.72
CA HIS A 131 -3.67 7.17 -11.22
C HIS A 131 -3.98 8.52 -11.88
N MET A 1 17.16 9.28 -2.68
CA MET A 1 15.92 9.05 -3.43
C MET A 1 16.12 9.44 -4.90
N LYS A 2 15.65 8.56 -5.79
CA LYS A 2 15.61 8.86 -7.21
C LYS A 2 14.22 8.49 -7.74
N ASP A 3 13.93 8.82 -9.00
CA ASP A 3 12.64 8.45 -9.59
C ASP A 3 12.57 6.94 -9.83
N GLY A 4 11.43 6.40 -9.49
CA GLY A 4 11.15 4.99 -9.63
C GLY A 4 9.93 4.62 -8.82
N THR A 5 9.39 3.43 -9.01
CA THR A 5 8.23 3.01 -8.24
C THR A 5 8.63 1.86 -7.31
N TYR A 6 8.71 2.22 -6.03
CA TYR A 6 9.28 1.40 -4.98
C TYR A 6 8.20 0.61 -4.28
N TYR A 7 8.30 -0.69 -4.35
CA TYR A 7 7.28 -1.52 -3.77
C TYR A 7 7.82 -2.23 -2.53
N ALA A 8 7.00 -2.33 -1.50
CA ALA A 8 7.36 -3.10 -0.32
C ALA A 8 6.17 -3.95 0.11
N GLU A 9 6.44 -5.09 0.73
CA GLU A 9 5.37 -6.01 1.16
C GLU A 9 5.33 -6.10 2.68
N ALA A 10 4.11 -6.24 3.23
CA ALA A 10 3.86 -6.23 4.70
C ALA A 10 4.67 -7.29 5.47
N ASP A 11 4.73 -7.12 6.79
CA ASP A 11 5.50 -8.01 7.68
C ASP A 11 4.98 -9.44 7.62
N ASP A 12 3.68 -9.58 7.76
CA ASP A 12 3.02 -10.88 7.58
C ASP A 12 1.77 -10.66 6.76
N PHE A 13 1.11 -11.75 6.35
CA PHE A 13 -0.15 -11.65 5.63
C PHE A 13 -1.24 -11.16 6.56
N ASP A 14 -2.11 -10.30 6.03
CA ASP A 14 -3.18 -9.68 6.82
C ASP A 14 -4.32 -10.70 7.04
N GLU A 15 -5.46 -10.23 7.55
CA GLU A 15 -6.57 -11.08 8.00
C GLU A 15 -7.11 -11.95 6.86
N SER A 16 -7.24 -11.36 5.68
CA SER A 16 -7.77 -12.05 4.50
C SER A 16 -6.71 -12.84 3.73
N GLY A 17 -5.49 -12.89 4.27
CA GLY A 17 -4.40 -13.60 3.63
C GLY A 17 -3.76 -12.80 2.52
N TRP A 18 -3.82 -11.48 2.62
CA TRP A 18 -3.24 -10.61 1.61
C TRP A 18 -2.04 -9.88 2.18
N LYS A 19 -0.96 -9.92 1.45
CA LYS A 19 0.24 -9.20 1.77
C LYS A 19 0.13 -7.84 1.12
N ASP A 20 -0.30 -6.86 1.88
CA ASP A 20 -0.56 -5.56 1.33
C ASP A 20 0.71 -4.81 1.05
N THR A 21 0.81 -4.33 -0.16
CA THR A 21 2.02 -3.74 -0.66
C THR A 21 1.77 -2.31 -1.07
N VAL A 22 2.72 -1.46 -0.76
CA VAL A 22 2.59 -0.04 -1.07
C VAL A 22 3.68 0.36 -2.04
N THR A 23 3.25 0.72 -3.24
CA THR A 23 4.16 1.04 -4.32
C THR A 23 4.25 2.56 -4.49
N ILE A 24 5.38 3.12 -4.11
CA ILE A 24 5.58 4.56 -4.08
C ILE A 24 6.21 5.05 -5.37
N GLU A 25 5.51 5.89 -6.11
CA GLU A 25 6.07 6.46 -7.32
C GLU A 25 6.73 7.80 -7.01
N VAL A 26 8.04 7.76 -7.09
CA VAL A 26 8.85 8.95 -7.04
C VAL A 26 9.16 9.40 -8.46
N LYS A 27 9.09 10.69 -8.67
CA LYS A 27 9.35 11.31 -9.96
C LYS A 27 9.71 12.75 -9.71
N ASN A 28 10.80 13.22 -10.34
CA ASN A 28 11.32 14.60 -10.17
C ASN A 28 11.93 14.80 -8.75
N GLY A 29 12.41 13.69 -8.16
CA GLY A 29 12.98 13.73 -6.82
C GLY A 29 11.98 13.82 -5.69
N LYS A 30 10.69 13.66 -5.99
CA LYS A 30 9.64 13.71 -4.97
C LYS A 30 8.52 12.73 -5.28
N ILE A 31 7.66 12.44 -4.32
CA ILE A 31 6.54 11.53 -4.56
C ILE A 31 5.44 12.24 -5.34
N VAL A 32 5.16 11.77 -6.54
CA VAL A 32 4.10 12.35 -7.34
C VAL A 32 2.80 11.57 -7.19
N SER A 33 2.93 10.26 -6.94
CA SER A 33 1.82 9.33 -7.00
C SER A 33 2.13 8.10 -6.17
N VAL A 34 1.11 7.29 -5.93
CA VAL A 34 1.28 6.03 -5.23
C VAL A 34 0.24 5.01 -5.75
N ASP A 35 0.73 3.81 -5.97
CA ASP A 35 -0.03 2.71 -6.53
C ASP A 35 -0.23 1.64 -5.46
N TRP A 36 -1.41 1.04 -5.45
CA TRP A 36 -1.75 0.06 -4.43
C TRP A 36 -1.93 -1.34 -5.03
N ASN A 37 -1.53 -2.34 -4.25
CA ASN A 37 -1.37 -3.71 -4.71
C ASN A 37 -1.38 -4.66 -3.50
N ALA A 38 -1.68 -5.95 -3.68
CA ALA A 38 -1.66 -6.93 -2.57
C ALA A 38 -1.41 -8.36 -3.06
N ILE A 39 -0.62 -9.12 -2.33
CA ILE A 39 -0.24 -10.49 -2.71
C ILE A 39 -1.03 -11.52 -1.91
N ASN A 40 -1.85 -12.33 -2.56
CA ASN A 40 -2.64 -13.32 -1.82
C ASN A 40 -1.82 -14.59 -1.56
N LYS A 41 -1.99 -15.12 -0.36
CA LYS A 41 -1.31 -16.32 0.12
C LYS A 41 -1.74 -17.57 -0.65
N ASP A 42 -3.03 -17.69 -0.90
CA ASP A 42 -3.61 -18.85 -1.59
C ASP A 42 -3.37 -18.76 -3.10
N GLY A 43 -3.43 -17.53 -3.64
CA GLY A 43 -3.21 -17.30 -5.07
C GLY A 43 -1.75 -17.42 -5.45
N GLY A 44 -0.90 -16.69 -4.74
CA GLY A 44 0.53 -16.74 -4.97
C GLY A 44 1.07 -15.52 -5.68
N ASP A 45 0.17 -14.69 -6.20
CA ASP A 45 0.57 -13.56 -7.03
C ASP A 45 0.05 -12.25 -6.48
N ASP A 46 0.40 -11.16 -7.18
CA ASP A 46 0.00 -9.79 -6.79
C ASP A 46 -1.44 -9.53 -7.22
N LYS A 47 -1.97 -8.36 -6.84
CA LYS A 47 -3.31 -7.94 -7.27
C LYS A 47 -3.34 -7.61 -8.76
N ASP A 48 -2.17 -7.26 -9.27
CA ASP A 48 -1.93 -7.16 -10.71
C ASP A 48 -2.12 -8.53 -11.38
N THR A 49 -1.32 -9.49 -10.94
CA THR A 49 -1.17 -10.77 -11.63
C THR A 49 -2.35 -11.73 -11.37
N LEU A 50 -3.01 -11.61 -10.22
CA LEU A 50 -4.18 -12.42 -9.89
C LEU A 50 -5.40 -12.02 -10.72
N SER A 51 -5.52 -10.73 -11.05
CA SER A 51 -6.58 -10.26 -11.94
C SER A 51 -6.32 -10.69 -13.39
N ARG A 52 -5.04 -10.82 -13.74
CA ARG A 52 -4.61 -11.27 -15.07
C ARG A 52 -4.83 -12.77 -15.25
N ASN A 53 -4.70 -13.54 -14.17
CA ASN A 53 -4.92 -14.99 -14.20
C ASN A 53 -6.41 -15.33 -14.03
N GLY A 54 -7.11 -14.50 -13.27
CA GLY A 54 -8.51 -14.73 -12.96
C GLY A 54 -8.70 -15.50 -11.67
N GLY A 55 -7.67 -15.49 -10.81
CA GLY A 55 -7.69 -16.25 -9.58
C GLY A 55 -7.76 -15.38 -8.35
N TYR A 56 -8.75 -14.49 -8.32
CA TYR A 56 -9.02 -13.65 -7.15
C TYR A 56 -9.75 -14.47 -6.07
N LYS A 57 -8.95 -15.11 -5.21
CA LYS A 57 -9.46 -15.79 -4.03
C LYS A 57 -8.96 -15.13 -2.76
N MET A 58 -9.72 -15.33 -1.69
CA MET A 58 -9.37 -14.82 -0.36
C MET A 58 -9.44 -15.97 0.64
N VAL A 59 -8.68 -15.88 1.73
CA VAL A 59 -8.75 -16.90 2.79
C VAL A 59 -9.70 -16.44 3.91
N GLU A 60 -10.09 -15.17 3.85
CA GLU A 60 -10.98 -14.55 4.81
C GLU A 60 -11.73 -13.42 4.09
N TYR A 61 -12.98 -13.20 4.48
CA TYR A 61 -13.85 -12.26 3.80
C TYR A 61 -13.75 -10.86 4.41
N GLY A 62 -13.11 -10.78 5.58
CA GLY A 62 -12.90 -9.50 6.25
C GLY A 62 -11.61 -8.82 5.83
N GLY A 63 -11.37 -8.80 4.52
CA GLY A 63 -10.21 -8.15 3.97
C GLY A 63 -10.51 -7.42 2.69
N ALA A 64 -11.79 -7.13 2.47
CA ALA A 64 -12.23 -6.34 1.32
C ALA A 64 -11.85 -4.88 1.52
N GLN A 65 -11.95 -4.42 2.76
CA GLN A 65 -11.57 -3.06 3.12
C GLN A 65 -10.16 -3.03 3.70
N ALA A 66 -9.65 -4.21 4.12
CA ALA A 66 -8.33 -4.33 4.73
C ALA A 66 -7.23 -4.24 3.69
N GLU A 67 -7.56 -4.62 2.46
CA GLU A 67 -6.66 -4.46 1.32
C GLU A 67 -6.54 -3.01 0.88
N TRP A 68 -5.44 -2.72 0.22
CA TRP A 68 -5.26 -1.46 -0.45
C TRP A 68 -5.76 -1.55 -1.89
N HIS A 69 -7.06 -1.31 -2.05
CA HIS A 69 -7.67 -1.18 -3.38
C HIS A 69 -8.95 -0.33 -3.31
N GLU A 70 -9.59 -0.30 -2.13
CA GLU A 70 -10.82 0.48 -1.92
C GLU A 70 -10.59 1.62 -0.95
N GLN A 71 -10.18 1.27 0.27
CA GLN A 71 -9.92 2.27 1.32
C GLN A 71 -8.63 3.04 1.06
N ALA A 72 -7.78 2.45 0.20
CA ALA A 72 -6.51 3.04 -0.19
C ALA A 72 -6.66 4.35 -0.97
N GLU A 73 -7.81 4.54 -1.66
CA GLU A 73 -8.05 5.75 -2.45
C GLU A 73 -8.09 7.03 -1.60
N LYS A 74 -8.55 6.91 -0.35
CA LYS A 74 -8.58 8.04 0.57
C LYS A 74 -7.16 8.35 1.05
N VAL A 75 -6.44 7.28 1.32
CA VAL A 75 -5.11 7.34 1.92
C VAL A 75 -4.01 7.79 0.93
N GLU A 76 -4.15 7.39 -0.35
CA GLU A 76 -3.16 7.66 -1.41
C GLU A 76 -3.02 9.17 -1.68
N ALA A 77 -4.16 9.87 -1.67
CA ALA A 77 -4.22 11.31 -1.89
C ALA A 77 -3.53 12.07 -0.76
N TYR A 78 -3.64 11.52 0.45
CA TYR A 78 -3.06 12.13 1.64
C TYR A 78 -1.53 11.99 1.66
N LEU A 79 -1.02 10.88 1.12
CA LEU A 79 0.42 10.63 1.05
C LEU A 79 1.10 11.62 0.10
N VAL A 80 0.42 11.94 -1.01
CA VAL A 80 0.94 12.88 -2.01
C VAL A 80 1.03 14.31 -1.47
N GLU A 81 0.03 14.77 -0.70
CA GLU A 81 0.07 16.11 -0.13
C GLU A 81 1.04 16.21 1.05
N LYS A 82 1.29 15.08 1.73
CA LYS A 82 2.24 15.04 2.84
C LYS A 82 3.68 15.07 2.37
N GLN A 83 3.94 14.44 1.21
CA GLN A 83 5.29 14.27 0.63
C GLN A 83 6.21 13.43 1.53
N ASP A 84 5.63 12.71 2.49
CA ASP A 84 6.40 12.05 3.53
C ASP A 84 5.66 10.82 4.06
N PRO A 85 6.29 9.63 4.02
CA PRO A 85 5.66 8.36 4.42
C PRO A 85 5.63 8.08 5.94
N THR A 86 6.02 9.04 6.77
CA THR A 86 5.98 8.83 8.20
C THR A 86 5.28 9.99 8.94
N ASP A 87 4.91 11.05 8.22
CA ASP A 87 4.22 12.20 8.84
C ASP A 87 2.72 11.92 8.95
N ILE A 88 2.35 11.31 10.07
CA ILE A 88 0.99 10.89 10.34
C ILE A 88 0.84 10.59 11.83
N LYS A 89 -0.32 10.93 12.39
CA LYS A 89 -0.60 10.66 13.78
C LYS A 89 -1.92 9.92 13.91
N TYR A 90 -1.85 8.73 14.48
CA TYR A 90 -3.04 7.91 14.69
C TYR A 90 -3.51 8.05 16.12
N LYS A 91 -4.80 8.25 16.30
CA LYS A 91 -5.38 8.23 17.63
C LYS A 91 -6.23 6.99 17.80
N ASP A 92 -5.56 5.86 17.98
CA ASP A 92 -6.22 4.57 18.16
C ASP A 92 -5.19 3.62 18.79
N ASN A 93 -5.57 2.38 19.03
CA ASN A 93 -4.63 1.37 19.53
C ASN A 93 -4.11 0.52 18.37
N ASP A 94 -4.56 0.82 17.15
CA ASP A 94 -4.12 0.10 15.97
C ASP A 94 -3.43 1.08 15.01
N GLY A 95 -4.21 2.04 14.52
CA GLY A 95 -3.72 2.95 13.52
C GLY A 95 -4.84 3.65 12.78
N HIS A 96 -5.75 4.28 13.51
CA HIS A 96 -6.83 5.04 12.89
C HIS A 96 -6.54 6.53 12.91
N THR A 97 -6.64 7.13 11.75
CA THR A 97 -6.30 8.53 11.56
C THR A 97 -7.56 9.38 11.37
N ASP A 98 -7.58 10.52 12.03
CA ASP A 98 -8.73 11.42 11.97
C ASP A 98 -8.58 12.43 10.83
N ALA A 99 -7.41 12.42 10.20
CA ALA A 99 -7.07 13.38 9.16
C ALA A 99 -7.46 12.88 7.77
N ILE A 100 -7.41 11.57 7.56
CA ILE A 100 -7.87 10.97 6.30
C ILE A 100 -9.39 10.74 6.35
N SER A 101 -9.90 10.52 7.59
CA SER A 101 -11.34 10.40 7.92
C SER A 101 -12.01 9.12 7.41
N GLY A 102 -12.20 9.04 6.09
CA GLY A 102 -12.93 7.94 5.45
C GLY A 102 -12.20 6.60 5.43
N ALA A 103 -10.95 6.59 5.88
CA ALA A 103 -10.20 5.35 6.01
C ALA A 103 -10.59 4.64 7.30
N THR A 104 -11.49 3.67 7.17
CA THR A 104 -12.03 2.93 8.31
C THR A 104 -11.14 1.76 8.71
N ILE A 105 -10.17 1.45 7.84
CA ILE A 105 -9.19 0.42 8.12
C ILE A 105 -7.94 1.08 8.75
N LYS A 106 -7.15 0.30 9.49
CA LYS A 106 -5.88 0.77 10.03
C LYS A 106 -4.88 1.17 8.93
N VAL A 107 -4.58 2.46 8.93
CA VAL A 107 -3.69 3.10 7.95
C VAL A 107 -2.22 2.93 8.37
N LYS A 108 -2.01 2.32 9.55
CA LYS A 108 -0.68 2.07 10.09
C LYS A 108 0.15 1.21 9.14
N LYS A 109 -0.53 0.27 8.45
CA LYS A 109 0.12 -0.61 7.47
C LYS A 109 0.55 0.16 6.21
N PHE A 110 -0.25 1.13 5.76
CA PHE A 110 0.08 1.92 4.57
C PHE A 110 1.37 2.72 4.76
N PHE A 111 1.43 3.50 5.83
CA PHE A 111 2.59 4.37 6.09
C PHE A 111 3.80 3.56 6.51
N ASP A 112 3.58 2.39 7.13
CA ASP A 112 4.66 1.45 7.51
C ASP A 112 5.37 0.95 6.27
N LEU A 113 4.56 0.58 5.29
CA LEU A 113 5.00 -0.03 4.06
C LEU A 113 5.58 0.98 3.09
N ALA A 114 5.11 2.22 3.16
CA ALA A 114 5.68 3.33 2.42
C ALA A 114 7.09 3.67 2.93
N GLN A 115 7.32 3.48 4.24
CA GLN A 115 8.65 3.67 4.84
C GLN A 115 9.60 2.54 4.46
N LYS A 116 9.03 1.34 4.29
CA LYS A 116 9.77 0.15 3.86
C LYS A 116 10.12 0.21 2.36
N ALA A 117 9.30 0.91 1.59
CA ALA A 117 9.52 1.06 0.16
C ALA A 117 10.71 1.97 -0.13
N LEU A 118 10.87 3.00 0.69
CA LEU A 118 11.92 3.98 0.51
C LEU A 118 13.04 3.80 1.52
N LYS A 119 13.10 2.60 2.11
CA LYS A 119 14.13 2.25 3.11
C LYS A 119 15.51 2.12 2.46
N ASP A 120 15.52 1.76 1.18
CA ASP A 120 16.72 1.48 0.44
C ASP A 120 17.01 2.58 -0.59
N ALA A 121 15.92 3.16 -1.12
CA ALA A 121 15.92 4.18 -2.21
C ALA A 121 16.62 3.74 -3.52
N GLU A 122 16.92 2.45 -3.64
CA GLU A 122 17.50 1.90 -4.86
C GLU A 122 16.54 0.88 -5.47
N LYS A 123 15.36 0.75 -4.86
CA LYS A 123 14.37 -0.26 -5.23
C LYS A 123 13.58 0.13 -6.49
N LEU A 124 14.13 -0.22 -7.63
CA LEU A 124 13.49 0.07 -8.90
C LEU A 124 12.79 -1.18 -9.41
N GLU A 125 11.63 -1.46 -8.84
CA GLU A 125 10.81 -2.60 -9.25
C GLU A 125 10.00 -2.24 -10.48
N HIS A 126 9.21 -1.19 -10.37
CA HIS A 126 8.37 -0.73 -11.46
C HIS A 126 8.68 0.71 -11.80
N HIS A 127 8.07 1.19 -12.88
CA HIS A 127 8.00 2.60 -13.17
C HIS A 127 6.57 2.88 -13.63
N HIS A 128 5.65 2.43 -12.79
CA HIS A 128 4.22 2.45 -13.09
C HIS A 128 3.60 3.74 -12.57
N HIS A 129 3.09 4.55 -13.49
CA HIS A 129 2.42 5.79 -13.12
C HIS A 129 0.91 5.55 -12.94
N HIS A 130 0.39 6.05 -11.83
CA HIS A 130 -1.01 5.85 -11.47
C HIS A 130 -1.60 7.20 -11.04
N HIS A 131 -2.78 7.54 -11.55
CA HIS A 131 -3.42 8.82 -11.22
C HIS A 131 -4.93 8.66 -11.08
N MET A 1 16.38 10.26 -2.60
CA MET A 1 15.22 9.72 -3.32
C MET A 1 15.43 9.83 -4.82
N LYS A 2 15.86 8.71 -5.41
CA LYS A 2 16.09 8.61 -6.85
C LYS A 2 14.77 8.38 -7.56
N ASP A 3 14.63 8.87 -8.79
CA ASP A 3 13.43 8.63 -9.57
C ASP A 3 13.35 7.17 -10.06
N GLY A 4 12.61 6.39 -9.29
CA GLY A 4 12.35 5.00 -9.59
C GLY A 4 11.06 4.56 -8.93
N THR A 5 10.86 3.28 -8.75
CA THR A 5 9.67 2.81 -8.07
C THR A 5 10.01 1.81 -6.99
N TYR A 6 9.80 2.25 -5.75
CA TYR A 6 10.10 1.46 -4.58
C TYR A 6 8.87 0.65 -4.22
N TYR A 7 9.07 -0.52 -3.70
CA TYR A 7 7.98 -1.35 -3.26
C TYR A 7 8.39 -2.03 -1.97
N ALA A 8 7.45 -2.20 -1.05
CA ALA A 8 7.68 -2.99 0.13
C ALA A 8 6.51 -3.89 0.37
N GLU A 9 6.80 -5.06 0.90
CA GLU A 9 5.79 -6.04 1.18
C GLU A 9 5.69 -6.20 2.69
N ALA A 10 4.47 -6.41 3.19
CA ALA A 10 4.17 -6.49 4.63
C ALA A 10 4.98 -7.60 5.30
N ASP A 11 5.35 -7.39 6.56
CA ASP A 11 6.26 -8.28 7.28
C ASP A 11 5.67 -9.69 7.41
N ASP A 12 4.38 -9.75 7.72
CA ASP A 12 3.62 -11.00 7.71
C ASP A 12 2.52 -10.92 6.65
N PHE A 13 1.59 -11.85 6.69
CA PHE A 13 0.37 -11.77 5.89
C PHE A 13 -0.76 -11.24 6.75
N ASP A 14 -1.77 -10.63 6.14
CA ASP A 14 -2.93 -10.14 6.88
C ASP A 14 -3.97 -11.27 7.01
N GLU A 15 -5.16 -10.94 7.50
CA GLU A 15 -6.19 -11.92 7.86
C GLU A 15 -6.68 -12.73 6.67
N SER A 16 -6.91 -12.06 5.53
CA SER A 16 -7.41 -12.71 4.31
C SER A 16 -6.29 -13.43 3.52
N GLY A 17 -5.06 -13.41 4.05
CA GLY A 17 -3.96 -14.14 3.45
C GLY A 17 -3.24 -13.38 2.37
N TRP A 18 -3.22 -12.07 2.48
CA TRP A 18 -2.55 -11.22 1.52
C TRP A 18 -1.43 -10.44 2.20
N LYS A 19 -0.29 -10.38 1.52
CA LYS A 19 0.85 -9.59 1.97
C LYS A 19 0.74 -8.21 1.35
N ASP A 20 0.28 -7.24 2.12
CA ASP A 20 -0.02 -5.91 1.61
C ASP A 20 1.23 -5.15 1.21
N THR A 21 1.21 -4.63 0.02
CA THR A 21 2.37 -3.99 -0.54
C THR A 21 2.06 -2.53 -0.86
N VAL A 22 2.98 -1.66 -0.52
CA VAL A 22 2.84 -0.24 -0.79
C VAL A 22 3.96 0.17 -1.73
N THR A 23 3.54 0.49 -2.95
CA THR A 23 4.47 0.79 -4.03
C THR A 23 4.55 2.30 -4.25
N ILE A 24 5.68 2.88 -3.92
CA ILE A 24 5.87 4.33 -4.00
C ILE A 24 6.54 4.69 -5.32
N GLU A 25 5.83 5.42 -6.18
CA GLU A 25 6.39 5.86 -7.44
C GLU A 25 6.95 7.28 -7.30
N VAL A 26 8.28 7.33 -7.32
CA VAL A 26 9.00 8.58 -7.27
C VAL A 26 9.48 8.94 -8.68
N LYS A 27 9.03 10.09 -9.13
CA LYS A 27 9.35 10.59 -10.44
C LYS A 27 9.68 12.06 -10.29
N ASN A 28 10.75 12.49 -10.97
CA ASN A 28 11.28 13.87 -10.88
C ASN A 28 11.85 14.15 -9.48
N GLY A 29 12.28 13.10 -8.78
CA GLY A 29 12.81 13.23 -7.43
C GLY A 29 11.78 13.14 -6.31
N LYS A 30 10.50 13.25 -6.63
CA LYS A 30 9.45 13.32 -5.61
C LYS A 30 8.37 12.27 -5.84
N ILE A 31 7.52 12.05 -4.84
CA ILE A 31 6.41 11.10 -4.98
C ILE A 31 5.31 11.72 -5.85
N VAL A 32 5.08 11.14 -7.01
CA VAL A 32 4.03 11.64 -7.90
C VAL A 32 2.81 10.72 -7.84
N SER A 33 3.05 9.46 -7.45
CA SER A 33 2.04 8.42 -7.52
C SER A 33 2.33 7.32 -6.51
N VAL A 34 1.34 6.50 -6.25
CA VAL A 34 1.49 5.35 -5.38
C VAL A 34 0.52 4.24 -5.82
N ASP A 35 1.00 3.02 -5.77
CA ASP A 35 0.23 1.84 -6.11
C ASP A 35 -0.15 1.07 -4.87
N TRP A 36 -1.43 0.76 -4.78
CA TRP A 36 -1.93 -0.11 -3.73
C TRP A 36 -2.13 -1.51 -4.28
N ASN A 37 -1.57 -2.49 -3.58
CA ASN A 37 -1.50 -3.87 -4.07
C ASN A 37 -1.31 -4.83 -2.88
N ALA A 38 -1.44 -6.14 -3.10
CA ALA A 38 -1.13 -7.17 -2.10
C ALA A 38 -0.79 -8.49 -2.81
N ILE A 39 -0.15 -9.43 -2.11
CA ILE A 39 0.22 -10.73 -2.69
C ILE A 39 -0.52 -11.85 -1.97
N ASN A 40 -1.35 -12.62 -2.66
CA ASN A 40 -2.07 -13.71 -1.97
C ASN A 40 -1.17 -14.93 -1.81
N LYS A 41 -1.20 -15.48 -0.61
CA LYS A 41 -0.39 -16.61 -0.17
C LYS A 41 -0.57 -17.85 -1.06
N ASP A 42 -1.82 -18.21 -1.34
CA ASP A 42 -2.13 -19.39 -2.13
C ASP A 42 -2.11 -19.09 -3.63
N GLY A 43 -2.50 -17.85 -3.98
CA GLY A 43 -2.60 -17.41 -5.36
C GLY A 43 -1.27 -17.35 -6.06
N GLY A 44 -0.28 -16.73 -5.41
CA GLY A 44 1.07 -16.71 -5.96
C GLY A 44 1.37 -15.43 -6.71
N ASP A 45 0.33 -14.66 -7.00
CA ASP A 45 0.45 -13.47 -7.81
C ASP A 45 -0.02 -12.25 -7.04
N ASP A 46 0.09 -11.10 -7.68
CA ASP A 46 -0.30 -9.83 -7.10
C ASP A 46 -1.79 -9.61 -7.27
N LYS A 47 -2.39 -8.71 -6.48
CA LYS A 47 -3.81 -8.40 -6.54
C LYS A 47 -4.15 -7.66 -7.83
N ASP A 48 -3.18 -6.88 -8.31
CA ASP A 48 -3.21 -6.24 -9.63
C ASP A 48 -3.47 -7.26 -10.75
N THR A 49 -2.67 -8.31 -10.75
CA THR A 49 -2.71 -9.32 -11.81
C THR A 49 -3.81 -10.38 -11.57
N LEU A 50 -4.15 -10.67 -10.30
CA LEU A 50 -5.22 -11.61 -9.97
C LEU A 50 -6.61 -11.06 -10.31
N SER A 51 -6.81 -9.74 -10.16
CA SER A 51 -8.07 -9.11 -10.57
C SER A 51 -8.13 -8.96 -12.11
N ARG A 52 -6.94 -8.86 -12.72
CA ARG A 52 -6.79 -8.71 -14.17
C ARG A 52 -7.17 -10.03 -14.89
N ASN A 53 -6.71 -11.15 -14.34
CA ASN A 53 -6.96 -12.46 -14.92
C ASN A 53 -8.33 -13.00 -14.53
N GLY A 54 -8.61 -12.96 -13.24
CA GLY A 54 -9.83 -13.56 -12.70
C GLY A 54 -9.50 -14.70 -11.77
N GLY A 55 -8.49 -14.51 -10.94
CA GLY A 55 -8.09 -15.51 -9.97
C GLY A 55 -8.03 -14.94 -8.58
N TYR A 56 -9.01 -14.08 -8.25
CA TYR A 56 -9.13 -13.49 -6.92
C TYR A 56 -9.59 -14.54 -5.90
N LYS A 57 -8.60 -15.15 -5.25
CA LYS A 57 -8.85 -16.06 -4.16
C LYS A 57 -8.41 -15.44 -2.83
N MET A 58 -9.27 -15.55 -1.83
CA MET A 58 -8.93 -15.22 -0.45
C MET A 58 -8.69 -16.52 0.31
N VAL A 59 -8.01 -16.45 1.44
CA VAL A 59 -7.94 -17.63 2.32
C VAL A 59 -8.95 -17.47 3.47
N GLU A 60 -9.42 -16.23 3.65
CA GLU A 60 -10.34 -15.89 4.72
C GLU A 60 -11.51 -15.15 4.11
N TYR A 61 -12.68 -15.77 4.23
CA TYR A 61 -13.86 -15.34 3.52
C TYR A 61 -14.77 -14.56 4.45
N GLY A 62 -14.26 -13.43 4.94
CA GLY A 62 -15.03 -12.54 5.79
C GLY A 62 -15.75 -11.46 4.98
N GLY A 63 -15.75 -11.65 3.67
CA GLY A 63 -16.51 -10.79 2.78
C GLY A 63 -15.62 -9.84 2.01
N ALA A 64 -15.07 -8.88 2.72
CA ALA A 64 -14.25 -7.87 2.11
C ALA A 64 -12.78 -8.11 2.38
N GLN A 65 -11.94 -7.46 1.59
CA GLN A 65 -10.51 -7.42 1.82
C GLN A 65 -10.20 -6.53 3.01
N ALA A 66 -10.81 -5.32 2.98
CA ALA A 66 -10.48 -4.18 3.87
C ALA A 66 -9.02 -3.77 3.69
N GLU A 67 -8.48 -4.01 2.51
CA GLU A 67 -7.07 -3.81 2.25
C GLU A 67 -6.85 -2.61 1.35
N TRP A 68 -5.66 -2.56 0.74
CA TRP A 68 -5.30 -1.45 -0.11
C TRP A 68 -5.78 -1.70 -1.54
N HIS A 69 -7.01 -1.28 -1.80
CA HIS A 69 -7.63 -1.35 -3.12
C HIS A 69 -8.81 -0.37 -3.20
N GLU A 70 -9.75 -0.52 -2.26
CA GLU A 70 -11.02 0.22 -2.31
C GLU A 70 -10.89 1.59 -1.66
N GLN A 71 -10.83 1.61 -0.33
CA GLN A 71 -10.79 2.85 0.45
C GLN A 71 -9.37 3.41 0.56
N ALA A 72 -8.40 2.64 0.05
CA ALA A 72 -7.00 3.03 -0.01
C ALA A 72 -6.78 4.25 -0.92
N GLU A 73 -7.71 4.45 -1.88
CA GLU A 73 -7.71 5.61 -2.79
C GLU A 73 -7.70 6.95 -2.05
N LYS A 74 -8.38 7.01 -0.90
CA LYS A 74 -8.45 8.24 -0.09
C LYS A 74 -7.14 8.45 0.65
N VAL A 75 -6.57 7.34 1.12
CA VAL A 75 -5.37 7.32 1.93
C VAL A 75 -4.11 7.63 1.09
N GLU A 76 -4.08 7.09 -0.13
CA GLU A 76 -2.95 7.24 -1.05
C GLU A 76 -2.81 8.69 -1.58
N ALA A 77 -3.96 9.37 -1.77
CA ALA A 77 -3.99 10.77 -2.19
C ALA A 77 -3.40 11.69 -1.12
N TYR A 78 -3.62 11.29 0.14
CA TYR A 78 -3.07 12.00 1.29
C TYR A 78 -1.56 11.79 1.40
N LEU A 79 -1.08 10.60 1.00
CA LEU A 79 0.36 10.28 0.95
C LEU A 79 1.08 11.20 -0.06
N VAL A 80 0.48 11.37 -1.25
CA VAL A 80 1.07 12.18 -2.31
C VAL A 80 1.18 13.65 -1.91
N GLU A 81 0.15 14.20 -1.23
CA GLU A 81 0.19 15.60 -0.80
C GLU A 81 1.11 15.81 0.43
N LYS A 82 1.32 14.75 1.22
CA LYS A 82 2.25 14.81 2.36
C LYS A 82 3.69 14.74 1.91
N GLN A 83 3.92 13.99 0.81
CA GLN A 83 5.26 13.72 0.23
C GLN A 83 6.13 12.89 1.19
N ASP A 84 5.50 12.32 2.21
CA ASP A 84 6.24 11.73 3.32
C ASP A 84 5.48 10.54 3.89
N PRO A 85 6.14 9.35 3.96
CA PRO A 85 5.52 8.11 4.45
C PRO A 85 5.36 8.00 5.97
N THR A 86 5.74 9.02 6.73
CA THR A 86 5.60 8.94 8.18
C THR A 86 4.95 10.21 8.76
N ASP A 87 4.49 11.12 7.88
CA ASP A 87 3.83 12.34 8.33
C ASP A 87 2.33 12.08 8.48
N ILE A 88 1.98 11.52 9.63
CA ILE A 88 0.62 11.09 9.92
C ILE A 88 0.50 10.85 11.44
N LYS A 89 -0.67 11.14 12.01
CA LYS A 89 -0.89 10.93 13.43
C LYS A 89 -2.23 10.22 13.65
N TYR A 90 -2.19 9.15 14.43
CA TYR A 90 -3.37 8.34 14.71
C TYR A 90 -3.80 8.49 16.15
N LYS A 91 -5.11 8.54 16.35
CA LYS A 91 -5.69 8.53 17.68
C LYS A 91 -6.56 7.29 17.84
N ASP A 92 -5.94 6.16 18.19
CA ASP A 92 -6.63 4.87 18.12
C ASP A 92 -5.88 3.81 18.92
N ASN A 93 -6.38 2.57 18.92
CA ASN A 93 -5.67 1.41 19.46
C ASN A 93 -4.75 0.80 18.42
N ASP A 94 -5.03 1.04 17.13
CA ASP A 94 -4.34 0.33 16.06
C ASP A 94 -3.74 1.34 15.10
N GLY A 95 -4.57 2.26 14.59
CA GLY A 95 -4.09 3.20 13.60
C GLY A 95 -5.19 3.87 12.82
N HIS A 96 -6.08 4.58 13.50
CA HIS A 96 -7.10 5.38 12.84
C HIS A 96 -6.76 6.84 12.94
N THR A 97 -6.84 7.52 11.82
CA THR A 97 -6.45 8.91 11.74
C THR A 97 -7.67 9.79 11.48
N ASP A 98 -7.64 11.00 12.03
CA ASP A 98 -8.71 11.96 11.86
C ASP A 98 -8.38 12.91 10.70
N ALA A 99 -7.14 12.78 10.19
CA ALA A 99 -6.65 13.58 9.08
C ALA A 99 -7.18 13.05 7.76
N ILE A 100 -7.30 11.71 7.66
CA ILE A 100 -8.01 11.10 6.55
C ILE A 100 -9.35 10.56 7.06
N SER A 101 -10.33 11.45 7.15
CA SER A 101 -11.66 11.09 7.62
C SER A 101 -12.45 10.47 6.46
N GLY A 102 -12.52 9.14 6.49
CA GLY A 102 -13.12 8.39 5.41
C GLY A 102 -12.56 6.99 5.32
N ALA A 103 -11.43 6.77 6.00
CA ALA A 103 -10.82 5.46 6.08
C ALA A 103 -11.40 4.66 7.25
N THR A 104 -11.83 3.45 6.97
CA THR A 104 -12.46 2.58 7.96
C THR A 104 -11.43 1.58 8.52
N ILE A 105 -10.45 1.20 7.69
CA ILE A 105 -9.39 0.30 8.11
C ILE A 105 -8.24 1.11 8.73
N LYS A 106 -7.44 0.45 9.56
CA LYS A 106 -6.26 1.05 10.14
C LYS A 106 -5.20 1.40 9.06
N VAL A 107 -4.93 2.69 8.98
CA VAL A 107 -4.04 3.33 8.00
C VAL A 107 -2.55 3.11 8.36
N LYS A 108 -2.32 2.59 9.57
CA LYS A 108 -0.97 2.37 10.12
C LYS A 108 -0.09 1.47 9.23
N LYS A 109 -0.70 0.49 8.56
CA LYS A 109 0.03 -0.47 7.72
C LYS A 109 0.45 0.17 6.39
N PHE A 110 -0.36 1.11 5.88
CA PHE A 110 -0.05 1.81 4.64
C PHE A 110 1.21 2.65 4.79
N PHE A 111 1.22 3.50 5.82
CA PHE A 111 2.34 4.40 6.07
C PHE A 111 3.57 3.63 6.57
N ASP A 112 3.35 2.49 7.25
CA ASP A 112 4.44 1.61 7.76
C ASP A 112 5.25 1.05 6.61
N LEU A 113 4.52 0.51 5.64
CA LEU A 113 5.08 -0.18 4.50
C LEU A 113 5.63 0.78 3.46
N ALA A 114 5.08 2.01 3.44
CA ALA A 114 5.64 3.09 2.64
C ALA A 114 7.05 3.47 3.11
N GLN A 115 7.27 3.47 4.44
CA GLN A 115 8.59 3.77 5.04
C GLN A 115 9.62 2.69 4.70
N LYS A 116 9.14 1.46 4.60
CA LYS A 116 9.97 0.30 4.27
C LYS A 116 10.36 0.28 2.78
N ALA A 117 9.54 0.91 1.94
CA ALA A 117 9.85 1.06 0.52
C ALA A 117 10.93 2.12 0.30
N LEU A 118 10.80 3.24 1.01
CA LEU A 118 11.71 4.39 0.85
C LEU A 118 12.92 4.33 1.80
N LYS A 119 13.22 3.13 2.31
CA LYS A 119 14.31 2.94 3.28
C LYS A 119 15.71 3.17 2.66
N ASP A 120 15.90 2.75 1.42
CA ASP A 120 17.17 2.92 0.72
C ASP A 120 17.10 4.05 -0.30
N ALA A 121 15.85 4.33 -0.74
CA ALA A 121 15.53 5.33 -1.77
C ALA A 121 16.25 5.09 -3.12
N GLU A 122 16.58 3.83 -3.40
CA GLU A 122 17.18 3.44 -4.67
C GLU A 122 16.58 2.14 -5.21
N LYS A 123 15.48 1.71 -4.58
CA LYS A 123 14.88 0.42 -4.86
C LYS A 123 14.02 0.45 -6.13
N LEU A 124 14.14 -0.59 -6.94
CA LEU A 124 13.29 -0.74 -8.10
C LEU A 124 12.71 -2.14 -8.14
N GLU A 125 11.39 -2.23 -8.24
CA GLU A 125 10.69 -3.51 -8.30
C GLU A 125 9.42 -3.41 -9.15
N HIS A 126 8.67 -4.52 -9.20
CA HIS A 126 7.52 -4.67 -10.11
C HIS A 126 6.32 -3.80 -9.69
N HIS A 127 5.62 -3.30 -10.71
CA HIS A 127 4.33 -2.61 -10.56
C HIS A 127 3.72 -2.35 -11.94
N HIS A 128 2.42 -2.14 -12.01
CA HIS A 128 1.77 -1.65 -13.23
C HIS A 128 0.82 -0.52 -12.87
N HIS A 129 1.27 0.70 -13.11
CA HIS A 129 0.51 1.89 -12.72
C HIS A 129 -0.39 2.37 -13.89
N HIS A 130 0.09 3.39 -14.63
CA HIS A 130 -0.70 4.11 -15.63
C HIS A 130 0.19 5.18 -16.28
N HIS A 131 -0.18 5.57 -17.50
CA HIS A 131 0.44 6.68 -18.22
C HIS A 131 0.33 8.00 -17.42
N MET A 1 15.74 10.63 -2.22
CA MET A 1 15.63 9.57 -3.24
C MET A 1 15.79 10.13 -4.63
N LYS A 2 16.16 9.23 -5.55
CA LYS A 2 16.21 9.53 -6.96
C LYS A 2 14.84 9.24 -7.56
N ASP A 3 14.67 9.51 -8.85
CA ASP A 3 13.44 9.10 -9.52
C ASP A 3 13.47 7.59 -9.76
N GLY A 4 12.51 6.90 -9.16
CA GLY A 4 12.43 5.46 -9.28
C GLY A 4 11.13 4.92 -8.76
N THR A 5 11.14 3.70 -8.26
CA THR A 5 9.97 3.11 -7.62
C THR A 5 10.44 2.18 -6.51
N TYR A 6 9.87 2.31 -5.34
CA TYR A 6 10.39 1.65 -4.15
C TYR A 6 9.26 0.96 -3.44
N TYR A 7 9.26 -0.36 -3.48
CA TYR A 7 8.18 -1.10 -2.85
C TYR A 7 8.70 -1.75 -1.58
N ALA A 8 7.80 -1.94 -0.63
CA ALA A 8 8.08 -2.74 0.54
C ALA A 8 6.90 -3.63 0.82
N GLU A 9 7.18 -4.87 1.17
CA GLU A 9 6.13 -5.82 1.48
C GLU A 9 6.19 -6.18 2.96
N ALA A 10 5.03 -6.55 3.48
CA ALA A 10 4.88 -6.88 4.88
C ALA A 10 5.63 -8.16 5.23
N ASP A 11 6.10 -8.25 6.46
CA ASP A 11 6.91 -9.37 6.94
C ASP A 11 6.06 -10.64 7.10
N ASP A 12 4.81 -10.43 7.50
CA ASP A 12 3.82 -11.51 7.54
C ASP A 12 2.71 -11.24 6.52
N PHE A 13 1.76 -12.16 6.43
CA PHE A 13 0.56 -11.95 5.63
C PHE A 13 -0.57 -11.52 6.55
N ASP A 14 -1.50 -10.73 6.02
CA ASP A 14 -2.67 -10.31 6.78
C ASP A 14 -3.65 -11.49 6.93
N GLU A 15 -4.69 -11.30 7.75
CA GLU A 15 -5.58 -12.39 8.16
C GLU A 15 -6.47 -12.92 7.02
N SER A 16 -6.71 -12.09 5.99
CA SER A 16 -7.47 -12.54 4.82
C SER A 16 -6.57 -13.13 3.72
N GLY A 17 -5.27 -13.26 4.03
CA GLY A 17 -4.35 -13.94 3.15
C GLY A 17 -3.72 -13.03 2.12
N TRP A 18 -3.38 -11.80 2.53
CA TRP A 18 -2.82 -10.81 1.60
C TRP A 18 -1.64 -10.08 2.25
N LYS A 19 -0.50 -10.10 1.58
CA LYS A 19 0.69 -9.39 2.05
C LYS A 19 0.63 -7.95 1.59
N ASP A 20 0.61 -7.03 2.55
CA ASP A 20 0.49 -5.60 2.27
C ASP A 20 1.74 -5.09 1.58
N THR A 21 1.57 -4.41 0.46
CA THR A 21 2.71 -3.82 -0.24
C THR A 21 2.40 -2.38 -0.57
N VAL A 22 3.39 -1.53 -0.32
CA VAL A 22 3.26 -0.10 -0.58
C VAL A 22 4.40 0.31 -1.50
N THR A 23 4.04 0.57 -2.76
CA THR A 23 5.00 0.87 -3.79
C THR A 23 5.05 2.38 -4.05
N ILE A 24 6.13 3.01 -3.67
CA ILE A 24 6.26 4.46 -3.77
C ILE A 24 6.92 4.83 -5.11
N GLU A 25 6.17 5.46 -5.98
CA GLU A 25 6.69 5.86 -7.27
C GLU A 25 7.14 7.32 -7.24
N VAL A 26 8.44 7.47 -7.42
CA VAL A 26 9.10 8.76 -7.35
C VAL A 26 9.54 9.20 -8.76
N LYS A 27 9.31 10.47 -9.07
CA LYS A 27 9.73 11.06 -10.33
C LYS A 27 10.09 12.51 -10.07
N ASN A 28 11.23 12.94 -10.63
CA ASN A 28 11.76 14.32 -10.46
C ASN A 28 12.18 14.61 -9.02
N GLY A 29 12.61 13.55 -8.30
CA GLY A 29 13.04 13.69 -6.92
C GLY A 29 11.93 13.43 -5.89
N LYS A 30 10.67 13.62 -6.28
CA LYS A 30 9.56 13.59 -5.33
C LYS A 30 8.53 12.53 -5.70
N ILE A 31 7.66 12.19 -4.76
CA ILE A 31 6.61 11.19 -4.99
C ILE A 31 5.56 11.74 -5.95
N VAL A 32 5.34 11.05 -7.04
CA VAL A 32 4.31 11.47 -7.97
C VAL A 32 3.10 10.55 -7.88
N SER A 33 3.32 9.32 -7.45
CA SER A 33 2.28 8.31 -7.38
C SER A 33 2.63 7.25 -6.35
N VAL A 34 1.63 6.48 -5.97
CA VAL A 34 1.85 5.32 -5.12
C VAL A 34 0.93 4.18 -5.59
N ASP A 35 1.54 3.01 -5.66
CA ASP A 35 0.89 1.80 -6.12
C ASP A 35 0.50 0.97 -4.91
N TRP A 36 -0.75 0.58 -4.89
CA TRP A 36 -1.33 -0.16 -3.79
C TRP A 36 -1.69 -1.55 -4.25
N ASN A 37 -1.04 -2.53 -3.63
CA ASN A 37 -1.18 -3.90 -4.06
C ASN A 37 -1.03 -4.85 -2.86
N ALA A 38 -1.34 -6.12 -3.07
CA ALA A 38 -1.13 -7.16 -2.08
C ALA A 38 -0.64 -8.44 -2.76
N ILE A 39 -0.14 -9.40 -1.98
CA ILE A 39 0.35 -10.67 -2.54
C ILE A 39 -0.42 -11.83 -1.91
N ASN A 40 -0.84 -12.81 -2.71
CA ASN A 40 -1.65 -13.93 -2.22
C ASN A 40 -0.82 -14.89 -1.35
N LYS A 41 -1.40 -15.24 -0.20
CA LYS A 41 -0.75 -16.08 0.83
C LYS A 41 -0.60 -17.54 0.38
N ASP A 42 -1.63 -18.04 -0.29
CA ASP A 42 -1.72 -19.45 -0.67
C ASP A 42 -0.67 -19.81 -1.73
N GLY A 43 -0.46 -18.92 -2.68
CA GLY A 43 0.57 -19.12 -3.67
C GLY A 43 0.22 -18.56 -5.04
N GLY A 44 -0.85 -17.77 -5.11
CA GLY A 44 -1.26 -17.14 -6.36
C GLY A 44 -0.48 -15.88 -6.68
N ASP A 45 -1.09 -15.02 -7.49
CA ASP A 45 -0.41 -13.83 -7.98
C ASP A 45 -0.72 -12.62 -7.08
N ASP A 46 -0.46 -11.42 -7.57
CA ASP A 46 -0.73 -10.20 -6.83
C ASP A 46 -2.22 -9.87 -6.88
N LYS A 47 -2.67 -9.02 -5.97
CA LYS A 47 -4.08 -8.65 -5.85
C LYS A 47 -4.57 -7.82 -7.04
N ASP A 48 -3.66 -7.04 -7.63
CA ASP A 48 -3.97 -6.27 -8.84
C ASP A 48 -4.10 -7.19 -10.05
N THR A 49 -3.22 -8.18 -10.14
CA THR A 49 -3.25 -9.17 -11.22
C THR A 49 -4.47 -10.08 -11.12
N LEU A 50 -4.79 -10.53 -9.91
CA LEU A 50 -5.97 -11.35 -9.66
C LEU A 50 -7.28 -10.59 -9.89
N SER A 51 -7.30 -9.28 -9.60
CA SER A 51 -8.48 -8.46 -9.85
C SER A 51 -8.71 -8.23 -11.35
N ARG A 52 -7.62 -7.98 -12.11
CA ARG A 52 -7.74 -7.68 -13.56
C ARG A 52 -8.05 -8.93 -14.38
N ASN A 53 -7.61 -10.10 -13.91
CA ASN A 53 -7.91 -11.37 -14.58
C ASN A 53 -9.27 -11.93 -14.18
N GLY A 54 -9.75 -11.53 -13.00
CA GLY A 54 -11.03 -12.01 -12.51
C GLY A 54 -10.92 -13.30 -11.71
N GLY A 55 -9.73 -13.56 -11.17
CA GLY A 55 -9.51 -14.73 -10.34
C GLY A 55 -9.19 -14.34 -8.90
N TYR A 56 -9.88 -13.32 -8.43
CA TYR A 56 -9.67 -12.75 -7.10
C TYR A 56 -10.31 -13.64 -6.01
N LYS A 57 -9.46 -14.44 -5.36
CA LYS A 57 -9.90 -15.30 -4.26
C LYS A 57 -9.26 -14.88 -2.95
N MET A 58 -10.05 -14.93 -1.87
CA MET A 58 -9.56 -14.62 -0.52
C MET A 58 -9.65 -15.86 0.35
N VAL A 59 -8.93 -15.88 1.47
CA VAL A 59 -9.08 -16.99 2.42
C VAL A 59 -10.18 -16.65 3.45
N GLU A 60 -10.43 -15.36 3.63
CA GLU A 60 -11.48 -14.87 4.50
C GLU A 60 -12.55 -14.17 3.68
N TYR A 61 -13.76 -14.67 3.78
CA TYR A 61 -14.89 -14.14 3.02
C TYR A 61 -15.53 -12.97 3.75
N GLY A 62 -14.96 -11.80 3.52
CA GLY A 62 -15.39 -10.60 4.21
C GLY A 62 -14.24 -9.63 4.41
N GLY A 63 -13.02 -10.14 4.18
CA GLY A 63 -11.84 -9.29 4.21
C GLY A 63 -11.41 -8.90 2.83
N ALA A 64 -12.30 -8.21 2.11
CA ALA A 64 -12.03 -7.77 0.75
C ALA A 64 -11.19 -6.51 0.75
N GLN A 65 -11.56 -5.58 1.62
CA GLN A 65 -10.85 -4.31 1.78
C GLN A 65 -10.04 -4.34 3.09
N ALA A 66 -9.26 -5.42 3.26
CA ALA A 66 -8.53 -5.67 4.52
C ALA A 66 -7.08 -5.21 4.46
N GLU A 67 -6.65 -4.71 3.30
CA GLU A 67 -5.29 -4.27 3.08
C GLU A 67 -5.30 -3.17 1.99
N TRP A 68 -4.19 -3.01 1.25
CA TRP A 68 -4.04 -1.91 0.33
C TRP A 68 -4.39 -2.31 -1.09
N HIS A 69 -5.69 -2.42 -1.31
CA HIS A 69 -6.28 -2.51 -2.63
C HIS A 69 -7.75 -2.17 -2.50
N GLU A 70 -8.24 -1.34 -3.45
CA GLU A 70 -9.65 -0.85 -3.53
C GLU A 70 -9.95 0.27 -2.51
N GLN A 71 -9.79 -0.02 -1.21
CA GLN A 71 -10.04 0.97 -0.15
C GLN A 71 -8.82 1.89 0.03
N ALA A 72 -7.68 1.42 -0.49
CA ALA A 72 -6.42 2.14 -0.43
C ALA A 72 -6.41 3.41 -1.27
N GLU A 73 -7.32 3.49 -2.26
CA GLU A 73 -7.46 4.64 -3.17
C GLU A 73 -7.67 5.99 -2.42
N LYS A 74 -8.41 5.96 -1.31
CA LYS A 74 -8.61 7.15 -0.48
C LYS A 74 -7.36 7.51 0.32
N VAL A 75 -6.65 6.47 0.75
CA VAL A 75 -5.45 6.60 1.58
C VAL A 75 -4.24 7.10 0.75
N GLU A 76 -4.13 6.59 -0.48
CA GLU A 76 -3.00 6.88 -1.37
C GLU A 76 -2.99 8.32 -1.87
N ALA A 77 -4.18 8.92 -2.05
CA ALA A 77 -4.31 10.32 -2.46
C ALA A 77 -3.74 11.27 -1.42
N TYR A 78 -3.83 10.85 -0.15
CA TYR A 78 -3.28 11.59 0.97
C TYR A 78 -1.74 11.45 1.02
N LEU A 79 -1.20 10.31 0.60
CA LEU A 79 0.26 10.10 0.53
C LEU A 79 0.88 11.00 -0.55
N VAL A 80 0.21 11.09 -1.70
CA VAL A 80 0.68 11.90 -2.84
C VAL A 80 0.61 13.41 -2.52
N GLU A 81 -0.38 13.84 -1.73
CA GLU A 81 -0.47 15.25 -1.34
C GLU A 81 0.53 15.59 -0.22
N LYS A 82 0.84 14.62 0.65
CA LYS A 82 1.73 14.85 1.80
C LYS A 82 3.19 14.86 1.41
N GLN A 83 3.54 14.04 0.40
CA GLN A 83 4.93 13.86 -0.11
C GLN A 83 5.83 13.19 0.94
N ASP A 84 5.22 12.63 1.98
CA ASP A 84 5.96 12.15 3.13
C ASP A 84 5.28 10.89 3.68
N PRO A 85 6.00 9.76 3.74
CA PRO A 85 5.47 8.47 4.21
C PRO A 85 5.35 8.31 5.73
N THR A 86 5.67 9.34 6.52
CA THR A 86 5.58 9.20 7.96
C THR A 86 4.74 10.33 8.60
N ASP A 87 4.38 11.37 7.84
CA ASP A 87 3.60 12.48 8.38
C ASP A 87 2.12 12.15 8.36
N ILE A 88 1.64 11.70 9.53
CA ILE A 88 0.29 11.21 9.70
C ILE A 88 -0.02 11.09 11.20
N LYS A 89 -1.27 11.28 11.58
CA LYS A 89 -1.68 11.10 12.97
C LYS A 89 -2.88 10.15 13.06
N TYR A 90 -2.79 9.18 13.97
CA TYR A 90 -3.88 8.27 14.24
C TYR A 90 -4.40 8.48 15.66
N LYS A 91 -5.64 8.06 15.88
CA LYS A 91 -6.23 8.02 17.21
C LYS A 91 -6.99 6.70 17.37
N ASP A 92 -6.27 5.65 17.76
CA ASP A 92 -6.79 4.29 17.68
C ASP A 92 -5.93 3.37 18.54
N ASN A 93 -6.27 2.08 18.58
CA ASN A 93 -5.44 1.07 19.22
C ASN A 93 -4.41 0.53 18.21
N ASP A 94 -4.61 0.79 16.92
CA ASP A 94 -3.73 0.28 15.88
C ASP A 94 -3.28 1.39 14.96
N GLY A 95 -4.24 2.14 14.38
CA GLY A 95 -3.88 3.10 13.37
C GLY A 95 -5.04 3.57 12.50
N HIS A 96 -6.18 3.89 13.09
CA HIS A 96 -7.25 4.59 12.38
C HIS A 96 -7.03 6.08 12.48
N THR A 97 -7.07 6.73 11.33
CA THR A 97 -6.67 8.11 11.23
C THR A 97 -7.88 9.04 11.15
N ASP A 98 -7.73 10.20 11.79
CA ASP A 98 -8.77 11.24 11.77
C ASP A 98 -8.59 12.14 10.54
N ALA A 99 -7.43 12.02 9.90
CA ALA A 99 -7.07 12.83 8.75
C ALA A 99 -7.65 12.28 7.45
N ILE A 100 -7.67 10.95 7.30
CA ILE A 100 -8.26 10.32 6.12
C ILE A 100 -9.63 9.74 6.48
N SER A 101 -10.67 10.52 6.21
CA SER A 101 -12.05 10.10 6.41
C SER A 101 -12.50 9.21 5.25
N GLY A 102 -12.75 7.94 5.56
CA GLY A 102 -13.16 6.97 4.56
C GLY A 102 -12.42 5.65 4.70
N ALA A 103 -11.26 5.69 5.33
CA ALA A 103 -10.43 4.49 5.52
C ALA A 103 -10.95 3.64 6.69
N THR A 104 -11.46 2.46 6.35
CA THR A 104 -12.06 1.55 7.33
C THR A 104 -11.02 0.57 7.90
N ILE A 105 -9.97 0.31 7.15
CA ILE A 105 -8.86 -0.49 7.63
C ILE A 105 -7.78 0.45 8.19
N LYS A 106 -7.05 -0.01 9.21
CA LYS A 106 -5.99 0.77 9.86
C LYS A 106 -4.84 1.12 8.91
N VAL A 107 -4.64 2.42 8.78
CA VAL A 107 -3.73 3.06 7.82
C VAL A 107 -2.26 3.02 8.31
N LYS A 108 -2.07 2.54 9.54
CA LYS A 108 -0.75 2.41 10.16
C LYS A 108 0.19 1.53 9.32
N LYS A 109 -0.37 0.48 8.71
CA LYS A 109 0.40 -0.45 7.88
C LYS A 109 0.87 0.22 6.57
N PHE A 110 0.04 1.13 6.02
CA PHE A 110 0.32 1.81 4.76
C PHE A 110 1.53 2.73 4.90
N PHE A 111 1.46 3.62 5.89
CA PHE A 111 2.53 4.57 6.12
C PHE A 111 3.78 3.89 6.69
N ASP A 112 3.61 2.77 7.41
CA ASP A 112 4.73 1.96 7.93
C ASP A 112 5.58 1.42 6.80
N LEU A 113 4.92 0.74 5.87
CA LEU A 113 5.57 0.09 4.74
C LEU A 113 6.05 1.10 3.70
N ALA A 114 5.41 2.28 3.65
CA ALA A 114 5.87 3.40 2.83
C ALA A 114 7.21 3.96 3.32
N GLN A 115 7.39 4.01 4.65
CA GLN A 115 8.65 4.41 5.29
C GLN A 115 9.76 3.43 4.96
N LYS A 116 9.41 2.15 4.98
CA LYS A 116 10.35 1.05 4.77
C LYS A 116 10.78 0.94 3.31
N ALA A 117 9.92 1.40 2.40
CA ALA A 117 10.18 1.40 0.97
C ALA A 117 11.32 2.35 0.58
N LEU A 118 11.36 3.52 1.22
CA LEU A 118 12.30 4.57 0.85
C LEU A 118 13.56 4.57 1.73
N LYS A 119 13.77 3.49 2.50
CA LYS A 119 14.93 3.38 3.41
C LYS A 119 16.27 3.35 2.67
N ASP A 120 16.28 2.82 1.45
CA ASP A 120 17.49 2.74 0.64
C ASP A 120 17.51 3.84 -0.41
N ALA A 121 16.30 4.24 -0.84
CA ALA A 121 16.06 5.19 -1.94
C ALA A 121 16.58 4.71 -3.31
N GLU A 122 17.01 3.45 -3.38
CA GLU A 122 17.32 2.75 -4.63
C GLU A 122 16.97 1.27 -4.44
N LYS A 123 15.70 0.93 -4.64
CA LYS A 123 15.24 -0.45 -4.46
C LYS A 123 14.71 -0.99 -5.79
N LEU A 124 13.84 -2.01 -5.74
CA LEU A 124 13.27 -2.60 -6.96
C LEU A 124 12.24 -1.67 -7.59
N GLU A 125 12.62 -1.08 -8.72
CA GLU A 125 11.84 -0.06 -9.40
C GLU A 125 10.92 -0.69 -10.44
N HIS A 126 9.92 0.09 -10.90
CA HIS A 126 9.04 -0.34 -12.00
C HIS A 126 9.84 -0.46 -13.27
N HIS A 127 10.00 -1.70 -13.74
CA HIS A 127 10.95 -2.04 -14.80
C HIS A 127 10.51 -1.51 -16.18
N HIS A 128 9.20 -1.45 -16.40
CA HIS A 128 8.66 -1.09 -17.70
C HIS A 128 8.10 0.35 -17.68
N HIS A 129 7.62 0.77 -16.51
CA HIS A 129 6.99 2.08 -16.36
C HIS A 129 8.04 3.17 -16.06
N HIS A 130 9.22 2.76 -15.66
CA HIS A 130 10.26 3.72 -15.32
C HIS A 130 11.58 3.26 -15.96
N HIS A 131 12.32 4.22 -16.52
CA HIS A 131 13.61 3.90 -17.15
C HIS A 131 14.76 4.42 -16.27
N MET A 1 16.18 10.71 -2.01
CA MET A 1 15.12 10.17 -2.89
C MET A 1 15.49 10.38 -4.34
N LYS A 2 15.76 9.29 -5.03
CA LYS A 2 16.01 9.32 -6.47
C LYS A 2 14.77 8.82 -7.18
N ASP A 3 14.56 9.28 -8.41
CA ASP A 3 13.36 8.92 -9.17
C ASP A 3 13.35 7.44 -9.57
N GLY A 4 12.50 6.69 -8.88
CA GLY A 4 12.43 5.27 -9.09
C GLY A 4 11.11 4.72 -8.61
N THR A 5 11.10 3.45 -8.25
CA THR A 5 9.88 2.81 -7.79
C THR A 5 10.20 1.94 -6.57
N TYR A 6 9.73 2.39 -5.43
CA TYR A 6 9.98 1.72 -4.16
C TYR A 6 8.83 0.81 -3.86
N TYR A 7 9.14 -0.36 -3.35
CA TYR A 7 8.10 -1.29 -3.00
C TYR A 7 8.51 -2.01 -1.72
N ALA A 8 7.54 -2.25 -0.85
CA ALA A 8 7.75 -3.05 0.34
C ALA A 8 6.54 -3.90 0.61
N GLU A 9 6.77 -5.08 1.11
CA GLU A 9 5.72 -6.05 1.36
C GLU A 9 5.57 -6.27 2.86
N ALA A 10 4.34 -6.56 3.30
CA ALA A 10 4.02 -6.73 4.73
C ALA A 10 4.83 -7.88 5.35
N ASP A 11 5.03 -7.79 6.67
CA ASP A 11 5.90 -8.72 7.41
C ASP A 11 5.40 -10.17 7.30
N ASP A 12 4.08 -10.33 7.41
CA ASP A 12 3.43 -11.60 7.18
C ASP A 12 2.36 -11.40 6.09
N PHE A 13 1.38 -12.30 6.02
CA PHE A 13 0.21 -12.13 5.17
C PHE A 13 -0.98 -11.79 6.04
N ASP A 14 -2.07 -11.37 5.42
CA ASP A 14 -3.35 -11.16 6.12
C ASP A 14 -4.04 -12.52 6.35
N GLU A 15 -5.13 -12.52 7.09
CA GLU A 15 -5.95 -13.72 7.28
C GLU A 15 -6.82 -13.98 6.04
N SER A 16 -7.03 -12.94 5.22
CA SER A 16 -7.64 -13.12 3.89
C SER A 16 -6.58 -13.57 2.89
N GLY A 17 -5.32 -13.57 3.33
CA GLY A 17 -4.25 -14.13 2.54
C GLY A 17 -3.64 -13.14 1.59
N TRP A 18 -3.34 -11.94 2.09
CA TRP A 18 -2.75 -10.88 1.26
C TRP A 18 -1.63 -10.16 2.00
N LYS A 19 -0.43 -10.26 1.44
CA LYS A 19 0.74 -9.54 1.94
C LYS A 19 0.74 -8.16 1.34
N ASP A 20 0.30 -7.19 2.13
CA ASP A 20 0.02 -5.85 1.65
C ASP A 20 1.28 -5.11 1.24
N THR A 21 1.28 -4.58 0.03
CA THR A 21 2.46 -3.93 -0.51
C THR A 21 2.14 -2.48 -0.85
N VAL A 22 3.07 -1.60 -0.52
CA VAL A 22 2.92 -0.19 -0.81
C VAL A 22 4.02 0.24 -1.77
N THR A 23 3.58 0.59 -2.97
CA THR A 23 4.48 0.93 -4.04
C THR A 23 4.55 2.46 -4.20
N ILE A 24 5.70 3.02 -3.93
CA ILE A 24 5.90 4.46 -4.01
C ILE A 24 6.57 4.81 -5.34
N GLU A 25 5.88 5.54 -6.18
CA GLU A 25 6.42 6.00 -7.44
C GLU A 25 6.97 7.41 -7.28
N VAL A 26 8.25 7.54 -7.54
CA VAL A 26 8.96 8.79 -7.43
C VAL A 26 9.49 9.20 -8.81
N LYS A 27 9.22 10.44 -9.17
CA LYS A 27 9.68 11.01 -10.42
C LYS A 27 10.16 12.42 -10.14
N ASN A 28 11.39 12.72 -10.61
CA ASN A 28 12.07 14.01 -10.39
C ASN A 28 12.37 14.26 -8.92
N GLY A 29 12.76 13.18 -8.22
CA GLY A 29 13.17 13.27 -6.81
C GLY A 29 12.02 13.28 -5.80
N LYS A 30 10.78 13.42 -6.26
CA LYS A 30 9.64 13.54 -5.37
C LYS A 30 8.53 12.54 -5.72
N ILE A 31 7.67 12.24 -4.74
CA ILE A 31 6.58 11.27 -4.93
C ILE A 31 5.53 11.85 -5.89
N VAL A 32 5.24 11.12 -6.95
CA VAL A 32 4.26 11.57 -7.92
C VAL A 32 3.05 10.64 -7.93
N SER A 33 3.24 9.41 -7.44
CA SER A 33 2.20 8.39 -7.44
C SER A 33 2.45 7.40 -6.31
N VAL A 34 1.41 6.65 -5.98
CA VAL A 34 1.50 5.55 -5.04
C VAL A 34 0.46 4.47 -5.38
N ASP A 35 0.93 3.25 -5.41
CA ASP A 35 0.19 2.08 -5.85
C ASP A 35 -0.16 1.19 -4.67
N TRP A 36 -1.40 0.75 -4.62
CA TRP A 36 -1.87 -0.15 -3.58
C TRP A 36 -2.07 -1.56 -4.15
N ASN A 37 -1.32 -2.50 -3.60
CA ASN A 37 -1.32 -3.87 -4.10
C ASN A 37 -1.14 -4.83 -2.91
N ALA A 38 -1.17 -6.14 -3.17
CA ALA A 38 -0.89 -7.17 -2.16
C ALA A 38 -0.52 -8.48 -2.86
N ILE A 39 0.16 -9.40 -2.17
CA ILE A 39 0.53 -10.69 -2.77
C ILE A 39 -0.24 -11.83 -2.09
N ASN A 40 -0.73 -12.79 -2.86
CA ASN A 40 -1.63 -13.84 -2.34
C ASN A 40 -0.88 -14.95 -1.59
N LYS A 41 -1.46 -15.34 -0.45
CA LYS A 41 -0.89 -16.33 0.49
C LYS A 41 -1.04 -17.75 0.00
N ASP A 42 -2.16 -18.05 -0.66
CA ASP A 42 -2.52 -19.41 -1.07
C ASP A 42 -1.54 -19.95 -2.12
N GLY A 43 -1.05 -19.05 -2.95
CA GLY A 43 -0.09 -19.40 -3.97
C GLY A 43 -0.46 -18.77 -5.27
N GLY A 44 -0.89 -17.52 -5.19
CA GLY A 44 -1.33 -16.81 -6.37
C GLY A 44 -0.40 -15.67 -6.72
N ASP A 45 -0.92 -14.73 -7.49
CA ASP A 45 -0.17 -13.58 -7.95
C ASP A 45 -0.49 -12.36 -7.08
N ASP A 46 -0.35 -11.17 -7.67
CA ASP A 46 -0.65 -9.91 -6.99
C ASP A 46 -2.15 -9.65 -6.96
N LYS A 47 -2.55 -8.62 -6.24
CA LYS A 47 -3.93 -8.13 -6.20
C LYS A 47 -4.36 -7.66 -7.60
N ASP A 48 -3.44 -6.94 -8.27
CA ASP A 48 -3.64 -6.48 -9.65
C ASP A 48 -3.66 -7.66 -10.64
N THR A 49 -2.67 -8.56 -10.52
CA THR A 49 -2.48 -9.65 -11.47
C THR A 49 -3.58 -10.72 -11.35
N LEU A 50 -4.04 -10.99 -10.13
CA LEU A 50 -5.13 -11.94 -9.90
C LEU A 50 -6.48 -11.41 -10.37
N SER A 51 -6.70 -10.09 -10.27
CA SER A 51 -7.92 -9.47 -10.82
C SER A 51 -7.96 -9.54 -12.35
N ARG A 52 -6.77 -9.55 -12.98
CA ARG A 52 -6.63 -9.68 -14.42
C ARG A 52 -6.93 -11.11 -14.88
N ASN A 53 -6.41 -12.09 -14.11
CA ASN A 53 -6.54 -13.51 -14.46
C ASN A 53 -7.90 -14.09 -14.05
N GLY A 54 -8.59 -13.38 -13.15
CA GLY A 54 -9.87 -13.83 -12.66
C GLY A 54 -9.75 -14.80 -11.50
N GLY A 55 -8.59 -14.79 -10.84
CA GLY A 55 -8.33 -15.67 -9.73
C GLY A 55 -8.13 -14.91 -8.44
N TYR A 56 -8.86 -13.79 -8.30
CA TYR A 56 -8.86 -13.00 -7.06
C TYR A 56 -9.69 -13.72 -6.00
N LYS A 57 -9.00 -14.57 -5.25
CA LYS A 57 -9.59 -15.35 -4.19
C LYS A 57 -8.98 -14.98 -2.86
N MET A 58 -9.82 -14.82 -1.85
CA MET A 58 -9.37 -14.67 -0.49
C MET A 58 -9.35 -16.05 0.16
N VAL A 59 -8.35 -16.29 1.01
CA VAL A 59 -8.21 -17.59 1.67
C VAL A 59 -9.20 -17.73 2.84
N GLU A 60 -9.75 -16.59 3.25
CA GLU A 60 -10.85 -16.54 4.20
C GLU A 60 -11.81 -15.42 3.82
N TYR A 61 -13.08 -15.77 3.73
CA TYR A 61 -14.13 -14.78 3.48
C TYR A 61 -14.64 -14.17 4.80
N GLY A 62 -14.12 -14.70 5.90
CA GLY A 62 -14.34 -14.11 7.21
C GLY A 62 -13.07 -13.49 7.76
N GLY A 63 -12.23 -12.95 6.86
CA GLY A 63 -10.99 -12.31 7.26
C GLY A 63 -11.19 -10.83 7.53
N ALA A 64 -10.44 -10.00 6.81
CA ALA A 64 -10.50 -8.55 7.00
C ALA A 64 -11.46 -7.91 6.03
N GLN A 65 -11.17 -8.10 4.72
CA GLN A 65 -11.92 -7.48 3.60
C GLN A 65 -11.74 -5.96 3.63
N ALA A 66 -10.62 -5.57 4.22
CA ALA A 66 -10.25 -4.19 4.42
C ALA A 66 -9.00 -3.92 3.59
N GLU A 67 -9.04 -4.46 2.39
CA GLU A 67 -7.91 -4.52 1.48
C GLU A 67 -7.58 -3.13 0.94
N TRP A 68 -6.36 -2.97 0.45
CA TRP A 68 -5.95 -1.71 -0.15
C TRP A 68 -6.58 -1.56 -1.54
N HIS A 69 -7.76 -0.92 -1.54
CA HIS A 69 -8.58 -0.74 -2.74
C HIS A 69 -9.61 0.36 -2.46
N GLU A 70 -10.47 0.12 -1.46
CA GLU A 70 -11.59 1.02 -1.13
C GLU A 70 -11.13 2.24 -0.33
N GLN A 71 -10.73 2.02 0.92
CA GLN A 71 -10.25 3.10 1.80
C GLN A 71 -8.91 3.64 1.32
N ALA A 72 -8.15 2.78 0.64
CA ALA A 72 -6.80 3.09 0.18
C ALA A 72 -6.74 4.16 -0.89
N GLU A 73 -7.82 4.35 -1.67
CA GLU A 73 -7.87 5.42 -2.68
C GLU A 73 -7.80 6.82 -2.03
N LYS A 74 -8.40 6.96 -0.87
CA LYS A 74 -8.38 8.22 -0.14
C LYS A 74 -7.03 8.42 0.55
N VAL A 75 -6.47 7.31 1.02
CA VAL A 75 -5.20 7.31 1.75
C VAL A 75 -4.00 7.55 0.82
N GLU A 76 -4.05 7.01 -0.40
CA GLU A 76 -2.99 7.21 -1.40
C GLU A 76 -2.93 8.66 -1.89
N ALA A 77 -4.10 9.29 -2.05
CA ALA A 77 -4.19 10.71 -2.42
C ALA A 77 -3.61 11.59 -1.32
N TYR A 78 -3.79 11.14 -0.07
CA TYR A 78 -3.25 11.83 1.09
C TYR A 78 -1.71 11.68 1.16
N LEU A 79 -1.20 10.53 0.71
CA LEU A 79 0.25 10.28 0.65
C LEU A 79 0.90 11.21 -0.37
N VAL A 80 0.24 11.40 -1.52
CA VAL A 80 0.73 12.30 -2.57
C VAL A 80 0.79 13.75 -2.08
N GLU A 81 -0.26 14.23 -1.41
CA GLU A 81 -0.30 15.63 -0.96
C GLU A 81 0.65 15.89 0.24
N LYS A 82 1.00 14.83 0.99
CA LYS A 82 1.98 14.96 2.08
C LYS A 82 3.40 14.98 1.56
N GLN A 83 3.65 14.22 0.46
CA GLN A 83 4.99 14.00 -0.14
C GLN A 83 5.91 13.22 0.79
N ASP A 84 5.32 12.62 1.83
CA ASP A 84 6.08 12.07 2.93
C ASP A 84 5.33 10.89 3.56
N PRO A 85 5.97 9.68 3.55
CA PRO A 85 5.36 8.45 4.09
C PRO A 85 5.34 8.32 5.62
N THR A 86 5.71 9.36 6.37
CA THR A 86 5.70 9.28 7.82
C THR A 86 5.02 10.50 8.48
N ASP A 87 4.48 11.42 7.67
CA ASP A 87 3.77 12.58 8.21
C ASP A 87 2.29 12.25 8.36
N ILE A 88 1.95 11.71 9.52
CA ILE A 88 0.60 11.22 9.80
C ILE A 88 0.42 11.01 11.32
N LYS A 89 -0.80 11.23 11.82
CA LYS A 89 -1.11 10.98 13.21
C LYS A 89 -2.32 10.04 13.31
N TYR A 90 -2.15 9.00 14.12
CA TYR A 90 -3.24 8.10 14.44
C TYR A 90 -3.65 8.32 15.88
N LYS A 91 -4.94 8.41 16.10
CA LYS A 91 -5.47 8.52 17.45
C LYS A 91 -6.35 7.31 17.76
N ASP A 92 -5.69 6.20 18.05
CA ASP A 92 -6.35 4.93 18.28
C ASP A 92 -5.38 4.00 19.00
N ASN A 93 -5.82 2.78 19.30
CA ASN A 93 -4.94 1.77 19.86
C ASN A 93 -4.32 0.90 18.75
N ASP A 94 -4.65 1.20 17.50
CA ASP A 94 -4.11 0.48 16.36
C ASP A 94 -3.45 1.45 15.40
N GLY A 95 -4.28 2.27 14.75
CA GLY A 95 -3.81 3.09 13.67
C GLY A 95 -4.94 3.70 12.88
N HIS A 96 -5.93 4.24 13.59
CA HIS A 96 -7.03 4.95 12.95
C HIS A 96 -6.72 6.43 12.91
N THR A 97 -6.85 7.02 11.74
CA THR A 97 -6.48 8.39 11.53
C THR A 97 -7.70 9.29 11.39
N ASP A 98 -7.60 10.47 11.98
CA ASP A 98 -8.65 11.48 11.91
C ASP A 98 -8.39 12.42 10.72
N ALA A 99 -7.15 12.39 10.24
CA ALA A 99 -6.67 13.35 9.26
C ALA A 99 -7.05 12.96 7.82
N ILE A 100 -7.26 11.68 7.56
CA ILE A 100 -7.62 11.22 6.22
C ILE A 100 -9.13 10.97 6.12
N SER A 101 -9.78 11.77 5.29
CA SER A 101 -11.22 11.64 5.01
C SER A 101 -11.49 10.43 4.13
N GLY A 102 -12.32 9.52 4.62
CA GLY A 102 -12.64 8.30 3.89
C GLY A 102 -11.96 7.06 4.44
N ALA A 103 -10.96 7.26 5.30
CA ALA A 103 -10.20 6.16 5.86
C ALA A 103 -10.75 5.74 7.22
N THR A 104 -11.39 4.58 7.27
CA THR A 104 -11.92 4.03 8.52
C THR A 104 -11.13 2.81 8.99
N ILE A 105 -10.22 2.35 8.14
CA ILE A 105 -9.38 1.18 8.42
C ILE A 105 -8.10 1.62 9.15
N LYS A 106 -7.40 0.65 9.78
CA LYS A 106 -6.00 0.78 10.16
C LYS A 106 -5.10 1.22 8.99
N VAL A 107 -4.82 2.51 8.98
CA VAL A 107 -4.00 3.17 7.96
C VAL A 107 -2.50 3.07 8.34
N LYS A 108 -2.26 2.55 9.56
CA LYS A 108 -0.92 2.37 10.11
C LYS A 108 -0.06 1.50 9.19
N LYS A 109 -0.64 0.43 8.66
CA LYS A 109 0.07 -0.51 7.79
C LYS A 109 0.47 0.11 6.44
N PHE A 110 -0.35 1.03 5.91
CA PHE A 110 -0.03 1.74 4.68
C PHE A 110 1.23 2.60 4.83
N PHE A 111 1.25 3.46 5.84
CA PHE A 111 2.38 4.37 6.06
C PHE A 111 3.61 3.65 6.59
N ASP A 112 3.41 2.54 7.31
CA ASP A 112 4.52 1.69 7.80
C ASP A 112 5.27 1.07 6.64
N LEU A 113 4.53 0.50 5.70
CA LEU A 113 5.11 -0.17 4.54
C LEU A 113 5.63 0.83 3.51
N ALA A 114 5.10 2.04 3.53
CA ALA A 114 5.63 3.14 2.74
C ALA A 114 7.00 3.59 3.23
N GLN A 115 7.20 3.58 4.56
CA GLN A 115 8.50 3.92 5.15
C GLN A 115 9.55 2.85 4.88
N LYS A 116 9.09 1.61 4.79
CA LYS A 116 9.94 0.47 4.47
C LYS A 116 10.31 0.45 2.98
N ALA A 117 9.47 1.07 2.15
CA ALA A 117 9.72 1.18 0.71
C ALA A 117 10.89 2.15 0.42
N LEU A 118 10.87 3.31 1.06
CA LEU A 118 11.87 4.36 0.81
C LEU A 118 13.09 4.24 1.74
N LYS A 119 13.39 3.03 2.21
CA LYS A 119 14.50 2.79 3.14
C LYS A 119 15.87 3.02 2.49
N ASP A 120 16.00 2.73 1.20
CA ASP A 120 17.26 2.90 0.50
C ASP A 120 17.26 4.15 -0.37
N ALA A 121 16.04 4.59 -0.75
CA ALA A 121 15.80 5.72 -1.66
C ALA A 121 16.53 5.61 -3.04
N GLU A 122 16.74 4.37 -3.50
CA GLU A 122 17.40 4.11 -4.77
C GLU A 122 16.75 2.96 -5.54
N LYS A 123 15.60 2.52 -5.06
CA LYS A 123 14.98 1.28 -5.54
C LYS A 123 14.14 1.54 -6.77
N LEU A 124 14.16 0.60 -7.71
CA LEU A 124 13.29 0.64 -8.89
C LEU A 124 12.57 -0.69 -9.04
N GLU A 125 11.27 -0.61 -9.28
CA GLU A 125 10.42 -1.78 -9.36
C GLU A 125 9.56 -1.74 -10.64
N HIS A 126 8.50 -2.53 -10.65
CA HIS A 126 7.66 -2.70 -11.83
C HIS A 126 6.28 -2.11 -11.58
N HIS A 127 5.38 -2.25 -12.58
CA HIS A 127 3.95 -1.82 -12.51
C HIS A 127 3.80 -0.29 -12.39
N HIS A 128 4.82 0.46 -12.79
CA HIS A 128 4.79 1.90 -12.61
C HIS A 128 4.60 2.63 -13.94
N HIS A 129 4.53 3.95 -13.85
CA HIS A 129 4.33 4.84 -14.98
C HIS A 129 5.03 6.17 -14.67
N HIS A 130 4.53 7.27 -15.22
CA HIS A 130 4.92 8.60 -14.79
C HIS A 130 3.67 9.47 -14.63
N HIS A 131 3.37 9.83 -13.39
CA HIS A 131 2.21 10.68 -13.09
C HIS A 131 2.56 11.68 -11.99
N MET A 1 15.78 10.53 -1.74
CA MET A 1 14.97 9.71 -2.66
C MET A 1 15.23 10.14 -4.10
N LYS A 2 15.36 9.17 -4.99
CA LYS A 2 15.67 9.46 -6.39
C LYS A 2 14.52 9.06 -7.30
N ASP A 3 14.63 9.40 -8.58
CA ASP A 3 13.67 8.97 -9.60
C ASP A 3 13.73 7.45 -9.77
N GLY A 4 12.65 6.80 -9.40
CA GLY A 4 12.56 5.36 -9.49
C GLY A 4 11.31 4.84 -8.82
N THR A 5 11.03 3.57 -9.02
CA THR A 5 9.86 2.95 -8.43
C THR A 5 10.29 2.03 -7.29
N TYR A 6 9.77 2.30 -6.11
CA TYR A 6 10.16 1.58 -4.89
C TYR A 6 8.99 0.75 -4.40
N TYR A 7 9.23 -0.45 -3.88
CA TYR A 7 8.15 -1.19 -3.24
C TYR A 7 8.67 -1.92 -2.00
N ALA A 8 7.79 -2.15 -1.04
CA ALA A 8 8.11 -2.98 0.10
C ALA A 8 6.92 -3.88 0.42
N GLU A 9 7.20 -5.09 0.86
CA GLU A 9 6.14 -6.04 1.22
C GLU A 9 6.15 -6.32 2.71
N ALA A 10 4.97 -6.64 3.24
CA ALA A 10 4.79 -6.93 4.66
C ALA A 10 5.48 -8.25 4.99
N ASP A 11 6.00 -8.35 6.21
CA ASP A 11 6.83 -9.48 6.63
C ASP A 11 6.07 -10.80 6.61
N ASP A 12 4.84 -10.77 7.10
CA ASP A 12 3.95 -11.91 7.08
C ASP A 12 2.69 -11.56 6.28
N PHE A 13 1.93 -12.58 5.85
CA PHE A 13 0.62 -12.35 5.25
C PHE A 13 -0.40 -12.05 6.34
N ASP A 14 -1.48 -11.37 5.97
CA ASP A 14 -2.50 -11.00 6.94
C ASP A 14 -3.54 -12.14 7.11
N GLU A 15 -4.60 -11.88 7.89
CA GLU A 15 -5.72 -12.80 8.09
C GLU A 15 -6.40 -13.20 6.77
N SER A 16 -6.69 -12.21 5.89
CA SER A 16 -7.40 -12.47 4.62
C SER A 16 -6.48 -13.07 3.55
N GLY A 17 -5.20 -13.20 3.87
CA GLY A 17 -4.28 -13.91 3.02
C GLY A 17 -3.65 -13.04 1.96
N TRP A 18 -3.22 -11.85 2.37
CA TRP A 18 -2.51 -10.94 1.47
C TRP A 18 -1.34 -10.28 2.21
N LYS A 19 -0.23 -10.15 1.51
CA LYS A 19 0.89 -9.30 1.93
C LYS A 19 0.65 -7.87 1.45
N ASP A 20 0.80 -6.90 2.34
CA ASP A 20 0.75 -5.49 1.94
C ASP A 20 1.95 -5.15 1.11
N THR A 21 1.74 -4.53 -0.03
CA THR A 21 2.86 -3.98 -0.74
C THR A 21 2.53 -2.53 -1.05
N VAL A 22 3.47 -1.66 -0.77
CA VAL A 22 3.28 -0.25 -1.01
C VAL A 22 4.33 0.21 -2.00
N THR A 23 3.86 0.46 -3.21
CA THR A 23 4.73 0.88 -4.27
C THR A 23 4.75 2.40 -4.36
N ILE A 24 5.89 2.97 -4.02
CA ILE A 24 6.08 4.39 -4.04
C ILE A 24 6.66 4.79 -5.38
N GLU A 25 5.89 5.57 -6.13
CA GLU A 25 6.31 6.03 -7.43
C GLU A 25 6.94 7.41 -7.29
N VAL A 26 8.25 7.45 -7.46
CA VAL A 26 8.98 8.69 -7.27
C VAL A 26 9.55 9.18 -8.60
N LYS A 27 9.15 10.38 -8.97
CA LYS A 27 9.64 11.00 -10.17
C LYS A 27 10.40 12.26 -9.80
N ASN A 28 11.66 12.33 -10.31
CA ASN A 28 12.68 13.36 -10.00
C ASN A 28 13.30 13.09 -8.63
N GLY A 29 12.47 13.24 -7.62
CA GLY A 29 12.84 13.00 -6.24
C GLY A 29 11.64 13.16 -5.32
N LYS A 30 10.45 13.23 -5.92
CA LYS A 30 9.19 13.45 -5.20
C LYS A 30 8.20 12.34 -5.54
N ILE A 31 7.35 11.97 -4.58
CA ILE A 31 6.32 10.96 -4.82
C ILE A 31 5.20 11.55 -5.70
N VAL A 32 5.07 11.04 -6.91
CA VAL A 32 4.09 11.57 -7.83
C VAL A 32 2.86 10.67 -7.91
N SER A 33 2.96 9.48 -7.28
CA SER A 33 1.88 8.50 -7.23
C SER A 33 2.22 7.43 -6.21
N VAL A 34 1.21 6.76 -5.67
CA VAL A 34 1.44 5.58 -4.87
C VAL A 34 0.50 4.45 -5.34
N ASP A 35 1.12 3.31 -5.60
CA ASP A 35 0.46 2.15 -6.12
C ASP A 35 0.19 1.16 -4.99
N TRP A 36 -1.06 0.80 -4.82
CA TRP A 36 -1.44 -0.17 -3.82
C TRP A 36 -1.68 -1.54 -4.43
N ASN A 37 -0.87 -2.48 -4.00
CA ASN A 37 -0.88 -3.84 -4.50
C ASN A 37 -0.81 -4.78 -3.30
N ALA A 38 -1.07 -6.06 -3.52
CA ALA A 38 -0.96 -7.07 -2.48
C ALA A 38 -0.40 -8.36 -3.10
N ILE A 39 0.01 -9.32 -2.27
CA ILE A 39 0.44 -10.65 -2.78
C ILE A 39 -0.40 -11.72 -2.09
N ASN A 40 -0.96 -12.65 -2.85
CA ASN A 40 -1.84 -13.69 -2.29
C ASN A 40 -1.06 -14.75 -1.50
N LYS A 41 -1.63 -15.18 -0.37
CA LYS A 41 -1.04 -16.14 0.59
C LYS A 41 -0.72 -17.49 -0.04
N ASP A 42 -1.56 -17.90 -1.00
CA ASP A 42 -1.37 -19.16 -1.75
C ASP A 42 -0.04 -19.15 -2.54
N GLY A 43 0.37 -17.96 -2.97
CA GLY A 43 1.59 -17.84 -3.75
C GLY A 43 1.32 -17.87 -5.23
N GLY A 44 0.10 -17.47 -5.60
CA GLY A 44 -0.29 -17.47 -7.00
C GLY A 44 0.20 -16.23 -7.72
N ASP A 45 -0.65 -15.23 -7.80
CA ASP A 45 -0.27 -13.97 -8.41
C ASP A 45 -0.30 -12.83 -7.40
N ASP A 46 0.00 -11.64 -7.91
CA ASP A 46 -0.19 -10.40 -7.17
C ASP A 46 -1.66 -10.01 -7.20
N LYS A 47 -2.02 -8.96 -6.46
CA LYS A 47 -3.37 -8.44 -6.45
C LYS A 47 -3.75 -7.94 -7.85
N ASP A 48 -2.80 -7.25 -8.50
CA ASP A 48 -2.96 -6.74 -9.86
C ASP A 48 -3.28 -7.86 -10.84
N THR A 49 -2.43 -8.89 -10.91
CA THR A 49 -2.55 -9.98 -11.88
C THR A 49 -3.80 -10.84 -11.63
N LEU A 50 -4.18 -11.00 -10.35
CA LEU A 50 -5.39 -11.71 -9.98
C LEU A 50 -6.65 -10.93 -10.37
N SER A 51 -6.59 -9.60 -10.32
CA SER A 51 -7.72 -8.77 -10.75
C SER A 51 -7.85 -8.78 -12.29
N ARG A 52 -6.73 -8.98 -12.99
CA ARG A 52 -6.72 -9.05 -14.46
C ARG A 52 -7.37 -10.35 -14.96
N ASN A 53 -7.13 -11.46 -14.24
CA ASN A 53 -7.68 -12.76 -14.61
C ASN A 53 -9.10 -12.97 -14.08
N GLY A 54 -9.36 -12.48 -12.88
CA GLY A 54 -10.62 -12.75 -12.21
C GLY A 54 -10.48 -13.75 -11.08
N GLY A 55 -9.28 -13.84 -10.52
CA GLY A 55 -9.01 -14.73 -9.41
C GLY A 55 -8.68 -13.99 -8.14
N TYR A 56 -9.22 -12.77 -7.99
CA TYR A 56 -9.07 -12.00 -6.76
C TYR A 56 -10.00 -12.59 -5.70
N LYS A 57 -9.41 -13.40 -4.82
CA LYS A 57 -10.15 -14.03 -3.74
C LYS A 57 -9.39 -13.90 -2.43
N MET A 58 -10.11 -13.51 -1.39
CA MET A 58 -9.58 -13.54 -0.04
C MET A 58 -9.85 -14.92 0.58
N VAL A 59 -9.12 -15.27 1.62
CA VAL A 59 -9.39 -16.53 2.32
C VAL A 59 -10.37 -16.28 3.48
N GLU A 60 -10.43 -15.04 3.95
CA GLU A 60 -11.37 -14.64 5.00
C GLU A 60 -12.44 -13.72 4.44
N TYR A 61 -13.68 -14.17 4.52
CA TYR A 61 -14.83 -13.43 4.03
C TYR A 61 -15.62 -12.81 5.19
N GLY A 62 -15.33 -13.27 6.40
CA GLY A 62 -16.06 -12.82 7.57
C GLY A 62 -15.41 -11.62 8.25
N GLY A 63 -15.31 -10.51 7.51
CA GLY A 63 -14.84 -9.27 8.08
C GLY A 63 -13.33 -9.11 7.98
N ALA A 64 -12.87 -8.71 6.81
CA ALA A 64 -11.46 -8.42 6.60
C ALA A 64 -11.29 -7.03 6.00
N GLN A 65 -11.13 -6.96 4.66
CA GLN A 65 -11.13 -5.70 3.87
C GLN A 65 -9.96 -4.77 4.26
N ALA A 66 -8.92 -5.37 4.83
CA ALA A 66 -7.88 -4.63 5.52
C ALA A 66 -6.69 -4.30 4.63
N GLU A 67 -6.44 -5.16 3.65
CA GLU A 67 -5.29 -4.96 2.77
C GLU A 67 -5.58 -3.91 1.72
N TRP A 68 -4.53 -3.47 1.04
CA TRP A 68 -4.62 -2.33 0.14
C TRP A 68 -5.10 -2.78 -1.22
N HIS A 69 -6.43 -2.88 -1.29
CA HIS A 69 -7.11 -3.41 -2.45
C HIS A 69 -8.44 -2.71 -2.70
N GLU A 70 -8.85 -1.85 -1.77
CA GLU A 70 -10.19 -1.26 -1.82
C GLU A 70 -10.21 0.11 -1.12
N GLN A 71 -9.97 0.10 0.20
CA GLN A 71 -10.08 1.31 1.02
C GLN A 71 -8.80 2.17 0.93
N ALA A 72 -7.79 1.61 0.27
CA ALA A 72 -6.50 2.25 0.04
C ALA A 72 -6.61 3.44 -0.92
N GLU A 73 -7.66 3.45 -1.76
CA GLU A 73 -7.93 4.54 -2.71
C GLU A 73 -8.12 5.90 -2.02
N LYS A 74 -8.67 5.90 -0.80
CA LYS A 74 -8.84 7.15 -0.04
C LYS A 74 -7.49 7.61 0.54
N VAL A 75 -6.70 6.61 0.94
CA VAL A 75 -5.42 6.81 1.61
C VAL A 75 -4.32 7.28 0.63
N GLU A 76 -4.37 6.78 -0.62
CA GLU A 76 -3.37 7.09 -1.65
C GLU A 76 -3.29 8.61 -1.96
N ALA A 77 -4.47 9.27 -1.97
CA ALA A 77 -4.56 10.70 -2.24
C ALA A 77 -3.92 11.52 -1.14
N TYR A 78 -3.99 11.00 0.09
CA TYR A 78 -3.43 11.65 1.26
C TYR A 78 -1.89 11.53 1.28
N LEU A 79 -1.37 10.41 0.79
CA LEU A 79 0.08 10.21 0.74
C LEU A 79 0.72 11.10 -0.32
N VAL A 80 0.05 11.26 -1.45
CA VAL A 80 0.55 12.10 -2.56
C VAL A 80 0.52 13.60 -2.19
N GLU A 81 -0.48 14.04 -1.41
CA GLU A 81 -0.54 15.44 -0.99
C GLU A 81 0.47 15.75 0.14
N LYS A 82 0.78 14.75 0.97
CA LYS A 82 1.68 14.95 2.11
C LYS A 82 3.15 14.87 1.72
N GLN A 83 3.45 14.02 0.72
CA GLN A 83 4.83 13.75 0.22
C GLN A 83 5.68 13.03 1.26
N ASP A 84 5.04 12.53 2.32
CA ASP A 84 5.76 12.05 3.50
C ASP A 84 5.08 10.78 4.02
N PRO A 85 5.79 9.63 3.94
CA PRO A 85 5.25 8.34 4.41
C PRO A 85 5.39 8.09 5.92
N THR A 86 5.86 9.09 6.66
CA THR A 86 5.97 8.94 8.11
C THR A 86 5.33 10.14 8.85
N ASP A 87 4.95 11.19 8.12
CA ASP A 87 4.21 12.30 8.72
C ASP A 87 2.73 11.99 8.71
N ILE A 88 2.29 11.44 9.83
CA ILE A 88 0.93 11.01 10.02
C ILE A 88 0.64 10.92 11.52
N LYS A 89 -0.56 11.30 11.90
CA LYS A 89 -0.95 11.28 13.30
C LYS A 89 -2.23 10.47 13.46
N TYR A 90 -2.12 9.34 14.17
CA TYR A 90 -3.26 8.49 14.44
C TYR A 90 -3.78 8.77 15.84
N LYS A 91 -5.08 8.64 16.00
CA LYS A 91 -5.73 8.75 17.31
C LYS A 91 -6.59 7.50 17.54
N ASP A 92 -5.94 6.41 17.95
CA ASP A 92 -6.57 5.10 17.94
C ASP A 92 -5.71 4.14 18.78
N ASN A 93 -6.16 2.90 18.90
CA ASN A 93 -5.38 1.81 19.47
C ASN A 93 -4.35 1.28 18.46
N ASP A 94 -4.65 1.39 17.15
CA ASP A 94 -3.83 0.78 16.12
C ASP A 94 -3.32 1.83 15.14
N GLY A 95 -4.25 2.62 14.58
CA GLY A 95 -3.88 3.52 13.51
C GLY A 95 -5.04 4.04 12.70
N HIS A 96 -6.12 4.47 13.35
CA HIS A 96 -7.22 5.13 12.66
C HIS A 96 -6.99 6.63 12.68
N THR A 97 -7.48 7.27 11.65
CA THR A 97 -7.31 8.69 11.46
C THR A 97 -8.59 9.29 10.88
N ASP A 98 -8.90 10.52 11.28
CA ASP A 98 -10.07 11.23 10.78
C ASP A 98 -9.66 12.23 9.70
N ALA A 99 -8.34 12.35 9.51
CA ALA A 99 -7.77 13.21 8.48
C ALA A 99 -8.02 12.61 7.11
N ILE A 100 -7.82 11.29 7.01
CA ILE A 100 -8.25 10.54 5.83
C ILE A 100 -9.71 10.14 6.01
N SER A 101 -10.59 10.94 5.42
CA SER A 101 -12.03 10.76 5.53
C SER A 101 -12.49 9.56 4.70
N GLY A 102 -12.94 8.52 5.40
CA GLY A 102 -13.45 7.34 4.74
C GLY A 102 -12.61 6.11 5.04
N ALA A 103 -11.48 6.29 5.74
CA ALA A 103 -10.61 5.18 6.10
C ALA A 103 -11.15 4.43 7.32
N THR A 104 -11.90 3.37 7.05
CA THR A 104 -12.55 2.57 8.08
C THR A 104 -11.58 1.51 8.65
N ILE A 105 -10.54 1.23 7.90
CA ILE A 105 -9.49 0.32 8.34
C ILE A 105 -8.28 1.13 8.82
N LYS A 106 -7.52 0.58 9.77
CA LYS A 106 -6.32 1.23 10.30
C LYS A 106 -5.20 1.40 9.23
N VAL A 107 -4.82 2.65 9.06
CA VAL A 107 -3.93 3.11 7.99
C VAL A 107 -2.44 2.95 8.38
N LYS A 108 -2.20 2.50 9.62
CA LYS A 108 -0.86 2.40 10.20
C LYS A 108 0.08 1.51 9.36
N LYS A 109 -0.46 0.41 8.81
CA LYS A 109 0.32 -0.54 8.02
C LYS A 109 0.70 0.01 6.63
N PHE A 110 -0.11 0.93 6.09
CA PHE A 110 0.19 1.58 4.80
C PHE A 110 1.44 2.46 4.91
N PHE A 111 1.43 3.36 5.90
CA PHE A 111 2.56 4.27 6.10
C PHE A 111 3.80 3.53 6.62
N ASP A 112 3.58 2.41 7.31
CA ASP A 112 4.67 1.56 7.85
C ASP A 112 5.49 0.95 6.72
N LEU A 113 4.78 0.43 5.72
CA LEU A 113 5.38 -0.23 4.59
C LEU A 113 5.94 0.76 3.57
N ALA A 114 5.31 1.94 3.50
CA ALA A 114 5.79 3.05 2.67
C ALA A 114 7.14 3.59 3.16
N GLN A 115 7.35 3.54 4.48
CA GLN A 115 8.64 3.92 5.09
C GLN A 115 9.75 2.95 4.70
N LYS A 116 9.42 1.65 4.70
CA LYS A 116 10.35 0.60 4.34
C LYS A 116 10.65 0.53 2.83
N ALA A 117 9.75 1.05 2.00
CA ALA A 117 10.00 1.16 0.56
C ALA A 117 11.13 2.16 0.26
N LEU A 118 11.25 3.17 1.12
CA LEU A 118 12.19 4.25 0.92
C LEU A 118 13.33 4.24 1.94
N LYS A 119 13.45 3.16 2.72
CA LYS A 119 14.51 3.06 3.75
C LYS A 119 15.90 2.89 3.13
N ASP A 120 15.96 2.27 1.96
CA ASP A 120 17.20 2.16 1.20
C ASP A 120 17.29 3.28 0.16
N ALA A 121 16.10 3.77 -0.26
CA ALA A 121 15.91 4.76 -1.34
C ALA A 121 16.56 4.34 -2.66
N GLU A 122 16.65 3.02 -2.88
CA GLU A 122 17.16 2.45 -4.13
C GLU A 122 16.58 1.05 -4.37
N LYS A 123 15.42 0.80 -3.77
CA LYS A 123 14.71 -0.47 -3.92
C LYS A 123 13.92 -0.48 -5.23
N LEU A 124 14.37 -1.27 -6.19
CA LEU A 124 13.84 -1.23 -7.54
C LEU A 124 12.56 -2.05 -7.71
N GLU A 125 11.77 -1.66 -8.72
CA GLU A 125 10.57 -2.35 -9.12
C GLU A 125 10.46 -2.32 -10.65
N HIS A 126 9.37 -2.86 -11.19
CA HIS A 126 9.15 -2.84 -12.63
C HIS A 126 7.80 -2.21 -12.95
N HIS A 127 7.80 -0.88 -12.91
CA HIS A 127 6.64 -0.07 -13.28
C HIS A 127 7.09 0.93 -14.35
N HIS A 128 6.22 1.85 -14.74
CA HIS A 128 6.61 2.94 -15.61
C HIS A 128 6.81 4.21 -14.77
N HIS A 129 5.91 5.19 -14.90
CA HIS A 129 5.86 6.38 -14.05
C HIS A 129 4.46 6.98 -14.09
N HIS A 130 3.65 6.58 -13.14
CA HIS A 130 2.27 6.99 -13.04
C HIS A 130 2.17 8.30 -12.25
N HIS A 131 1.13 9.10 -12.53
CA HIS A 131 0.87 10.31 -11.75
C HIS A 131 -0.32 10.07 -10.81
N MET A 1 16.19 10.77 -2.10
CA MET A 1 15.07 10.32 -2.95
C MET A 1 15.27 10.78 -4.39
N LYS A 2 15.66 9.85 -5.25
CA LYS A 2 15.79 10.10 -6.67
C LYS A 2 14.53 9.61 -7.39
N ASP A 3 14.45 9.78 -8.71
CA ASP A 3 13.33 9.24 -9.48
C ASP A 3 13.40 7.70 -9.53
N GLY A 4 12.46 7.08 -8.84
CA GLY A 4 12.43 5.65 -8.73
C GLY A 4 11.15 5.15 -8.09
N THR A 5 10.83 3.90 -8.35
CA THR A 5 9.62 3.27 -7.87
C THR A 5 9.95 2.36 -6.68
N TYR A 6 9.63 2.81 -5.49
CA TYR A 6 10.05 2.14 -4.25
C TYR A 6 8.91 1.33 -3.67
N TYR A 7 8.98 0.02 -3.70
CA TYR A 7 7.92 -0.77 -3.14
C TYR A 7 8.42 -1.61 -1.98
N ALA A 8 7.54 -1.87 -1.03
CA ALA A 8 7.82 -2.78 0.06
C ALA A 8 6.65 -3.70 0.28
N GLU A 9 6.92 -4.91 0.71
CA GLU A 9 5.89 -5.90 0.92
C GLU A 9 5.80 -6.24 2.39
N ALA A 10 4.61 -6.65 2.84
CA ALA A 10 4.37 -7.05 4.22
C ALA A 10 5.23 -8.25 4.60
N ASP A 11 5.52 -8.38 5.89
CA ASP A 11 6.43 -9.40 6.41
C ASP A 11 5.90 -10.80 6.13
N ASP A 12 4.64 -11.01 6.46
CA ASP A 12 3.91 -12.21 6.09
C ASP A 12 2.52 -11.78 5.59
N PHE A 13 1.62 -12.74 5.46
CA PHE A 13 0.29 -12.46 4.94
C PHE A 13 -0.65 -12.07 6.08
N ASP A 14 -1.44 -11.03 5.85
CA ASP A 14 -2.25 -10.41 6.91
C ASP A 14 -3.62 -11.14 7.05
N GLU A 15 -4.65 -10.42 7.47
CA GLU A 15 -5.92 -11.03 7.88
C GLU A 15 -6.79 -11.45 6.70
N SER A 16 -6.62 -10.82 5.54
CA SER A 16 -7.31 -11.29 4.34
C SER A 16 -6.40 -12.18 3.51
N GLY A 17 -5.19 -12.44 4.02
CA GLY A 17 -4.27 -13.34 3.35
C GLY A 17 -3.52 -12.66 2.24
N TRP A 18 -3.42 -11.34 2.30
CA TRP A 18 -2.68 -10.58 1.32
C TRP A 18 -1.42 -10.01 1.96
N LYS A 19 -0.44 -9.85 1.12
CA LYS A 19 0.79 -9.19 1.49
C LYS A 19 0.74 -7.81 0.90
N ASP A 20 0.34 -6.83 1.70
CA ASP A 20 0.14 -5.47 1.23
C ASP A 20 1.44 -4.81 0.87
N THR A 21 1.46 -4.26 -0.33
CA THR A 21 2.64 -3.58 -0.81
C THR A 21 2.30 -2.12 -1.03
N VAL A 22 3.20 -1.26 -0.59
CA VAL A 22 3.03 0.18 -0.74
C VAL A 22 4.13 0.70 -1.62
N THR A 23 3.75 1.11 -2.81
CA THR A 23 4.68 1.54 -3.81
C THR A 23 4.74 3.06 -3.87
N ILE A 24 5.85 3.61 -3.42
CA ILE A 24 6.06 5.04 -3.37
C ILE A 24 6.74 5.47 -4.66
N GLU A 25 6.02 6.25 -5.43
CA GLU A 25 6.49 6.67 -6.73
C GLU A 25 7.12 8.04 -6.64
N VAL A 26 8.42 8.08 -6.81
CA VAL A 26 9.16 9.32 -6.76
C VAL A 26 9.65 9.68 -8.16
N LYS A 27 9.48 10.94 -8.52
CA LYS A 27 9.84 11.47 -9.81
C LYS A 27 10.11 12.97 -9.64
N ASN A 28 11.26 13.44 -10.17
CA ASN A 28 11.73 14.85 -10.02
C ASN A 28 12.17 15.13 -8.57
N GLY A 29 12.61 14.07 -7.86
CA GLY A 29 13.04 14.19 -6.48
C GLY A 29 11.91 14.11 -5.45
N LYS A 30 10.67 14.20 -5.92
CA LYS A 30 9.48 14.31 -5.06
C LYS A 30 8.46 13.23 -5.40
N ILE A 31 7.50 12.99 -4.52
CA ILE A 31 6.52 11.93 -4.73
C ILE A 31 5.40 12.40 -5.69
N VAL A 32 5.18 11.65 -6.76
CA VAL A 32 4.14 11.98 -7.72
C VAL A 32 2.93 11.05 -7.58
N SER A 33 3.14 9.91 -6.92
CA SER A 33 2.11 8.88 -6.84
C SER A 33 2.41 7.92 -5.70
N VAL A 34 1.39 7.22 -5.25
CA VAL A 34 1.57 6.01 -4.49
C VAL A 34 0.61 4.95 -5.02
N ASP A 35 1.17 3.80 -5.30
CA ASP A 35 0.46 2.71 -5.93
C ASP A 35 0.20 1.61 -4.91
N TRP A 36 -1.03 1.12 -4.89
CA TRP A 36 -1.40 0.05 -3.99
C TRP A 36 -1.56 -1.25 -4.75
N ASN A 37 -0.96 -2.28 -4.18
CA ASN A 37 -0.99 -3.64 -4.73
C ASN A 37 -0.84 -4.60 -3.55
N ALA A 38 -1.12 -5.88 -3.76
CA ALA A 38 -0.94 -6.89 -2.72
C ALA A 38 -0.66 -8.25 -3.35
N ILE A 39 -0.17 -9.20 -2.57
CA ILE A 39 0.11 -10.56 -3.06
C ILE A 39 -0.66 -11.59 -2.21
N ASN A 40 -1.46 -12.43 -2.84
CA ASN A 40 -2.31 -13.36 -2.08
C ASN A 40 -1.61 -14.67 -1.77
N LYS A 41 -1.86 -15.16 -0.57
CA LYS A 41 -1.35 -16.41 -0.04
C LYS A 41 -1.85 -17.62 -0.84
N ASP A 42 -3.17 -17.73 -1.01
CA ASP A 42 -3.81 -18.89 -1.63
C ASP A 42 -3.48 -19.02 -3.11
N GLY A 43 -3.46 -17.88 -3.80
CA GLY A 43 -3.18 -17.84 -5.22
C GLY A 43 -1.69 -17.89 -5.50
N GLY A 44 -0.92 -17.19 -4.67
CA GLY A 44 0.52 -17.12 -4.84
C GLY A 44 0.94 -16.00 -5.78
N ASP A 45 -0.02 -15.21 -6.23
CA ASP A 45 0.23 -14.21 -7.24
C ASP A 45 -0.26 -12.84 -6.78
N ASP A 46 0.02 -11.82 -7.59
CA ASP A 46 -0.30 -10.44 -7.27
C ASP A 46 -1.77 -10.14 -7.53
N LYS A 47 -2.22 -9.03 -6.93
CA LYS A 47 -3.59 -8.51 -7.06
C LYS A 47 -3.97 -8.26 -8.51
N ASP A 48 -3.02 -7.76 -9.30
CA ASP A 48 -3.22 -7.48 -10.72
C ASP A 48 -3.48 -8.78 -11.51
N THR A 49 -2.62 -9.77 -11.31
CA THR A 49 -2.66 -11.02 -12.07
C THR A 49 -3.82 -11.92 -11.64
N LEU A 50 -4.17 -11.90 -10.36
CA LEU A 50 -5.30 -12.68 -9.86
C LEU A 50 -6.64 -12.16 -10.35
N SER A 51 -6.78 -10.84 -10.52
CA SER A 51 -7.98 -10.26 -11.10
C SER A 51 -8.04 -10.54 -12.61
N ARG A 52 -6.86 -10.68 -13.23
CA ARG A 52 -6.72 -10.98 -14.65
C ARG A 52 -7.11 -12.44 -14.96
N ASN A 53 -6.74 -13.36 -14.07
CA ASN A 53 -7.05 -14.79 -14.26
C ASN A 53 -8.44 -15.14 -13.76
N GLY A 54 -8.93 -14.38 -12.78
CA GLY A 54 -10.23 -14.65 -12.18
C GLY A 54 -10.11 -15.52 -10.95
N GLY A 55 -9.00 -15.38 -10.23
CA GLY A 55 -8.76 -16.16 -9.03
C GLY A 55 -8.44 -15.31 -7.82
N TYR A 56 -9.23 -14.26 -7.62
CA TYR A 56 -9.12 -13.40 -6.44
C TYR A 56 -9.61 -14.15 -5.20
N LYS A 57 -8.67 -14.62 -4.41
CA LYS A 57 -8.98 -15.24 -3.14
C LYS A 57 -8.69 -14.32 -1.98
N MET A 58 -9.41 -14.54 -0.89
CA MET A 58 -9.07 -13.98 0.42
C MET A 58 -9.18 -15.10 1.43
N VAL A 59 -8.54 -14.96 2.58
CA VAL A 59 -8.71 -15.95 3.64
C VAL A 59 -9.77 -15.49 4.64
N GLU A 60 -10.15 -14.22 4.55
CA GLU A 60 -11.23 -13.68 5.34
C GLU A 60 -12.05 -12.74 4.46
N TYR A 61 -13.29 -13.16 4.20
CA TYR A 61 -14.21 -12.39 3.38
C TYR A 61 -15.16 -11.59 4.25
N GLY A 62 -15.58 -12.21 5.35
CA GLY A 62 -16.67 -11.70 6.16
C GLY A 62 -16.22 -10.78 7.29
N GLY A 63 -15.07 -11.09 7.88
CA GLY A 63 -14.55 -10.30 8.99
C GLY A 63 -13.71 -9.12 8.53
N ALA A 64 -12.41 -9.20 8.77
CA ALA A 64 -11.51 -8.13 8.42
C ALA A 64 -10.91 -8.32 7.03
N GLN A 65 -11.48 -7.59 6.08
CA GLN A 65 -10.97 -7.52 4.72
C GLN A 65 -10.23 -6.19 4.49
N ALA A 66 -9.64 -5.67 5.57
CA ALA A 66 -9.06 -4.35 5.56
C ALA A 66 -7.59 -4.34 5.12
N GLU A 67 -7.40 -4.54 3.83
CA GLU A 67 -6.09 -4.45 3.19
C GLU A 67 -6.24 -3.52 1.97
N TRP A 68 -5.27 -3.49 1.04
CA TRP A 68 -5.34 -2.54 -0.08
C TRP A 68 -6.28 -3.01 -1.18
N HIS A 69 -7.53 -2.63 -0.98
CA HIS A 69 -8.63 -3.08 -1.81
C HIS A 69 -9.40 -1.85 -2.31
N GLU A 70 -10.61 -1.61 -1.77
CA GLU A 70 -11.41 -0.44 -2.17
C GLU A 70 -11.05 0.77 -1.31
N GLN A 71 -10.66 0.49 -0.07
CA GLN A 71 -10.42 1.51 0.95
C GLN A 71 -9.05 2.19 0.81
N ALA A 72 -8.25 1.67 -0.12
CA ALA A 72 -6.91 2.15 -0.41
C ALA A 72 -6.92 3.50 -1.15
N GLU A 73 -8.02 3.76 -1.87
CA GLU A 73 -8.22 4.98 -2.68
C GLU A 73 -8.18 6.26 -1.83
N LYS A 74 -8.69 6.18 -0.60
CA LYS A 74 -8.67 7.30 0.33
C LYS A 74 -7.25 7.61 0.82
N VAL A 75 -6.53 6.56 1.18
CA VAL A 75 -5.23 6.66 1.84
C VAL A 75 -4.13 7.11 0.86
N GLU A 76 -4.22 6.69 -0.40
CA GLU A 76 -3.20 7.00 -1.41
C GLU A 76 -3.16 8.51 -1.75
N ALA A 77 -4.33 9.16 -1.74
CA ALA A 77 -4.44 10.60 -2.04
C ALA A 77 -3.74 11.46 -0.99
N TYR A 78 -3.71 10.96 0.24
CA TYR A 78 -3.08 11.64 1.36
C TYR A 78 -1.54 11.66 1.25
N LEU A 79 -0.96 10.59 0.72
CA LEU A 79 0.50 10.48 0.60
C LEU A 79 1.03 11.44 -0.48
N VAL A 80 0.24 11.65 -1.54
CA VAL A 80 0.63 12.53 -2.64
C VAL A 80 0.63 14.00 -2.21
N GLU A 81 -0.29 14.40 -1.32
CA GLU A 81 -0.28 15.78 -0.80
C GLU A 81 0.79 15.99 0.28
N LYS A 82 1.08 14.95 1.09
CA LYS A 82 1.99 15.09 2.23
C LYS A 82 3.46 15.03 1.86
N GLN A 83 3.77 14.21 0.83
CA GLN A 83 5.15 13.97 0.33
C GLN A 83 6.04 13.26 1.36
N ASP A 84 5.44 12.69 2.41
CA ASP A 84 6.21 12.11 3.50
C ASP A 84 5.59 10.80 3.99
N PRO A 85 6.34 9.67 3.91
CA PRO A 85 5.85 8.32 4.26
C PRO A 85 5.85 8.01 5.77
N THR A 86 6.15 8.99 6.61
CA THR A 86 6.15 8.78 8.05
C THR A 86 5.42 9.93 8.79
N ASP A 87 4.88 10.89 8.04
CA ASP A 87 4.17 12.00 8.66
C ASP A 87 2.70 11.63 8.86
N ILE A 88 2.41 11.11 10.04
CA ILE A 88 1.08 10.65 10.38
C ILE A 88 0.92 10.57 11.90
N LYS A 89 -0.30 10.80 12.37
CA LYS A 89 -0.67 10.62 13.76
C LYS A 89 -2.04 9.92 13.80
N TYR A 90 -2.10 8.79 14.48
CA TYR A 90 -3.35 8.04 14.59
C TYR A 90 -4.03 8.32 15.92
N LYS A 91 -5.34 8.10 15.94
CA LYS A 91 -6.11 8.18 17.18
C LYS A 91 -6.96 6.93 17.31
N ASP A 92 -6.35 5.82 17.74
CA ASP A 92 -7.02 4.53 17.69
C ASP A 92 -6.21 3.51 18.49
N ASN A 93 -6.61 2.25 18.42
CA ASN A 93 -5.80 1.14 18.92
C ASN A 93 -5.40 0.21 17.76
N ASP A 94 -5.71 0.62 16.54
CA ASP A 94 -5.46 -0.19 15.34
C ASP A 94 -4.55 0.57 14.39
N GLY A 95 -4.92 1.81 14.12
CA GLY A 95 -4.16 2.63 13.21
C GLY A 95 -5.06 3.45 12.33
N HIS A 96 -6.11 4.03 12.90
CA HIS A 96 -7.05 4.84 12.13
C HIS A 96 -6.71 6.32 12.32
N THR A 97 -6.88 7.10 11.28
CA THR A 97 -6.45 8.49 11.31
C THR A 97 -7.62 9.41 10.98
N ASP A 98 -7.59 10.60 11.58
CA ASP A 98 -8.65 11.59 11.43
C ASP A 98 -8.29 12.56 10.31
N ALA A 99 -7.05 12.47 9.84
CA ALA A 99 -6.53 13.31 8.78
C ALA A 99 -7.17 12.97 7.43
N ILE A 100 -7.42 11.69 7.19
CA ILE A 100 -8.08 11.25 5.97
C ILE A 100 -9.56 11.03 6.24
N SER A 101 -10.39 11.85 5.59
CA SER A 101 -11.85 11.76 5.69
C SER A 101 -12.38 10.43 5.13
N GLY A 102 -12.84 9.58 6.04
CA GLY A 102 -13.44 8.32 5.65
C GLY A 102 -12.48 7.14 5.67
N ALA A 103 -11.28 7.33 6.25
CA ALA A 103 -10.33 6.24 6.38
C ALA A 103 -10.61 5.42 7.65
N THR A 104 -11.45 4.41 7.47
CA THR A 104 -11.86 3.53 8.55
C THR A 104 -10.99 2.26 8.56
N ILE A 105 -10.14 2.15 7.53
CA ILE A 105 -9.16 1.08 7.40
C ILE A 105 -7.86 1.51 8.15
N LYS A 106 -7.13 0.53 8.72
CA LYS A 106 -5.79 0.80 9.26
C LYS A 106 -4.83 1.41 8.22
N VAL A 107 -4.59 2.69 8.42
CA VAL A 107 -3.62 3.47 7.69
C VAL A 107 -2.21 3.21 8.27
N LYS A 108 -2.20 2.52 9.43
CA LYS A 108 -0.99 1.98 10.04
C LYS A 108 -0.27 1.03 9.08
N LYS A 109 -1.03 0.23 8.32
CA LYS A 109 -0.47 -0.68 7.29
C LYS A 109 0.19 0.12 6.15
N PHE A 110 -0.35 1.30 5.86
CA PHE A 110 0.15 2.14 4.78
C PHE A 110 1.50 2.74 5.10
N PHE A 111 1.59 3.50 6.20
CA PHE A 111 2.79 4.25 6.54
C PHE A 111 3.91 3.34 7.04
N ASP A 112 3.56 2.19 7.61
CA ASP A 112 4.54 1.18 8.02
C ASP A 112 5.29 0.63 6.81
N LEU A 113 4.51 0.26 5.80
CA LEU A 113 5.03 -0.31 4.56
C LEU A 113 5.71 0.76 3.69
N ALA A 114 5.24 2.00 3.81
CA ALA A 114 5.80 3.14 3.10
C ALA A 114 7.21 3.48 3.57
N GLN A 115 7.48 3.33 4.86
CA GLN A 115 8.82 3.58 5.42
C GLN A 115 9.82 2.50 5.02
N LYS A 116 9.32 1.27 4.84
CA LYS A 116 10.13 0.17 4.34
C LYS A 116 10.39 0.31 2.84
N ALA A 117 9.50 1.02 2.14
CA ALA A 117 9.66 1.25 0.70
C ALA A 117 10.87 2.12 0.40
N LEU A 118 11.06 3.19 1.19
CA LEU A 118 12.17 4.11 0.99
C LEU A 118 13.40 3.74 1.82
N LYS A 119 13.55 2.44 2.15
CA LYS A 119 14.74 1.94 2.85
C LYS A 119 16.01 2.08 1.99
N ASP A 120 15.86 1.97 0.67
CA ASP A 120 16.97 2.13 -0.24
C ASP A 120 16.98 3.53 -0.84
N ALA A 121 15.76 4.05 -1.09
CA ALA A 121 15.51 5.27 -1.91
C ALA A 121 16.24 5.26 -3.28
N GLU A 122 16.51 4.06 -3.80
CA GLU A 122 17.16 3.87 -5.09
C GLU A 122 16.49 2.73 -5.86
N LYS A 123 15.29 2.34 -5.40
CA LYS A 123 14.55 1.21 -5.96
C LYS A 123 13.81 1.65 -7.22
N LEU A 124 13.59 0.72 -8.15
CA LEU A 124 12.91 1.03 -9.40
C LEU A 124 12.18 -0.19 -9.95
N GLU A 125 10.87 -0.23 -9.78
CA GLU A 125 10.06 -1.30 -10.34
C GLU A 125 9.56 -0.91 -11.72
N HIS A 126 8.62 0.04 -11.75
CA HIS A 126 8.06 0.55 -12.99
C HIS A 126 7.28 1.81 -12.67
N HIS A 127 7.75 2.96 -13.15
CA HIS A 127 7.08 4.22 -12.88
C HIS A 127 5.80 4.37 -13.69
N HIS A 128 4.75 4.78 -13.00
CA HIS A 128 3.43 4.96 -13.56
C HIS A 128 3.29 6.35 -14.17
N HIS A 129 2.20 6.57 -14.89
CA HIS A 129 1.91 7.85 -15.53
C HIS A 129 1.00 8.72 -14.66
N HIS A 130 0.95 8.41 -13.37
CA HIS A 130 0.15 9.14 -12.40
C HIS A 130 0.83 10.47 -12.08
N HIS A 131 0.03 11.54 -12.16
CA HIS A 131 0.49 12.93 -12.03
C HIS A 131 1.11 13.20 -10.65
N MET A 1 15.32 10.68 -1.59
CA MET A 1 15.30 9.63 -2.63
C MET A 1 15.45 10.23 -4.01
N LYS A 2 15.59 9.36 -4.99
CA LYS A 2 15.81 9.75 -6.36
C LYS A 2 14.67 9.24 -7.21
N ASP A 3 14.48 9.77 -8.41
CA ASP A 3 13.37 9.39 -9.27
C ASP A 3 13.46 7.94 -9.74
N GLY A 4 12.38 7.23 -9.48
CA GLY A 4 12.26 5.84 -9.86
C GLY A 4 10.99 5.22 -9.36
N THR A 5 11.07 3.97 -8.93
CA THR A 5 9.92 3.26 -8.41
C THR A 5 10.36 2.40 -7.23
N TYR A 6 9.79 2.67 -6.06
CA TYR A 6 10.22 2.03 -4.82
C TYR A 6 9.09 1.19 -4.26
N TYR A 7 9.20 -0.13 -4.33
CA TYR A 7 8.12 -0.97 -3.82
C TYR A 7 8.61 -1.83 -2.65
N ALA A 8 7.73 -2.06 -1.69
CA ALA A 8 8.03 -2.96 -0.58
C ALA A 8 6.83 -3.83 -0.32
N GLU A 9 7.09 -5.05 0.14
CA GLU A 9 6.02 -5.99 0.48
C GLU A 9 6.04 -6.23 1.98
N ALA A 10 4.83 -6.38 2.55
CA ALA A 10 4.62 -6.42 4.01
C ALA A 10 5.43 -7.51 4.70
N ASP A 11 5.79 -7.21 5.95
CA ASP A 11 6.63 -8.08 6.76
C ASP A 11 5.88 -9.37 7.10
N ASP A 12 4.57 -9.24 7.30
CA ASP A 12 3.69 -10.37 7.55
C ASP A 12 2.40 -10.20 6.74
N PHE A 13 1.62 -11.27 6.65
CA PHE A 13 0.35 -11.25 5.92
C PHE A 13 -0.79 -10.73 6.80
N ASP A 14 -1.79 -10.13 6.18
CA ASP A 14 -2.98 -9.63 6.87
C ASP A 14 -3.93 -10.81 7.24
N GLU A 15 -5.13 -10.48 7.73
CA GLU A 15 -6.13 -11.42 8.21
C GLU A 15 -6.54 -12.44 7.14
N SER A 16 -6.80 -11.96 5.93
CA SER A 16 -7.21 -12.82 4.83
C SER A 16 -5.99 -13.28 3.99
N GLY A 17 -4.80 -13.04 4.52
CA GLY A 17 -3.58 -13.46 3.87
C GLY A 17 -3.24 -12.57 2.72
N TRP A 18 -3.03 -11.30 3.01
CA TRP A 18 -2.63 -10.35 2.01
C TRP A 18 -1.35 -9.65 2.47
N LYS A 19 -0.28 -9.85 1.72
CA LYS A 19 0.97 -9.16 1.97
C LYS A 19 0.93 -7.84 1.24
N ASP A 20 0.58 -6.81 1.97
CA ASP A 20 0.29 -5.50 1.41
C ASP A 20 1.55 -4.85 0.87
N THR A 21 1.49 -4.42 -0.36
CA THR A 21 2.63 -3.83 -1.02
C THR A 21 2.34 -2.38 -1.33
N VAL A 22 3.32 -1.54 -1.04
CA VAL A 22 3.18 -0.11 -1.25
C VAL A 22 4.26 0.33 -2.22
N THR A 23 3.82 0.69 -3.41
CA THR A 23 4.70 1.13 -4.46
C THR A 23 4.72 2.65 -4.52
N ILE A 24 5.84 3.22 -4.16
CA ILE A 24 6.02 4.66 -4.18
C ILE A 24 6.59 5.06 -5.54
N GLU A 25 5.84 5.85 -6.28
CA GLU A 25 6.29 6.35 -7.56
C GLU A 25 6.93 7.72 -7.35
N VAL A 26 8.23 7.76 -7.58
CA VAL A 26 9.02 8.95 -7.35
C VAL A 26 9.50 9.53 -8.68
N LYS A 27 9.38 10.84 -8.81
CA LYS A 27 9.88 11.54 -9.97
C LYS A 27 10.38 12.92 -9.53
N ASN A 28 11.62 13.25 -9.93
CA ASN A 28 12.36 14.48 -9.52
C ASN A 28 12.67 14.47 -8.03
N GLY A 29 12.92 13.27 -7.49
CA GLY A 29 13.29 13.09 -6.08
C GLY A 29 12.11 13.06 -5.13
N LYS A 30 10.92 13.39 -5.62
CA LYS A 30 9.72 13.51 -4.77
C LYS A 30 8.62 12.56 -5.22
N ILE A 31 7.70 12.26 -4.31
CA ILE A 31 6.62 11.30 -4.57
C ILE A 31 5.54 11.93 -5.45
N VAL A 32 5.41 11.44 -6.66
CA VAL A 32 4.43 12.00 -7.59
C VAL A 32 3.15 11.17 -7.61
N SER A 33 3.21 9.95 -7.09
CA SER A 33 2.09 9.04 -7.04
C SER A 33 2.41 7.87 -6.11
N VAL A 34 1.39 7.12 -5.74
CA VAL A 34 1.58 5.90 -4.98
C VAL A 34 0.54 4.86 -5.43
N ASP A 35 1.03 3.64 -5.59
CA ASP A 35 0.25 2.52 -6.10
C ASP A 35 0.11 1.46 -5.02
N TRP A 36 -1.10 1.02 -4.81
CA TRP A 36 -1.38 0.02 -3.80
C TRP A 36 -1.72 -1.32 -4.43
N ASN A 37 -1.30 -2.37 -3.74
CA ASN A 37 -1.42 -3.75 -4.22
C ASN A 37 -1.26 -4.69 -2.99
N ALA A 38 -1.52 -5.98 -3.15
CA ALA A 38 -1.32 -6.96 -2.08
C ALA A 38 -0.94 -8.32 -2.69
N ILE A 39 -0.40 -9.24 -1.91
CA ILE A 39 -0.06 -10.59 -2.42
C ILE A 39 -0.84 -11.64 -1.63
N ASN A 40 -1.46 -12.59 -2.31
CA ASN A 40 -2.28 -13.59 -1.63
C ASN A 40 -1.41 -14.70 -1.02
N LYS A 41 -1.80 -15.10 0.18
CA LYS A 41 -1.12 -16.11 0.99
C LYS A 41 -1.15 -17.49 0.34
N ASP A 42 -2.34 -17.92 -0.04
CA ASP A 42 -2.54 -19.24 -0.63
C ASP A 42 -2.20 -19.22 -2.13
N GLY A 43 -2.58 -18.13 -2.80
CA GLY A 43 -2.46 -18.03 -4.24
C GLY A 43 -1.04 -17.76 -4.70
N GLY A 44 -0.44 -16.70 -4.15
CA GLY A 44 0.92 -16.34 -4.50
C GLY A 44 0.99 -15.22 -5.51
N ASP A 45 -0.18 -14.80 -6.01
CA ASP A 45 -0.26 -13.75 -7.02
C ASP A 45 -0.61 -12.43 -6.40
N ASP A 46 -0.37 -11.37 -7.16
CA ASP A 46 -0.69 -10.01 -6.74
C ASP A 46 -2.19 -9.75 -6.85
N LYS A 47 -2.65 -8.68 -6.21
CA LYS A 47 -4.03 -8.21 -6.31
C LYS A 47 -4.35 -7.78 -7.74
N ASP A 48 -3.34 -7.16 -8.37
CA ASP A 48 -3.33 -6.86 -9.80
C ASP A 48 -3.59 -8.13 -10.63
N THR A 49 -2.80 -9.18 -10.37
CA THR A 49 -2.80 -10.38 -11.18
C THR A 49 -4.04 -11.25 -10.92
N LEU A 50 -4.53 -11.29 -9.68
CA LEU A 50 -5.72 -12.06 -9.30
C LEU A 50 -7.00 -11.45 -9.87
N SER A 51 -7.06 -10.12 -9.95
CA SER A 51 -8.19 -9.42 -10.54
C SER A 51 -8.20 -9.60 -12.07
N ARG A 52 -7.00 -9.75 -12.65
CA ARG A 52 -6.84 -9.97 -14.09
C ARG A 52 -7.14 -11.42 -14.49
N ASN A 53 -6.83 -12.37 -13.59
CA ASN A 53 -7.09 -13.80 -13.85
C ASN A 53 -8.52 -14.19 -13.54
N GLY A 54 -9.13 -13.48 -12.61
CA GLY A 54 -10.45 -13.85 -12.09
C GLY A 54 -10.34 -14.93 -11.04
N GLY A 55 -9.29 -14.85 -10.22
CA GLY A 55 -9.05 -15.83 -9.18
C GLY A 55 -8.85 -15.18 -7.84
N TYR A 56 -9.66 -14.16 -7.56
CA TYR A 56 -9.65 -13.44 -6.28
C TYR A 56 -10.29 -14.30 -5.19
N LYS A 57 -9.46 -15.13 -4.56
CA LYS A 57 -9.89 -15.98 -3.47
C LYS A 57 -9.25 -15.55 -2.16
N MET A 58 -10.10 -15.08 -1.25
CA MET A 58 -9.69 -14.71 0.08
C MET A 58 -9.73 -15.91 0.99
N VAL A 59 -8.77 -16.04 1.90
CA VAL A 59 -8.75 -17.17 2.80
C VAL A 59 -9.68 -16.92 4.00
N GLU A 60 -9.93 -15.63 4.27
CA GLU A 60 -10.81 -15.22 5.36
C GLU A 60 -11.76 -14.13 4.86
N TYR A 61 -13.04 -14.32 5.13
CA TYR A 61 -14.04 -13.36 4.65
C TYR A 61 -14.29 -12.25 5.68
N GLY A 62 -13.75 -12.44 6.89
CA GLY A 62 -13.86 -11.44 7.95
C GLY A 62 -12.90 -10.29 7.74
N GLY A 63 -11.65 -10.60 7.41
CA GLY A 63 -10.64 -9.57 7.21
C GLY A 63 -10.49 -9.19 5.74
N ALA A 64 -11.60 -8.83 5.11
CA ALA A 64 -11.63 -8.49 3.69
C ALA A 64 -11.52 -6.98 3.47
N GLN A 65 -11.89 -6.23 4.50
CA GLN A 65 -11.89 -4.76 4.47
C GLN A 65 -10.53 -4.20 4.90
N ALA A 66 -9.59 -5.09 5.24
CA ALA A 66 -8.34 -4.71 5.89
C ALA A 66 -7.15 -4.68 4.91
N GLU A 67 -7.45 -4.93 3.64
CA GLU A 67 -6.44 -4.89 2.58
C GLU A 67 -6.71 -3.71 1.62
N TRP A 68 -5.74 -3.42 0.76
CA TRP A 68 -5.84 -2.29 -0.17
C TRP A 68 -6.54 -2.70 -1.46
N HIS A 69 -7.82 -2.32 -1.58
CA HIS A 69 -8.58 -2.61 -2.79
C HIS A 69 -9.61 -1.51 -3.11
N GLU A 70 -10.21 -0.90 -2.09
CA GLU A 70 -11.24 0.12 -2.33
C GLU A 70 -10.96 1.40 -1.59
N GLN A 71 -10.92 1.34 -0.24
CA GLN A 71 -10.77 2.54 0.61
C GLN A 71 -9.35 3.11 0.62
N ALA A 72 -8.43 2.38 -0.04
CA ALA A 72 -7.05 2.80 -0.26
C ALA A 72 -6.94 4.08 -1.10
N GLU A 73 -7.98 4.37 -1.92
CA GLU A 73 -8.06 5.59 -2.73
C GLU A 73 -8.04 6.89 -1.89
N LYS A 74 -8.56 6.83 -0.66
CA LYS A 74 -8.55 7.96 0.25
C LYS A 74 -7.15 8.16 0.83
N VAL A 75 -6.49 7.03 1.07
CA VAL A 75 -5.18 6.97 1.72
C VAL A 75 -4.05 7.47 0.79
N GLU A 76 -4.14 7.12 -0.50
CA GLU A 76 -3.10 7.44 -1.48
C GLU A 76 -2.96 8.95 -1.72
N ALA A 77 -4.10 9.67 -1.77
CA ALA A 77 -4.14 11.12 -2.02
C ALA A 77 -3.46 11.91 -0.90
N TYR A 78 -3.54 11.40 0.33
CA TYR A 78 -2.96 12.04 1.50
C TYR A 78 -1.43 11.91 1.51
N LEU A 79 -0.92 10.81 0.98
CA LEU A 79 0.53 10.59 0.88
C LEU A 79 1.15 11.51 -0.19
N VAL A 80 0.39 11.80 -1.24
CA VAL A 80 0.84 12.70 -2.31
C VAL A 80 0.95 14.16 -1.83
N GLU A 81 0.03 14.61 -0.97
CA GLU A 81 0.12 15.97 -0.44
C GLU A 81 1.19 16.10 0.67
N LYS A 82 1.37 15.03 1.46
CA LYS A 82 2.30 15.08 2.60
C LYS A 82 3.75 14.88 2.19
N GLN A 83 3.97 14.06 1.14
CA GLN A 83 5.30 13.72 0.58
C GLN A 83 6.16 12.92 1.57
N ASP A 84 5.56 12.44 2.64
CA ASP A 84 6.30 11.88 3.73
C ASP A 84 5.60 10.62 4.26
N PRO A 85 6.32 9.46 4.21
CA PRO A 85 5.75 8.16 4.61
C PRO A 85 5.71 7.90 6.13
N THR A 86 6.04 8.88 6.95
CA THR A 86 5.97 8.69 8.41
C THR A 86 5.25 9.86 9.11
N ASP A 87 4.86 10.88 8.34
CA ASP A 87 4.06 11.98 8.88
C ASP A 87 2.59 11.58 8.86
N ILE A 88 2.14 11.06 9.99
CA ILE A 88 0.79 10.53 10.12
C ILE A 88 0.51 10.23 11.62
N LYS A 89 -0.74 10.38 12.03
CA LYS A 89 -1.13 10.10 13.41
C LYS A 89 -2.39 9.25 13.46
N TYR A 90 -2.33 8.18 14.24
CA TYR A 90 -3.48 7.27 14.41
C TYR A 90 -3.99 7.36 15.84
N LYS A 91 -5.29 7.20 16.00
CA LYS A 91 -5.91 7.21 17.32
C LYS A 91 -7.01 6.16 17.47
N ASP A 92 -6.60 4.89 17.61
CA ASP A 92 -7.50 3.79 18.03
C ASP A 92 -6.65 2.56 18.38
N ASN A 93 -7.26 1.38 18.35
CA ASN A 93 -6.58 0.11 18.62
C ASN A 93 -6.14 -0.61 17.32
N ASP A 94 -6.06 0.08 16.18
CA ASP A 94 -5.69 -0.57 14.91
C ASP A 94 -4.70 0.26 14.12
N GLY A 95 -5.14 1.45 13.73
CA GLY A 95 -4.39 2.29 12.84
C GLY A 95 -5.29 3.17 12.00
N HIS A 96 -6.35 3.65 12.60
CA HIS A 96 -7.27 4.59 11.96
C HIS A 96 -6.81 5.99 12.21
N THR A 97 -6.86 6.80 11.19
CA THR A 97 -6.35 8.15 11.26
C THR A 97 -7.50 9.14 11.08
N ASP A 98 -7.43 10.25 11.80
CA ASP A 98 -8.47 11.28 11.72
C ASP A 98 -8.10 12.28 10.62
N ALA A 99 -6.87 12.17 10.14
CA ALA A 99 -6.36 13.01 9.06
C ALA A 99 -6.94 12.57 7.72
N ILE A 100 -7.03 11.25 7.52
CA ILE A 100 -7.80 10.71 6.41
C ILE A 100 -9.14 10.23 6.97
N SER A 101 -10.11 11.15 6.96
CA SER A 101 -11.43 10.94 7.58
C SER A 101 -12.19 9.72 7.08
N GLY A 102 -12.24 9.55 5.76
CA GLY A 102 -13.03 8.46 5.17
C GLY A 102 -12.23 7.21 4.87
N ALA A 103 -11.08 7.03 5.53
CA ALA A 103 -10.31 5.79 5.43
C ALA A 103 -10.91 4.68 6.27
N THR A 104 -11.75 3.88 5.63
CA THR A 104 -12.36 2.71 6.25
C THR A 104 -11.42 1.51 6.09
N ILE A 105 -10.36 1.56 6.90
CA ILE A 105 -9.19 0.68 6.78
C ILE A 105 -8.12 1.19 7.78
N LYS A 106 -7.31 0.28 8.32
CA LYS A 106 -6.15 0.68 9.11
C LYS A 106 -4.98 1.08 8.20
N VAL A 107 -4.77 2.39 8.20
CA VAL A 107 -3.80 3.10 7.35
C VAL A 107 -2.34 2.87 7.80
N LYS A 108 -2.18 2.31 9.01
CA LYS A 108 -0.86 2.08 9.61
C LYS A 108 0.02 1.16 8.75
N LYS A 109 -0.61 0.26 8.00
CA LYS A 109 0.06 -0.67 7.10
C LYS A 109 0.71 0.07 5.92
N PHE A 110 -0.02 1.06 5.40
CA PHE A 110 0.40 1.83 4.24
C PHE A 110 1.66 2.64 4.52
N PHE A 111 1.64 3.40 5.62
CA PHE A 111 2.78 4.25 5.99
C PHE A 111 3.96 3.42 6.51
N ASP A 112 3.67 2.25 7.08
CA ASP A 112 4.72 1.29 7.48
C ASP A 112 5.52 0.83 6.28
N LEU A 113 4.81 0.40 5.23
CA LEU A 113 5.42 -0.18 4.04
C LEU A 113 6.02 0.88 3.12
N ALA A 114 5.50 2.11 3.19
CA ALA A 114 6.06 3.23 2.45
C ALA A 114 7.45 3.61 2.97
N GLN A 115 7.65 3.48 4.29
CA GLN A 115 8.98 3.71 4.92
C GLN A 115 9.98 2.62 4.52
N LYS A 116 9.45 1.40 4.33
CA LYS A 116 10.23 0.24 3.92
C LYS A 116 10.61 0.30 2.44
N ALA A 117 9.79 0.99 1.65
CA ALA A 117 10.02 1.15 0.22
C ALA A 117 11.16 2.11 -0.07
N LEU A 118 11.23 3.19 0.70
CA LEU A 118 12.21 4.26 0.46
C LEU A 118 13.35 4.22 1.46
N LYS A 119 13.52 3.07 2.13
CA LYS A 119 14.50 2.90 3.23
C LYS A 119 15.95 3.19 2.82
N ASP A 120 16.34 2.71 1.65
CA ASP A 120 17.72 2.91 1.16
C ASP A 120 17.79 4.14 0.27
N ALA A 121 16.61 4.50 -0.30
CA ALA A 121 16.47 5.46 -1.41
C ALA A 121 17.37 5.15 -2.63
N GLU A 122 17.78 3.89 -2.75
CA GLU A 122 18.53 3.38 -3.89
C GLU A 122 17.81 2.19 -4.47
N LYS A 123 16.56 2.04 -4.08
CA LYS A 123 15.73 0.96 -4.55
C LYS A 123 14.99 1.37 -5.83
N LEU A 124 15.65 1.17 -6.96
CA LEU A 124 15.07 1.50 -8.23
C LEU A 124 14.51 0.22 -8.87
N GLU A 125 13.21 0.07 -8.73
CA GLU A 125 12.46 -1.04 -9.32
C GLU A 125 11.70 -0.56 -10.56
N HIS A 126 12.17 0.51 -11.20
CA HIS A 126 11.43 1.11 -12.32
C HIS A 126 11.75 0.38 -13.62
N HIS A 127 10.75 -0.37 -14.10
CA HIS A 127 10.83 -0.98 -15.42
C HIS A 127 10.08 -0.07 -16.42
N HIS A 128 9.21 0.77 -15.85
CA HIS A 128 8.42 1.74 -16.57
C HIS A 128 7.92 2.76 -15.53
N HIS A 129 6.73 2.49 -14.96
CA HIS A 129 6.07 3.30 -13.93
C HIS A 129 4.91 2.47 -13.38
N HIS A 130 4.12 3.03 -12.47
CA HIS A 130 2.94 2.36 -11.95
C HIS A 130 1.68 3.19 -12.15
N HIS A 131 1.85 4.50 -12.33
CA HIS A 131 0.77 5.42 -12.60
C HIS A 131 1.15 6.34 -13.76
N MET A 1 15.34 10.13 -1.84
CA MET A 1 15.02 9.13 -2.87
C MET A 1 15.34 9.67 -4.25
N LYS A 2 15.69 8.79 -5.17
CA LYS A 2 15.90 9.16 -6.56
C LYS A 2 14.70 8.73 -7.39
N ASP A 3 14.75 8.97 -8.70
CA ASP A 3 13.65 8.55 -9.57
C ASP A 3 13.67 7.03 -9.69
N GLY A 4 12.57 6.46 -9.26
CA GLY A 4 12.40 5.03 -9.20
C GLY A 4 11.21 4.69 -8.36
N THR A 5 10.61 3.56 -8.64
CA THR A 5 9.40 3.17 -7.93
C THR A 5 9.78 2.18 -6.84
N TYR A 6 9.61 2.62 -5.61
CA TYR A 6 10.07 1.90 -4.45
C TYR A 6 8.91 1.24 -3.75
N TYR A 7 8.86 -0.06 -3.76
CA TYR A 7 7.81 -0.78 -3.06
C TYR A 7 8.37 -1.42 -1.80
N ALA A 8 7.49 -1.73 -0.87
CA ALA A 8 7.81 -2.59 0.24
C ALA A 8 6.65 -3.50 0.53
N GLU A 9 6.95 -4.72 0.91
CA GLU A 9 5.94 -5.72 1.14
C GLU A 9 5.86 -6.07 2.61
N ALA A 10 4.67 -6.46 3.04
CA ALA A 10 4.43 -6.93 4.40
C ALA A 10 5.24 -8.21 4.65
N ASP A 11 5.73 -8.36 5.88
CA ASP A 11 6.59 -9.50 6.24
C ASP A 11 5.89 -10.83 6.03
N ASP A 12 4.72 -10.97 6.62
CA ASP A 12 3.89 -12.15 6.43
C ASP A 12 2.53 -11.76 5.86
N PHE A 13 1.71 -12.75 5.55
CA PHE A 13 0.40 -12.53 4.96
C PHE A 13 -0.59 -12.09 6.03
N ASP A 14 -1.10 -10.87 5.89
CA ASP A 14 -1.93 -10.27 6.92
C ASP A 14 -3.40 -10.35 6.53
N GLU A 15 -4.23 -10.28 7.57
CA GLU A 15 -5.71 -10.36 7.56
C GLU A 15 -6.31 -11.43 6.64
N SER A 16 -6.52 -11.07 5.39
CA SER A 16 -7.22 -11.91 4.43
C SER A 16 -6.24 -12.68 3.52
N GLY A 17 -5.01 -12.83 4.01
CA GLY A 17 -4.00 -13.61 3.31
C GLY A 17 -3.33 -12.84 2.19
N TRP A 18 -2.94 -11.62 2.50
CA TRP A 18 -2.24 -10.78 1.54
C TRP A 18 -1.01 -10.17 2.18
N LYS A 19 0.13 -10.31 1.52
CA LYS A 19 1.32 -9.54 1.87
C LYS A 19 1.19 -8.19 1.21
N ASP A 20 0.64 -7.22 1.93
CA ASP A 20 0.26 -5.95 1.35
C ASP A 20 1.46 -5.09 1.07
N THR A 21 1.53 -4.62 -0.17
CA THR A 21 2.69 -3.91 -0.65
C THR A 21 2.31 -2.48 -0.95
N VAL A 22 3.17 -1.56 -0.57
CA VAL A 22 2.93 -0.15 -0.79
C VAL A 22 4.04 0.38 -1.69
N THR A 23 3.67 0.67 -2.91
CA THR A 23 4.60 1.06 -3.94
C THR A 23 4.58 2.58 -4.10
N ILE A 24 5.67 3.22 -3.73
CA ILE A 24 5.77 4.66 -3.79
C ILE A 24 6.54 5.06 -5.04
N GLU A 25 5.89 5.79 -5.93
CA GLU A 25 6.49 6.15 -7.19
C GLU A 25 7.13 7.53 -7.09
N VAL A 26 8.44 7.54 -7.10
CA VAL A 26 9.22 8.76 -7.03
C VAL A 26 9.74 9.09 -8.44
N LYS A 27 9.46 10.31 -8.87
CA LYS A 27 9.94 10.82 -10.14
C LYS A 27 10.29 12.29 -9.96
N ASN A 28 11.44 12.70 -10.53
CA ASN A 28 11.96 14.08 -10.44
C ASN A 28 12.42 14.42 -9.02
N GLY A 29 12.77 13.38 -8.24
CA GLY A 29 13.20 13.56 -6.86
C GLY A 29 12.06 13.60 -5.85
N LYS A 30 10.82 13.57 -6.30
CA LYS A 30 9.67 13.67 -5.39
C LYS A 30 8.60 12.63 -5.72
N ILE A 31 7.68 12.39 -4.80
CA ILE A 31 6.61 11.42 -4.99
C ILE A 31 5.54 11.99 -5.93
N VAL A 32 5.33 11.32 -7.04
CA VAL A 32 4.33 11.76 -8.02
C VAL A 32 3.11 10.84 -8.01
N SER A 33 3.28 9.61 -7.54
CA SER A 33 2.26 8.58 -7.66
C SER A 33 2.44 7.53 -6.57
N VAL A 34 1.42 6.70 -6.38
CA VAL A 34 1.48 5.62 -5.42
C VAL A 34 0.55 4.46 -5.88
N ASP A 35 1.04 3.26 -5.68
CA ASP A 35 0.35 2.03 -6.08
C ASP A 35 0.11 1.16 -4.85
N TRP A 36 -1.07 0.55 -4.81
CA TRP A 36 -1.37 -0.44 -3.79
C TRP A 36 -1.57 -1.80 -4.43
N ASN A 37 -0.89 -2.78 -3.87
CA ASN A 37 -0.90 -4.15 -4.39
C ASN A 37 -0.71 -5.09 -3.19
N ALA A 38 -0.68 -6.38 -3.44
CA ALA A 38 -0.36 -7.38 -2.41
C ALA A 38 0.02 -8.70 -3.07
N ILE A 39 0.59 -9.59 -2.28
CA ILE A 39 0.96 -10.93 -2.76
C ILE A 39 0.04 -11.95 -2.10
N ASN A 40 -0.41 -12.92 -2.88
CA ASN A 40 -1.46 -13.86 -2.44
C ASN A 40 -0.89 -15.03 -1.62
N LYS A 41 -1.62 -15.40 -0.54
CA LYS A 41 -1.19 -16.42 0.44
C LYS A 41 -1.21 -17.84 -0.13
N ASP A 42 -2.15 -18.10 -1.04
CA ASP A 42 -2.25 -19.39 -1.72
C ASP A 42 -1.00 -19.67 -2.57
N GLY A 43 -0.42 -18.61 -3.13
CA GLY A 43 0.81 -18.73 -3.88
C GLY A 43 0.58 -18.67 -5.36
N GLY A 44 -0.54 -18.07 -5.77
CA GLY A 44 -0.82 -17.89 -7.17
C GLY A 44 -0.24 -16.61 -7.72
N ASP A 45 -1.10 -15.66 -8.03
CA ASP A 45 -0.67 -14.39 -8.61
C ASP A 45 -0.62 -13.30 -7.54
N ASP A 46 -0.55 -12.06 -7.98
CA ASP A 46 -0.62 -10.91 -7.07
C ASP A 46 -2.04 -10.35 -7.04
N LYS A 47 -2.26 -9.31 -6.22
CA LYS A 47 -3.56 -8.62 -6.13
C LYS A 47 -3.94 -7.99 -7.48
N ASP A 48 -2.93 -7.44 -8.17
CA ASP A 48 -3.03 -6.91 -9.52
C ASP A 48 -3.52 -7.98 -10.52
N THR A 49 -2.83 -9.11 -10.54
CA THR A 49 -3.04 -10.13 -11.56
C THR A 49 -4.27 -10.99 -11.28
N LEU A 50 -4.63 -11.17 -10.00
CA LEU A 50 -5.86 -11.89 -9.62
C LEU A 50 -7.12 -11.09 -9.94
N SER A 51 -7.01 -9.76 -9.87
CA SER A 51 -8.09 -8.85 -10.30
C SER A 51 -8.30 -8.93 -11.82
N ARG A 52 -7.24 -9.27 -12.55
CA ARG A 52 -7.30 -9.46 -14.01
C ARG A 52 -7.86 -10.86 -14.35
N ASN A 53 -7.39 -11.89 -13.65
CA ASN A 53 -7.70 -13.29 -13.97
C ASN A 53 -9.08 -13.71 -13.49
N GLY A 54 -9.61 -12.97 -12.52
CA GLY A 54 -10.93 -13.27 -11.96
C GLY A 54 -10.87 -14.29 -10.86
N GLY A 55 -9.86 -14.20 -10.01
CA GLY A 55 -9.68 -15.15 -8.93
C GLY A 55 -9.02 -14.54 -7.73
N TYR A 56 -9.57 -13.43 -7.27
CA TYR A 56 -9.11 -12.71 -6.07
C TYR A 56 -9.29 -13.57 -4.81
N LYS A 57 -8.24 -14.30 -4.43
CA LYS A 57 -8.31 -15.28 -3.35
C LYS A 57 -8.10 -14.64 -1.98
N MET A 58 -9.18 -14.43 -1.27
CA MET A 58 -9.09 -14.05 0.13
C MET A 58 -9.26 -15.29 0.99
N VAL A 59 -8.37 -15.49 1.95
CA VAL A 59 -8.51 -16.60 2.89
C VAL A 59 -9.57 -16.23 3.94
N GLU A 60 -9.78 -14.93 4.09
CA GLU A 60 -10.78 -14.37 4.96
C GLU A 60 -11.71 -13.52 4.12
N TYR A 61 -12.84 -14.10 3.75
CA TYR A 61 -13.83 -13.43 2.91
C TYR A 61 -14.58 -12.35 3.68
N GLY A 62 -14.72 -12.59 4.99
CA GLY A 62 -15.35 -11.63 5.87
C GLY A 62 -14.38 -10.54 6.34
N GLY A 63 -13.09 -10.75 6.09
CA GLY A 63 -12.07 -9.78 6.46
C GLY A 63 -11.51 -9.05 5.26
N ALA A 64 -12.42 -8.64 4.37
CA ALA A 64 -12.05 -7.97 3.12
C ALA A 64 -11.73 -6.49 3.34
N GLN A 65 -12.36 -5.89 4.35
CA GLN A 65 -12.27 -4.45 4.60
C GLN A 65 -11.03 -4.07 5.42
N ALA A 66 -10.07 -4.99 5.52
CA ALA A 66 -8.85 -4.75 6.27
C ALA A 66 -7.62 -4.75 5.35
N GLU A 67 -7.86 -4.73 4.04
CA GLU A 67 -6.79 -4.70 3.04
C GLU A 67 -7.08 -3.66 1.93
N TRP A 68 -6.12 -3.44 1.04
CA TRP A 68 -6.20 -2.36 0.05
C TRP A 68 -6.86 -2.83 -1.24
N HIS A 69 -8.10 -2.40 -1.49
CA HIS A 69 -8.73 -2.62 -2.80
C HIS A 69 -9.61 -1.44 -3.22
N GLU A 70 -10.39 -0.87 -2.30
CA GLU A 70 -11.21 0.31 -2.62
C GLU A 70 -10.86 1.46 -1.71
N GLN A 71 -10.74 1.16 -0.42
CA GLN A 71 -10.58 2.14 0.68
C GLN A 71 -9.19 2.78 0.66
N ALA A 72 -8.29 2.18 -0.11
CA ALA A 72 -6.92 2.65 -0.28
C ALA A 72 -6.85 3.97 -1.04
N GLU A 73 -7.86 4.25 -1.88
CA GLU A 73 -7.93 5.47 -2.70
C GLU A 73 -7.97 6.75 -1.83
N LYS A 74 -8.58 6.66 -0.65
CA LYS A 74 -8.62 7.80 0.28
C LYS A 74 -7.24 8.06 0.87
N VAL A 75 -6.57 6.97 1.24
CA VAL A 75 -5.30 7.00 1.96
C VAL A 75 -4.14 7.44 1.03
N GLU A 76 -4.18 6.99 -0.23
CA GLU A 76 -3.13 7.25 -1.21
C GLU A 76 -3.05 8.73 -1.62
N ALA A 77 -4.21 9.41 -1.71
CA ALA A 77 -4.28 10.82 -2.09
C ALA A 77 -3.61 11.72 -1.06
N TYR A 78 -3.73 11.33 0.21
CA TYR A 78 -3.10 12.02 1.33
C TYR A 78 -1.57 11.88 1.28
N LEU A 79 -1.07 10.75 0.81
CA LEU A 79 0.38 10.52 0.72
C LEU A 79 1.01 11.41 -0.37
N VAL A 80 0.32 11.56 -1.50
CA VAL A 80 0.83 12.36 -2.63
C VAL A 80 0.92 13.86 -2.27
N GLU A 81 -0.05 14.36 -1.49
CA GLU A 81 -0.01 15.76 -1.06
C GLU A 81 0.99 16.00 0.09
N LYS A 82 1.19 15.00 0.97
CA LYS A 82 2.05 15.16 2.15
C LYS A 82 3.53 15.01 1.81
N GLN A 83 3.81 14.12 0.82
CA GLN A 83 5.18 13.78 0.37
C GLN A 83 5.99 13.07 1.47
N ASP A 84 5.32 12.60 2.53
CA ASP A 84 6.03 12.08 3.67
C ASP A 84 5.34 10.81 4.19
N PRO A 85 6.07 9.67 4.18
CA PRO A 85 5.53 8.36 4.57
C PRO A 85 5.42 8.13 6.09
N THR A 86 6.02 9.02 6.89
CA THR A 86 6.06 8.83 8.32
C THR A 86 5.37 9.98 9.07
N ASP A 87 5.00 11.04 8.35
CA ASP A 87 4.26 12.14 8.98
C ASP A 87 2.76 11.86 8.91
N ILE A 88 2.28 11.22 9.97
CA ILE A 88 0.89 10.84 10.12
C ILE A 88 0.65 10.52 11.60
N LYS A 89 -0.53 10.88 12.09
CA LYS A 89 -0.89 10.62 13.48
C LYS A 89 -2.13 9.75 13.53
N TYR A 90 -2.07 8.69 14.32
CA TYR A 90 -3.21 7.80 14.49
C TYR A 90 -3.75 7.89 15.90
N LYS A 91 -5.04 7.64 16.02
CA LYS A 91 -5.69 7.54 17.32
C LYS A 91 -6.69 6.39 17.32
N ASP A 92 -6.18 5.17 17.54
CA ASP A 92 -6.99 3.95 17.60
C ASP A 92 -6.17 2.86 18.31
N ASN A 93 -6.56 1.59 18.13
CA ASN A 93 -5.78 0.45 18.59
C ASN A 93 -4.77 0.00 17.53
N ASP A 94 -4.93 0.51 16.28
CA ASP A 94 -4.06 0.08 15.18
C ASP A 94 -3.52 1.29 14.45
N GLY A 95 -4.44 2.08 13.91
CA GLY A 95 -4.05 3.07 12.93
C GLY A 95 -5.23 3.69 12.23
N HIS A 96 -6.14 4.28 13.00
CA HIS A 96 -7.22 5.07 12.43
C HIS A 96 -6.83 6.52 12.38
N THR A 97 -7.07 7.13 11.24
CA THR A 97 -6.79 8.53 11.05
C THR A 97 -8.09 9.26 10.75
N ASP A 98 -8.26 10.41 11.37
CA ASP A 98 -9.43 11.24 11.14
C ASP A 98 -9.07 12.35 10.14
N ALA A 99 -7.76 12.50 9.90
CA ALA A 99 -7.23 13.46 8.92
C ALA A 99 -7.57 12.99 7.52
N ILE A 100 -7.39 11.69 7.28
CA ILE A 100 -7.91 11.07 6.07
C ILE A 100 -9.35 10.63 6.33
N SER A 101 -10.27 11.53 6.00
CA SER A 101 -11.71 11.31 6.21
C SER A 101 -12.26 10.33 5.16
N GLY A 102 -12.56 9.12 5.62
CA GLY A 102 -13.06 8.07 4.76
C GLY A 102 -12.26 6.80 4.91
N ALA A 103 -11.10 6.91 5.56
CA ALA A 103 -10.21 5.77 5.78
C ALA A 103 -10.52 5.09 7.10
N THR A 104 -11.41 4.11 7.02
CA THR A 104 -11.83 3.33 8.19
C THR A 104 -11.09 1.96 8.19
N ILE A 105 -10.14 1.83 7.28
CA ILE A 105 -9.23 0.69 7.25
C ILE A 105 -7.99 1.02 8.12
N LYS A 106 -7.25 -0.02 8.57
CA LYS A 106 -5.90 0.11 9.17
C LYS A 106 -4.95 0.88 8.23
N VAL A 107 -4.84 2.19 8.47
CA VAL A 107 -3.98 3.07 7.67
C VAL A 107 -2.52 2.95 8.11
N LYS A 108 -2.33 2.34 9.29
CA LYS A 108 -1.02 2.03 9.85
C LYS A 108 -0.20 1.18 8.86
N LYS A 109 -0.85 0.20 8.21
CA LYS A 109 -0.18 -0.68 7.24
C LYS A 109 0.35 0.09 6.01
N PHE A 110 -0.41 1.11 5.57
CA PHE A 110 -0.03 1.90 4.40
C PHE A 110 1.23 2.71 4.66
N PHE A 111 1.21 3.52 5.71
CA PHE A 111 2.33 4.41 6.01
C PHE A 111 3.54 3.67 6.56
N ASP A 112 3.30 2.49 7.19
CA ASP A 112 4.38 1.61 7.67
C ASP A 112 5.23 1.12 6.51
N LEU A 113 4.53 0.61 5.51
CA LEU A 113 5.13 0.02 4.34
C LEU A 113 5.60 1.08 3.34
N ALA A 114 5.06 2.29 3.46
CA ALA A 114 5.57 3.45 2.73
C ALA A 114 6.92 3.89 3.30
N GLN A 115 7.05 3.77 4.64
CA GLN A 115 8.32 4.04 5.34
C GLN A 115 9.39 3.01 4.96
N LYS A 116 8.95 1.77 4.79
CA LYS A 116 9.82 0.65 4.39
C LYS A 116 10.20 0.72 2.90
N ALA A 117 9.38 1.40 2.10
CA ALA A 117 9.69 1.64 0.70
C ALA A 117 10.78 2.69 0.54
N LEU A 118 10.72 3.72 1.37
CA LEU A 118 11.62 4.86 1.22
C LEU A 118 12.61 4.91 2.38
N LYS A 119 12.87 3.74 2.94
CA LYS A 119 13.81 3.58 4.06
C LYS A 119 15.27 3.70 3.59
N ASP A 120 15.56 3.19 2.40
CA ASP A 120 16.90 3.20 1.85
C ASP A 120 16.96 3.78 0.44
N ALA A 121 15.76 3.95 -0.18
CA ALA A 121 15.61 4.48 -1.55
C ALA A 121 16.32 3.62 -2.59
N GLU A 122 16.38 2.32 -2.32
CA GLU A 122 16.99 1.34 -3.21
C GLU A 122 16.15 0.07 -3.26
N LYS A 123 14.92 0.18 -3.77
CA LYS A 123 14.04 -0.99 -3.88
C LYS A 123 13.90 -1.38 -5.36
N LEU A 124 13.12 -2.41 -5.64
CA LEU A 124 12.92 -2.89 -7.00
C LEU A 124 11.57 -2.43 -7.54
N GLU A 125 11.38 -2.59 -8.85
CA GLU A 125 10.16 -2.19 -9.53
C GLU A 125 9.75 -3.23 -10.58
N HIS A 126 8.46 -3.59 -10.57
CA HIS A 126 7.83 -4.39 -11.62
C HIS A 126 6.41 -3.89 -11.88
N HIS A 127 6.29 -2.75 -12.56
CA HIS A 127 4.99 -2.19 -12.94
C HIS A 127 5.06 -1.55 -14.31
N HIS A 128 3.90 -1.41 -14.94
CA HIS A 128 3.74 -0.55 -16.08
C HIS A 128 3.49 0.86 -15.56
N HIS A 129 4.34 1.81 -15.95
CA HIS A 129 4.22 3.19 -15.52
C HIS A 129 2.97 3.83 -16.11
N HIS A 130 2.08 4.27 -15.24
CA HIS A 130 0.86 4.94 -15.64
C HIS A 130 1.09 6.44 -15.63
N HIS A 131 0.62 7.13 -16.67
CA HIS A 131 0.74 8.58 -16.75
C HIS A 131 -0.38 9.26 -15.97
N MET A 1 16.37 10.38 -1.67
CA MET A 1 15.45 9.62 -2.54
C MET A 1 15.65 10.02 -4.00
N LYS A 2 15.81 9.02 -4.85
CA LYS A 2 15.96 9.25 -6.27
C LYS A 2 14.63 8.96 -6.97
N ASP A 3 14.51 9.40 -8.22
CA ASP A 3 13.30 9.18 -9.00
C ASP A 3 13.24 7.74 -9.52
N GLY A 4 12.32 6.97 -8.95
CA GLY A 4 12.21 5.57 -9.27
C GLY A 4 11.06 4.93 -8.53
N THR A 5 10.89 3.64 -8.72
CA THR A 5 9.79 2.92 -8.10
C THR A 5 10.29 2.14 -6.90
N TYR A 6 9.76 2.48 -5.77
CA TYR A 6 10.09 1.85 -4.52
C TYR A 6 8.95 0.98 -4.09
N TYR A 7 9.21 -0.21 -3.62
CA TYR A 7 8.14 -0.97 -3.00
C TYR A 7 8.69 -1.71 -1.79
N ALA A 8 7.80 -2.01 -0.86
CA ALA A 8 8.11 -2.86 0.26
C ALA A 8 6.94 -3.76 0.54
N GLU A 9 7.22 -4.96 1.01
CA GLU A 9 6.17 -5.89 1.35
C GLU A 9 6.20 -6.11 2.87
N ALA A 10 5.05 -6.44 3.44
CA ALA A 10 4.92 -6.62 4.87
C ALA A 10 5.67 -7.84 5.39
N ASP A 11 5.83 -7.89 6.70
CA ASP A 11 6.48 -9.03 7.36
C ASP A 11 5.46 -10.15 7.61
N ASP A 12 4.19 -9.81 7.46
CA ASP A 12 3.07 -10.69 7.75
C ASP A 12 2.10 -10.73 6.57
N PHE A 13 1.22 -11.72 6.59
CA PHE A 13 0.03 -11.71 5.75
C PHE A 13 -1.15 -11.36 6.62
N ASP A 14 -2.20 -10.81 6.01
CA ASP A 14 -3.45 -10.59 6.70
C ASP A 14 -4.25 -11.90 6.71
N GLU A 15 -5.35 -11.93 7.45
CA GLU A 15 -6.14 -13.15 7.67
C GLU A 15 -6.80 -13.66 6.38
N SER A 16 -7.19 -12.74 5.48
CA SER A 16 -7.82 -13.11 4.21
C SER A 16 -6.79 -13.45 3.12
N GLY A 17 -5.50 -13.49 3.50
CA GLY A 17 -4.47 -14.05 2.64
C GLY A 17 -3.82 -13.04 1.74
N TRP A 18 -3.59 -11.84 2.28
CA TRP A 18 -2.98 -10.76 1.51
C TRP A 18 -1.87 -10.06 2.30
N LYS A 19 -0.68 -10.06 1.74
CA LYS A 19 0.43 -9.30 2.30
C LYS A 19 0.39 -7.88 1.77
N ASP A 20 0.23 -6.91 2.66
CA ASP A 20 0.12 -5.50 2.26
C ASP A 20 1.44 -4.97 1.75
N THR A 21 1.40 -4.36 0.56
CA THR A 21 2.59 -3.79 -0.06
C THR A 21 2.32 -2.35 -0.46
N VAL A 22 3.35 -1.52 -0.38
CA VAL A 22 3.21 -0.11 -0.70
C VAL A 22 4.25 0.28 -1.72
N THR A 23 3.78 0.67 -2.89
CA THR A 23 4.64 1.04 -4.00
C THR A 23 4.65 2.56 -4.18
N ILE A 24 5.79 3.18 -3.96
CA ILE A 24 5.96 4.62 -4.09
C ILE A 24 6.56 4.94 -5.47
N GLU A 25 5.81 5.69 -6.29
CA GLU A 25 6.32 6.12 -7.59
C GLU A 25 6.88 7.54 -7.45
N VAL A 26 8.20 7.63 -7.62
CA VAL A 26 8.92 8.88 -7.45
C VAL A 26 9.40 9.40 -8.81
N LYS A 27 9.19 10.68 -9.01
CA LYS A 27 9.62 11.38 -10.22
C LYS A 27 9.95 12.82 -9.82
N ASN A 28 11.11 13.32 -10.28
CA ASN A 28 11.64 14.68 -9.96
C ASN A 28 12.04 14.79 -8.48
N GLY A 29 12.31 13.64 -7.85
CA GLY A 29 12.65 13.62 -6.43
C GLY A 29 11.45 13.57 -5.50
N LYS A 30 10.25 13.72 -6.04
CA LYS A 30 9.04 13.78 -5.24
C LYS A 30 8.11 12.61 -5.56
N ILE A 31 7.19 12.32 -4.66
CA ILE A 31 6.19 11.29 -4.89
C ILE A 31 5.09 11.83 -5.81
N VAL A 32 5.02 11.30 -7.02
CA VAL A 32 4.02 11.76 -7.97
C VAL A 32 2.79 10.86 -7.97
N SER A 33 2.96 9.62 -7.48
CA SER A 33 1.89 8.64 -7.46
C SER A 33 2.26 7.53 -6.49
N VAL A 34 1.28 6.71 -6.13
CA VAL A 34 1.49 5.62 -5.20
C VAL A 34 0.49 4.47 -5.48
N ASP A 35 1.01 3.27 -5.48
CA ASP A 35 0.31 2.06 -5.83
C ASP A 35 0.05 1.22 -4.59
N TRP A 36 -1.21 0.92 -4.36
CA TRP A 36 -1.60 -0.02 -3.32
C TRP A 36 -1.80 -1.40 -3.93
N ASN A 37 -1.17 -2.39 -3.32
CA ASN A 37 -1.14 -3.72 -3.87
C ASN A 37 -1.00 -4.73 -2.74
N ALA A 38 -1.26 -6.00 -3.02
CA ALA A 38 -1.11 -7.07 -2.05
C ALA A 38 -0.70 -8.37 -2.72
N ILE A 39 0.01 -9.22 -1.98
CA ILE A 39 0.48 -10.51 -2.50
C ILE A 39 -0.32 -11.64 -1.88
N ASN A 40 -0.73 -12.61 -2.70
CA ASN A 40 -1.62 -13.68 -2.25
C ASN A 40 -0.85 -14.78 -1.51
N LYS A 41 -1.42 -15.19 -0.37
CA LYS A 41 -0.82 -16.18 0.56
C LYS A 41 -0.74 -17.58 -0.06
N ASP A 42 -1.75 -17.94 -0.85
CA ASP A 42 -1.81 -19.22 -1.56
C ASP A 42 -0.69 -19.32 -2.60
N GLY A 43 -0.38 -18.19 -3.22
CA GLY A 43 0.72 -18.15 -4.16
C GLY A 43 0.27 -18.28 -5.60
N GLY A 44 -0.92 -17.77 -5.89
CA GLY A 44 -1.38 -17.68 -7.26
C GLY A 44 -0.71 -16.54 -7.99
N ASP A 45 -1.34 -15.37 -7.94
CA ASP A 45 -0.74 -14.15 -8.45
C ASP A 45 -0.80 -13.06 -7.39
N ASP A 46 -0.62 -11.80 -7.81
CA ASP A 46 -0.87 -10.66 -6.94
C ASP A 46 -2.34 -10.27 -7.09
N LYS A 47 -2.80 -9.27 -6.33
CA LYS A 47 -4.22 -8.87 -6.39
C LYS A 47 -4.55 -8.18 -7.72
N ASP A 48 -3.55 -7.63 -8.39
CA ASP A 48 -3.70 -7.05 -9.71
C ASP A 48 -3.90 -8.15 -10.76
N THR A 49 -2.94 -9.09 -10.80
CA THR A 49 -2.88 -10.13 -11.84
C THR A 49 -4.01 -11.17 -11.68
N LEU A 50 -4.45 -11.41 -10.44
CA LEU A 50 -5.61 -12.28 -10.19
C LEU A 50 -6.89 -11.66 -10.73
N SER A 51 -7.00 -10.34 -10.66
CA SER A 51 -8.13 -9.62 -11.26
C SER A 51 -8.07 -9.62 -12.79
N ARG A 52 -6.85 -9.68 -13.36
CA ARG A 52 -6.67 -9.71 -14.82
C ARG A 52 -7.09 -11.06 -15.40
N ASN A 53 -6.81 -12.13 -14.65
CA ASN A 53 -7.19 -13.49 -15.05
C ASN A 53 -8.67 -13.76 -14.77
N GLY A 54 -9.21 -13.09 -13.76
CA GLY A 54 -10.54 -13.36 -13.28
C GLY A 54 -10.56 -14.47 -12.25
N GLY A 55 -9.41 -14.67 -11.60
CA GLY A 55 -9.27 -15.69 -10.58
C GLY A 55 -8.93 -15.09 -9.24
N TYR A 56 -9.52 -13.92 -8.96
CA TYR A 56 -9.31 -13.23 -7.69
C TYR A 56 -10.13 -13.90 -6.59
N LYS A 57 -9.48 -14.82 -5.90
CA LYS A 57 -10.06 -15.50 -4.77
C LYS A 57 -9.20 -15.27 -3.54
N MET A 58 -9.86 -14.94 -2.46
CA MET A 58 -9.21 -14.74 -1.18
C MET A 58 -9.31 -16.02 -0.38
N VAL A 59 -8.56 -16.14 0.71
CA VAL A 59 -8.59 -17.40 1.49
C VAL A 59 -9.71 -17.38 2.54
N GLU A 60 -10.23 -16.18 2.82
CA GLU A 60 -11.37 -16.03 3.72
C GLU A 60 -12.47 -15.22 3.06
N TYR A 61 -13.70 -15.64 3.31
CA TYR A 61 -14.88 -14.91 2.84
C TYR A 61 -15.84 -14.62 4.00
N GLY A 62 -15.38 -14.92 5.22
CA GLY A 62 -16.09 -14.54 6.42
C GLY A 62 -15.46 -13.35 7.10
N GLY A 63 -14.44 -12.77 6.45
CA GLY A 63 -13.75 -11.61 6.98
C GLY A 63 -14.19 -10.32 6.30
N ALA A 64 -13.25 -9.41 6.09
CA ALA A 64 -13.54 -8.10 5.51
C ALA A 64 -12.42 -7.65 4.61
N GLN A 65 -12.54 -6.43 4.07
CA GLN A 65 -11.49 -5.85 3.24
C GLN A 65 -10.69 -4.83 4.03
N ALA A 66 -9.73 -5.34 4.78
CA ALA A 66 -8.85 -4.52 5.59
C ALA A 66 -7.51 -4.35 4.89
N GLU A 67 -7.20 -5.30 4.03
CA GLU A 67 -6.01 -5.27 3.17
C GLU A 67 -6.15 -4.11 2.17
N TRP A 68 -5.04 -3.71 1.54
CA TRP A 68 -5.03 -2.52 0.69
C TRP A 68 -5.83 -2.69 -0.59
N HIS A 69 -7.04 -2.15 -0.53
CA HIS A 69 -8.05 -2.26 -1.58
C HIS A 69 -8.62 -0.86 -1.86
N GLU A 70 -9.94 -0.72 -1.91
CA GLU A 70 -10.55 0.53 -2.32
C GLU A 70 -10.64 1.56 -1.18
N GLN A 71 -10.40 1.13 0.07
CA GLN A 71 -10.25 2.09 1.19
C GLN A 71 -8.87 2.75 1.13
N ALA A 72 -7.92 2.02 0.52
CA ALA A 72 -6.55 2.50 0.33
C ALA A 72 -6.47 3.60 -0.72
N GLU A 73 -7.48 3.66 -1.61
CA GLU A 73 -7.59 4.74 -2.62
C GLU A 73 -7.70 6.14 -1.96
N LYS A 74 -8.35 6.22 -0.81
CA LYS A 74 -8.42 7.48 -0.06
C LYS A 74 -7.08 7.81 0.61
N VAL A 75 -6.39 6.74 1.05
CA VAL A 75 -5.11 6.86 1.76
C VAL A 75 -3.96 7.24 0.81
N GLU A 76 -3.99 6.71 -0.42
CA GLU A 76 -2.96 6.98 -1.43
C GLU A 76 -3.00 8.42 -1.92
N ALA A 77 -4.21 8.98 -2.06
CA ALA A 77 -4.39 10.39 -2.42
C ALA A 77 -3.83 11.30 -1.33
N TYR A 78 -3.99 10.85 -0.09
CA TYR A 78 -3.45 11.55 1.08
C TYR A 78 -1.91 11.50 1.09
N LEU A 79 -1.32 10.38 0.66
CA LEU A 79 0.14 10.23 0.60
C LEU A 79 0.75 11.19 -0.43
N VAL A 80 0.09 11.33 -1.58
CA VAL A 80 0.56 12.22 -2.65
C VAL A 80 0.51 13.69 -2.21
N GLU A 81 -0.56 14.10 -1.50
CA GLU A 81 -0.69 15.48 -1.04
C GLU A 81 0.20 15.79 0.19
N LYS A 82 0.56 14.74 0.96
CA LYS A 82 1.46 14.91 2.11
C LYS A 82 2.91 15.03 1.68
N GLN A 83 3.26 14.34 0.57
CA GLN A 83 4.61 14.32 -0.01
C GLN A 83 5.64 13.66 0.92
N ASP A 84 5.16 12.91 1.91
CA ASP A 84 6.00 12.38 2.96
C ASP A 84 5.33 11.14 3.59
N PRO A 85 6.05 9.99 3.61
CA PRO A 85 5.50 8.70 4.12
C PRO A 85 5.53 8.55 5.65
N THR A 86 6.00 9.56 6.38
CA THR A 86 6.05 9.47 7.83
C THR A 86 5.30 10.64 8.50
N ASP A 87 4.72 11.53 7.68
CA ASP A 87 3.93 12.64 8.20
C ASP A 87 2.48 12.19 8.36
N ILE A 88 2.20 11.63 9.54
CA ILE A 88 0.88 11.08 9.87
C ILE A 88 0.82 10.78 11.36
N LYS A 89 -0.30 11.18 11.96
CA LYS A 89 -0.53 10.97 13.36
C LYS A 89 -1.88 10.29 13.59
N TYR A 90 -1.85 9.24 14.40
CA TYR A 90 -3.05 8.45 14.67
C TYR A 90 -3.56 8.74 16.06
N LYS A 91 -4.88 8.79 16.19
CA LYS A 91 -5.51 8.95 17.49
C LYS A 91 -6.34 7.71 17.79
N ASP A 92 -5.67 6.65 18.23
CA ASP A 92 -6.30 5.35 18.32
C ASP A 92 -5.44 4.44 19.19
N ASN A 93 -5.93 3.25 19.50
CA ASN A 93 -5.12 2.22 20.15
C ASN A 93 -4.56 1.24 19.11
N ASP A 94 -4.72 1.55 17.83
CA ASP A 94 -4.13 0.77 16.77
C ASP A 94 -3.43 1.70 15.80
N GLY A 95 -4.22 2.49 15.06
CA GLY A 95 -3.68 3.29 13.99
C GLY A 95 -4.76 3.90 13.10
N HIS A 96 -5.76 4.52 13.70
CA HIS A 96 -6.79 5.23 12.95
C HIS A 96 -6.48 6.71 12.90
N THR A 97 -6.62 7.28 11.72
CA THR A 97 -6.29 8.69 11.50
C THR A 97 -7.58 9.51 11.35
N ASP A 98 -7.53 10.74 11.84
CA ASP A 98 -8.67 11.64 11.79
C ASP A 98 -8.67 12.43 10.47
N ALA A 99 -7.57 12.34 9.74
CA ALA A 99 -7.33 13.19 8.59
C ALA A 99 -7.63 12.50 7.25
N ILE A 100 -7.99 11.21 7.26
CA ILE A 100 -8.32 10.52 6.02
C ILE A 100 -9.78 10.05 6.06
N SER A 101 -10.62 10.78 5.34
CA SER A 101 -12.02 10.42 5.16
C SER A 101 -12.14 9.35 4.08
N GLY A 102 -12.77 8.23 4.43
CA GLY A 102 -12.91 7.12 3.49
C GLY A 102 -12.25 5.84 3.99
N ALA A 103 -11.22 6.00 4.82
CA ALA A 103 -10.50 4.87 5.37
C ALA A 103 -10.91 4.61 6.81
N THR A 104 -11.51 3.45 7.04
CA THR A 104 -11.95 3.06 8.38
C THR A 104 -10.99 2.02 8.98
N ILE A 105 -10.05 1.58 8.16
CA ILE A 105 -9.06 0.58 8.55
C ILE A 105 -7.80 1.29 9.08
N LYS A 106 -7.07 0.60 9.98
CA LYS A 106 -5.76 1.05 10.49
C LYS A 106 -4.75 1.38 9.36
N VAL A 107 -4.53 2.68 9.19
CA VAL A 107 -3.70 3.26 8.11
C VAL A 107 -2.19 3.11 8.43
N LYS A 108 -1.90 2.65 9.65
CA LYS A 108 -0.52 2.39 10.13
C LYS A 108 0.27 1.44 9.22
N LYS A 109 -0.41 0.45 8.61
CA LYS A 109 0.25 -0.53 7.74
C LYS A 109 0.73 0.12 6.43
N PHE A 110 0.00 1.15 5.97
CA PHE A 110 0.34 1.85 4.73
C PHE A 110 1.59 2.69 4.90
N PHE A 111 1.60 3.58 5.90
CA PHE A 111 2.69 4.53 6.07
C PHE A 111 3.96 3.87 6.61
N ASP A 112 3.82 2.78 7.37
CA ASP A 112 4.99 2.02 7.87
C ASP A 112 5.70 1.30 6.74
N LEU A 113 4.92 0.74 5.80
CA LEU A 113 5.48 0.02 4.65
C LEU A 113 5.97 0.99 3.57
N ALA A 114 5.42 2.21 3.57
CA ALA A 114 5.92 3.31 2.74
C ALA A 114 7.30 3.76 3.20
N GLN A 115 7.51 3.78 4.52
CA GLN A 115 8.83 4.11 5.11
C GLN A 115 9.86 3.01 4.81
N LYS A 116 9.40 1.75 4.79
CA LYS A 116 10.23 0.60 4.45
C LYS A 116 10.56 0.55 2.96
N ALA A 117 9.71 1.14 2.13
CA ALA A 117 9.97 1.23 0.69
C ALA A 117 11.19 2.11 0.40
N LEU A 118 11.38 3.13 1.23
CA LEU A 118 12.42 4.11 1.00
C LEU A 118 13.55 3.99 2.03
N LYS A 119 13.68 2.80 2.62
CA LYS A 119 14.66 2.53 3.70
C LYS A 119 16.12 2.71 3.26
N ASP A 120 16.46 2.21 2.07
CA ASP A 120 17.80 2.42 1.51
C ASP A 120 17.77 3.52 0.45
N ALA A 121 16.55 3.92 0.09
CA ALA A 121 16.24 4.78 -1.07
C ALA A 121 16.84 4.22 -2.39
N GLU A 122 16.84 2.88 -2.48
CA GLU A 122 17.23 2.16 -3.68
C GLU A 122 16.65 0.73 -3.66
N LYS A 123 15.47 0.58 -4.25
CA LYS A 123 14.83 -0.74 -4.34
C LYS A 123 14.74 -1.19 -5.78
N LEU A 124 14.77 -2.50 -6.00
CA LEU A 124 14.60 -3.07 -7.34
C LEU A 124 13.13 -3.04 -7.75
N GLU A 125 12.90 -2.71 -9.01
CA GLU A 125 11.54 -2.55 -9.53
C GLU A 125 11.41 -3.04 -10.97
N HIS A 126 10.17 -3.04 -11.46
CA HIS A 126 9.86 -3.37 -12.85
C HIS A 126 8.75 -2.45 -13.34
N HIS A 127 8.84 -1.18 -12.94
CA HIS A 127 7.82 -0.19 -13.21
C HIS A 127 8.47 1.15 -13.58
N HIS A 128 8.42 1.50 -14.85
CA HIS A 128 8.88 2.81 -15.30
C HIS A 128 7.71 3.54 -16.00
N HIS A 129 6.62 2.82 -16.22
CA HIS A 129 5.43 3.38 -16.80
C HIS A 129 4.68 4.21 -15.76
N HIS A 130 4.71 5.52 -15.98
CA HIS A 130 4.07 6.47 -15.11
C HIS A 130 2.54 6.41 -15.29
N HIS A 131 1.85 6.27 -14.16
CA HIS A 131 0.38 6.26 -14.16
C HIS A 131 -0.14 7.15 -13.04
N MET A 1 16.10 9.47 -1.41
CA MET A 1 15.02 9.19 -2.39
C MET A 1 15.37 9.76 -3.75
N LYS A 2 15.54 8.86 -4.73
CA LYS A 2 15.89 9.25 -6.09
C LYS A 2 14.71 9.02 -7.02
N ASP A 3 14.79 9.55 -8.24
CA ASP A 3 13.84 9.23 -9.30
C ASP A 3 13.87 7.72 -9.61
N GLY A 4 12.80 7.05 -9.23
CA GLY A 4 12.66 5.62 -9.39
C GLY A 4 11.35 5.13 -8.82
N THR A 5 11.11 3.83 -8.87
CA THR A 5 9.89 3.27 -8.33
C THR A 5 10.21 2.12 -7.39
N TYR A 6 9.84 2.33 -6.14
CA TYR A 6 10.22 1.47 -5.03
C TYR A 6 9.00 0.74 -4.51
N TYR A 7 9.17 -0.46 -3.97
CA TYR A 7 8.06 -1.12 -3.31
C TYR A 7 8.59 -1.84 -2.06
N ALA A 8 7.69 -2.12 -1.13
CA ALA A 8 7.99 -2.95 0.02
C ALA A 8 6.86 -3.89 0.28
N GLU A 9 7.17 -5.05 0.84
CA GLU A 9 6.18 -6.06 1.12
C GLU A 9 6.04 -6.23 2.62
N ALA A 10 4.81 -6.56 3.05
CA ALA A 10 4.49 -6.73 4.45
C ALA A 10 5.29 -7.86 5.09
N ASP A 11 5.58 -7.70 6.37
CA ASP A 11 6.34 -8.70 7.12
C ASP A 11 5.43 -9.86 7.56
N ASP A 12 4.12 -9.63 7.47
CA ASP A 12 3.12 -10.62 7.79
C ASP A 12 2.04 -10.66 6.71
N PHE A 13 1.45 -11.84 6.48
CA PHE A 13 0.20 -11.92 5.73
C PHE A 13 -0.92 -11.48 6.67
N ASP A 14 -1.84 -10.67 6.15
CA ASP A 14 -2.90 -10.09 6.97
C ASP A 14 -4.04 -11.11 7.22
N GLU A 15 -5.19 -10.65 7.71
CA GLU A 15 -6.29 -11.53 8.15
C GLU A 15 -6.92 -12.28 6.98
N SER A 16 -7.03 -11.63 5.82
CA SER A 16 -7.55 -12.28 4.62
C SER A 16 -6.45 -13.02 3.84
N GLY A 17 -5.21 -13.02 4.35
CA GLY A 17 -4.12 -13.76 3.71
C GLY A 17 -3.50 -13.00 2.55
N TRP A 18 -3.23 -11.73 2.75
CA TRP A 18 -2.59 -10.90 1.74
C TRP A 18 -1.43 -10.11 2.39
N LYS A 19 -0.23 -10.21 1.81
CA LYS A 19 0.87 -9.33 2.15
C LYS A 19 0.71 -8.00 1.45
N ASP A 20 0.32 -6.97 2.19
CA ASP A 20 0.11 -5.67 1.60
C ASP A 20 1.42 -5.02 1.20
N THR A 21 1.49 -4.60 -0.05
CA THR A 21 2.69 -4.01 -0.59
C THR A 21 2.39 -2.63 -1.09
N VAL A 22 3.29 -1.70 -0.81
CA VAL A 22 3.05 -0.31 -1.17
C VAL A 22 4.10 0.13 -2.17
N THR A 23 3.63 0.36 -3.40
CA THR A 23 4.49 0.76 -4.48
C THR A 23 4.49 2.28 -4.60
N ILE A 24 5.66 2.86 -4.41
CA ILE A 24 5.85 4.29 -4.40
C ILE A 24 6.60 4.74 -5.65
N GLU A 25 6.00 5.63 -6.43
CA GLU A 25 6.74 6.29 -7.50
C GLU A 25 7.29 7.61 -6.98
N VAL A 26 8.61 7.68 -6.97
CA VAL A 26 9.31 8.89 -6.68
C VAL A 26 9.80 9.48 -8.00
N LYS A 27 9.28 10.64 -8.31
CA LYS A 27 9.65 11.34 -9.51
C LYS A 27 10.43 12.58 -9.11
N ASN A 28 11.66 12.64 -9.64
CA ASN A 28 12.69 13.64 -9.32
C ASN A 28 13.29 13.36 -7.94
N GLY A 29 12.46 13.51 -6.93
CA GLY A 29 12.84 13.28 -5.55
C GLY A 29 11.63 13.31 -4.63
N LYS A 30 10.43 13.45 -5.20
CA LYS A 30 9.20 13.53 -4.43
C LYS A 30 8.21 12.46 -4.89
N ILE A 31 7.29 12.06 -4.02
CA ILE A 31 6.31 11.03 -4.37
C ILE A 31 5.16 11.64 -5.16
N VAL A 32 5.05 11.30 -6.44
CA VAL A 32 3.97 11.84 -7.24
C VAL A 32 2.86 10.80 -7.43
N SER A 33 3.19 9.53 -7.26
CA SER A 33 2.27 8.45 -7.57
C SER A 33 2.43 7.29 -6.59
N VAL A 34 1.39 6.49 -6.49
CA VAL A 34 1.39 5.32 -5.62
C VAL A 34 0.47 4.24 -6.21
N ASP A 35 0.89 2.99 -6.09
CA ASP A 35 0.16 1.85 -6.65
C ASP A 35 -0.11 0.83 -5.56
N TRP A 36 -1.32 0.28 -5.58
CA TRP A 36 -1.75 -0.64 -4.53
C TRP A 36 -1.62 -2.08 -5.01
N ASN A 37 -0.65 -2.80 -4.48
CA ASN A 37 -0.49 -4.22 -4.78
C ASN A 37 -0.55 -5.01 -3.48
N ALA A 38 -0.73 -6.33 -3.58
CA ALA A 38 -0.70 -7.21 -2.41
C ALA A 38 -0.47 -8.65 -2.86
N ILE A 39 0.34 -9.38 -2.11
CA ILE A 39 0.73 -10.73 -2.49
C ILE A 39 -0.13 -11.74 -1.74
N ASN A 40 -0.89 -12.53 -2.47
CA ASN A 40 -1.81 -13.49 -1.87
C ASN A 40 -1.05 -14.70 -1.31
N LYS A 41 -1.49 -15.15 -0.13
CA LYS A 41 -0.96 -16.34 0.56
C LYS A 41 -1.30 -17.63 -0.22
N ASP A 42 -2.35 -17.54 -1.06
CA ASP A 42 -2.73 -18.58 -2.04
C ASP A 42 -1.54 -19.04 -2.89
N GLY A 43 -0.70 -18.08 -3.29
CA GLY A 43 0.50 -18.40 -4.03
C GLY A 43 0.31 -18.23 -5.52
N GLY A 44 -0.55 -17.30 -5.90
CA GLY A 44 -0.77 -17.03 -7.30
C GLY A 44 -0.14 -15.74 -7.74
N ASP A 45 -0.95 -14.70 -7.86
CA ASP A 45 -0.48 -13.42 -8.36
C ASP A 45 -0.60 -12.33 -7.29
N ASP A 46 -0.32 -11.10 -7.72
CA ASP A 46 -0.46 -9.91 -6.89
C ASP A 46 -1.81 -9.25 -7.15
N LYS A 47 -2.05 -8.09 -6.51
CA LYS A 47 -3.33 -7.35 -6.65
C LYS A 47 -3.67 -7.00 -8.10
N ASP A 48 -2.66 -6.52 -8.85
CA ASP A 48 -2.85 -6.15 -10.26
C ASP A 48 -3.23 -7.36 -11.11
N THR A 49 -2.44 -8.43 -11.01
CA THR A 49 -2.55 -9.56 -11.91
C THR A 49 -3.70 -10.50 -11.51
N LEU A 50 -4.07 -10.54 -10.23
CA LEU A 50 -5.23 -11.33 -9.77
C LEU A 50 -6.54 -10.71 -10.23
N SER A 51 -6.58 -9.38 -10.35
CA SER A 51 -7.75 -8.70 -10.92
C SER A 51 -7.85 -8.95 -12.44
N ARG A 52 -6.69 -9.16 -13.08
CA ARG A 52 -6.62 -9.42 -14.52
C ARG A 52 -6.93 -10.89 -14.86
N ASN A 53 -6.65 -11.80 -13.92
CA ASN A 53 -6.88 -13.23 -14.13
C ASN A 53 -8.23 -13.68 -13.57
N GLY A 54 -8.71 -12.98 -12.54
CA GLY A 54 -9.95 -13.33 -11.87
C GLY A 54 -9.75 -14.37 -10.78
N GLY A 55 -8.66 -14.23 -10.02
CA GLY A 55 -8.33 -15.21 -8.99
C GLY A 55 -8.26 -14.58 -7.61
N TYR A 56 -9.22 -13.72 -7.30
CA TYR A 56 -9.29 -13.05 -6.00
C TYR A 56 -9.78 -14.00 -4.91
N LYS A 57 -8.86 -14.73 -4.31
CA LYS A 57 -9.18 -15.69 -3.29
C LYS A 57 -8.65 -15.24 -1.94
N MET A 58 -9.52 -14.65 -1.13
CA MET A 58 -9.18 -14.38 0.26
C MET A 58 -9.20 -15.71 1.01
N VAL A 59 -8.20 -15.94 1.85
CA VAL A 59 -8.12 -17.19 2.62
C VAL A 59 -9.10 -17.14 3.80
N GLU A 60 -9.58 -15.93 4.09
CA GLU A 60 -10.62 -15.70 5.05
C GLU A 60 -11.57 -14.66 4.48
N TYR A 61 -12.72 -15.13 4.01
CA TYR A 61 -13.72 -14.27 3.36
C TYR A 61 -14.52 -13.45 4.39
N GLY A 62 -14.56 -13.94 5.62
CA GLY A 62 -15.23 -13.23 6.70
C GLY A 62 -14.24 -12.73 7.73
N GLY A 63 -13.14 -12.15 7.27
CA GLY A 63 -12.13 -11.62 8.17
C GLY A 63 -11.98 -10.13 8.05
N ALA A 64 -10.73 -9.66 8.01
CA ALA A 64 -10.45 -8.24 7.88
C ALA A 64 -9.52 -8.00 6.72
N GLN A 65 -9.99 -7.21 5.77
CA GLN A 65 -9.25 -6.90 4.58
C GLN A 65 -8.54 -5.58 4.74
N ALA A 66 -7.27 -5.67 5.16
CA ALA A 66 -6.37 -4.51 5.19
C ALA A 66 -5.75 -4.25 3.82
N GLU A 67 -6.26 -4.97 2.82
CA GLU A 67 -5.86 -4.85 1.43
C GLU A 67 -6.17 -3.46 0.91
N TRP A 68 -5.28 -2.99 0.08
CA TRP A 68 -5.42 -1.66 -0.48
C TRP A 68 -6.19 -1.69 -1.80
N HIS A 69 -7.45 -1.25 -1.71
CA HIS A 69 -8.33 -1.17 -2.88
C HIS A 69 -9.26 0.06 -2.81
N GLU A 70 -10.46 -0.12 -2.26
CA GLU A 70 -11.50 0.92 -2.27
C GLU A 70 -11.26 1.92 -1.15
N GLN A 71 -10.78 1.40 -0.02
CA GLN A 71 -10.42 2.19 1.15
C GLN A 71 -9.14 2.96 0.90
N ALA A 72 -8.28 2.38 0.06
CA ALA A 72 -6.97 2.94 -0.25
C ALA A 72 -7.05 4.17 -1.13
N GLU A 73 -8.15 4.32 -1.90
CA GLU A 73 -8.38 5.49 -2.75
C GLU A 73 -8.35 6.82 -1.95
N LYS A 74 -8.90 6.78 -0.73
CA LYS A 74 -8.89 7.95 0.16
C LYS A 74 -7.49 8.19 0.73
N VAL A 75 -6.83 7.07 1.07
CA VAL A 75 -5.54 7.06 1.76
C VAL A 75 -4.37 7.49 0.84
N GLU A 76 -4.41 7.05 -0.43
CA GLU A 76 -3.35 7.30 -1.41
C GLU A 76 -3.26 8.78 -1.81
N ALA A 77 -4.41 9.45 -1.85
CA ALA A 77 -4.49 10.89 -2.14
C ALA A 77 -3.86 11.72 -1.03
N TYR A 78 -4.00 11.21 0.20
CA TYR A 78 -3.41 11.83 1.39
C TYR A 78 -1.89 11.67 1.39
N LEU A 79 -1.39 10.55 0.88
CA LEU A 79 0.04 10.29 0.77
C LEU A 79 0.69 11.26 -0.23
N VAL A 80 0.03 11.47 -1.37
CA VAL A 80 0.52 12.36 -2.42
C VAL A 80 0.50 13.84 -1.97
N GLU A 81 -0.50 14.25 -1.18
CA GLU A 81 -0.54 15.62 -0.66
C GLU A 81 0.43 15.84 0.51
N LYS A 82 0.85 14.75 1.18
CA LYS A 82 1.84 14.85 2.25
C LYS A 82 3.27 14.84 1.76
N GLN A 83 3.49 14.16 0.61
CA GLN A 83 4.81 14.01 -0.06
C GLN A 83 5.79 13.16 0.74
N ASP A 84 5.29 12.49 1.78
CA ASP A 84 6.14 11.85 2.76
C ASP A 84 5.40 10.68 3.42
N PRO A 85 6.03 9.47 3.41
CA PRO A 85 5.39 8.22 3.89
C PRO A 85 5.37 8.04 5.43
N THR A 86 5.89 9.00 6.18
CA THR A 86 5.91 8.88 7.63
C THR A 86 5.26 10.10 8.30
N ASP A 87 4.72 11.01 7.49
CA ASP A 87 4.01 12.18 8.02
C ASP A 87 2.54 11.85 8.23
N ILE A 88 2.28 11.21 9.37
CA ILE A 88 0.96 10.74 9.75
C ILE A 88 0.95 10.49 11.27
N LYS A 89 -0.21 10.63 11.89
CA LYS A 89 -0.39 10.24 13.28
C LYS A 89 -1.74 9.56 13.43
N TYR A 90 -1.78 8.53 14.26
CA TYR A 90 -2.99 7.75 14.49
C TYR A 90 -3.48 7.93 15.91
N LYS A 91 -4.80 8.04 16.08
CA LYS A 91 -5.36 8.22 17.42
C LYS A 91 -6.35 7.10 17.78
N ASP A 92 -5.80 5.91 18.02
CA ASP A 92 -6.57 4.77 18.54
C ASP A 92 -5.58 3.67 18.99
N ASN A 93 -6.07 2.43 19.06
CA ASN A 93 -5.24 1.27 19.44
C ASN A 93 -4.71 0.47 18.22
N ASP A 94 -5.08 0.84 16.99
CA ASP A 94 -4.67 0.05 15.81
C ASP A 94 -3.86 0.91 14.86
N GLY A 95 -4.48 1.96 14.35
CA GLY A 95 -3.86 2.78 13.33
C GLY A 95 -4.87 3.45 12.44
N HIS A 96 -5.85 4.08 13.05
CA HIS A 96 -6.87 4.84 12.35
C HIS A 96 -6.56 6.32 12.46
N THR A 97 -6.91 7.06 11.43
CA THR A 97 -6.57 8.46 11.35
C THR A 97 -7.82 9.34 11.24
N ASP A 98 -7.78 10.46 11.94
CA ASP A 98 -8.86 11.45 11.97
C ASP A 98 -8.75 12.40 10.77
N ALA A 99 -7.59 12.36 10.12
CA ALA A 99 -7.32 13.23 9.00
C ALA A 99 -7.96 12.74 7.71
N ILE A 100 -7.86 11.43 7.43
CA ILE A 100 -8.46 10.86 6.22
C ILE A 100 -9.93 10.53 6.47
N SER A 101 -10.80 11.40 5.94
CA SER A 101 -12.23 11.23 6.01
C SER A 101 -12.71 10.17 5.02
N GLY A 102 -13.08 9.01 5.55
CA GLY A 102 -13.54 7.92 4.72
C GLY A 102 -12.77 6.64 4.96
N ALA A 103 -11.65 6.72 5.65
CA ALA A 103 -10.84 5.55 5.94
C ALA A 103 -11.25 4.91 7.27
N THR A 104 -12.08 3.89 7.16
CA THR A 104 -12.54 3.12 8.32
C THR A 104 -11.63 1.92 8.58
N ILE A 105 -10.70 1.69 7.67
CA ILE A 105 -9.69 0.65 7.80
C ILE A 105 -8.42 1.26 8.45
N LYS A 106 -7.67 0.44 9.18
CA LYS A 106 -6.37 0.84 9.73
C LYS A 106 -5.34 1.21 8.64
N VAL A 107 -5.09 2.51 8.56
CA VAL A 107 -4.17 3.14 7.60
C VAL A 107 -2.69 2.92 8.01
N LYS A 108 -2.50 2.37 9.22
CA LYS A 108 -1.18 2.10 9.80
C LYS A 108 -0.32 1.22 8.88
N LYS A 109 -0.94 0.22 8.24
CA LYS A 109 -0.25 -0.72 7.34
C LYS A 109 0.30 -0.02 6.09
N PHE A 110 -0.46 0.95 5.56
CA PHE A 110 -0.11 1.69 4.34
C PHE A 110 1.16 2.51 4.53
N PHE A 111 1.15 3.39 5.52
CA PHE A 111 2.27 4.29 5.78
C PHE A 111 3.50 3.55 6.32
N ASP A 112 3.26 2.42 7.00
CA ASP A 112 4.33 1.55 7.51
C ASP A 112 5.17 1.00 6.37
N LEU A 113 4.46 0.49 5.39
CA LEU A 113 5.07 -0.19 4.25
C LEU A 113 5.62 0.79 3.23
N ALA A 114 5.06 1.99 3.18
CA ALA A 114 5.58 3.08 2.35
C ALA A 114 6.94 3.58 2.86
N GLN A 115 7.14 3.52 4.19
CA GLN A 115 8.44 3.85 4.83
C GLN A 115 9.50 2.81 4.49
N LYS A 116 9.05 1.56 4.42
CA LYS A 116 9.91 0.40 4.15
C LYS A 116 10.36 0.35 2.68
N ALA A 117 9.61 0.99 1.78
CA ALA A 117 9.99 1.08 0.36
C ALA A 117 11.23 1.94 0.16
N LEU A 118 11.40 2.95 1.02
CA LEU A 118 12.43 3.96 0.84
C LEU A 118 13.54 3.84 1.88
N LYS A 119 13.62 2.67 2.53
CA LYS A 119 14.65 2.40 3.55
C LYS A 119 16.08 2.36 2.96
N ASP A 120 16.22 1.83 1.75
CA ASP A 120 17.49 1.90 1.01
C ASP A 120 17.49 3.13 0.11
N ALA A 121 16.27 3.49 -0.33
CA ALA A 121 15.99 4.49 -1.38
C ALA A 121 16.73 4.20 -2.70
N GLU A 122 17.06 2.91 -2.92
CA GLU A 122 17.71 2.45 -4.14
C GLU A 122 17.06 1.13 -4.59
N LYS A 123 15.82 0.89 -4.13
CA LYS A 123 15.11 -0.37 -4.37
C LYS A 123 14.33 -0.32 -5.69
N LEU A 124 15.05 -0.49 -6.79
CA LEU A 124 14.47 -0.35 -8.11
C LEU A 124 14.31 -1.72 -8.76
N GLU A 125 13.07 -2.06 -9.08
CA GLU A 125 12.73 -3.25 -9.86
C GLU A 125 11.40 -3.01 -10.57
N HIS A 126 10.51 -2.31 -9.87
CA HIS A 126 9.28 -1.81 -10.46
C HIS A 126 9.65 -0.60 -11.31
N HIS A 127 9.21 -0.60 -12.56
CA HIS A 127 9.63 0.42 -13.52
C HIS A 127 8.93 1.75 -13.31
N HIS A 128 9.53 2.80 -13.85
CA HIS A 128 9.07 4.16 -13.64
C HIS A 128 7.94 4.50 -14.62
N HIS A 129 7.01 5.32 -14.16
CA HIS A 129 5.81 5.68 -14.90
C HIS A 129 6.11 6.90 -15.81
N HIS A 130 5.16 7.21 -16.72
CA HIS A 130 5.28 8.28 -17.73
C HIS A 130 5.63 9.65 -17.13
N HIS A 131 6.59 10.34 -17.76
CA HIS A 131 7.00 11.67 -17.34
C HIS A 131 6.31 12.71 -18.22
N MET A 1 15.89 10.30 -1.89
CA MET A 1 15.57 9.24 -2.88
C MET A 1 15.96 9.67 -4.29
N LYS A 2 16.07 8.70 -5.18
CA LYS A 2 16.27 8.93 -6.60
C LYS A 2 14.93 8.69 -7.29
N ASP A 3 14.81 9.04 -8.56
CA ASP A 3 13.60 8.73 -9.31
C ASP A 3 13.60 7.26 -9.73
N GLY A 4 12.53 6.56 -9.36
CA GLY A 4 12.36 5.16 -9.69
C GLY A 4 11.10 4.58 -9.06
N THR A 5 11.11 3.28 -8.84
CA THR A 5 9.99 2.59 -8.19
C THR A 5 10.46 1.96 -6.89
N TYR A 6 9.75 2.30 -5.82
CA TYR A 6 10.09 1.84 -4.49
C TYR A 6 8.97 1.04 -3.93
N TYR A 7 9.15 -0.25 -3.81
CA TYR A 7 8.10 -1.07 -3.27
C TYR A 7 8.61 -1.84 -2.07
N ALA A 8 7.75 -2.00 -1.09
CA ALA A 8 8.05 -2.82 0.07
C ALA A 8 6.94 -3.82 0.27
N GLU A 9 7.31 -5.00 0.69
CA GLU A 9 6.33 -6.03 0.96
C GLU A 9 6.33 -6.32 2.45
N ALA A 10 5.20 -6.81 2.95
CA ALA A 10 5.09 -7.16 4.36
C ALA A 10 5.91 -8.42 4.66
N ASP A 11 6.41 -8.50 5.89
CA ASP A 11 7.22 -9.63 6.35
C ASP A 11 6.37 -10.89 6.47
N ASP A 12 5.12 -10.71 6.87
CA ASP A 12 4.17 -11.80 7.03
C ASP A 12 2.85 -11.44 6.35
N PHE A 13 1.96 -12.41 6.23
CA PHE A 13 0.65 -12.18 5.60
C PHE A 13 -0.35 -11.66 6.62
N ASP A 14 -1.31 -10.86 6.14
CA ASP A 14 -2.39 -10.34 7.01
C ASP A 14 -3.49 -11.40 7.22
N GLU A 15 -4.62 -11.01 7.83
CA GLU A 15 -5.73 -11.93 8.17
C GLU A 15 -6.39 -12.52 6.92
N SER A 16 -6.45 -11.72 5.87
CA SER A 16 -7.01 -12.13 4.59
C SER A 16 -5.96 -12.78 3.67
N GLY A 17 -4.72 -12.90 4.18
CA GLY A 17 -3.66 -13.59 3.46
C GLY A 17 -3.02 -12.75 2.41
N TRP A 18 -2.73 -11.51 2.76
CA TRP A 18 -2.10 -10.58 1.84
C TRP A 18 -0.88 -9.94 2.50
N LYS A 19 0.26 -10.11 1.85
CA LYS A 19 1.45 -9.35 2.18
C LYS A 19 1.35 -7.99 1.53
N ASP A 20 0.96 -7.00 2.31
CA ASP A 20 0.64 -5.68 1.79
C ASP A 20 1.88 -5.00 1.25
N THR A 21 1.77 -4.52 0.03
CA THR A 21 2.88 -3.87 -0.61
C THR A 21 2.48 -2.43 -0.94
N VAL A 22 3.37 -1.51 -0.64
CA VAL A 22 3.13 -0.11 -0.94
C VAL A 22 4.21 0.37 -1.88
N THR A 23 3.78 0.77 -3.06
CA THR A 23 4.66 1.19 -4.10
C THR A 23 4.69 2.72 -4.19
N ILE A 24 5.82 3.28 -3.85
CA ILE A 24 6.04 4.71 -3.92
C ILE A 24 6.79 4.99 -5.21
N GLU A 25 6.14 5.68 -6.11
CA GLU A 25 6.75 6.02 -7.36
C GLU A 25 7.28 7.45 -7.31
N VAL A 26 8.59 7.54 -7.47
CA VAL A 26 9.31 8.79 -7.40
C VAL A 26 9.76 9.20 -8.80
N LYS A 27 9.53 10.45 -9.13
CA LYS A 27 9.97 11.05 -10.37
C LYS A 27 10.31 12.51 -10.08
N ASN A 28 11.46 12.97 -10.62
CA ASN A 28 11.97 14.34 -10.41
C ASN A 28 12.40 14.57 -8.95
N GLY A 29 12.82 13.48 -8.29
CA GLY A 29 13.27 13.55 -6.90
C GLY A 29 12.14 13.62 -5.87
N LYS A 30 10.90 13.49 -6.31
CA LYS A 30 9.75 13.59 -5.40
C LYS A 30 8.68 12.55 -5.74
N ILE A 31 7.72 12.34 -4.84
CA ILE A 31 6.66 11.36 -5.06
C ILE A 31 5.63 11.90 -6.04
N VAL A 32 5.43 11.19 -7.15
CA VAL A 32 4.47 11.62 -8.16
C VAL A 32 3.25 10.68 -8.20
N SER A 33 3.41 9.50 -7.60
CA SER A 33 2.38 8.47 -7.64
C SER A 33 2.59 7.49 -6.50
N VAL A 34 1.52 6.83 -6.11
CA VAL A 34 1.57 5.77 -5.14
C VAL A 34 0.55 4.70 -5.53
N ASP A 35 1.01 3.48 -5.53
CA ASP A 35 0.25 2.34 -6.02
C ASP A 35 0.16 1.27 -4.96
N TRP A 36 -0.99 0.60 -4.91
CA TRP A 36 -1.26 -0.39 -3.87
C TRP A 36 -1.49 -1.77 -4.47
N ASN A 37 -0.91 -2.76 -3.80
CA ASN A 37 -0.90 -4.15 -4.23
C ASN A 37 -0.68 -5.02 -2.98
N ALA A 38 -0.79 -6.34 -3.11
CA ALA A 38 -0.49 -7.28 -2.04
C ALA A 38 -0.25 -8.67 -2.61
N ILE A 39 0.52 -9.51 -1.92
CA ILE A 39 0.83 -10.85 -2.41
C ILE A 39 -0.05 -11.88 -1.68
N ASN A 40 -0.57 -12.87 -2.41
CA ASN A 40 -1.55 -13.82 -1.84
C ASN A 40 -0.87 -15.01 -1.17
N LYS A 41 -1.42 -15.43 -0.02
CA LYS A 41 -0.89 -16.55 0.77
C LYS A 41 -1.20 -17.91 0.12
N ASP A 42 -2.24 -17.93 -0.72
CA ASP A 42 -2.63 -19.11 -1.50
C ASP A 42 -1.47 -19.58 -2.40
N GLY A 43 -0.71 -18.63 -2.92
CA GLY A 43 0.45 -18.95 -3.74
C GLY A 43 0.23 -18.66 -5.20
N GLY A 44 -0.92 -18.06 -5.51
CA GLY A 44 -1.22 -17.69 -6.88
C GLY A 44 -0.57 -16.39 -7.30
N ASP A 45 -1.36 -15.35 -7.46
CA ASP A 45 -0.87 -14.07 -7.96
C ASP A 45 -0.99 -12.96 -6.92
N ASP A 46 -0.84 -11.73 -7.38
CA ASP A 46 -0.94 -10.54 -6.54
C ASP A 46 -2.37 -10.00 -6.55
N LYS A 47 -2.58 -8.89 -5.84
CA LYS A 47 -3.85 -8.14 -5.88
C LYS A 47 -4.15 -7.64 -7.28
N ASP A 48 -3.13 -7.07 -7.93
CA ASP A 48 -3.22 -6.55 -9.29
C ASP A 48 -3.47 -7.69 -10.30
N THR A 49 -2.66 -8.73 -10.23
CA THR A 49 -2.68 -9.82 -11.21
C THR A 49 -3.96 -10.66 -11.09
N LEU A 50 -4.40 -10.97 -9.87
CA LEU A 50 -5.63 -11.73 -9.64
C LEU A 50 -6.88 -10.96 -10.06
N SER A 51 -6.85 -9.63 -9.90
CA SER A 51 -7.95 -8.76 -10.31
C SER A 51 -8.07 -8.71 -11.85
N ARG A 52 -6.92 -8.73 -12.54
CA ARG A 52 -6.88 -8.70 -14.01
C ARG A 52 -7.25 -10.04 -14.63
N ASN A 53 -6.91 -11.13 -13.93
CA ASN A 53 -7.19 -12.50 -14.40
C ASN A 53 -8.63 -12.93 -14.09
N GLY A 54 -9.27 -12.24 -13.15
CA GLY A 54 -10.62 -12.60 -12.73
C GLY A 54 -10.64 -13.77 -11.77
N GLY A 55 -9.78 -13.72 -10.77
CA GLY A 55 -9.71 -14.77 -9.78
C GLY A 55 -9.28 -14.27 -8.43
N TYR A 56 -9.86 -13.15 -8.01
CA TYR A 56 -9.59 -12.59 -6.69
C TYR A 56 -10.26 -13.43 -5.59
N LYS A 57 -9.44 -14.17 -4.86
CA LYS A 57 -9.87 -14.86 -3.66
C LYS A 57 -8.92 -14.53 -2.51
N MET A 58 -9.50 -14.23 -1.35
CA MET A 58 -8.74 -14.08 -0.12
C MET A 58 -8.65 -15.43 0.57
N VAL A 59 -7.81 -15.55 1.60
CA VAL A 59 -7.84 -16.77 2.41
C VAL A 59 -8.82 -16.58 3.58
N GLU A 60 -9.26 -15.34 3.78
CA GLU A 60 -10.26 -15.04 4.76
C GLU A 60 -11.62 -15.07 4.09
N TYR A 61 -12.32 -16.17 4.25
CA TYR A 61 -13.64 -16.31 3.69
C TYR A 61 -14.68 -16.14 4.78
N GLY A 62 -15.04 -14.88 4.98
CA GLY A 62 -15.98 -14.51 6.01
C GLY A 62 -15.54 -13.24 6.72
N GLY A 63 -14.74 -12.44 6.03
CA GLY A 63 -14.21 -11.23 6.61
C GLY A 63 -14.32 -10.05 5.68
N ALA A 64 -13.98 -8.87 6.19
CA ALA A 64 -14.02 -7.65 5.41
C ALA A 64 -12.73 -7.46 4.60
N GLN A 65 -12.66 -6.36 3.85
CA GLN A 65 -11.48 -6.03 3.08
C GLN A 65 -10.39 -5.40 3.96
N ALA A 66 -9.54 -6.27 4.48
CA ALA A 66 -8.35 -5.88 5.24
C ALA A 66 -7.15 -5.78 4.29
N GLU A 67 -7.36 -5.01 3.22
CA GLU A 67 -6.43 -4.91 2.11
C GLU A 67 -6.55 -3.53 1.45
N TRP A 68 -5.66 -3.27 0.51
CA TRP A 68 -5.64 -2.01 -0.22
C TRP A 68 -6.27 -2.16 -1.59
N HIS A 69 -7.54 -1.76 -1.68
CA HIS A 69 -8.25 -1.79 -2.94
C HIS A 69 -9.10 -0.50 -3.10
N GLU A 70 -10.34 -0.54 -2.63
CA GLU A 70 -11.31 0.51 -2.92
C GLU A 70 -11.36 1.56 -1.81
N GLN A 71 -11.00 1.17 -0.60
CA GLN A 71 -10.91 2.12 0.51
C GLN A 71 -9.50 2.74 0.57
N ALA A 72 -8.61 2.21 -0.27
CA ALA A 72 -7.23 2.68 -0.36
C ALA A 72 -7.13 4.03 -1.08
N GLU A 73 -8.11 4.37 -1.93
CA GLU A 73 -8.08 5.60 -2.76
C GLU A 73 -8.00 6.90 -1.92
N LYS A 74 -8.62 6.89 -0.74
CA LYS A 74 -8.64 8.07 0.13
C LYS A 74 -7.26 8.25 0.79
N VAL A 75 -6.69 7.11 1.14
CA VAL A 75 -5.43 7.02 1.88
C VAL A 75 -4.22 7.37 0.99
N GLU A 76 -4.24 6.88 -0.26
CA GLU A 76 -3.15 7.11 -1.23
C GLU A 76 -3.09 8.57 -1.71
N ALA A 77 -4.26 9.20 -1.85
CA ALA A 77 -4.33 10.63 -2.22
C ALA A 77 -3.69 11.52 -1.15
N TYR A 78 -3.84 11.10 0.10
CA TYR A 78 -3.28 11.80 1.25
C TYR A 78 -1.75 11.67 1.29
N LEU A 79 -1.23 10.52 0.82
CA LEU A 79 0.22 10.27 0.73
C LEU A 79 0.89 11.24 -0.24
N VAL A 80 0.27 11.46 -1.40
CA VAL A 80 0.84 12.30 -2.46
C VAL A 80 0.82 13.79 -2.06
N GLU A 81 -0.21 14.23 -1.32
CA GLU A 81 -0.26 15.62 -0.87
C GLU A 81 0.68 15.87 0.33
N LYS A 82 1.03 14.80 1.07
CA LYS A 82 2.01 14.89 2.16
C LYS A 82 3.43 14.89 1.65
N GLN A 83 3.66 14.15 0.53
CA GLN A 83 5.01 13.90 -0.05
C GLN A 83 5.92 13.12 0.92
N ASP A 84 5.32 12.51 1.94
CA ASP A 84 6.06 11.93 3.04
C ASP A 84 5.31 10.73 3.62
N PRO A 85 5.98 9.56 3.68
CA PRO A 85 5.36 8.29 4.14
C PRO A 85 5.25 8.14 5.66
N THR A 86 5.67 9.13 6.43
CA THR A 86 5.62 9.03 7.89
C THR A 86 4.86 10.22 8.51
N ASP A 87 4.27 11.07 7.67
CA ASP A 87 3.53 12.23 8.16
C ASP A 87 2.05 11.89 8.31
N ILE A 88 1.71 11.39 9.50
CA ILE A 88 0.36 10.96 9.84
C ILE A 88 0.29 10.74 11.35
N LYS A 89 -0.88 10.98 11.95
CA LYS A 89 -1.09 10.68 13.36
C LYS A 89 -2.34 9.83 13.53
N TYR A 90 -2.18 8.70 14.22
CA TYR A 90 -3.29 7.81 14.52
C TYR A 90 -3.73 7.99 15.98
N LYS A 91 -5.01 7.75 16.24
CA LYS A 91 -5.52 7.79 17.60
C LYS A 91 -6.49 6.64 17.91
N ASP A 92 -5.94 5.43 18.08
CA ASP A 92 -6.70 4.25 18.55
C ASP A 92 -5.72 3.13 18.96
N ASN A 93 -6.24 1.89 18.98
CA ASN A 93 -5.46 0.69 19.24
C ASN A 93 -4.51 0.31 18.09
N ASP A 94 -4.84 0.68 16.84
CA ASP A 94 -4.14 0.12 15.67
C ASP A 94 -3.51 1.22 14.80
N GLY A 95 -4.34 2.02 14.15
CA GLY A 95 -3.85 2.90 13.11
C GLY A 95 -4.94 3.63 12.37
N HIS A 96 -5.92 4.15 13.09
CA HIS A 96 -7.01 4.91 12.53
C HIS A 96 -6.77 6.39 12.68
N THR A 97 -7.11 7.12 11.65
CA THR A 97 -6.91 8.56 11.62
C THR A 97 -8.16 9.23 11.06
N ASP A 98 -8.49 10.40 11.58
CA ASP A 98 -9.66 11.13 11.11
C ASP A 98 -9.22 12.26 10.16
N ALA A 99 -7.90 12.37 9.97
CA ALA A 99 -7.32 13.31 9.01
C ALA A 99 -7.63 12.87 7.59
N ILE A 100 -7.74 11.55 7.42
CA ILE A 100 -8.31 10.97 6.22
C ILE A 100 -9.74 10.51 6.56
N SER A 101 -10.70 11.39 6.36
CA SER A 101 -12.10 11.07 6.61
C SER A 101 -12.65 10.17 5.51
N GLY A 102 -12.85 8.91 5.87
CA GLY A 102 -13.33 7.91 4.93
C GLY A 102 -12.60 6.59 5.07
N ALA A 103 -11.49 6.60 5.78
CA ALA A 103 -10.72 5.39 6.02
C ALA A 103 -11.12 4.72 7.32
N THR A 104 -12.04 3.76 7.21
CA THR A 104 -12.51 2.97 8.34
C THR A 104 -11.65 1.69 8.47
N ILE A 105 -10.81 1.44 7.46
CA ILE A 105 -9.74 0.46 7.57
C ILE A 105 -8.54 1.20 8.20
N LYS A 106 -7.73 0.51 9.01
CA LYS A 106 -6.55 1.13 9.60
C LYS A 106 -5.50 1.48 8.53
N VAL A 107 -5.18 2.76 8.53
CA VAL A 107 -4.23 3.41 7.62
C VAL A 107 -2.78 3.06 7.97
N LYS A 108 -2.61 2.45 9.16
CA LYS A 108 -1.31 2.07 9.74
C LYS A 108 -0.44 1.30 8.76
N LYS A 109 -0.99 0.25 8.14
CA LYS A 109 -0.22 -0.64 7.26
C LYS A 109 0.24 0.06 5.98
N PHE A 110 -0.54 1.05 5.51
CA PHE A 110 -0.21 1.81 4.31
C PHE A 110 1.05 2.66 4.53
N PHE A 111 1.02 3.50 5.55
CA PHE A 111 2.14 4.39 5.85
C PHE A 111 3.35 3.62 6.39
N ASP A 112 3.09 2.47 7.01
CA ASP A 112 4.12 1.55 7.51
C ASP A 112 5.02 1.06 6.39
N LEU A 113 4.38 0.49 5.37
CA LEU A 113 5.06 -0.11 4.23
C LEU A 113 5.51 0.96 3.23
N ALA A 114 4.94 2.16 3.32
CA ALA A 114 5.42 3.32 2.56
C ALA A 114 6.78 3.80 3.08
N GLN A 115 6.96 3.74 4.41
CA GLN A 115 8.24 4.05 5.06
C GLN A 115 9.29 3.02 4.68
N LYS A 116 8.84 1.77 4.61
CA LYS A 116 9.69 0.63 4.28
C LYS A 116 10.04 0.60 2.79
N ALA A 117 9.22 1.24 1.96
CA ALA A 117 9.48 1.33 0.52
C ALA A 117 10.70 2.21 0.23
N LEU A 118 10.88 3.26 1.02
CA LEU A 118 11.95 4.24 0.80
C LEU A 118 13.03 4.11 1.90
N LYS A 119 13.08 2.95 2.56
CA LYS A 119 13.97 2.71 3.72
C LYS A 119 15.47 2.81 3.36
N ASP A 120 15.86 2.24 2.22
CA ASP A 120 17.24 2.28 1.77
C ASP A 120 17.44 3.35 0.71
N ALA A 121 16.30 3.80 0.15
CA ALA A 121 16.23 4.67 -1.03
C ALA A 121 16.91 4.07 -2.28
N GLU A 122 17.09 2.74 -2.29
CA GLU A 122 17.57 2.02 -3.46
C GLU A 122 16.83 0.70 -3.58
N LYS A 123 15.60 0.77 -4.08
CA LYS A 123 14.80 -0.41 -4.32
C LYS A 123 14.83 -0.76 -5.81
N LEU A 124 14.54 -2.04 -6.13
CA LEU A 124 14.61 -2.53 -7.49
C LEU A 124 13.35 -2.18 -8.28
N GLU A 125 13.48 -2.23 -9.63
CA GLU A 125 12.49 -1.76 -10.62
C GLU A 125 12.43 -0.22 -10.64
N HIS A 126 12.66 0.36 -11.81
CA HIS A 126 12.62 1.80 -11.98
C HIS A 126 11.66 2.20 -13.11
N HIS A 127 10.40 1.92 -12.87
CA HIS A 127 9.32 2.23 -13.80
C HIS A 127 8.89 3.69 -13.61
N HIS A 128 8.44 4.33 -14.69
CA HIS A 128 7.93 5.70 -14.60
C HIS A 128 6.55 5.83 -15.24
N HIS A 129 5.57 5.80 -14.37
CA HIS A 129 4.16 6.01 -14.68
C HIS A 129 3.81 7.47 -14.27
N HIS A 130 2.59 7.94 -14.61
CA HIS A 130 2.05 9.27 -14.23
C HIS A 130 2.64 10.37 -15.11
N HIS A 131 1.77 10.97 -15.92
CA HIS A 131 2.15 12.06 -16.81
C HIS A 131 1.87 13.41 -16.15
N MET A 1 16.51 9.31 -2.83
CA MET A 1 15.26 9.03 -3.56
C MET A 1 15.44 9.33 -5.04
N LYS A 2 15.54 8.25 -5.81
CA LYS A 2 15.74 8.33 -7.25
C LYS A 2 14.43 8.12 -7.99
N ASP A 3 14.42 8.45 -9.27
CA ASP A 3 13.27 8.27 -10.14
C ASP A 3 13.04 6.78 -10.41
N GLY A 4 11.90 6.30 -9.92
CA GLY A 4 11.47 4.92 -10.10
C GLY A 4 10.27 4.63 -9.23
N THR A 5 9.57 3.54 -9.52
CA THR A 5 8.43 3.15 -8.69
C THR A 5 8.85 2.04 -7.73
N TYR A 6 8.77 2.36 -6.46
CA TYR A 6 9.19 1.50 -5.36
C TYR A 6 8.01 0.70 -4.86
N TYR A 7 8.28 -0.46 -4.32
CA TYR A 7 7.24 -1.27 -3.72
C TYR A 7 7.77 -1.88 -2.42
N ALA A 8 6.89 -2.11 -1.45
CA ALA A 8 7.27 -2.84 -0.25
C ALA A 8 6.16 -3.75 0.20
N GLU A 9 6.53 -4.91 0.71
CA GLU A 9 5.57 -5.91 1.16
C GLU A 9 5.65 -6.08 2.66
N ALA A 10 4.50 -6.34 3.27
CA ALA A 10 4.35 -6.43 4.73
C ALA A 10 5.07 -7.62 5.32
N ASP A 11 5.14 -7.64 6.66
CA ASP A 11 5.83 -8.69 7.41
C ASP A 11 5.20 -10.06 7.17
N ASP A 12 3.89 -10.13 7.26
CA ASP A 12 3.17 -11.38 7.07
C ASP A 12 1.89 -11.12 6.26
N PHE A 13 1.09 -12.16 6.09
CA PHE A 13 -0.22 -12.06 5.47
C PHE A 13 -1.26 -11.84 6.59
N ASP A 14 -2.49 -11.49 6.21
CA ASP A 14 -3.57 -11.40 7.19
C ASP A 14 -4.27 -12.77 7.34
N GLU A 15 -5.43 -12.80 8.00
CA GLU A 15 -6.26 -14.01 8.14
C GLU A 15 -6.65 -14.62 6.78
N SER A 16 -6.86 -13.77 5.79
CA SER A 16 -7.27 -14.21 4.46
C SER A 16 -6.08 -14.34 3.49
N GLY A 17 -4.88 -14.13 4.00
CA GLY A 17 -3.68 -14.36 3.22
C GLY A 17 -3.38 -13.21 2.27
N TRP A 18 -3.47 -11.99 2.77
CA TRP A 18 -3.11 -10.83 2.00
C TRP A 18 -1.98 -10.06 2.65
N LYS A 19 -0.88 -9.97 1.93
CA LYS A 19 0.30 -9.24 2.35
C LYS A 19 0.25 -7.85 1.74
N ASP A 20 0.20 -6.84 2.60
CA ASP A 20 0.05 -5.45 2.16
C ASP A 20 1.27 -4.97 1.39
N THR A 21 1.04 -4.39 0.22
CA THR A 21 2.10 -3.77 -0.50
C THR A 21 1.77 -2.32 -0.77
N VAL A 22 2.71 -1.45 -0.47
CA VAL A 22 2.54 -0.03 -0.67
C VAL A 22 3.55 0.44 -1.69
N THR A 23 3.02 0.88 -2.80
CA THR A 23 3.82 1.21 -3.95
C THR A 23 4.02 2.72 -4.06
N ILE A 24 5.24 3.17 -3.82
CA ILE A 24 5.53 4.61 -3.80
C ILE A 24 6.27 5.00 -5.07
N GLU A 25 5.65 5.81 -5.89
CA GLU A 25 6.27 6.24 -7.13
C GLU A 25 6.95 7.57 -6.96
N VAL A 26 8.25 7.54 -7.11
CA VAL A 26 9.08 8.72 -7.06
C VAL A 26 9.49 9.09 -8.47
N LYS A 27 9.12 10.27 -8.87
CA LYS A 27 9.47 10.77 -10.17
C LYS A 27 9.96 12.19 -9.99
N ASN A 28 11.15 12.47 -10.54
CA ASN A 28 11.84 13.76 -10.41
C ASN A 28 12.25 14.03 -8.95
N GLY A 29 12.57 12.94 -8.21
CA GLY A 29 12.97 13.05 -6.81
C GLY A 29 11.83 13.28 -5.82
N LYS A 30 10.60 13.29 -6.30
CA LYS A 30 9.44 13.55 -5.45
C LYS A 30 8.35 12.51 -5.69
N ILE A 31 7.46 12.32 -4.71
CA ILE A 31 6.39 11.34 -4.86
C ILE A 31 5.26 11.93 -5.72
N VAL A 32 5.07 11.36 -6.90
CA VAL A 32 4.03 11.85 -7.79
C VAL A 32 2.83 10.92 -7.79
N SER A 33 3.04 9.68 -7.34
CA SER A 33 2.02 8.65 -7.39
C SER A 33 2.19 7.71 -6.22
N VAL A 34 1.11 7.05 -5.87
CA VAL A 34 1.13 5.97 -4.89
C VAL A 34 0.01 4.98 -5.25
N ASP A 35 0.35 3.72 -5.17
CA ASP A 35 -0.53 2.64 -5.57
C ASP A 35 -0.73 1.69 -4.40
N TRP A 36 -1.96 1.25 -4.24
CA TRP A 36 -2.35 0.37 -3.15
C TRP A 36 -2.68 -1.01 -3.70
N ASN A 37 -2.07 -2.03 -3.08
CA ASN A 37 -2.07 -3.37 -3.64
C ASN A 37 -1.80 -4.40 -2.52
N ALA A 38 -1.99 -5.69 -2.80
CA ALA A 38 -1.70 -6.75 -1.84
C ALA A 38 -1.37 -8.07 -2.54
N ILE A 39 -0.61 -8.93 -1.88
CA ILE A 39 -0.21 -10.24 -2.43
C ILE A 39 -1.02 -11.36 -1.78
N ASN A 40 -1.55 -12.28 -2.57
CA ASN A 40 -2.32 -13.39 -2.03
C ASN A 40 -1.43 -14.61 -1.80
N LYS A 41 -1.69 -15.26 -0.66
CA LYS A 41 -0.98 -16.46 -0.19
C LYS A 41 -1.12 -17.65 -1.15
N ASP A 42 -2.34 -17.89 -1.60
CA ASP A 42 -2.64 -19.05 -2.45
C ASP A 42 -2.29 -18.75 -3.92
N GLY A 43 -2.53 -17.50 -4.33
CA GLY A 43 -2.29 -17.09 -5.70
C GLY A 43 -0.82 -16.96 -6.02
N GLY A 44 -0.10 -16.22 -5.18
CA GLY A 44 1.33 -16.05 -5.36
C GLY A 44 1.68 -14.72 -6.00
N ASP A 45 0.68 -14.04 -6.53
CA ASP A 45 0.87 -12.81 -7.25
C ASP A 45 0.27 -11.65 -6.49
N ASP A 46 0.45 -10.47 -7.05
CA ASP A 46 -0.14 -9.23 -6.52
C ASP A 46 -1.58 -9.12 -7.03
N LYS A 47 -2.42 -8.31 -6.38
CA LYS A 47 -3.87 -8.27 -6.69
C LYS A 47 -4.16 -7.85 -8.12
N ASP A 48 -3.36 -6.92 -8.65
CA ASP A 48 -3.45 -6.48 -10.05
C ASP A 48 -3.20 -7.65 -11.03
N THR A 49 -2.20 -8.47 -10.73
CA THR A 49 -1.84 -9.63 -11.54
C THR A 49 -2.84 -10.80 -11.33
N LEU A 50 -3.38 -10.91 -10.12
CA LEU A 50 -4.37 -11.94 -9.77
C LEU A 50 -5.68 -11.75 -10.54
N SER A 51 -6.03 -10.50 -10.80
CA SER A 51 -7.22 -10.16 -11.60
C SER A 51 -7.05 -10.57 -13.07
N ARG A 52 -5.78 -10.56 -13.53
CA ARG A 52 -5.44 -10.91 -14.91
C ARG A 52 -5.47 -12.43 -15.14
N ASN A 53 -5.05 -13.21 -14.14
CA ASN A 53 -4.98 -14.67 -14.28
C ASN A 53 -6.27 -15.35 -13.80
N GLY A 54 -6.94 -14.73 -12.85
CA GLY A 54 -8.14 -15.30 -12.27
C GLY A 54 -7.90 -15.97 -10.94
N GLY A 55 -6.82 -15.55 -10.26
CA GLY A 55 -6.45 -16.14 -8.98
C GLY A 55 -6.73 -15.22 -7.81
N TYR A 56 -7.69 -14.31 -7.97
CA TYR A 56 -8.11 -13.41 -6.89
C TYR A 56 -9.12 -14.12 -5.99
N LYS A 57 -8.60 -15.04 -5.18
CA LYS A 57 -9.40 -15.76 -4.21
C LYS A 57 -8.88 -15.46 -2.83
N MET A 58 -9.72 -14.81 -2.04
CA MET A 58 -9.43 -14.59 -0.63
C MET A 58 -9.58 -15.92 0.09
N VAL A 59 -8.54 -16.37 0.82
CA VAL A 59 -8.56 -17.73 1.40
C VAL A 59 -9.47 -17.80 2.64
N GLU A 60 -9.91 -16.64 3.10
CA GLU A 60 -10.91 -16.55 4.12
C GLU A 60 -11.97 -15.55 3.68
N TYR A 61 -13.11 -16.07 3.28
CA TYR A 61 -14.25 -15.24 2.92
C TYR A 61 -14.97 -14.83 4.21
N GLY A 62 -14.53 -13.71 4.74
CA GLY A 62 -14.94 -13.26 6.05
C GLY A 62 -13.86 -12.41 6.68
N GLY A 63 -12.62 -12.71 6.30
CA GLY A 63 -11.48 -11.88 6.67
C GLY A 63 -11.19 -10.85 5.60
N ALA A 64 -9.88 -10.64 5.33
CA ALA A 64 -9.38 -9.68 4.33
C ALA A 64 -9.71 -8.24 4.70
N GLN A 65 -9.54 -7.95 5.99
CA GLN A 65 -9.91 -6.66 6.57
C GLN A 65 -8.69 -5.75 6.74
N ALA A 66 -7.62 -6.09 6.03
CA ALA A 66 -6.42 -5.27 5.96
C ALA A 66 -6.19 -4.80 4.53
N GLU A 67 -7.19 -5.02 3.66
CA GLU A 67 -7.08 -4.68 2.25
C GLU A 67 -7.41 -3.23 1.99
N TRP A 68 -6.70 -2.66 1.04
CA TRP A 68 -6.99 -1.35 0.49
C TRP A 68 -8.02 -1.44 -0.62
N HIS A 69 -9.26 -1.79 -0.24
CA HIS A 69 -10.30 -2.12 -1.21
C HIS A 69 -11.01 -0.88 -1.74
N GLU A 70 -11.12 0.17 -0.93
CA GLU A 70 -11.88 1.37 -1.29
C GLU A 70 -11.40 2.59 -0.51
N GLN A 71 -11.13 2.38 0.78
CA GLN A 71 -10.79 3.44 1.74
C GLN A 71 -9.42 4.06 1.46
N ALA A 72 -8.60 3.32 0.70
CA ALA A 72 -7.25 3.72 0.34
C ALA A 72 -7.18 4.89 -0.61
N GLU A 73 -8.25 5.12 -1.40
CA GLU A 73 -8.33 6.27 -2.32
C GLU A 73 -8.25 7.60 -1.58
N LYS A 74 -8.74 7.64 -0.35
CA LYS A 74 -8.64 8.81 0.50
C LYS A 74 -7.24 8.94 1.09
N VAL A 75 -6.62 7.79 1.39
CA VAL A 75 -5.31 7.71 2.06
C VAL A 75 -4.15 8.10 1.11
N GLU A 76 -4.26 7.71 -0.16
CA GLU A 76 -3.25 7.97 -1.18
C GLU A 76 -3.08 9.48 -1.48
N ALA A 77 -4.20 10.21 -1.48
CA ALA A 77 -4.21 11.66 -1.66
C ALA A 77 -3.44 12.39 -0.55
N TYR A 78 -3.52 11.85 0.66
CA TYR A 78 -2.83 12.40 1.82
C TYR A 78 -1.30 12.16 1.74
N LEU A 79 -0.89 11.04 1.16
CA LEU A 79 0.54 10.72 1.03
C LEU A 79 1.22 11.62 0.00
N VAL A 80 0.54 11.89 -1.12
CA VAL A 80 1.10 12.73 -2.18
C VAL A 80 1.16 14.22 -1.76
N GLU A 81 0.20 14.68 -0.95
CA GLU A 81 0.25 16.07 -0.47
C GLU A 81 1.33 16.25 0.62
N LYS A 82 1.62 15.18 1.37
CA LYS A 82 2.59 15.25 2.46
C LYS A 82 4.02 15.05 1.99
N GLN A 83 4.19 14.23 0.92
CA GLN A 83 5.50 13.89 0.32
C GLN A 83 6.39 13.08 1.28
N ASP A 84 5.80 12.55 2.34
CA ASP A 84 6.56 11.95 3.40
C ASP A 84 5.87 10.68 3.90
N PRO A 85 6.55 9.52 3.78
CA PRO A 85 5.99 8.21 4.15
C PRO A 85 5.92 7.92 5.66
N THR A 86 6.37 8.85 6.50
CA THR A 86 6.33 8.64 7.95
C THR A 86 5.71 9.85 8.67
N ASP A 87 5.26 10.86 7.91
CA ASP A 87 4.61 12.03 8.47
C ASP A 87 3.12 11.76 8.65
N ILE A 88 2.78 11.28 9.85
CA ILE A 88 1.42 10.87 10.18
C ILE A 88 1.31 10.66 11.71
N LYS A 89 0.12 10.86 12.24
CA LYS A 89 -0.17 10.60 13.64
C LYS A 89 -1.59 10.01 13.75
N TYR A 90 -1.74 9.04 14.65
CA TYR A 90 -3.02 8.33 14.80
C TYR A 90 -3.56 8.51 16.20
N LYS A 91 -4.87 8.30 16.33
CA LYS A 91 -5.53 8.28 17.63
C LYS A 91 -6.45 7.07 17.72
N ASP A 92 -5.88 5.90 18.04
CA ASP A 92 -6.63 4.65 17.93
C ASP A 92 -5.89 3.53 18.69
N ASN A 93 -6.44 2.32 18.64
CA ASN A 93 -5.76 1.12 19.15
C ASN A 93 -5.15 0.32 17.99
N ASP A 94 -5.30 0.81 16.76
CA ASP A 94 -4.82 0.10 15.58
C ASP A 94 -4.06 1.07 14.68
N GLY A 95 -4.71 2.18 14.32
CA GLY A 95 -4.11 3.12 13.41
C GLY A 95 -5.12 3.89 12.59
N HIS A 96 -6.13 4.46 13.25
CA HIS A 96 -7.08 5.34 12.59
C HIS A 96 -6.71 6.78 12.88
N THR A 97 -6.95 7.64 11.91
CA THR A 97 -6.57 9.03 11.99
C THR A 97 -7.68 9.92 11.46
N ASP A 98 -7.80 11.12 12.01
CA ASP A 98 -8.84 12.08 11.61
C ASP A 98 -8.29 13.01 10.53
N ALA A 99 -6.98 12.91 10.30
CA ALA A 99 -6.29 13.68 9.27
C ALA A 99 -6.59 13.12 7.88
N ILE A 100 -7.09 11.88 7.83
CA ILE A 100 -7.55 11.27 6.59
C ILE A 100 -9.03 10.91 6.74
N SER A 101 -9.88 11.77 6.20
CA SER A 101 -11.31 11.52 6.15
C SER A 101 -11.63 10.51 5.06
N GLY A 102 -12.38 9.47 5.43
CA GLY A 102 -12.77 8.45 4.45
C GLY A 102 -12.08 7.12 4.67
N ALA A 103 -11.05 7.11 5.50
CA ALA A 103 -10.30 5.91 5.81
C ALA A 103 -10.97 5.09 6.91
N THR A 104 -11.68 4.05 6.51
CA THR A 104 -12.34 3.14 7.43
C THR A 104 -11.35 2.08 7.94
N ILE A 105 -10.46 1.63 7.06
CA ILE A 105 -9.44 0.66 7.41
C ILE A 105 -8.19 1.40 7.93
N LYS A 106 -7.51 0.79 8.90
CA LYS A 106 -6.33 1.37 9.56
C LYS A 106 -5.20 1.73 8.58
N VAL A 107 -4.78 2.98 8.71
CA VAL A 107 -3.78 3.61 7.86
C VAL A 107 -2.34 3.30 8.35
N LYS A 108 -2.24 2.70 9.55
CA LYS A 108 -0.97 2.36 10.18
C LYS A 108 -0.13 1.40 9.33
N LYS A 109 -0.80 0.53 8.57
CA LYS A 109 -0.12 -0.40 7.67
C LYS A 109 0.42 0.31 6.41
N PHE A 110 -0.35 1.29 5.90
CA PHE A 110 0.01 2.06 4.70
C PHE A 110 1.33 2.81 4.88
N PHE A 111 1.41 3.65 5.93
CA PHE A 111 2.59 4.47 6.17
C PHE A 111 3.78 3.64 6.65
N ASP A 112 3.49 2.50 7.28
CA ASP A 112 4.52 1.55 7.74
C ASP A 112 5.33 1.01 6.55
N LEU A 113 4.57 0.57 5.55
CA LEU A 113 5.13 -0.05 4.36
C LEU A 113 5.62 0.98 3.34
N ALA A 114 5.10 2.20 3.43
CA ALA A 114 5.61 3.33 2.65
C ALA A 114 7.05 3.68 3.04
N GLN A 115 7.39 3.46 4.31
CA GLN A 115 8.76 3.65 4.81
C GLN A 115 9.70 2.57 4.30
N LYS A 116 9.19 1.34 4.17
CA LYS A 116 9.94 0.21 3.63
C LYS A 116 10.15 0.31 2.12
N ALA A 117 9.28 1.06 1.44
CA ALA A 117 9.44 1.29 0.01
C ALA A 117 10.68 2.14 -0.27
N LEU A 118 10.95 3.11 0.59
CA LEU A 118 12.05 4.05 0.36
C LEU A 118 13.20 3.83 1.37
N LYS A 119 13.26 2.63 1.96
CA LYS A 119 14.21 2.30 3.04
C LYS A 119 15.70 2.38 2.59
N ASP A 120 15.98 1.93 1.39
CA ASP A 120 17.32 2.11 0.80
C ASP A 120 17.28 3.16 -0.30
N ALA A 121 16.05 3.44 -0.77
CA ALA A 121 15.76 4.28 -1.95
C ALA A 121 16.45 3.79 -3.24
N GLU A 122 16.84 2.52 -3.25
CA GLU A 122 17.36 1.86 -4.43
C GLU A 122 16.72 0.48 -4.52
N LYS A 123 15.58 0.42 -5.19
CA LYS A 123 14.85 -0.84 -5.35
C LYS A 123 14.57 -1.05 -6.85
N LEU A 124 13.60 -1.91 -7.20
CA LEU A 124 13.30 -2.23 -8.61
C LEU A 124 12.84 -1.00 -9.40
N GLU A 125 13.25 -0.95 -10.66
CA GLU A 125 12.91 0.15 -11.56
C GLU A 125 11.60 -0.16 -12.30
N HIS A 126 10.50 0.17 -11.64
CA HIS A 126 9.17 0.00 -12.23
C HIS A 126 8.81 1.26 -13.03
N HIS A 127 8.22 1.07 -14.20
CA HIS A 127 7.77 2.20 -15.00
C HIS A 127 6.24 2.28 -14.97
N HIS A 128 5.75 3.51 -14.94
CA HIS A 128 4.33 3.81 -14.84
C HIS A 128 4.14 5.25 -15.32
N HIS A 129 3.05 5.54 -16.01
CA HIS A 129 2.87 6.84 -16.66
C HIS A 129 2.51 7.94 -15.65
N HIS A 130 1.33 7.84 -15.03
CA HIS A 130 0.85 8.91 -14.13
C HIS A 130 -0.24 8.39 -13.20
N HIS A 131 -0.45 9.12 -12.11
CA HIS A 131 -1.51 8.81 -11.16
C HIS A 131 -2.81 9.52 -11.55
N MET A 1 16.05 10.72 -2.20
CA MET A 1 14.89 10.23 -2.97
C MET A 1 15.07 10.53 -4.45
N LYS A 2 15.36 9.48 -5.21
CA LYS A 2 15.53 9.61 -6.65
C LYS A 2 14.27 9.16 -7.38
N ASP A 3 14.19 9.49 -8.67
CA ASP A 3 13.07 9.07 -9.49
C ASP A 3 13.09 7.56 -9.74
N GLY A 4 12.12 6.88 -9.15
CA GLY A 4 12.03 5.45 -9.24
C GLY A 4 10.82 4.93 -8.54
N THR A 5 10.64 3.63 -8.60
CA THR A 5 9.46 3.01 -8.06
C THR A 5 9.83 2.12 -6.87
N TYR A 6 9.28 2.44 -5.73
CA TYR A 6 9.56 1.71 -4.50
C TYR A 6 8.43 0.80 -4.19
N TYR A 7 8.76 -0.34 -3.66
CA TYR A 7 7.76 -1.30 -3.26
C TYR A 7 8.18 -1.95 -1.96
N ALA A 8 7.24 -2.20 -1.07
CA ALA A 8 7.50 -2.94 0.14
C ALA A 8 6.37 -3.87 0.43
N GLU A 9 6.69 -5.06 0.90
CA GLU A 9 5.68 -6.05 1.21
C GLU A 9 5.66 -6.28 2.72
N ALA A 10 4.46 -6.53 3.24
CA ALA A 10 4.23 -6.68 4.68
C ALA A 10 4.94 -7.91 5.26
N ASP A 11 5.11 -7.90 6.58
CA ASP A 11 5.76 -9.00 7.29
C ASP A 11 4.76 -10.12 7.59
N ASP A 12 3.49 -9.74 7.65
CA ASP A 12 2.42 -10.66 7.97
C ASP A 12 1.36 -10.63 6.85
N PHE A 13 0.58 -11.70 6.74
CA PHE A 13 -0.55 -11.74 5.81
C PHE A 13 -1.84 -11.38 6.54
N ASP A 14 -2.89 -11.05 5.81
CA ASP A 14 -4.22 -10.89 6.41
C ASP A 14 -4.87 -12.28 6.51
N GLU A 15 -6.04 -12.35 7.15
CA GLU A 15 -6.77 -13.60 7.34
C GLU A 15 -7.11 -14.30 6.03
N SER A 16 -7.49 -13.53 5.01
CA SER A 16 -7.89 -14.10 3.71
C SER A 16 -6.68 -14.40 2.81
N GLY A 17 -5.48 -14.09 3.29
CA GLY A 17 -4.27 -14.49 2.59
C GLY A 17 -3.76 -13.45 1.61
N TRP A 18 -3.77 -12.19 2.03
CA TRP A 18 -3.24 -11.11 1.22
C TRP A 18 -2.23 -10.29 2.00
N LYS A 19 -1.04 -10.16 1.41
CA LYS A 19 0.03 -9.38 1.96
C LYS A 19 -0.04 -7.98 1.37
N ASP A 20 -0.22 -6.99 2.22
CA ASP A 20 -0.34 -5.60 1.80
C ASP A 20 1.00 -5.10 1.28
N THR A 21 1.01 -4.52 0.09
CA THR A 21 2.22 -3.94 -0.44
C THR A 21 1.95 -2.49 -0.83
N VAL A 22 2.92 -1.62 -0.57
CA VAL A 22 2.78 -0.21 -0.85
C VAL A 22 3.81 0.20 -1.90
N THR A 23 3.32 0.61 -3.06
CA THR A 23 4.16 1.01 -4.16
C THR A 23 4.21 2.54 -4.24
N ILE A 24 5.40 3.09 -4.14
CA ILE A 24 5.59 4.54 -4.12
C ILE A 24 6.27 4.99 -5.42
N GLU A 25 5.59 5.82 -6.18
CA GLU A 25 6.17 6.38 -7.39
C GLU A 25 6.72 7.78 -7.13
N VAL A 26 8.03 7.89 -7.21
CA VAL A 26 8.72 9.16 -7.10
C VAL A 26 9.23 9.55 -8.48
N LYS A 27 9.01 10.80 -8.85
CA LYS A 27 9.45 11.30 -10.12
C LYS A 27 10.18 12.62 -9.92
N ASN A 28 11.36 12.71 -10.55
CA ASN A 28 12.35 13.81 -10.43
C ASN A 28 13.11 13.69 -9.11
N GLY A 29 12.38 13.74 -8.03
CA GLY A 29 12.94 13.59 -6.71
C GLY A 29 11.87 13.62 -5.64
N LYS A 30 10.61 13.84 -6.04
CA LYS A 30 9.51 13.92 -5.07
C LYS A 30 8.39 12.94 -5.44
N ILE A 31 7.58 12.55 -4.45
CA ILE A 31 6.49 11.59 -4.67
C ILE A 31 5.39 12.21 -5.52
N VAL A 32 5.11 11.60 -6.65
CA VAL A 32 4.06 12.08 -7.52
C VAL A 32 2.84 11.16 -7.48
N SER A 33 3.06 9.88 -7.14
CA SER A 33 2.02 8.87 -7.23
C SER A 33 2.21 7.79 -6.18
N VAL A 34 1.17 6.99 -5.98
CA VAL A 34 1.23 5.81 -5.14
C VAL A 34 0.27 4.74 -5.71
N ASP A 35 0.76 3.53 -5.76
CA ASP A 35 0.14 2.43 -6.48
C ASP A 35 -0.13 1.25 -5.54
N TRP A 36 -1.23 0.53 -5.80
CA TRP A 36 -1.65 -0.57 -4.93
C TRP A 36 -1.33 -1.92 -5.57
N ASN A 37 -0.97 -2.87 -4.72
CA ASN A 37 -0.74 -4.27 -5.10
C ASN A 37 -0.81 -5.13 -3.82
N ALA A 38 -0.96 -6.44 -3.96
CA ALA A 38 -0.99 -7.35 -2.81
C ALA A 38 -0.52 -8.73 -3.24
N ILE A 39 0.04 -9.48 -2.32
CA ILE A 39 0.58 -10.82 -2.62
C ILE A 39 -0.33 -11.88 -2.01
N ASN A 40 -0.69 -12.88 -2.79
CA ASN A 40 -1.52 -13.97 -2.29
C ASN A 40 -0.67 -14.99 -1.54
N LYS A 41 -1.23 -15.52 -0.45
CA LYS A 41 -0.58 -16.48 0.45
C LYS A 41 -0.20 -17.80 -0.27
N ASP A 42 -0.92 -18.13 -1.34
CA ASP A 42 -0.62 -19.31 -2.17
C ASP A 42 0.78 -19.20 -2.81
N GLY A 43 1.13 -18.02 -3.29
CA GLY A 43 2.42 -17.81 -3.90
C GLY A 43 2.41 -18.01 -5.40
N GLY A 44 1.23 -17.87 -6.00
CA GLY A 44 1.10 -17.99 -7.43
C GLY A 44 1.10 -16.64 -8.11
N ASP A 45 -0.06 -16.01 -8.16
CA ASP A 45 -0.21 -14.71 -8.79
C ASP A 45 -0.53 -13.65 -7.77
N ASP A 46 -0.27 -12.40 -8.14
CA ASP A 46 -0.53 -11.25 -7.26
C ASP A 46 -1.97 -10.77 -7.39
N LYS A 47 -2.26 -9.65 -6.73
CA LYS A 47 -3.53 -8.93 -6.78
C LYS A 47 -4.01 -8.68 -8.22
N ASP A 48 -3.14 -8.06 -9.01
CA ASP A 48 -3.48 -7.63 -10.35
C ASP A 48 -3.55 -8.81 -11.31
N THR A 49 -2.69 -9.80 -11.09
CA THR A 49 -2.64 -10.96 -11.97
C THR A 49 -3.79 -11.96 -11.68
N LEU A 50 -4.20 -12.08 -10.42
CA LEU A 50 -5.36 -12.91 -10.05
C LEU A 50 -6.66 -12.27 -10.53
N SER A 51 -6.73 -10.94 -10.52
CA SER A 51 -7.91 -10.23 -11.01
C SER A 51 -8.02 -10.29 -12.54
N ARG A 52 -6.86 -10.27 -13.24
CA ARG A 52 -6.84 -10.28 -14.71
C ARG A 52 -7.22 -11.67 -15.26
N ASN A 53 -6.95 -12.71 -14.47
CA ASN A 53 -7.24 -14.09 -14.87
C ASN A 53 -8.59 -14.56 -14.33
N GLY A 54 -9.15 -13.80 -13.38
CA GLY A 54 -10.43 -14.14 -12.79
C GLY A 54 -10.34 -15.31 -11.81
N GLY A 55 -9.29 -15.33 -11.01
CA GLY A 55 -9.09 -16.39 -10.05
C GLY A 55 -8.64 -15.85 -8.72
N TYR A 56 -9.31 -14.78 -8.26
CA TYR A 56 -8.99 -14.09 -7.00
C TYR A 56 -9.17 -15.02 -5.78
N LYS A 57 -8.06 -15.60 -5.32
CA LYS A 57 -8.08 -16.57 -4.26
C LYS A 57 -8.15 -15.94 -2.88
N MET A 58 -8.94 -16.58 -2.03
CA MET A 58 -9.04 -16.26 -0.63
C MET A 58 -8.88 -17.55 0.15
N VAL A 59 -8.01 -17.58 1.14
CA VAL A 59 -7.84 -18.79 1.97
C VAL A 59 -8.87 -18.81 3.11
N GLU A 60 -9.41 -17.62 3.40
CA GLU A 60 -10.43 -17.42 4.44
C GLU A 60 -11.44 -16.43 3.93
N TYR A 61 -12.60 -16.39 4.55
CA TYR A 61 -13.65 -15.44 4.19
C TYR A 61 -13.80 -14.38 5.29
N GLY A 62 -12.67 -13.82 5.70
CA GLY A 62 -12.66 -12.77 6.70
C GLY A 62 -12.62 -11.39 6.09
N GLY A 63 -12.54 -11.34 4.76
CA GLY A 63 -12.52 -10.08 4.05
C GLY A 63 -11.23 -9.89 3.28
N ALA A 64 -11.28 -10.12 1.98
CA ALA A 64 -10.10 -10.04 1.14
C ALA A 64 -9.92 -8.64 0.54
N GLN A 65 -10.90 -7.77 0.83
CA GLN A 65 -10.83 -6.37 0.42
C GLN A 65 -10.40 -5.50 1.60
N ALA A 66 -9.90 -6.16 2.66
CA ALA A 66 -9.46 -5.49 3.89
C ALA A 66 -8.03 -4.93 3.74
N GLU A 67 -7.37 -5.32 2.65
CA GLU A 67 -6.09 -4.75 2.27
C GLU A 67 -6.30 -3.43 1.50
N TRP A 68 -5.24 -2.90 0.90
CA TRP A 68 -5.31 -1.62 0.19
C TRP A 68 -5.97 -1.79 -1.18
N HIS A 69 -7.28 -1.59 -1.19
CA HIS A 69 -8.12 -1.94 -2.33
C HIS A 69 -8.86 -0.70 -2.84
N GLU A 70 -9.92 -0.32 -2.11
CA GLU A 70 -10.86 0.68 -2.58
C GLU A 70 -10.76 1.97 -1.79
N GLN A 71 -11.07 1.87 -0.49
CA GLN A 71 -11.24 3.04 0.39
C GLN A 71 -9.90 3.63 0.87
N ALA A 72 -8.82 2.95 0.47
CA ALA A 72 -7.44 3.43 0.57
C ALA A 72 -7.20 4.70 -0.25
N GLU A 73 -8.06 4.95 -1.25
CA GLU A 73 -8.02 6.12 -2.15
C GLU A 73 -7.95 7.50 -1.44
N LYS A 74 -8.54 7.61 -0.23
CA LYS A 74 -8.50 8.86 0.53
C LYS A 74 -7.09 9.09 1.07
N VAL A 75 -6.49 7.98 1.49
CA VAL A 75 -5.16 7.95 2.09
C VAL A 75 -4.06 8.18 1.04
N GLU A 76 -4.25 7.66 -0.19
CA GLU A 76 -3.25 7.75 -1.24
C GLU A 76 -3.00 9.20 -1.69
N ALA A 77 -4.07 9.99 -1.80
CA ALA A 77 -3.98 11.41 -2.12
C ALA A 77 -3.35 12.22 -0.99
N TYR A 78 -3.50 11.72 0.24
CA TYR A 78 -2.93 12.36 1.42
C TYR A 78 -1.41 12.14 1.50
N LEU A 79 -0.92 10.99 1.04
CA LEU A 79 0.51 10.70 1.03
C LEU A 79 1.23 11.58 0.00
N VAL A 80 0.57 11.80 -1.14
CA VAL A 80 1.12 12.66 -2.21
C VAL A 80 1.22 14.13 -1.76
N GLU A 81 0.24 14.63 -0.99
CA GLU A 81 0.32 16.01 -0.50
C GLU A 81 1.29 16.16 0.69
N LYS A 82 1.47 15.10 1.49
CA LYS A 82 2.32 15.17 2.68
C LYS A 82 3.80 14.97 2.36
N GLN A 83 4.08 14.16 1.32
CA GLN A 83 5.44 13.90 0.79
C GLN A 83 6.33 13.11 1.75
N ASP A 84 5.76 12.55 2.82
CA ASP A 84 6.56 11.92 3.85
C ASP A 84 5.87 10.68 4.38
N PRO A 85 6.53 9.49 4.23
CA PRO A 85 5.97 8.20 4.65
C PRO A 85 5.99 7.92 6.17
N THR A 86 6.51 8.84 6.99
CA THR A 86 6.49 8.61 8.44
C THR A 86 5.82 9.79 9.19
N ASP A 87 5.62 10.92 8.50
CA ASP A 87 4.96 12.07 9.12
C ASP A 87 3.44 11.91 9.01
N ILE A 88 2.88 11.41 10.11
CA ILE A 88 1.46 11.11 10.20
C ILE A 88 1.08 11.01 11.69
N LYS A 89 -0.14 11.42 12.03
CA LYS A 89 -0.59 11.40 13.41
C LYS A 89 -1.87 10.56 13.53
N TYR A 90 -1.79 9.50 14.33
CA TYR A 90 -2.97 8.69 14.62
C TYR A 90 -3.44 8.94 16.05
N LYS A 91 -4.73 8.75 16.25
CA LYS A 91 -5.31 8.79 17.58
C LYS A 91 -6.24 7.59 17.73
N ASP A 92 -5.66 6.45 18.08
CA ASP A 92 -6.37 5.18 17.95
C ASP A 92 -5.65 4.08 18.74
N ASN A 93 -6.24 2.89 18.75
CA ASN A 93 -5.61 1.67 19.23
C ASN A 93 -4.58 1.16 18.23
N ASP A 94 -4.79 1.48 16.94
CA ASP A 94 -3.92 0.99 15.88
C ASP A 94 -3.37 2.17 15.09
N GLY A 95 -4.23 2.83 14.32
CA GLY A 95 -3.75 3.72 13.30
C GLY A 95 -4.85 4.45 12.56
N HIS A 96 -5.92 4.81 13.24
CA HIS A 96 -6.95 5.64 12.64
C HIS A 96 -6.55 7.09 12.78
N THR A 97 -6.53 7.78 11.65
CA THR A 97 -6.08 9.15 11.61
C THR A 97 -7.26 10.08 11.32
N ASP A 98 -7.24 11.23 11.99
CA ASP A 98 -8.34 12.20 11.92
C ASP A 98 -8.11 13.16 10.76
N ALA A 99 -6.89 13.14 10.23
CA ALA A 99 -6.43 14.14 9.26
C ALA A 99 -6.79 13.80 7.81
N ILE A 100 -7.47 12.68 7.59
CA ILE A 100 -7.91 12.30 6.24
C ILE A 100 -9.46 12.28 6.17
N SER A 101 -10.09 12.57 7.34
CA SER A 101 -11.56 12.51 7.55
C SER A 101 -12.13 11.09 7.39
N GLY A 102 -12.33 10.68 6.14
CA GLY A 102 -12.99 9.42 5.84
C GLY A 102 -12.02 8.28 5.57
N ALA A 103 -10.91 8.22 6.32
CA ALA A 103 -10.05 7.05 6.33
C ALA A 103 -10.65 6.00 7.26
N THR A 104 -11.36 5.06 6.66
CA THR A 104 -12.22 4.13 7.36
C THR A 104 -11.45 2.99 8.04
N ILE A 105 -10.44 2.47 7.35
CA ILE A 105 -9.61 1.38 7.85
C ILE A 105 -8.35 1.99 8.49
N LYS A 106 -7.69 1.26 9.42
CA LYS A 106 -6.47 1.74 10.05
C LYS A 106 -5.31 1.89 9.05
N VAL A 107 -4.74 3.08 9.09
CA VAL A 107 -3.81 3.61 8.11
C VAL A 107 -2.35 3.34 8.53
N LYS A 108 -2.17 2.74 9.73
CA LYS A 108 -0.84 2.53 10.32
C LYS A 108 0.07 1.71 9.43
N LYS A 109 -0.47 0.63 8.84
CA LYS A 109 0.28 -0.28 7.98
C LYS A 109 0.72 0.38 6.68
N PHE A 110 -0.07 1.32 6.15
CA PHE A 110 0.27 2.04 4.91
C PHE A 110 1.55 2.84 5.08
N PHE A 111 1.61 3.65 6.15
CA PHE A 111 2.78 4.47 6.42
C PHE A 111 3.95 3.62 6.94
N ASP A 112 3.64 2.49 7.59
CA ASP A 112 4.67 1.54 8.05
C ASP A 112 5.40 0.90 6.88
N LEU A 113 4.64 0.49 5.87
CA LEU A 113 5.19 -0.16 4.69
C LEU A 113 5.78 0.86 3.72
N ALA A 114 5.30 2.10 3.75
CA ALA A 114 5.90 3.18 2.97
C ALA A 114 7.28 3.58 3.52
N GLN A 115 7.48 3.44 4.84
CA GLN A 115 8.79 3.65 5.47
C GLN A 115 9.79 2.58 5.03
N LYS A 116 9.27 1.36 4.84
CA LYS A 116 10.04 0.21 4.38
C LYS A 116 10.33 0.30 2.87
N ALA A 117 9.48 1.03 2.13
CA ALA A 117 9.65 1.21 0.69
C ALA A 117 10.72 2.25 0.37
N LEU A 118 10.73 3.36 1.10
CA LEU A 118 11.65 4.46 0.82
C LEU A 118 12.86 4.47 1.75
N LYS A 119 13.15 3.32 2.38
CA LYS A 119 14.27 3.21 3.34
C LYS A 119 15.63 3.39 2.65
N ASP A 120 15.76 2.87 1.44
CA ASP A 120 16.99 3.02 0.66
C ASP A 120 16.92 4.26 -0.20
N ALA A 121 15.68 4.59 -0.61
CA ALA A 121 15.35 5.64 -1.60
C ALA A 121 16.11 5.47 -2.94
N GLU A 122 16.51 4.23 -3.25
CA GLU A 122 17.20 3.91 -4.50
C GLU A 122 16.67 2.61 -5.10
N LYS A 123 15.52 2.16 -4.60
CA LYS A 123 14.88 0.93 -5.06
C LYS A 123 14.12 1.22 -6.35
N LEU A 124 14.40 0.43 -7.40
CA LEU A 124 13.87 0.73 -8.73
C LEU A 124 13.02 -0.42 -9.28
N GLU A 125 11.72 -0.29 -9.10
CA GLU A 125 10.74 -1.17 -9.74
C GLU A 125 10.28 -0.54 -11.05
N HIS A 126 9.30 -1.16 -11.70
CA HIS A 126 8.84 -0.71 -13.01
C HIS A 126 7.36 -0.37 -12.99
N HIS A 127 7.05 0.90 -12.79
CA HIS A 127 5.67 1.40 -12.88
C HIS A 127 5.68 2.84 -13.37
N HIS A 128 4.74 3.18 -14.26
CA HIS A 128 4.52 4.56 -14.69
C HIS A 128 3.04 4.91 -14.63
N HIS A 129 2.68 5.73 -13.65
CA HIS A 129 1.35 6.31 -13.54
C HIS A 129 1.28 7.53 -14.48
N HIS A 130 0.06 7.90 -14.90
CA HIS A 130 -0.16 9.04 -15.76
C HIS A 130 0.23 10.35 -15.05
N HIS A 131 1.11 11.09 -15.71
CA HIS A 131 1.61 12.38 -15.24
C HIS A 131 0.52 13.45 -15.35
#